data_5W9P
#
_entry.id   5W9P
#
loop_
_entity.id
_entity.type
_entity.pdbx_description
1 polymer 'Spike glycoprotein'
2 polymer 'G4 VH'
3 polymer 'G4 VL'
#
loop_
_entity_poly.entity_id
_entity_poly.type
_entity_poly.pdbx_seq_one_letter_code
_entity_poly.pdbx_strand_id
1 'polypeptide(L)'
;MIHSVFLLMFLLTPTESYVDVGPDSVKSACIEVDIQQTFFDKTWPRPIDVSKADGIIYPQGRTYSNITITYQGLFPYQGD
HGDMYVYSAGHATGTTPQKLFVANYSQDVKQFANGFVVRIGAAANSTGTVIISPSTSATIRKIYPAFMLGSSVGNFSDGK
MGRFFNHTLVLLPDGCGTLLRAFYCILEPRSGNHCPAGNSYTSFATYHTPATDCSDGNYNRNASLNSFKEYFNLRNCTFM
YTYNITEDEILEWFGITQTAQGVHLFSSRYVDLYGGNMFQFATLPVYDTIKYYSIIPHSIRSIQSDRKAWAAFYVYKLQP
LTFLLDFSVDGYIRRAIDCGFNDLSQLHCSYESFDVESGVYSVSSFEAKPSGSVVEQAEGVECDFSPLLSGTPPQVYNFK
RLVFTNCNYNLTKLLSLFSVNDFTCSQISPAAIASNCYSSLILDYFSYPLSMKSDLSVSSAGPISQFNYKQSFSNPTCLI
LATVPHNLTTITKPLKYSYINKCSRFLSDDRTEVPQLVNANQYSPCVSIVPSTVWEDGDYYRKQLSPLEGGGWLVASGST
VAMTEQLQMGFGITVQYGTDTNSVCPKLEFANDTKIASQLGNCVEYSLYGVSGRGVFQNCTAVGVRQQRFVYDAYQNLVG
YYSDDGNYYCLRACVSVPVSVIYDKETKTHATLFGSVACEHISSTMSQYSRSTRSMLKRRDSTYGPLQTPVGCVLGLVNS
SLFVEDCKLPLGQSLCALPDTPSTLTPASVGSVPGEMRLASIAFNHPIQVDQLNSSYFKLSIPTNFSFGVTQEYIQTTIQ
KVTVDCKQYVCNGFQKCEQLLREYGQFCSKINQALHGANLRQDDSVRNLFASVKSSQSSPIIPGFGGDFNLTLLEPVSIS
TGSRSARSAIEDLLFDKVTIADPGYMQGYDDCMQQGPASARDLICAQYVAGYKVLPPLMDVNMEAAYTSSLLGSIAGVGW
TAGLSSFAAIPFAQSIFYRLNGVGITQQVLSENQKLIANKFNQALGAMQTGFTTTNEAFHKVQDAVNNNAQALSKLASEL
SNTFGAISASIGDIIQRLDPPEQDAQIDRLINGRLTTLNAFVAQQLVRSESAALSAQLAKDKVNECVKAQSKRSGFCGQG
THIVSFVVNAPNGLYFMHVGYYPSNHIEVVSAYGLCDAANPTNCIAPVNGYFIKTNNTRIVDEWSYTGSSFYAPEPITSL
NTKYVAPQVTYQNISTNLPPPLLGNSTGIDFQDELDEFFKNVSTSIPNFGSLTQINTTLLDLTYEMLSLQQVVKALNESY
IDLKELGNYTYGSGYIPEAPRDGQAYVRKDGEWVLLSTFLGRSLEVLFQ
;
J,A,B,C,H,I
2 'polypeptide(L)'
;QVQLQQSGPELVRPGVSVKISCKGSGYTFTDYAIHWVKQSHAKSLEWIGVFSTYYGNTNYNQKFKGRATMTVDKSSSTAY
MELARLTSEDSAIYYCARKSYYVDYVDAMDYWGQGTSVTVSSASTTPPSVYPLAPGSAAQTNSMVTLGCLVKGYFPEPVT
VTWNSGSLSSGVHTFPAVLQSDLYTLSSSVTVPSSTWPSETVTCNVAHPASSTKVDKKIVPRDCGKGLEVLFQ
;
F,D,K
3 'polypeptide(L)'
;DIVLTQSPASLAVSLGQRATISCRASESVDNYGISFMNWFQQKPGQPPKLLISATSNQGSGVPARFIGSGSGTDFSLNIH
PVEEDDTAMYFCQQSKEVPRTFGGGTKLEIKRTDAAPTVSIFPPSSEQLTSGGASVVCFLNNFYPKDINVKWKIDGSERQ
NGVLNSWTDQDSKDSTYSMSSTLTLTKDEYERHNSYTCEATHKTSTSPIVKSFNRNEC
;
G,E,L
#
# COMPACT_ATOMS: atom_id res chain seq x y z
N VAL A 753 12.81 13.85 45.72
CA VAL A 753 12.59 13.76 44.28
C VAL A 753 13.66 12.90 43.63
N PRO A 754 13.43 12.41 42.40
CA PRO A 754 14.41 11.82 41.51
C PRO A 754 15.35 12.90 41.04
N GLY A 755 16.57 12.52 40.73
CA GLY A 755 17.61 13.44 40.30
C GLY A 755 17.74 13.48 38.80
N GLU A 756 18.96 13.76 38.38
CA GLU A 756 19.35 13.88 36.98
C GLU A 756 19.21 12.60 36.18
N MET A 757 18.96 12.79 34.89
CA MET A 757 18.92 11.74 33.88
C MET A 757 20.29 11.10 33.74
N ARG A 758 20.32 9.86 33.28
CA ARG A 758 21.58 9.14 33.14
C ARG A 758 21.85 8.78 31.69
N LEU A 759 23.00 9.19 31.18
CA LEU A 759 23.37 8.82 29.83
C LEU A 759 23.82 7.39 29.82
N ALA A 760 23.26 6.61 28.92
CA ALA A 760 23.58 5.21 28.80
C ALA A 760 23.77 4.82 27.36
N SER A 761 24.45 3.72 27.15
CA SER A 761 24.63 3.17 25.82
C SER A 761 23.60 2.08 25.62
N ILE A 762 23.12 1.92 24.40
CA ILE A 762 22.18 0.85 24.16
C ILE A 762 22.92 -0.46 24.13
N ALA A 763 22.46 -1.37 24.97
CA ALA A 763 23.04 -2.69 25.09
C ALA A 763 22.85 -3.50 23.82
N PHE A 764 23.85 -4.30 23.51
CA PHE A 764 23.76 -5.25 22.43
C PHE A 764 23.99 -6.64 22.97
N ASN A 765 22.98 -7.47 22.86
CA ASN A 765 23.11 -8.83 23.31
C ASN A 765 23.83 -9.65 22.29
N HIS A 766 24.98 -10.18 22.66
CA HIS A 766 25.67 -11.08 21.77
C HIS A 766 24.98 -12.43 21.79
N PRO A 767 24.69 -13.03 20.62
CA PRO A 767 24.21 -14.38 20.47
C PRO A 767 25.26 -15.37 20.93
N ILE A 768 24.80 -16.55 21.34
CA ILE A 768 25.68 -17.57 21.84
C ILE A 768 26.61 -18.06 20.75
N GLN A 769 27.90 -18.08 21.05
CA GLN A 769 28.89 -18.52 20.07
C GLN A 769 29.09 -20.00 20.13
N VAL A 770 29.20 -20.61 18.94
CA VAL A 770 29.51 -22.02 18.80
C VAL A 770 30.63 -22.16 17.79
N ASP A 771 31.68 -22.89 18.15
CA ASP A 771 32.85 -23.02 17.30
C ASP A 771 32.59 -23.92 16.11
N GLN A 772 32.86 -23.42 14.91
CA GLN A 772 32.83 -24.29 13.74
C GLN A 772 34.09 -25.12 13.73
N LEU A 773 33.94 -26.40 13.40
CA LEU A 773 35.07 -27.31 13.35
C LEU A 773 35.23 -27.96 12.01
N ASN A 774 36.46 -28.36 11.71
CA ASN A 774 36.76 -29.24 10.60
C ASN A 774 36.63 -30.68 11.11
N SER A 775 36.99 -31.65 10.26
CA SER A 775 36.93 -33.10 10.52
C SER A 775 35.50 -33.64 10.47
N SER A 776 35.35 -34.88 10.95
CA SER A 776 34.12 -35.64 10.79
C SER A 776 33.04 -35.45 11.86
N TYR A 777 33.23 -34.52 12.79
CA TYR A 777 32.27 -34.31 13.85
C TYR A 777 32.13 -32.84 14.12
N PHE A 778 31.07 -32.44 14.80
CA PHE A 778 30.85 -31.03 15.04
C PHE A 778 30.14 -30.71 16.33
N LYS A 779 30.25 -29.47 16.76
CA LYS A 779 29.59 -29.02 17.97
C LYS A 779 28.19 -28.57 17.67
N LEU A 780 27.25 -29.00 18.50
CA LEU A 780 25.84 -28.73 18.31
C LEU A 780 25.22 -28.07 19.51
N SER A 781 24.54 -26.94 19.31
CA SER A 781 23.82 -26.30 20.40
C SER A 781 22.39 -26.77 20.44
N ILE A 782 21.95 -27.24 21.60
CA ILE A 782 20.60 -27.75 21.74
C ILE A 782 19.95 -27.30 23.07
N PRO A 783 18.66 -26.92 23.06
CA PRO A 783 17.88 -26.51 24.23
C PRO A 783 17.65 -27.65 25.19
N THR A 784 17.62 -27.33 26.50
CA THR A 784 17.28 -28.36 27.49
C THR A 784 16.05 -27.99 28.30
N ASN A 785 15.57 -26.76 28.18
CA ASN A 785 14.36 -26.35 28.88
C ASN A 785 13.54 -25.47 27.96
N PHE A 786 12.30 -25.22 28.31
CA PHE A 786 11.51 -24.33 27.50
C PHE A 786 10.39 -23.68 28.26
N SER A 787 9.85 -22.63 27.67
CA SER A 787 8.59 -22.09 28.13
C SER A 787 7.72 -21.78 26.96
N PHE A 788 6.44 -21.97 27.14
CA PHE A 788 5.51 -21.44 26.20
C PHE A 788 5.43 -19.95 26.42
N GLY A 789 5.04 -19.22 25.40
CA GLY A 789 4.78 -17.80 25.58
C GLY A 789 3.78 -17.34 24.57
N VAL A 790 3.22 -16.15 24.81
CA VAL A 790 2.18 -15.65 23.94
C VAL A 790 2.54 -14.30 23.42
N THR A 791 2.38 -14.10 22.12
CA THR A 791 2.54 -12.79 21.53
C THR A 791 1.26 -12.44 20.87
N GLN A 792 1.02 -11.16 20.65
CA GLN A 792 -0.27 -10.76 20.13
C GLN A 792 -0.13 -9.75 19.04
N GLU A 793 -1.14 -9.68 18.20
CA GLU A 793 -1.14 -8.75 17.11
C GLU A 793 -2.53 -8.23 16.86
N TYR A 794 -2.62 -6.99 16.43
CA TYR A 794 -3.88 -6.40 16.06
C TYR A 794 -3.86 -6.02 14.62
N ILE A 795 -4.80 -6.56 13.86
CA ILE A 795 -4.92 -6.20 12.48
C ILE A 795 -6.24 -5.54 12.22
N GLN A 796 -6.17 -4.26 11.86
CA GLN A 796 -7.35 -3.52 11.52
C GLN A 796 -7.95 -4.04 10.23
N THR A 797 -9.27 -4.13 10.19
CA THR A 797 -9.94 -4.53 8.96
C THR A 797 -10.87 -3.47 8.44
N THR A 798 -11.36 -2.58 9.29
CA THR A 798 -12.30 -1.59 8.81
C THR A 798 -12.13 -0.19 9.36
N ILE A 799 -12.75 0.74 8.64
CA ILE A 799 -12.91 2.13 9.01
C ILE A 799 -14.34 2.34 9.45
N GLN A 800 -14.57 3.17 10.45
CA GLN A 800 -15.94 3.52 10.79
C GLN A 800 -16.61 4.18 9.61
N LYS A 801 -17.75 3.65 9.21
CA LYS A 801 -18.41 4.16 8.03
C LYS A 801 -19.22 5.37 8.35
N VAL A 802 -19.05 6.42 7.54
CA VAL A 802 -19.81 7.65 7.73
C VAL A 802 -20.40 8.11 6.42
N THR A 803 -21.43 8.94 6.52
CA THR A 803 -21.88 9.73 5.39
C THR A 803 -22.02 11.14 5.86
N VAL A 804 -22.06 12.06 4.91
CA VAL A 804 -22.21 13.47 5.24
C VAL A 804 -23.33 14.09 4.44
N ASP A 805 -24.29 14.71 5.10
CA ASP A 805 -25.30 15.50 4.42
C ASP A 805 -24.69 16.83 4.08
N CYS A 806 -24.06 16.88 2.90
CA CYS A 806 -23.22 17.98 2.44
C CYS A 806 -23.85 19.33 2.51
N LYS A 807 -25.10 19.42 2.08
CA LYS A 807 -25.81 20.67 2.10
C LYS A 807 -26.05 21.18 3.50
N GLN A 808 -26.44 20.28 4.42
CA GLN A 808 -26.64 20.65 5.81
C GLN A 808 -25.36 21.02 6.53
N TYR A 809 -24.24 20.34 6.21
CA TYR A 809 -22.96 20.71 6.79
C TYR A 809 -22.53 22.08 6.39
N VAL A 810 -22.71 22.43 5.12
CA VAL A 810 -22.36 23.75 4.70
C VAL A 810 -23.31 24.82 5.19
N CYS A 811 -24.61 24.54 5.18
CA CYS A 811 -25.56 25.56 5.57
C CYS A 811 -26.79 25.05 6.31
N ASN A 812 -27.10 25.65 7.46
CA ASN A 812 -28.20 25.15 8.28
C ASN A 812 -29.59 25.69 7.93
N GLY A 813 -30.09 25.36 6.73
CA GLY A 813 -31.46 25.63 6.29
C GLY A 813 -31.76 27.06 5.81
N PHE A 814 -30.75 27.91 5.69
CA PHE A 814 -31.00 29.28 5.29
C PHE A 814 -31.29 29.39 3.82
N GLN A 815 -32.24 30.23 3.46
CA GLN A 815 -32.66 30.32 2.09
C GLN A 815 -31.70 31.10 1.20
N LYS A 816 -31.04 32.11 1.78
CA LYS A 816 -30.03 32.87 1.08
C LYS A 816 -28.81 32.07 0.72
N CYS A 817 -28.38 31.20 1.64
CA CYS A 817 -27.26 30.34 1.35
C CYS A 817 -27.64 29.27 0.33
N GLU A 818 -28.92 28.83 0.34
CA GLU A 818 -29.38 27.80 -0.56
C GLU A 818 -29.39 28.25 -1.99
N GLN A 819 -29.81 29.50 -2.21
CA GLN A 819 -29.74 30.11 -3.52
C GLN A 819 -28.32 30.20 -4.06
N LEU A 820 -27.36 30.56 -3.20
CA LEU A 820 -25.97 30.53 -3.59
C LEU A 820 -25.42 29.13 -3.83
N LEU A 821 -25.83 28.16 -2.99
CA LEU A 821 -25.40 26.77 -3.10
C LEU A 821 -25.82 26.03 -4.33
N ARG A 822 -26.90 26.47 -4.99
CA ARG A 822 -27.26 25.96 -6.33
C ARG A 822 -26.14 26.10 -7.37
N GLU A 823 -25.29 27.14 -7.29
CA GLU A 823 -24.13 27.29 -8.16
C GLU A 823 -23.06 26.22 -7.96
N TYR A 824 -22.98 25.69 -6.73
CA TYR A 824 -22.00 24.72 -6.33
C TYR A 824 -22.61 23.33 -6.10
N GLY A 825 -23.84 23.08 -6.61
CA GLY A 825 -24.57 21.84 -6.31
C GLY A 825 -23.86 20.53 -6.71
N GLN A 826 -23.06 20.58 -7.78
CA GLN A 826 -22.27 19.45 -8.23
C GLN A 826 -21.12 19.06 -7.29
N PHE A 827 -20.67 19.97 -6.40
CA PHE A 827 -19.65 19.61 -5.45
C PHE A 827 -20.19 18.73 -4.36
N CYS A 828 -21.41 19.02 -3.90
CA CYS A 828 -22.06 18.13 -2.95
C CYS A 828 -22.42 16.79 -3.54
N SER A 829 -22.81 16.77 -4.82
CA SER A 829 -23.05 15.51 -5.49
C SER A 829 -21.79 14.64 -5.57
N LYS A 830 -20.64 15.25 -5.89
CA LYS A 830 -19.37 14.53 -5.90
C LYS A 830 -18.90 14.04 -4.54
N ILE A 831 -19.14 14.83 -3.49
CA ILE A 831 -18.86 14.39 -2.13
C ILE A 831 -19.69 13.21 -1.69
N ASN A 832 -20.96 13.19 -2.05
CA ASN A 832 -21.82 12.07 -1.75
C ASN A 832 -21.42 10.82 -2.51
N GLN A 833 -21.08 10.97 -3.79
CA GLN A 833 -20.62 9.88 -4.62
C GLN A 833 -19.37 9.19 -4.09
N ALA A 834 -18.38 9.99 -3.71
CA ALA A 834 -17.12 9.46 -3.22
C ALA A 834 -17.27 8.76 -1.88
N LEU A 835 -18.04 9.34 -0.96
CA LEU A 835 -18.26 8.70 0.32
C LEU A 835 -19.04 7.41 0.22
N HIS A 836 -20.04 7.38 -0.67
CA HIS A 836 -20.80 6.17 -0.89
C HIS A 836 -19.97 5.04 -1.47
N GLY A 837 -19.08 5.35 -2.41
CA GLY A 837 -18.19 4.35 -2.97
C GLY A 837 -17.22 3.76 -1.94
N ALA A 838 -16.71 4.60 -1.04
CA ALA A 838 -15.85 4.15 0.04
C ALA A 838 -16.58 3.20 1.00
N ASN A 839 -17.84 3.51 1.32
CA ASN A 839 -18.61 2.68 2.22
C ASN A 839 -18.94 1.31 1.64
N LEU A 840 -19.20 1.23 0.33
CA LEU A 840 -19.39 -0.05 -0.33
C LEU A 840 -18.17 -0.95 -0.26
N ARG A 841 -16.98 -0.36 -0.46
CA ARG A 841 -15.74 -1.12 -0.38
C ARG A 841 -15.47 -1.67 1.00
N GLN A 842 -15.81 -0.91 2.04
CA GLN A 842 -15.70 -1.40 3.41
C GLN A 842 -16.58 -2.60 3.69
N ASP A 843 -17.82 -2.55 3.23
CA ASP A 843 -18.73 -3.65 3.44
C ASP A 843 -18.39 -4.90 2.66
N ASP A 844 -17.85 -4.73 1.45
CA ASP A 844 -17.41 -5.87 0.68
C ASP A 844 -16.17 -6.53 1.23
N SER A 845 -15.24 -5.74 1.79
CA SER A 845 -14.07 -6.29 2.45
C SER A 845 -14.42 -7.17 3.65
N VAL A 846 -15.42 -6.75 4.42
CA VAL A 846 -15.92 -7.56 5.52
C VAL A 846 -16.55 -8.87 5.09
N ARG A 847 -17.36 -8.85 4.03
CA ARG A 847 -17.97 -10.08 3.55
C ARG A 847 -16.98 -11.06 2.94
N ASN A 848 -15.96 -10.54 2.24
CA ASN A 848 -14.94 -11.38 1.67
C ASN A 848 -14.08 -12.04 2.71
N LEU A 849 -13.79 -11.32 3.80
CA LEU A 849 -13.09 -11.91 4.93
C LEU A 849 -13.87 -13.03 5.59
N PHE A 850 -15.15 -12.79 5.91
CA PHE A 850 -15.93 -13.79 6.61
C PHE A 850 -16.29 -15.02 5.80
N ALA A 851 -16.32 -14.90 4.47
CA ALA A 851 -16.42 -16.05 3.59
C ALA A 851 -15.24 -17.03 3.72
N SER A 852 -14.04 -16.53 4.04
CA SER A 852 -12.90 -17.41 4.25
C SER A 852 -12.82 -17.91 5.67
N VAL A 853 -13.29 -17.11 6.63
CA VAL A 853 -13.34 -17.49 8.03
C VAL A 853 -14.24 -18.67 8.33
N LYS A 854 -15.38 -18.74 7.67
CA LYS A 854 -16.32 -19.82 7.92
C LYS A 854 -15.74 -21.18 7.57
N SER A 855 -15.92 -22.13 8.48
CA SER A 855 -15.59 -23.52 8.22
C SER A 855 -16.81 -24.23 7.72
N SER A 856 -16.61 -25.34 7.06
CA SER A 856 -17.73 -26.19 6.68
C SER A 856 -18.17 -27.13 7.81
N GLN A 857 -17.27 -27.38 8.77
CA GLN A 857 -17.56 -28.24 9.90
C GLN A 857 -16.75 -27.90 11.16
N SER A 858 -17.30 -28.26 12.33
CA SER A 858 -16.71 -27.91 13.62
C SER A 858 -17.11 -28.86 14.75
N SER A 859 -16.46 -28.74 15.89
CA SER A 859 -16.94 -29.39 17.10
C SER A 859 -17.95 -28.47 17.80
N PRO A 860 -18.84 -29.02 18.62
CA PRO A 860 -19.57 -28.33 19.65
C PRO A 860 -18.59 -27.85 20.70
N ILE A 861 -18.95 -26.78 21.38
CA ILE A 861 -18.11 -26.21 22.43
C ILE A 861 -18.84 -26.15 23.75
N ILE A 862 -18.25 -26.80 24.75
CA ILE A 862 -18.83 -26.85 26.09
C ILE A 862 -17.84 -26.29 27.10
N PRO A 863 -18.30 -26.00 28.31
CA PRO A 863 -17.38 -25.71 29.40
C PRO A 863 -16.66 -26.99 29.73
N GLY A 864 -15.37 -26.88 30.00
CA GLY A 864 -14.50 -28.05 30.17
C GLY A 864 -13.81 -28.50 28.86
N PHE A 865 -14.13 -27.84 27.73
CA PHE A 865 -13.43 -28.08 26.48
C PHE A 865 -11.97 -27.79 26.63
N GLY A 866 -11.15 -28.67 26.08
CA GLY A 866 -9.71 -28.54 26.20
C GLY A 866 -9.09 -29.32 27.36
N GLY A 867 -9.90 -29.98 28.20
CA GLY A 867 -9.33 -30.90 29.19
C GLY A 867 -8.46 -30.17 30.21
N ASP A 868 -7.18 -30.55 30.24
CA ASP A 868 -6.18 -29.96 31.14
C ASP A 868 -5.81 -28.50 30.85
N PHE A 869 -6.14 -27.98 29.68
CA PHE A 869 -5.87 -26.61 29.34
C PHE A 869 -7.09 -25.76 29.73
N ASN A 870 -6.85 -24.66 30.46
CA ASN A 870 -7.94 -23.90 31.10
C ASN A 870 -8.89 -23.17 30.17
N LEU A 871 -8.35 -22.44 29.19
CA LEU A 871 -9.11 -21.81 28.11
C LEU A 871 -10.19 -20.79 28.53
N THR A 872 -9.76 -19.63 29.05
CA THR A 872 -10.65 -18.49 29.35
C THR A 872 -11.32 -17.82 28.12
N LEU A 873 -10.82 -18.13 26.92
CA LEU A 873 -11.43 -17.84 25.62
C LEU A 873 -12.78 -18.50 25.32
N LEU A 874 -13.16 -19.54 26.08
CA LEU A 874 -14.44 -20.19 25.91
C LEU A 874 -15.59 -19.24 26.14
N GLU A 875 -16.60 -19.38 25.30
CA GLU A 875 -17.80 -18.57 25.33
C GLU A 875 -18.60 -18.83 26.62
N PRO A 876 -19.23 -17.78 27.20
CA PRO A 876 -20.16 -17.99 28.32
C PRO A 876 -21.61 -17.92 27.86
N VAL A 877 -21.99 -18.91 27.04
CA VAL A 877 -23.33 -19.12 26.46
C VAL A 877 -24.48 -19.30 27.47
N ALA A 886 -22.62 -15.44 23.75
CA ALA A 886 -21.73 -14.46 24.32
C ALA A 886 -20.56 -14.17 23.44
N ARG A 887 -19.75 -13.25 23.90
CA ARG A 887 -18.40 -13.05 23.41
C ARG A 887 -17.46 -13.96 24.24
N SER A 888 -16.43 -13.40 24.88
CA SER A 888 -15.55 -14.16 25.73
C SER A 888 -14.98 -13.25 26.77
N ALA A 889 -14.32 -13.82 27.77
CA ALA A 889 -13.67 -13.05 28.83
C ALA A 889 -12.61 -12.11 28.29
N ILE A 890 -11.82 -12.59 27.33
CA ILE A 890 -10.83 -11.77 26.66
C ILE A 890 -11.42 -10.65 25.83
N GLU A 891 -12.53 -10.92 25.13
CA GLU A 891 -13.20 -9.85 24.40
C GLU A 891 -13.80 -8.80 25.28
N ASP A 892 -14.38 -9.20 26.40
CA ASP A 892 -14.93 -8.24 27.33
C ASP A 892 -13.88 -7.39 27.99
N LEU A 893 -12.71 -7.97 28.30
CA LEU A 893 -11.57 -7.18 28.74
C LEU A 893 -11.11 -6.17 27.73
N LEU A 894 -11.01 -6.59 26.47
CA LEU A 894 -10.56 -5.68 25.43
C LEU A 894 -11.54 -4.55 25.13
N PHE A 895 -12.82 -4.85 25.05
CA PHE A 895 -13.81 -3.81 24.83
C PHE A 895 -13.96 -2.84 26.01
N ASP A 896 -13.84 -3.31 27.25
CA ASP A 896 -13.91 -2.41 28.39
C ASP A 896 -12.65 -1.57 28.63
N LYS A 897 -11.47 -2.14 28.42
CA LYS A 897 -10.23 -1.41 28.67
C LYS A 897 -9.96 -0.28 27.69
N VAL A 898 -10.29 -0.47 26.42
CA VAL A 898 -10.13 0.59 25.44
C VAL A 898 -11.15 1.68 25.69
N THR A 899 -10.75 2.95 25.60
CA THR A 899 -11.71 4.03 25.89
C THR A 899 -12.59 4.34 24.69
N ILE A 900 -13.65 3.56 24.56
CA ILE A 900 -14.60 3.65 23.47
C ILE A 900 -15.74 4.59 23.80
N ALA A 901 -15.93 5.60 22.94
CA ALA A 901 -17.08 6.50 23.03
C ALA A 901 -18.36 5.73 22.75
N ASP A 902 -19.46 6.13 23.39
CA ASP A 902 -20.69 5.37 23.30
C ASP A 902 -21.24 5.27 21.87
N PRO A 903 -21.60 4.04 21.41
CA PRO A 903 -22.14 3.74 20.11
C PRO A 903 -23.51 4.35 19.89
N GLY A 904 -23.82 4.57 18.62
CA GLY A 904 -25.16 4.94 18.19
C GLY A 904 -25.96 3.67 17.96
N TYR A 905 -26.95 3.71 17.05
CA TYR A 905 -27.80 2.57 16.53
C TYR A 905 -28.90 2.08 17.54
N MET A 906 -28.53 2.01 18.83
CA MET A 906 -29.39 2.18 19.99
C MET A 906 -29.88 3.62 19.96
N GLN A 907 -30.88 3.96 20.76
CA GLN A 907 -31.68 5.21 20.66
C GLN A 907 -30.97 6.60 20.49
N GLY A 908 -29.65 6.71 20.70
CA GLY A 908 -28.86 7.70 19.98
C GLY A 908 -29.24 9.12 20.27
N TYR A 909 -29.91 9.75 19.30
CA TYR A 909 -30.43 11.12 19.39
C TYR A 909 -31.38 11.34 20.56
N ASP A 910 -32.10 10.30 21.02
CA ASP A 910 -32.90 10.38 22.23
C ASP A 910 -32.09 10.50 23.54
N ASP A 911 -30.79 10.19 23.52
CA ASP A 911 -29.90 10.47 24.66
C ASP A 911 -29.17 11.83 24.52
N CYS A 912 -29.46 12.58 23.46
CA CYS A 912 -28.94 13.90 23.22
C CYS A 912 -30.07 14.93 23.35
N MET A 913 -31.30 14.42 23.26
CA MET A 913 -32.53 15.08 23.66
C MET A 913 -32.56 15.39 25.11
N GLN A 914 -33.51 16.26 25.46
CA GLN A 914 -33.86 16.52 26.84
C GLN A 914 -34.25 15.28 27.69
N GLN A 915 -34.70 14.17 27.10
CA GLN A 915 -34.95 12.95 27.86
C GLN A 915 -33.69 12.09 28.09
N GLY A 916 -32.69 12.64 28.80
CA GLY A 916 -31.41 11.99 29.06
C GLY A 916 -30.56 12.91 29.94
N PRO A 917 -29.35 12.47 30.30
CA PRO A 917 -28.44 13.17 31.20
C PRO A 917 -27.92 14.49 30.65
N ALA A 918 -27.69 15.44 31.55
CA ALA A 918 -27.08 16.73 31.22
C ALA A 918 -25.56 16.63 30.92
N SER A 919 -24.92 15.53 31.34
CA SER A 919 -23.52 15.26 31.11
C SER A 919 -23.17 14.55 29.78
N ALA A 920 -24.15 14.30 28.89
CA ALA A 920 -23.78 13.72 27.58
C ALA A 920 -22.87 14.66 26.80
N ARG A 921 -21.77 14.13 26.27
CA ARG A 921 -20.83 14.90 25.46
C ARG A 921 -20.46 14.15 24.17
N ASP A 922 -21.35 13.27 23.73
CA ASP A 922 -21.10 12.36 22.64
C ASP A 922 -21.00 13.00 21.27
N LEU A 923 -20.14 12.41 20.42
CA LEU A 923 -20.10 12.70 18.98
C LEU A 923 -21.40 12.31 18.23
N ILE A 924 -22.20 11.40 18.82
CA ILE A 924 -23.57 11.12 18.42
C ILE A 924 -24.45 12.36 18.40
N CYS A 925 -24.25 13.27 19.34
CA CYS A 925 -25.03 14.47 19.42
C CYS A 925 -24.48 15.55 18.50
N ALA A 926 -23.18 15.48 18.22
CA ALA A 926 -22.58 16.31 17.19
C ALA A 926 -22.98 15.91 15.75
N GLN A 927 -23.45 14.67 15.55
CA GLN A 927 -23.96 14.22 14.25
C GLN A 927 -25.07 15.06 13.67
N TYR A 928 -26.08 15.39 14.47
CA TYR A 928 -27.16 16.20 13.93
C TYR A 928 -26.84 17.69 13.82
N VAL A 929 -25.79 18.15 14.48
CA VAL A 929 -25.34 19.51 14.32
C VAL A 929 -24.64 19.66 12.99
N ALA A 930 -23.74 18.71 12.71
CA ALA A 930 -22.95 18.75 11.50
C ALA A 930 -23.54 18.01 10.29
N GLY A 931 -24.63 17.28 10.45
CA GLY A 931 -25.13 16.51 9.32
C GLY A 931 -24.42 15.16 9.08
N TYR A 932 -23.63 14.68 10.07
CA TYR A 932 -23.00 13.38 9.92
C TYR A 932 -24.03 12.31 10.05
N LYS A 933 -23.78 11.19 9.46
CA LYS A 933 -24.44 10.01 9.94
C LYS A 933 -23.44 8.90 10.00
N VAL A 934 -23.24 8.36 11.19
CA VAL A 934 -22.42 7.19 11.30
C VAL A 934 -23.28 6.01 10.96
N LEU A 935 -22.80 5.19 10.04
CA LEU A 935 -23.56 4.03 9.62
C LEU A 935 -23.29 2.86 10.55
N PRO A 936 -24.21 1.90 10.66
CA PRO A 936 -24.04 0.65 11.38
C PRO A 936 -23.01 -0.24 10.69
N PRO A 937 -22.28 -1.07 11.44
CA PRO A 937 -21.51 -2.21 10.99
C PRO A 937 -22.42 -3.20 10.32
N LEU A 938 -21.87 -3.90 9.35
CA LEU A 938 -22.61 -4.86 8.55
C LEU A 938 -22.77 -6.26 9.10
N MET A 939 -22.22 -6.56 10.26
CA MET A 939 -22.26 -7.91 10.77
C MET A 939 -23.22 -8.23 11.88
N ASP A 940 -23.20 -7.40 12.94
CA ASP A 940 -23.80 -7.67 14.26
C ASP A 940 -22.83 -8.48 15.10
N VAL A 941 -22.56 -8.01 16.31
CA VAL A 941 -21.63 -8.68 17.22
C VAL A 941 -21.97 -10.13 17.59
N ASN A 942 -23.24 -10.52 17.53
CA ASN A 942 -23.63 -11.89 17.79
C ASN A 942 -23.22 -12.79 16.64
N MET A 943 -23.37 -12.31 15.41
CA MET A 943 -22.92 -13.06 14.26
C MET A 943 -21.40 -13.14 14.18
N GLU A 944 -20.71 -12.07 14.60
CA GLU A 944 -19.25 -12.10 14.70
C GLU A 944 -18.77 -13.13 15.71
N ALA A 945 -19.46 -13.22 16.85
CA ALA A 945 -19.19 -14.23 17.85
C ALA A 945 -19.45 -15.64 17.34
N ALA A 946 -20.51 -15.84 16.52
CA ALA A 946 -20.77 -17.14 15.91
C ALA A 946 -19.65 -17.58 14.97
N TYR A 947 -19.10 -16.65 14.17
CA TYR A 947 -17.94 -16.95 13.35
C TYR A 947 -16.69 -17.27 14.16
N THR A 948 -16.49 -16.52 15.24
CA THR A 948 -15.34 -16.69 16.09
C THR A 948 -15.33 -17.99 16.86
N SER A 949 -16.49 -18.38 17.39
CA SER A 949 -16.63 -19.68 18.03
C SER A 949 -16.54 -20.82 17.03
N SER A 950 -17.01 -20.61 15.79
CA SER A 950 -16.79 -21.60 14.74
C SER A 950 -15.31 -21.83 14.40
N LEU A 951 -14.48 -20.77 14.45
CA LEU A 951 -13.03 -20.98 14.32
C LEU A 951 -12.45 -21.76 15.47
N LEU A 952 -12.84 -21.44 16.71
CA LEU A 952 -12.38 -22.17 17.89
C LEU A 952 -12.75 -23.65 17.87
N GLY A 953 -13.96 -23.95 17.41
CA GLY A 953 -14.43 -25.32 17.24
C GLY A 953 -13.74 -26.11 16.12
N SER A 954 -13.03 -25.44 15.19
CA SER A 954 -12.32 -26.14 14.15
C SER A 954 -10.90 -26.54 14.56
N ILE A 955 -10.41 -25.98 15.66
CA ILE A 955 -9.07 -26.29 16.10
C ILE A 955 -9.03 -27.70 16.62
N ALA A 956 -7.99 -28.43 16.19
CA ALA A 956 -7.71 -29.86 16.44
C ALA A 956 -8.54 -30.82 15.58
N GLY A 957 -9.19 -30.32 14.53
CA GLY A 957 -9.71 -31.18 13.49
C GLY A 957 -8.95 -31.03 12.17
N VAL A 958 -7.89 -30.22 12.18
CA VAL A 958 -7.14 -29.86 10.99
C VAL A 958 -5.79 -30.55 10.86
N GLY A 959 -5.49 -31.47 11.77
CA GLY A 959 -4.26 -32.25 11.67
C GLY A 959 -4.46 -33.46 10.78
N TRP A 960 -3.41 -34.28 10.66
CA TRP A 960 -3.41 -35.58 9.98
C TRP A 960 -3.71 -35.45 8.50
N THR A 961 -3.03 -34.50 7.83
CA THR A 961 -3.14 -34.14 6.39
C THR A 961 -4.44 -33.45 6.00
N ALA A 962 -4.42 -32.86 4.79
CA ALA A 962 -5.56 -32.12 4.25
C ALA A 962 -6.04 -31.07 5.27
N GLY A 963 -7.25 -31.24 5.82
CA GLY A 963 -7.88 -30.24 6.68
C GLY A 963 -8.81 -29.30 5.92
N LEU A 964 -8.85 -29.46 4.59
CA LEU A 964 -9.71 -28.72 3.69
C LEU A 964 -10.82 -29.61 3.12
N SER A 965 -11.05 -30.75 3.78
CA SER A 965 -11.95 -31.78 3.32
C SER A 965 -12.39 -32.51 4.58
N SER A 966 -11.68 -33.57 4.95
CA SER A 966 -11.99 -34.30 6.16
C SER A 966 -11.77 -33.49 7.44
N PHE A 967 -12.57 -33.79 8.44
CA PHE A 967 -12.47 -33.13 9.74
C PHE A 967 -12.29 -34.11 10.85
N ALA A 968 -11.10 -34.08 11.43
CA ALA A 968 -10.67 -35.14 12.32
C ALA A 968 -11.30 -35.19 13.69
N ALA A 969 -11.69 -34.05 14.27
CA ALA A 969 -12.36 -34.00 15.59
C ALA A 969 -11.66 -34.77 16.72
N ILE A 970 -10.34 -34.65 16.88
CA ILE A 970 -9.68 -35.52 17.86
C ILE A 970 -9.39 -34.71 19.08
N PRO A 971 -9.11 -35.33 20.25
CA PRO A 971 -8.79 -34.67 21.51
C PRO A 971 -7.74 -33.60 21.44
N PHE A 972 -8.06 -32.46 22.05
CA PHE A 972 -7.27 -31.25 21.96
C PHE A 972 -5.87 -31.39 22.48
N ALA A 973 -5.73 -32.06 23.63
CA ALA A 973 -4.43 -32.36 24.21
C ALA A 973 -3.60 -33.22 23.30
N GLN A 974 -4.23 -34.22 22.68
CA GLN A 974 -3.55 -35.09 21.74
C GLN A 974 -3.11 -34.34 20.49
N SER A 975 -3.91 -33.37 20.02
CA SER A 975 -3.49 -32.56 18.89
C SER A 975 -2.33 -31.65 19.20
N ILE A 976 -2.22 -31.18 20.45
CA ILE A 976 -1.05 -30.43 20.85
C ILE A 976 0.20 -31.29 20.87
N PHE A 977 0.09 -32.53 21.35
CA PHE A 977 1.24 -33.43 21.34
C PHE A 977 1.69 -33.79 19.94
N TYR A 978 0.73 -33.95 19.03
CA TYR A 978 1.00 -34.13 17.63
C TYR A 978 1.70 -32.92 16.98
N ARG A 979 1.30 -31.68 17.34
CA ARG A 979 2.02 -30.49 16.91
C ARG A 979 3.44 -30.38 17.47
N LEU A 980 3.65 -30.85 18.69
CA LEU A 980 4.98 -30.88 19.27
C LEU A 980 5.90 -31.95 18.66
N ASN A 981 5.34 -33.06 18.16
CA ASN A 981 6.12 -33.97 17.31
C ASN A 981 6.52 -33.32 16.00
N GLY A 982 5.64 -32.48 15.46
CA GLY A 982 5.91 -31.68 14.27
C GLY A 982 7.04 -30.63 14.39
N VAL A 983 7.52 -30.28 15.60
CA VAL A 983 8.67 -29.40 15.71
C VAL A 983 9.89 -30.13 16.23
N GLY A 984 9.95 -31.46 16.07
CA GLY A 984 11.16 -32.17 16.44
C GLY A 984 11.33 -32.57 17.91
N ILE A 985 10.27 -32.52 18.72
CA ILE A 985 10.35 -33.08 20.06
C ILE A 985 9.95 -34.53 20.00
N THR A 986 10.77 -35.42 20.53
CA THR A 986 10.41 -36.83 20.54
C THR A 986 9.23 -37.14 21.41
N GLN A 987 8.49 -38.14 20.98
CA GLN A 987 7.31 -38.60 21.68
C GLN A 987 7.53 -39.22 23.04
N GLN A 988 8.74 -39.71 23.32
CA GLN A 988 9.04 -40.25 24.64
C GLN A 988 8.98 -39.18 25.72
N VAL A 989 9.54 -38.01 25.42
CA VAL A 989 9.49 -36.84 26.28
C VAL A 989 8.10 -36.32 26.46
N LEU A 990 7.36 -36.28 25.35
CA LEU A 990 5.99 -35.84 25.40
C LEU A 990 5.09 -36.75 26.23
N SER A 991 5.32 -38.06 26.16
CA SER A 991 4.58 -39.02 26.96
C SER A 991 4.82 -38.87 28.46
N GLU A 992 6.07 -38.64 28.86
CA GLU A 992 6.40 -38.48 30.26
C GLU A 992 5.98 -37.16 30.89
N ASN A 993 6.08 -36.07 30.13
CA ASN A 993 5.91 -34.74 30.69
C ASN A 993 4.59 -34.04 30.44
N GLN A 994 3.51 -34.80 30.20
CA GLN A 994 2.20 -34.24 29.84
C GLN A 994 1.65 -33.22 30.83
N LYS A 995 1.80 -33.50 32.12
CA LYS A 995 1.37 -32.61 33.18
C LYS A 995 2.15 -31.30 33.19
N LEU A 996 3.46 -31.39 32.95
CA LEU A 996 4.31 -30.22 32.93
C LEU A 996 4.02 -29.31 31.76
N ILE A 997 3.70 -29.91 30.61
CA ILE A 997 3.28 -29.17 29.43
C ILE A 997 2.00 -28.40 29.66
N ALA A 998 1.02 -29.04 30.32
CA ALA A 998 -0.21 -28.37 30.67
C ALA A 998 -0.01 -27.22 31.64
N ASN A 999 0.88 -27.39 32.62
CA ASN A 999 1.17 -26.33 33.59
C ASN A 999 1.83 -25.12 32.97
N LYS A 1000 2.83 -25.35 32.10
CA LYS A 1000 3.51 -24.24 31.43
C LYS A 1000 2.61 -23.48 30.49
N PHE A 1001 1.76 -24.20 29.78
CA PHE A 1001 0.82 -23.59 28.87
C PHE A 1001 -0.23 -22.76 29.56
N ASN A 1002 -0.70 -23.22 30.72
CA ASN A 1002 -1.66 -22.47 31.51
C ASN A 1002 -1.05 -21.24 32.16
N GLN A 1003 0.24 -21.28 32.53
CA GLN A 1003 0.95 -20.07 32.96
C GLN A 1003 1.05 -19.03 31.87
N ALA A 1004 1.34 -19.47 30.63
CA ALA A 1004 1.37 -18.57 29.48
C ALA A 1004 0.01 -17.95 29.18
N LEU A 1005 -1.09 -18.71 29.35
CA LEU A 1005 -2.42 -18.13 29.26
C LEU A 1005 -2.73 -17.15 30.38
N GLY A 1006 -2.28 -17.44 31.61
CA GLY A 1006 -2.50 -16.56 32.77
C GLY A 1006 -1.90 -15.16 32.62
N ALA A 1007 -0.76 -15.07 31.91
CA ALA A 1007 -0.11 -13.80 31.59
C ALA A 1007 -0.96 -12.80 30.75
N MET A 1008 -2.00 -13.28 30.03
CA MET A 1008 -2.91 -12.42 29.26
C MET A 1008 -3.71 -11.43 30.10
N GLN A 1009 -3.92 -11.70 31.39
CA GLN A 1009 -4.65 -10.80 32.27
C GLN A 1009 -3.92 -9.48 32.59
N THR A 1010 -2.60 -9.43 32.35
CA THR A 1010 -1.82 -8.21 32.51
C THR A 1010 -1.49 -7.54 31.18
N GLY A 1011 -2.04 -8.05 30.07
CA GLY A 1011 -1.69 -7.58 28.73
C GLY A 1011 -2.58 -6.47 28.16
N PHE A 1012 -3.43 -5.85 28.97
CA PHE A 1012 -4.33 -4.82 28.49
C PHE A 1012 -3.98 -3.45 29.06
N THR A 1013 -2.72 -3.08 28.88
CA THR A 1013 -2.18 -1.78 29.25
C THR A 1013 -1.48 -1.26 28.03
N THR A 1014 -1.18 0.04 27.99
CA THR A 1014 -0.53 0.65 26.81
C THR A 1014 0.97 0.31 26.65
N THR A 1015 1.58 -0.35 27.66
CA THR A 1015 2.89 -0.96 27.52
C THR A 1015 2.86 -2.18 26.57
N ASN A 1016 1.70 -2.81 26.40
CA ASN A 1016 1.52 -3.82 25.39
C ASN A 1016 1.26 -3.16 24.07
N GLU A 1017 2.14 -3.38 23.11
CA GLU A 1017 2.06 -2.69 21.83
C GLU A 1017 0.82 -2.99 21.01
N ALA A 1018 0.37 -4.24 21.01
CA ALA A 1018 -0.83 -4.61 20.28
C ALA A 1018 -2.07 -3.94 20.86
N PHE A 1019 -2.14 -3.85 22.19
CA PHE A 1019 -3.20 -3.12 22.85
C PHE A 1019 -3.19 -1.64 22.53
N HIS A 1020 -2.00 -1.05 22.47
CA HIS A 1020 -1.84 0.34 22.10
C HIS A 1020 -2.31 0.64 20.69
N LYS A 1021 -2.06 -0.28 19.75
CA LYS A 1021 -2.58 -0.13 18.40
C LYS A 1021 -4.09 -0.12 18.33
N VAL A 1022 -4.78 -0.95 19.15
CA VAL A 1022 -6.23 -0.95 19.18
C VAL A 1022 -6.79 0.37 19.66
N GLN A 1023 -6.18 0.94 20.70
CA GLN A 1023 -6.57 2.24 21.21
C GLN A 1023 -6.41 3.34 20.19
N ASP A 1024 -5.31 3.33 19.44
CA ASP A 1024 -5.11 4.33 18.41
C ASP A 1024 -6.03 4.22 17.21
N ALA A 1025 -6.48 3.00 16.85
CA ALA A 1025 -7.50 2.86 15.82
C ALA A 1025 -8.82 3.54 16.19
N VAL A 1026 -9.23 3.38 17.46
CA VAL A 1026 -10.40 4.08 17.98
C VAL A 1026 -10.23 5.59 18.03
N ASN A 1027 -9.03 6.05 18.41
CA ASN A 1027 -8.72 7.47 18.45
C ASN A 1027 -8.79 8.12 17.09
N ASN A 1028 -8.29 7.43 16.06
CA ASN A 1028 -8.30 7.95 14.70
C ASN A 1028 -9.70 8.17 14.13
N ASN A 1029 -10.63 7.24 14.43
CA ASN A 1029 -12.01 7.42 14.00
C ASN A 1029 -12.67 8.64 14.65
N ALA A 1030 -12.44 8.81 15.95
CA ALA A 1030 -12.92 9.97 16.67
C ALA A 1030 -12.30 11.27 16.19
N GLN A 1031 -10.99 11.23 15.86
CA GLN A 1031 -10.25 12.39 15.40
C GLN A 1031 -10.78 12.98 14.11
N ALA A 1032 -11.12 12.11 13.15
CA ALA A 1032 -11.68 12.54 11.88
C ALA A 1032 -13.03 13.26 12.03
N LEU A 1033 -13.91 12.72 12.90
CA LEU A 1033 -15.17 13.36 13.17
C LEU A 1033 -15.04 14.69 13.89
N SER A 1034 -14.10 14.76 14.84
CA SER A 1034 -13.87 15.99 15.57
C SER A 1034 -13.31 17.11 14.71
N LYS A 1035 -12.52 16.76 13.67
CA LYS A 1035 -12.01 17.75 12.74
C LYS A 1035 -13.08 18.48 11.96
N LEU A 1036 -14.05 17.73 11.44
CA LEU A 1036 -15.19 18.36 10.78
C LEU A 1036 -16.07 19.18 11.70
N ALA A 1037 -16.26 18.72 12.93
CA ALA A 1037 -17.03 19.46 13.92
C ALA A 1037 -16.38 20.78 14.30
N SER A 1038 -15.05 20.78 14.51
CA SER A 1038 -14.35 22.00 14.90
C SER A 1038 -14.36 23.07 13.85
N GLU A 1039 -14.34 22.67 12.58
CA GLU A 1039 -14.39 23.59 11.46
C GLU A 1039 -15.70 24.36 11.28
N LEU A 1040 -16.80 23.92 11.92
CA LEU A 1040 -18.04 24.68 11.90
C LEU A 1040 -17.94 26.05 12.56
N SER A 1041 -17.02 26.21 13.53
CA SER A 1041 -16.78 27.48 14.19
C SER A 1041 -15.75 28.38 13.51
N ASN A 1042 -15.17 27.98 12.37
CA ASN A 1042 -14.12 28.77 11.77
C ASN A 1042 -14.64 29.69 10.69
N THR A 1043 -14.36 30.99 10.84
CA THR A 1043 -14.68 31.96 9.80
C THR A 1043 -13.63 31.92 8.72
N PHE A 1044 -14.01 32.34 7.53
CA PHE A 1044 -13.08 32.45 6.41
C PHE A 1044 -13.11 33.86 5.85
N GLY A 1045 -12.95 34.83 6.76
CA GLY A 1045 -13.14 36.25 6.45
C GLY A 1045 -14.57 36.75 6.78
N ALA A 1046 -15.46 35.84 7.19
CA ALA A 1046 -16.80 36.13 7.64
C ALA A 1046 -16.79 36.86 8.97
N ILE A 1047 -17.83 37.66 9.20
CA ILE A 1047 -18.07 38.30 10.50
C ILE A 1047 -18.37 37.28 11.60
N SER A 1048 -19.16 36.27 11.26
CA SER A 1048 -19.46 35.17 12.15
C SER A 1048 -19.55 33.90 11.36
N ALA A 1049 -19.34 32.79 12.04
CA ALA A 1049 -19.45 31.47 11.42
C ALA A 1049 -20.91 31.03 11.24
N SER A 1050 -21.85 31.69 11.93
CA SER A 1050 -23.25 31.46 11.69
C SER A 1050 -23.72 32.26 10.51
N ILE A 1051 -24.41 31.57 9.61
CA ILE A 1051 -25.02 32.23 8.48
C ILE A 1051 -26.18 33.11 8.88
N GLY A 1052 -26.94 32.70 9.90
CA GLY A 1052 -28.01 33.52 10.43
C GLY A 1052 -27.53 34.84 11.03
N ASP A 1053 -26.36 34.86 11.68
CA ASP A 1053 -25.78 36.10 12.19
C ASP A 1053 -25.46 37.10 11.11
N ILE A 1054 -24.79 36.63 10.04
CA ILE A 1054 -24.46 37.56 8.96
C ILE A 1054 -25.67 37.94 8.12
N ILE A 1055 -26.73 37.10 8.09
CA ILE A 1055 -28.01 37.56 7.55
C ILE A 1055 -28.65 38.67 8.36
N GLN A 1056 -28.61 38.58 9.68
CA GLN A 1056 -29.14 39.64 10.53
C GLN A 1056 -28.35 40.93 10.51
N ARG A 1057 -27.02 40.84 10.44
CA ARG A 1057 -26.18 42.01 10.53
C ARG A 1057 -25.84 42.71 9.23
N LEU A 1058 -26.14 42.12 8.06
CA LEU A 1058 -25.76 42.74 6.81
C LEU A 1058 -26.88 42.94 5.81
N ASP A 1059 -26.81 44.07 5.11
CA ASP A 1059 -27.63 44.37 3.96
C ASP A 1059 -27.25 43.41 2.82
N PRO A 1060 -28.20 43.00 1.95
CA PRO A 1060 -28.02 41.89 1.01
C PRO A 1060 -26.86 41.92 -0.02
N PRO A 1061 -26.40 43.07 -0.58
CA PRO A 1061 -25.17 43.18 -1.38
C PRO A 1061 -23.88 42.80 -0.63
N GLU A 1062 -23.84 43.07 0.68
CA GLU A 1062 -22.69 42.75 1.49
C GLU A 1062 -22.79 41.36 2.06
N GLN A 1063 -24.03 40.99 2.39
CA GLN A 1063 -24.40 39.73 2.98
C GLN A 1063 -24.01 38.55 2.14
N ASP A 1064 -24.33 38.61 0.85
CA ASP A 1064 -24.07 37.49 -0.03
C ASP A 1064 -22.59 37.25 -0.31
N ALA A 1065 -21.77 38.30 -0.31
CA ALA A 1065 -20.32 38.15 -0.43
C ALA A 1065 -19.73 37.43 0.78
N GLN A 1066 -20.19 37.79 1.98
CA GLN A 1066 -19.76 37.11 3.19
C GLN A 1066 -20.22 35.67 3.26
N ILE A 1067 -21.46 35.39 2.83
CA ILE A 1067 -21.95 34.03 2.80
C ILE A 1067 -21.18 33.17 1.82
N ASP A 1068 -20.84 33.71 0.65
CA ASP A 1068 -20.07 32.96 -0.34
C ASP A 1068 -18.68 32.57 0.14
N ARG A 1069 -17.98 33.49 0.81
CA ARG A 1069 -16.68 33.18 1.40
C ARG A 1069 -16.73 32.09 2.44
N LEU A 1070 -17.78 32.14 3.28
CA LEU A 1070 -18.02 31.14 4.28
C LEU A 1070 -18.31 29.76 3.65
N ILE A 1071 -19.10 29.74 2.58
CA ILE A 1071 -19.36 28.51 1.82
C ILE A 1071 -18.12 27.90 1.18
N ASN A 1072 -17.23 28.74 0.63
CA ASN A 1072 -16.06 28.25 -0.08
C ASN A 1072 -15.09 27.52 0.82
N GLY A 1073 -14.85 28.06 2.02
CA GLY A 1073 -14.00 27.36 2.97
C GLY A 1073 -14.63 26.06 3.50
N ARG A 1074 -15.96 26.07 3.70
CA ARG A 1074 -16.65 24.86 4.15
C ARG A 1074 -16.63 23.73 3.14
N LEU A 1075 -16.80 24.07 1.85
CA LEU A 1075 -16.65 23.08 0.78
C LEU A 1075 -15.24 22.55 0.66
N THR A 1076 -14.25 23.42 0.81
CA THR A 1076 -12.85 23.01 0.76
C THR A 1076 -12.46 22.04 1.85
N THR A 1077 -12.99 22.25 3.06
CA THR A 1077 -12.78 21.33 4.15
C THR A 1077 -13.38 19.97 3.91
N LEU A 1078 -14.58 19.92 3.35
CA LEU A 1078 -15.19 18.64 3.00
C LEU A 1078 -14.43 17.88 1.93
N ASN A 1079 -13.85 18.59 0.96
CA ASN A 1079 -13.05 17.94 -0.07
C ASN A 1079 -11.79 17.30 0.49
N ALA A 1080 -11.12 18.01 1.41
CA ALA A 1080 -9.96 17.47 2.11
C ALA A 1080 -10.32 16.26 2.96
N PHE A 1081 -11.45 16.32 3.66
CA PHE A 1081 -11.94 15.22 4.45
C PHE A 1081 -12.22 13.97 3.65
N VAL A 1082 -12.84 14.11 2.48
CA VAL A 1082 -13.09 12.97 1.62
C VAL A 1082 -11.84 12.32 1.12
N ALA A 1083 -10.84 13.13 0.75
CA ALA A 1083 -9.55 12.60 0.33
C ALA A 1083 -8.87 11.79 1.43
N GLN A 1084 -8.95 12.27 2.68
CA GLN A 1084 -8.45 11.53 3.83
C GLN A 1084 -9.14 10.20 4.04
N GLN A 1085 -10.46 10.17 3.92
CA GLN A 1085 -11.21 8.95 4.07
C GLN A 1085 -10.97 7.91 3.02
N LEU A 1086 -10.78 8.33 1.77
CA LEU A 1086 -10.44 7.41 0.70
C LEU A 1086 -9.12 6.70 0.91
N VAL A 1087 -8.11 7.44 1.39
CA VAL A 1087 -6.83 6.84 1.73
C VAL A 1087 -6.91 5.85 2.87
N ARG A 1088 -7.65 6.21 3.92
CA ARG A 1088 -7.81 5.32 5.06
C ARG A 1088 -8.57 4.06 4.71
N SER A 1089 -9.62 4.19 3.88
CA SER A 1089 -10.39 3.05 3.43
C SER A 1089 -9.60 2.06 2.62
N GLU A 1090 -8.72 2.55 1.74
CA GLU A 1090 -7.88 1.68 0.97
C GLU A 1090 -6.85 0.95 1.81
N SER A 1091 -6.24 1.63 2.78
CA SER A 1091 -5.28 0.97 3.65
C SER A 1091 -5.92 -0.11 4.52
N ALA A 1092 -7.17 0.11 4.95
CA ALA A 1092 -7.91 -0.89 5.68
C ALA A 1092 -8.21 -2.12 4.86
N ALA A 1093 -8.54 -1.95 3.58
CA ALA A 1093 -8.78 -3.10 2.69
C ALA A 1093 -7.54 -3.96 2.51
N LEU A 1094 -6.37 -3.32 2.36
CA LEU A 1094 -5.11 -4.04 2.26
C LEU A 1094 -4.74 -4.77 3.56
N SER A 1095 -4.99 -4.12 4.69
CA SER A 1095 -4.80 -4.73 5.99
C SER A 1095 -5.75 -5.91 6.23
N ALA A 1096 -7.00 -5.82 5.75
CA ALA A 1096 -7.94 -6.92 5.83
C ALA A 1096 -7.50 -8.14 5.01
N GLN A 1097 -6.85 -7.91 3.87
CA GLN A 1097 -6.28 -9.01 3.12
C GLN A 1097 -5.17 -9.74 3.85
N LEU A 1098 -4.32 -9.02 4.61
CA LEU A 1098 -3.37 -9.66 5.50
C LEU A 1098 -4.00 -10.50 6.59
N ALA A 1099 -5.10 -10.01 7.19
CA ALA A 1099 -5.83 -10.77 8.20
C ALA A 1099 -6.36 -12.08 7.67
N LYS A 1100 -6.90 -12.08 6.45
CA LYS A 1100 -7.38 -13.28 5.79
C LYS A 1100 -6.31 -14.32 5.59
N ASP A 1101 -5.11 -13.88 5.20
CA ASP A 1101 -4.00 -14.78 5.05
C ASP A 1101 -3.52 -15.39 6.36
N LYS A 1102 -3.50 -14.60 7.45
CA LYS A 1102 -3.13 -15.16 8.73
C LYS A 1102 -4.13 -16.17 9.30
N VAL A 1103 -5.42 -15.94 9.09
CA VAL A 1103 -6.41 -16.93 9.47
C VAL A 1103 -6.27 -18.26 8.73
N ASN A 1104 -5.89 -18.21 7.46
CA ASN A 1104 -5.68 -19.44 6.73
C ASN A 1104 -4.29 -20.08 6.87
N GLU A 1105 -3.39 -19.51 7.67
CA GLU A 1105 -2.06 -20.11 7.83
C GLU A 1105 -1.60 -20.29 9.25
N CYS A 1106 -2.15 -19.50 10.17
CA CYS A 1106 -1.77 -19.57 11.56
C CYS A 1106 -2.91 -20.03 12.45
N VAL A 1107 -4.14 -19.73 12.08
CA VAL A 1107 -5.25 -20.19 12.89
C VAL A 1107 -5.70 -21.58 12.53
N LYS A 1108 -5.91 -21.81 11.24
CA LYS A 1108 -6.37 -23.12 10.77
C LYS A 1108 -5.30 -24.17 10.54
N ALA A 1109 -4.02 -23.85 10.71
CA ALA A 1109 -2.97 -24.82 10.48
C ALA A 1109 -1.75 -24.48 11.30
N GLN A 1110 -0.85 -25.42 11.47
CA GLN A 1110 0.43 -25.10 12.07
C GLN A 1110 1.32 -24.47 11.02
N SER A 1111 2.00 -23.38 11.36
CA SER A 1111 2.90 -22.75 10.40
C SER A 1111 4.29 -23.25 10.58
N LYS A 1112 4.95 -23.48 9.45
CA LYS A 1112 6.34 -23.89 9.43
C LYS A 1112 7.24 -22.79 8.91
N ARG A 1113 6.69 -21.60 8.67
CA ARG A 1113 7.43 -20.56 7.97
C ARG A 1113 8.34 -19.69 8.81
N SER A 1114 8.05 -19.61 10.12
CA SER A 1114 8.57 -18.56 11.02
C SER A 1114 8.07 -17.20 10.53
N GLY A 1115 8.74 -16.10 10.93
CA GLY A 1115 8.38 -14.76 10.42
C GLY A 1115 7.10 -14.21 11.07
N PHE A 1116 5.96 -14.74 10.61
CA PHE A 1116 4.68 -14.59 11.23
C PHE A 1116 4.74 -15.16 12.61
N CYS A 1117 4.00 -14.53 13.52
CA CYS A 1117 3.79 -15.00 14.90
C CYS A 1117 4.97 -14.70 15.78
N GLY A 1118 4.86 -15.09 17.05
CA GLY A 1118 5.99 -14.97 17.96
C GLY A 1118 7.06 -15.94 17.53
N GLN A 1119 8.30 -15.57 17.77
CA GLN A 1119 9.38 -16.37 17.22
C GLN A 1119 9.78 -17.52 18.11
N GLY A 1120 9.09 -18.63 17.94
CA GLY A 1120 9.34 -19.83 18.73
C GLY A 1120 8.73 -20.98 17.99
N THR A 1121 9.11 -21.10 16.72
CA THR A 1121 8.38 -21.86 15.72
C THR A 1121 6.93 -21.41 15.82
N HIS A 1122 5.99 -22.35 15.83
CA HIS A 1122 4.60 -22.01 15.99
C HIS A 1122 3.79 -23.22 16.41
N ILE A 1123 2.90 -23.03 17.38
CA ILE A 1123 1.84 -24.01 17.67
C ILE A 1123 0.56 -23.21 17.66
N VAL A 1124 -0.55 -23.76 18.14
CA VAL A 1124 -1.88 -23.16 17.95
C VAL A 1124 -2.04 -21.67 18.28
N SER A 1125 -2.74 -20.97 17.37
CA SER A 1125 -3.08 -19.57 17.52
C SER A 1125 -4.59 -19.38 17.59
N PHE A 1126 -5.01 -18.23 18.15
CA PHE A 1126 -6.42 -17.94 18.37
C PHE A 1126 -6.79 -16.56 17.88
N VAL A 1127 -8.07 -16.35 17.59
CA VAL A 1127 -8.60 -15.06 17.16
C VAL A 1127 -9.77 -14.62 17.95
N VAL A 1128 -9.77 -13.35 18.36
CA VAL A 1128 -10.93 -12.74 18.95
C VAL A 1128 -11.26 -11.42 18.26
N ASN A 1129 -12.48 -10.94 18.43
CA ASN A 1129 -12.88 -9.69 17.82
C ASN A 1129 -12.36 -8.50 18.58
N ALA A 1130 -12.03 -7.46 17.85
CA ALA A 1130 -11.50 -6.25 18.44
C ALA A 1130 -12.24 -5.06 17.88
N PRO A 1131 -12.01 -3.87 18.41
CA PRO A 1131 -12.53 -2.68 17.83
C PRO A 1131 -11.89 -2.52 16.47
N ASN A 1132 -12.74 -2.48 15.45
CA ASN A 1132 -12.37 -2.28 14.05
C ASN A 1132 -11.49 -3.35 13.41
N GLY A 1133 -11.45 -4.58 13.95
CA GLY A 1133 -10.50 -5.54 13.42
C GLY A 1133 -10.43 -6.84 14.19
N LEU A 1134 -9.36 -7.59 13.95
CA LEU A 1134 -9.16 -8.86 14.63
C LEU A 1134 -7.92 -8.82 15.50
N TYR A 1135 -8.00 -9.49 16.62
CA TYR A 1135 -6.88 -9.55 17.55
C TYR A 1135 -6.42 -10.98 17.69
N PHE A 1136 -5.17 -11.18 17.36
CA PHE A 1136 -4.59 -12.50 17.30
C PHE A 1136 -3.78 -12.78 18.52
N MET A 1137 -3.78 -14.03 18.96
CA MET A 1137 -2.86 -14.51 19.96
C MET A 1137 -2.13 -15.70 19.42
N HIS A 1138 -0.82 -15.70 19.55
CA HIS A 1138 -0.02 -16.79 19.01
C HIS A 1138 0.76 -17.47 20.08
N VAL A 1139 0.56 -18.77 20.26
CA VAL A 1139 1.37 -19.46 21.22
C VAL A 1139 2.64 -19.95 20.57
N GLY A 1140 3.77 -19.65 21.18
CA GLY A 1140 5.06 -20.07 20.65
C GLY A 1140 5.83 -20.87 21.69
N TYR A 1141 6.87 -21.53 21.23
CA TYR A 1141 7.73 -22.37 22.06
C TYR A 1141 9.11 -21.77 22.17
N TYR A 1142 9.48 -21.32 23.36
CA TYR A 1142 10.74 -20.59 23.54
C TYR A 1142 11.79 -21.41 24.28
N PRO A 1143 12.96 -21.61 23.68
CA PRO A 1143 14.08 -22.32 24.26
C PRO A 1143 14.75 -21.68 25.45
N SER A 1144 15.31 -22.52 26.30
CA SER A 1144 16.20 -22.06 27.36
C SER A 1144 17.28 -23.10 27.69
N ASN A 1145 18.29 -22.63 28.41
CA ASN A 1145 19.37 -23.46 28.97
C ASN A 1145 20.10 -24.33 27.95
N HIS A 1146 20.62 -23.70 26.90
CA HIS A 1146 21.28 -24.41 25.83
C HIS A 1146 22.61 -25.02 26.25
N ILE A 1147 22.89 -26.21 25.74
CA ILE A 1147 24.17 -26.86 25.99
C ILE A 1147 24.82 -27.25 24.69
N GLU A 1148 26.14 -27.39 24.72
CA GLU A 1148 26.88 -27.81 23.54
C GLU A 1148 27.24 -29.28 23.63
N VAL A 1149 26.98 -30.04 22.56
CA VAL A 1149 27.35 -31.45 22.54
C VAL A 1149 28.09 -31.86 21.27
N VAL A 1150 28.81 -32.97 21.37
CA VAL A 1150 29.44 -33.57 20.20
C VAL A 1150 28.46 -34.33 19.34
N SER A 1151 28.48 -34.10 18.04
CA SER A 1151 27.60 -34.80 17.13
C SER A 1151 28.27 -35.26 15.85
N ALA A 1152 27.67 -36.27 15.22
CA ALA A 1152 28.18 -36.83 13.98
C ALA A 1152 27.20 -36.67 12.85
N TYR A 1153 27.72 -36.53 11.64
CA TYR A 1153 26.89 -36.38 10.44
C TYR A 1153 26.08 -37.62 10.09
N GLY A 1154 26.65 -38.79 10.34
CA GLY A 1154 25.95 -40.03 10.09
C GLY A 1154 26.83 -41.18 10.50
N LEU A 1155 26.31 -42.39 10.40
CA LEU A 1155 27.01 -43.58 10.86
C LEU A 1155 27.02 -44.64 9.78
N CYS A 1156 28.09 -45.43 9.70
CA CYS A 1156 28.08 -46.56 8.78
C CYS A 1156 28.69 -47.80 9.37
N ASP A 1157 28.45 -48.92 8.71
CA ASP A 1157 29.10 -50.16 9.04
C ASP A 1157 30.53 -50.15 8.54
N ALA A 1158 31.50 -50.32 9.44
CA ALA A 1158 32.91 -50.39 9.02
C ALA A 1158 33.24 -51.60 8.13
N ALA A 1159 32.49 -52.71 8.27
CA ALA A 1159 32.65 -53.90 7.45
C ALA A 1159 31.94 -53.83 6.09
N ASN A 1160 31.05 -52.86 5.88
CA ASN A 1160 30.26 -52.81 4.66
C ASN A 1160 29.81 -51.41 4.34
N PRO A 1161 30.52 -50.67 3.46
CA PRO A 1161 30.34 -49.25 3.14
C PRO A 1161 28.98 -48.81 2.59
N THR A 1162 28.15 -49.74 2.09
CA THR A 1162 26.82 -49.38 1.63
C THR A 1162 25.79 -49.29 2.76
N ASN A 1163 26.12 -49.81 3.95
CA ASN A 1163 25.23 -49.73 5.08
C ASN A 1163 25.43 -48.43 5.83
N CYS A 1164 24.78 -47.37 5.36
CA CYS A 1164 24.91 -46.06 5.99
C CYS A 1164 23.58 -45.44 6.34
N ILE A 1165 23.55 -44.80 7.50
CA ILE A 1165 22.34 -44.18 7.99
C ILE A 1165 22.53 -42.73 8.41
N ALA A 1166 21.43 -41.99 8.38
CA ALA A 1166 21.41 -40.60 8.81
C ALA A 1166 20.16 -40.36 9.64
N PRO A 1167 20.22 -39.56 10.71
CA PRO A 1167 19.11 -39.33 11.60
C PRO A 1167 17.97 -38.60 10.92
N VAL A 1168 16.77 -38.97 11.30
CA VAL A 1168 15.56 -38.27 10.87
C VAL A 1168 15.03 -37.36 11.94
N ASN A 1169 14.93 -36.07 11.61
CA ASN A 1169 14.40 -35.01 12.49
C ASN A 1169 15.10 -34.94 13.82
N GLY A 1170 16.42 -35.00 13.80
CA GLY A 1170 17.16 -35.08 15.02
C GLY A 1170 18.61 -35.29 14.72
N TYR A 1171 19.37 -35.60 15.74
CA TYR A 1171 20.81 -35.69 15.60
C TYR A 1171 21.38 -36.92 16.24
N PHE A 1172 22.53 -37.34 15.73
CA PHE A 1172 23.32 -38.39 16.36
C PHE A 1172 24.36 -37.76 17.25
N ILE A 1173 24.27 -38.03 18.55
CA ILE A 1173 25.14 -37.39 19.53
C ILE A 1173 25.92 -38.40 20.33
N LYS A 1174 27.08 -37.99 20.81
CA LYS A 1174 27.88 -38.88 21.62
C LYS A 1174 27.18 -39.11 22.94
N THR A 1175 27.14 -40.34 23.40
CA THR A 1175 26.37 -40.70 24.58
C THR A 1175 26.91 -40.13 25.90
N ASN A 1176 26.04 -39.43 26.62
CA ASN A 1176 26.34 -38.97 27.98
C ASN A 1176 25.26 -39.38 28.99
N ASN A 1177 24.52 -40.45 28.69
CA ASN A 1177 23.44 -40.94 29.54
C ASN A 1177 23.68 -42.36 29.99
N THR A 1178 23.59 -42.61 31.29
CA THR A 1178 23.92 -43.91 31.91
C THR A 1178 22.96 -45.08 31.65
N ARG A 1179 21.78 -44.83 31.09
CA ARG A 1179 20.89 -45.89 30.64
C ARG A 1179 21.36 -46.56 29.36
N ILE A 1180 22.06 -45.81 28.50
CA ILE A 1180 22.39 -46.26 27.16
C ILE A 1180 23.78 -46.87 27.09
N VAL A 1181 23.90 -48.05 26.49
CA VAL A 1181 25.18 -48.76 26.37
C VAL A 1181 25.70 -48.76 24.94
N ASP A 1182 25.72 -47.60 24.33
CA ASP A 1182 26.19 -47.45 22.98
C ASP A 1182 26.96 -46.18 22.88
N GLU A 1183 27.88 -46.11 21.94
CA GLU A 1183 28.68 -44.92 21.71
C GLU A 1183 27.88 -43.73 21.21
N TRP A 1184 26.81 -43.99 20.44
CA TRP A 1184 26.00 -42.93 19.86
C TRP A 1184 24.56 -43.02 20.31
N SER A 1185 23.89 -41.89 20.34
CA SER A 1185 22.50 -41.82 20.77
C SER A 1185 21.73 -40.86 19.91
N TYR A 1186 20.42 -41.00 19.90
CA TYR A 1186 19.58 -40.13 19.10
C TYR A 1186 18.92 -39.11 19.97
N THR A 1187 18.86 -37.87 19.51
CA THR A 1187 18.05 -36.87 20.21
C THR A 1187 17.20 -36.11 19.24
N GLY A 1188 16.14 -35.50 19.77
CA GLY A 1188 15.22 -34.67 19.00
C GLY A 1188 15.85 -33.34 18.63
N SER A 1189 15.29 -32.67 17.63
CA SER A 1189 15.83 -31.39 17.19
C SER A 1189 15.58 -30.23 18.13
N SER A 1190 14.41 -30.20 18.75
CA SER A 1190 14.07 -29.07 19.61
C SER A 1190 14.26 -29.32 21.10
N PHE A 1191 14.65 -30.52 21.49
CA PHE A 1191 14.78 -30.79 22.90
C PHE A 1191 15.80 -31.86 23.17
N TYR A 1192 16.71 -31.59 24.08
CA TYR A 1192 17.73 -32.55 24.40
C TYR A 1192 17.24 -33.68 25.25
N ALA A 1193 17.30 -34.87 24.69
CA ALA A 1193 16.97 -36.08 25.41
C ALA A 1193 17.52 -37.25 24.63
N PRO A 1194 18.50 -37.96 25.17
CA PRO A 1194 19.05 -39.13 24.49
C PRO A 1194 18.07 -40.28 24.41
N GLU A 1195 18.19 -41.04 23.33
CA GLU A 1195 17.40 -42.23 23.11
C GLU A 1195 18.23 -43.23 22.32
N PRO A 1196 17.85 -44.49 22.30
CA PRO A 1196 18.50 -45.47 21.46
C PRO A 1196 18.25 -45.22 20.01
N ILE A 1197 19.23 -45.57 19.19
CA ILE A 1197 19.08 -45.43 17.76
C ILE A 1197 18.43 -46.66 17.22
N THR A 1198 17.26 -46.47 16.65
CA THR A 1198 16.50 -47.56 16.07
C THR A 1198 15.95 -47.16 14.74
N SER A 1199 15.39 -48.14 14.03
CA SER A 1199 14.89 -47.97 12.67
C SER A 1199 13.83 -46.89 12.50
N LEU A 1200 13.02 -46.65 13.52
CA LEU A 1200 12.05 -45.57 13.56
C LEU A 1200 12.65 -44.16 13.53
N ASN A 1201 13.90 -44.00 13.98
CA ASN A 1201 14.53 -42.70 14.04
C ASN A 1201 15.47 -42.39 12.89
N THR A 1202 15.57 -43.28 11.89
CA THR A 1202 16.61 -43.11 10.89
C THR A 1202 16.23 -43.44 9.46
N LYS A 1203 17.08 -43.03 8.53
CA LYS A 1203 16.89 -43.37 7.13
C LYS A 1203 18.18 -43.83 6.49
N TYR A 1204 18.05 -44.68 5.49
CA TYR A 1204 19.21 -45.15 4.76
C TYR A 1204 19.65 -44.15 3.73
N VAL A 1205 20.95 -43.91 3.68
CA VAL A 1205 21.54 -42.95 2.72
C VAL A 1205 22.74 -43.53 2.01
N ALA A 1206 23.16 -42.86 0.94
CA ALA A 1206 24.43 -43.15 0.30
C ALA A 1206 25.57 -42.79 1.25
N PRO A 1207 26.73 -43.47 1.21
CA PRO A 1207 27.92 -43.22 2.02
C PRO A 1207 28.58 -41.91 1.70
N GLN A 1208 29.21 -41.34 2.71
CA GLN A 1208 29.99 -40.12 2.61
C GLN A 1208 31.21 -40.25 3.47
N VAL A 1209 32.28 -39.55 3.09
CA VAL A 1209 33.56 -39.56 3.81
C VAL A 1209 33.54 -39.06 5.26
N THR A 1210 32.55 -38.23 5.63
CA THR A 1210 32.42 -37.73 6.98
C THR A 1210 31.62 -38.64 7.92
N TYR A 1211 31.01 -39.71 7.40
CA TYR A 1211 30.27 -40.62 8.26
C TYR A 1211 31.21 -41.46 9.09
N GLN A 1212 30.80 -41.79 10.31
CA GLN A 1212 31.63 -42.57 11.21
C GLN A 1212 31.71 -44.02 10.78
N ASN A 1213 32.85 -44.65 11.01
CA ASN A 1213 33.01 -46.06 10.73
C ASN A 1213 32.81 -46.89 12.00
N ILE A 1214 31.61 -47.44 12.17
CA ILE A 1214 31.26 -48.18 13.38
C ILE A 1214 31.63 -49.64 13.28
N SER A 1215 32.48 -50.09 14.20
CA SER A 1215 32.99 -51.45 14.13
C SER A 1215 32.13 -52.55 14.76
N THR A 1216 31.23 -52.20 15.69
CA THR A 1216 30.45 -53.24 16.37
C THR A 1216 28.95 -52.97 16.42
N ASN A 1217 28.52 -52.30 17.48
CA ASN A 1217 27.11 -52.29 17.83
C ASN A 1217 26.29 -51.25 17.07
N LEU A 1218 25.67 -51.70 15.99
CA LEU A 1218 24.67 -50.92 15.27
C LEU A 1218 23.40 -51.76 15.17
N PRO A 1219 22.21 -51.25 15.54
CA PRO A 1219 20.99 -52.07 15.36
C PRO A 1219 20.15 -51.81 14.09
N PRO A 1220 20.10 -50.62 13.49
CA PRO A 1220 19.64 -50.33 12.15
C PRO A 1220 20.76 -49.90 11.22
N PRO A 1221 21.15 -50.71 10.25
CA PRO A 1221 20.93 -52.12 10.04
C PRO A 1221 21.71 -52.87 11.06
N LEU A 1222 21.19 -54.03 11.43
CA LEU A 1222 21.90 -54.92 12.34
C LEU A 1222 23.18 -55.48 11.73
N LEU A 1223 23.13 -55.76 10.43
CA LEU A 1223 24.26 -56.19 9.68
C LEU A 1223 25.16 -54.99 9.45
N TYR B 18 -19.95 70.71 37.76
CA TYR B 18 -19.00 69.74 38.25
C TYR B 18 -19.50 69.02 39.50
N VAL B 19 -18.74 68.04 39.95
CA VAL B 19 -19.04 67.22 41.12
C VAL B 19 -19.05 67.99 42.43
N ASP B 20 -20.00 67.65 43.30
CA ASP B 20 -20.06 68.26 44.63
C ASP B 20 -19.02 67.68 45.57
N VAL B 21 -17.82 68.24 45.46
CA VAL B 21 -16.66 67.91 46.29
C VAL B 21 -16.75 68.28 47.78
N GLY B 22 -17.71 69.12 48.15
CA GLY B 22 -17.78 69.60 49.51
C GLY B 22 -16.78 70.74 49.74
N PRO B 23 -16.43 71.00 50.99
CA PRO B 23 -15.53 72.05 51.42
C PRO B 23 -14.09 71.87 50.95
N ASP B 24 -13.43 73.00 50.72
CA ASP B 24 -11.99 73.05 50.49
C ASP B 24 -11.27 72.95 51.84
N SER B 25 -9.99 72.59 51.82
CA SER B 25 -9.24 72.53 53.08
C SER B 25 -9.11 73.90 53.72
N VAL B 26 -9.17 73.91 55.05
CA VAL B 26 -9.13 75.16 55.81
C VAL B 26 -7.70 75.57 56.17
N LYS B 27 -6.93 74.62 56.70
CA LYS B 27 -5.55 74.91 57.07
C LYS B 27 -4.72 75.15 55.83
N SER B 28 -3.87 76.18 55.86
CA SER B 28 -3.02 76.49 54.73
C SER B 28 -1.77 75.61 54.70
N ALA B 29 -1.07 75.57 55.83
CA ALA B 29 0.13 74.76 55.96
C ALA B 29 -0.17 73.27 55.93
N CYS B 30 0.78 72.52 55.41
CA CYS B 30 0.73 71.07 55.39
C CYS B 30 1.63 70.52 56.47
N ILE B 31 1.26 69.36 57.01
CA ILE B 31 2.18 68.64 57.87
C ILE B 31 3.38 68.22 57.05
N GLU B 32 4.56 68.49 57.61
CA GLU B 32 5.81 68.27 56.93
C GLU B 32 6.05 66.81 56.64
N VAL B 33 6.57 66.56 55.45
CA VAL B 33 6.92 65.25 54.99
C VAL B 33 8.41 65.06 54.90
N ASP B 34 8.93 64.17 55.72
CA ASP B 34 10.33 63.84 55.69
C ASP B 34 10.53 62.50 55.00
N ILE B 35 11.47 62.46 54.07
CA ILE B 35 11.71 61.24 53.35
C ILE B 35 12.71 60.36 54.08
N GLN B 36 12.25 59.19 54.46
CA GLN B 36 12.98 58.20 55.20
C GLN B 36 13.19 56.92 54.41
N GLN B 37 13.26 57.04 53.09
CA GLN B 37 13.24 55.93 52.13
C GLN B 37 14.18 54.76 52.40
N THR B 38 15.34 55.01 52.99
CA THR B 38 16.31 53.95 53.26
C THR B 38 15.82 52.92 54.26
N PHE B 39 14.88 53.31 55.13
CA PHE B 39 14.28 52.39 56.10
C PHE B 39 13.41 51.33 55.43
N PHE B 40 12.93 51.62 54.22
CA PHE B 40 12.00 50.76 53.53
C PHE B 40 12.68 49.81 52.54
N ASP B 41 14.02 49.75 52.53
CA ASP B 41 14.68 48.83 51.63
C ASP B 41 14.60 47.40 52.15
N LYS B 42 13.67 46.61 51.59
CA LYS B 42 13.45 45.23 51.99
C LYS B 42 13.40 44.33 50.76
N THR B 43 13.68 43.05 50.95
CA THR B 43 13.66 42.09 49.84
C THR B 43 12.74 40.92 50.13
N TRP B 44 11.45 41.12 49.96
CA TRP B 44 10.46 40.07 50.17
C TRP B 44 9.71 39.77 48.86
N PRO B 45 10.43 39.30 47.83
CA PRO B 45 9.91 39.11 46.48
C PRO B 45 8.79 38.10 46.42
N ARG B 46 7.86 38.29 45.49
CA ARG B 46 6.73 37.38 45.38
C ARG B 46 6.44 37.04 43.94
N PRO B 47 7.17 36.09 43.36
CA PRO B 47 6.97 35.65 42.00
C PRO B 47 5.60 35.09 41.79
N ILE B 48 5.08 35.32 40.59
CA ILE B 48 3.77 34.80 40.23
C ILE B 48 3.76 33.29 40.13
N ASP B 49 2.83 32.65 40.83
CA ASP B 49 2.66 31.22 40.62
C ASP B 49 1.47 30.95 39.74
N VAL B 50 1.71 30.84 38.43
CA VAL B 50 0.64 30.61 37.47
C VAL B 50 -0.08 29.27 37.66
N SER B 51 0.56 28.28 38.27
CA SER B 51 -0.12 27.02 38.54
C SER B 51 -1.05 27.09 39.75
N LYS B 52 -1.04 28.21 40.48
CA LYS B 52 -2.04 28.53 41.47
C LYS B 52 -3.01 29.60 40.98
N ALA B 53 -2.92 29.94 39.69
CA ALA B 53 -3.70 31.00 39.04
C ALA B 53 -3.44 32.38 39.64
N ASP B 54 -2.20 32.65 40.06
CA ASP B 54 -1.92 33.96 40.61
C ASP B 54 -2.04 35.04 39.57
N GLY B 55 -2.84 36.06 39.87
CA GLY B 55 -2.95 37.22 39.00
C GLY B 55 -3.82 37.00 37.77
N ILE B 56 -4.53 35.87 37.70
CA ILE B 56 -5.33 35.61 36.54
C ILE B 56 -6.62 36.40 36.54
N ILE B 57 -6.84 37.14 35.46
CA ILE B 57 -8.09 37.81 35.24
C ILE B 57 -9.01 36.90 34.48
N TYR B 58 -10.16 36.64 35.06
CA TYR B 58 -11.13 35.75 34.49
C TYR B 58 -11.70 36.33 33.17
N PRO B 59 -12.01 35.49 32.16
CA PRO B 59 -12.48 35.89 30.83
C PRO B 59 -13.82 36.62 30.86
N GLN B 60 -13.99 37.54 29.93
CA GLN B 60 -15.13 38.42 29.99
C GLN B 60 -16.36 37.87 29.30
N GLY B 61 -17.46 37.82 30.05
CA GLY B 61 -18.78 37.49 29.52
C GLY B 61 -19.04 36.01 29.30
N ARG B 62 -18.14 35.13 29.77
CA ARG B 62 -18.28 33.71 29.49
C ARG B 62 -17.91 32.84 30.67
N THR B 63 -18.47 31.64 30.69
CA THR B 63 -17.98 30.66 31.61
C THR B 63 -17.87 29.31 30.99
N TYR B 64 -17.18 28.43 31.69
CA TYR B 64 -16.82 27.14 31.16
C TYR B 64 -16.98 26.05 32.21
N SER B 65 -16.99 24.82 31.74
CA SER B 65 -17.03 23.64 32.59
C SER B 65 -15.60 23.23 32.93
N ASN B 66 -15.41 21.96 33.29
CA ASN B 66 -14.08 21.45 33.66
C ASN B 66 -13.10 21.23 32.48
N ILE B 67 -13.46 21.63 31.28
CA ILE B 67 -12.59 21.60 30.11
C ILE B 67 -11.44 22.59 30.20
N THR B 68 -10.28 22.18 29.70
CA THR B 68 -9.14 23.06 29.51
C THR B 68 -9.16 23.75 28.18
N ILE B 69 -8.90 25.05 28.15
CA ILE B 69 -8.82 25.76 26.88
C ILE B 69 -7.57 26.59 26.78
N THR B 70 -7.20 26.94 25.55
CA THR B 70 -6.21 27.98 25.34
C THR B 70 -6.92 29.31 25.43
N TYR B 71 -6.21 30.35 25.81
CA TYR B 71 -6.82 31.66 25.85
C TYR B 71 -5.82 32.77 25.60
N GLN B 72 -6.30 33.86 25.03
CA GLN B 72 -5.46 35.01 24.79
C GLN B 72 -5.95 36.21 25.58
N GLY B 73 -5.07 36.86 26.33
CA GLY B 73 -5.50 38.02 27.10
C GLY B 73 -4.37 38.67 27.86
N LEU B 74 -4.71 39.69 28.64
CA LEU B 74 -3.71 40.36 29.46
C LEU B 74 -3.40 39.59 30.73
N PHE B 75 -2.12 39.23 30.92
CA PHE B 75 -1.67 38.49 32.09
C PHE B 75 -0.28 38.92 32.55
N PRO B 76 0.09 38.70 33.81
CA PRO B 76 1.43 38.85 34.35
C PRO B 76 2.35 37.76 33.83
N TYR B 77 3.65 38.07 33.74
CA TYR B 77 4.63 37.04 33.41
C TYR B 77 4.78 36.06 34.55
N GLN B 78 4.95 34.78 34.24
CA GLN B 78 5.22 33.80 35.29
C GLN B 78 6.46 34.09 36.13
N GLY B 79 7.50 34.65 35.52
CA GLY B 79 8.72 34.92 36.27
C GLY B 79 8.76 36.26 37.01
N ASP B 80 7.69 37.06 36.97
CA ASP B 80 7.76 38.39 37.57
C ASP B 80 7.62 38.37 39.09
N HIS B 81 8.63 38.92 39.78
CA HIS B 81 8.66 39.07 41.24
C HIS B 81 7.90 40.28 41.75
N GLY B 82 7.60 41.22 40.86
CA GLY B 82 6.79 42.39 41.17
C GLY B 82 7.60 43.53 41.74
N ASP B 83 6.91 44.64 41.98
CA ASP B 83 7.49 45.77 42.69
C ASP B 83 6.85 45.84 44.06
N MET B 84 7.66 46.04 45.09
CA MET B 84 7.12 46.00 46.45
C MET B 84 7.13 47.34 47.15
N TYR B 85 6.01 47.63 47.81
CA TYR B 85 5.82 48.87 48.52
C TYR B 85 5.29 48.61 49.92
N VAL B 86 5.76 49.38 50.89
CA VAL B 86 5.29 49.22 52.26
C VAL B 86 4.87 50.55 52.89
N TYR B 87 3.59 50.64 53.27
CA TYR B 87 3.10 51.77 54.05
C TYR B 87 3.48 51.62 55.51
N SER B 88 3.70 52.74 56.19
CA SER B 88 4.06 52.69 57.61
C SER B 88 3.51 53.87 58.39
N ALA B 89 3.52 53.73 59.71
CA ALA B 89 3.26 54.86 60.58
C ALA B 89 4.38 55.89 60.45
N GLY B 90 4.03 57.16 60.60
CA GLY B 90 4.98 58.27 60.53
C GLY B 90 5.62 58.57 61.88
N HIS B 91 6.15 59.77 62.06
CA HIS B 91 6.75 60.08 63.35
C HIS B 91 5.72 60.45 64.39
N ALA B 92 5.97 59.95 65.58
CA ALA B 92 5.22 60.25 66.77
C ALA B 92 6.17 60.00 67.92
N THR B 93 6.01 60.74 69.01
CA THR B 93 6.81 60.50 70.20
C THR B 93 5.96 60.66 71.44
N GLY B 94 6.36 60.01 72.52
CA GLY B 94 5.57 60.14 73.74
C GLY B 94 4.16 59.63 73.48
N THR B 95 3.20 60.50 73.75
CA THR B 95 1.79 60.20 73.48
C THR B 95 1.20 61.01 72.31
N THR B 96 2.05 61.68 71.49
CA THR B 96 1.49 62.50 70.41
C THR B 96 2.14 62.25 69.02
N PRO B 97 1.41 62.57 67.95
CA PRO B 97 1.87 62.62 66.57
C PRO B 97 2.87 63.75 66.34
N GLN B 98 3.76 63.57 65.37
CA GLN B 98 4.78 64.57 65.04
C GLN B 98 4.81 64.84 63.52
N LYS B 99 5.93 64.59 62.84
CA LYS B 99 6.00 64.82 61.39
C LYS B 99 5.88 63.54 60.61
N LEU B 100 5.53 63.62 59.34
CA LEU B 100 5.41 62.39 58.57
C LEU B 100 6.79 61.85 58.21
N PHE B 101 7.01 60.56 58.48
CA PHE B 101 8.22 59.83 58.11
C PHE B 101 7.87 58.78 57.07
N VAL B 102 8.11 59.09 55.80
CA VAL B 102 7.62 58.24 54.73
C VAL B 102 8.65 57.88 53.68
N ALA B 103 8.33 56.86 52.90
CA ALA B 103 9.09 56.45 51.74
C ALA B 103 8.99 57.46 50.60
N ASN B 104 9.88 57.34 49.60
CA ASN B 104 9.92 58.31 48.50
C ASN B 104 9.02 57.96 47.29
N TYR B 105 7.96 57.16 47.51
CA TYR B 105 7.11 56.60 46.45
C TYR B 105 6.46 57.63 45.54
N SER B 106 6.28 58.88 46.00
CA SER B 106 5.77 59.97 45.15
C SER B 106 6.63 60.25 43.91
N GLN B 107 7.92 59.92 43.98
CA GLN B 107 8.83 60.14 42.87
C GLN B 107 8.86 58.97 41.88
N ASP B 108 8.20 57.86 42.22
CA ASP B 108 8.22 56.66 41.39
C ASP B 108 7.17 56.69 40.30
N VAL B 109 7.41 57.50 39.27
CA VAL B 109 6.51 57.57 38.12
C VAL B 109 6.83 56.47 37.15
N LYS B 110 5.80 55.78 36.70
CA LYS B 110 5.99 54.69 35.78
C LYS B 110 5.27 54.91 34.50
N GLN B 111 5.80 54.32 33.44
CA GLN B 111 5.10 54.32 32.19
C GLN B 111 3.98 53.31 32.27
N PHE B 112 2.76 53.76 32.01
CA PHE B 112 1.63 52.86 31.99
C PHE B 112 1.75 51.92 30.80
N ALA B 113 1.43 50.65 31.01
CA ALA B 113 1.66 49.68 29.95
C ALA B 113 0.62 48.61 29.94
N ASN B 114 -0.56 48.95 29.42
CA ASN B 114 -1.68 48.02 29.28
C ASN B 114 -2.19 47.47 30.59
N GLY B 115 -2.12 48.26 31.64
CA GLY B 115 -2.68 47.87 32.91
C GLY B 115 -1.72 47.14 33.81
N PHE B 116 -2.20 46.89 35.02
CA PHE B 116 -1.43 46.19 36.01
C PHE B 116 -2.31 45.51 37.03
N VAL B 117 -1.72 44.58 37.76
CA VAL B 117 -2.43 43.88 38.79
C VAL B 117 -1.70 43.97 40.09
N VAL B 118 -2.42 43.89 41.20
CA VAL B 118 -1.77 43.98 42.48
C VAL B 118 -2.19 42.92 43.47
N ARG B 119 -1.30 42.64 44.40
CA ARG B 119 -1.53 41.70 45.48
C ARG B 119 -1.54 42.44 46.81
N ILE B 120 -2.63 42.27 47.56
CA ILE B 120 -2.84 43.06 48.76
C ILE B 120 -3.00 42.19 50.01
N GLY B 121 -2.23 42.53 51.05
CA GLY B 121 -2.43 41.91 52.36
C GLY B 121 -1.84 40.52 52.51
N ALA B 122 -0.97 40.11 51.60
CA ALA B 122 -0.46 38.74 51.54
C ALA B 122 0.19 38.23 52.81
N ALA B 123 0.85 39.12 53.55
CA ALA B 123 1.52 38.76 54.78
C ALA B 123 0.63 38.88 56.05
N ALA B 124 -0.67 39.11 55.88
CA ALA B 124 -1.60 39.14 57.01
C ALA B 124 -1.64 37.81 57.74
N ASN B 125 -1.95 37.88 59.04
CA ASN B 125 -1.90 36.74 59.98
C ASN B 125 -0.46 36.28 60.21
N SER B 126 0.45 37.24 60.30
CA SER B 126 1.85 37.00 60.61
C SER B 126 2.41 38.28 61.18
N THR B 127 3.71 38.28 61.47
CA THR B 127 4.32 39.48 62.05
C THR B 127 5.45 39.97 61.19
N GLY B 128 5.80 41.23 61.36
CA GLY B 128 6.85 41.86 60.60
C GLY B 128 7.60 42.81 61.48
N THR B 129 7.90 43.98 60.95
CA THR B 129 8.51 45.05 61.74
C THR B 129 7.80 46.35 61.47
N VAL B 130 7.98 47.31 62.37
CA VAL B 130 7.47 48.68 62.21
C VAL B 130 8.13 49.48 61.07
N ILE B 131 9.27 49.02 60.57
CA ILE B 131 10.05 49.61 59.47
C ILE B 131 10.77 50.90 59.84
N ILE B 132 10.01 51.96 60.13
CA ILE B 132 10.58 53.23 60.56
C ILE B 132 11.19 53.15 61.96
N SER B 133 10.71 52.21 62.77
CA SER B 133 11.24 51.95 64.10
C SER B 133 11.22 50.45 64.34
N PRO B 134 11.80 49.72 63.37
CA PRO B 134 11.63 48.29 63.12
C PRO B 134 11.94 47.34 64.27
N SER B 135 12.75 47.77 65.24
CA SER B 135 13.11 46.97 66.40
C SER B 135 11.92 46.53 67.26
N THR B 136 10.79 47.26 67.17
CA THR B 136 9.57 46.89 67.86
C THR B 136 8.96 45.55 67.42
N SER B 137 9.20 45.13 66.17
CA SER B 137 8.71 43.85 65.63
C SER B 137 7.19 43.67 65.71
N ALA B 138 6.45 44.73 65.38
CA ALA B 138 4.98 44.70 65.43
C ALA B 138 4.37 43.72 64.42
N THR B 139 3.21 43.18 64.79
CA THR B 139 2.43 42.31 63.92
C THR B 139 1.91 43.09 62.73
N ILE B 140 1.73 42.42 61.59
CA ILE B 140 1.33 43.13 60.37
C ILE B 140 -0.08 42.82 59.91
N ARG B 141 -0.74 43.84 59.39
CA ARG B 141 -2.12 43.70 58.90
C ARG B 141 -2.31 44.30 57.53
N LYS B 142 -3.37 43.90 56.84
CA LYS B 142 -3.62 44.43 55.52
C LYS B 142 -3.91 45.92 55.54
N ILE B 143 -3.35 46.63 54.58
CA ILE B 143 -3.61 48.04 54.38
C ILE B 143 -3.84 48.26 52.90
N TYR B 144 -4.82 49.08 52.56
CA TYR B 144 -5.12 49.29 51.15
C TYR B 144 -4.31 50.43 50.52
N PRO B 145 -3.75 50.20 49.32
CA PRO B 145 -2.97 51.13 48.51
C PRO B 145 -3.75 52.31 47.96
N ALA B 146 -3.05 53.41 47.70
CA ALA B 146 -3.62 54.55 46.99
C ALA B 146 -2.83 54.87 45.71
N PHE B 147 -3.51 55.36 44.67
CA PHE B 147 -2.88 55.54 43.36
C PHE B 147 -3.22 56.83 42.64
N MET B 148 -2.34 57.23 41.72
CA MET B 148 -2.66 58.32 40.81
C MET B 148 -2.30 58.00 39.35
N LEU B 149 -3.22 58.27 38.43
CA LEU B 149 -2.98 57.96 37.01
C LEU B 149 -3.30 59.13 36.10
N GLY B 150 -2.61 59.25 34.98
CA GLY B 150 -2.92 60.36 34.08
C GLY B 150 -2.16 60.30 32.76
N SER B 151 -2.44 61.25 31.89
CA SER B 151 -1.80 61.29 30.58
C SER B 151 -0.49 62.08 30.53
N SER B 152 -0.20 62.88 31.54
CA SER B 152 1.06 63.63 31.52
C SER B 152 1.59 63.96 32.91
N VAL B 153 2.93 63.99 33.00
CA VAL B 153 3.64 64.34 34.24
C VAL B 153 4.74 65.35 33.99
N GLY B 154 5.23 65.97 35.05
CA GLY B 154 6.35 66.90 34.95
C GLY B 154 6.83 67.41 36.29
N ASN B 155 7.78 68.32 36.24
CA ASN B 155 8.36 68.87 37.46
C ASN B 155 7.42 69.78 38.23
N PHE B 156 7.52 69.69 39.55
CA PHE B 156 6.95 70.65 40.48
C PHE B 156 7.74 71.94 40.40
N SER B 157 7.21 73.01 40.97
CA SER B 157 7.93 74.29 41.05
C SER B 157 9.29 74.21 41.77
N ASP B 158 9.46 73.26 42.69
CA ASP B 158 10.74 72.98 43.33
C ASP B 158 11.61 71.93 42.60
N GLY B 159 11.21 71.52 41.39
CA GLY B 159 11.94 70.52 40.62
C GLY B 159 11.65 69.08 41.02
N LYS B 160 10.66 68.86 41.89
CA LYS B 160 10.33 67.52 42.32
C LYS B 160 9.62 66.77 41.21
N MET B 161 9.78 65.47 41.14
CA MET B 161 9.17 64.70 40.08
C MET B 161 7.69 64.43 40.32
N GLY B 162 6.98 64.09 39.24
CA GLY B 162 5.63 63.54 39.34
C GLY B 162 4.44 64.48 39.45
N ARG B 163 4.59 65.78 39.19
CA ARG B 163 3.38 66.59 39.15
C ARG B 163 2.53 66.13 37.97
N PHE B 164 1.24 65.90 38.19
CA PHE B 164 0.38 65.47 37.10
C PHE B 164 -0.36 66.63 36.51
N PHE B 165 -0.59 66.57 35.21
CA PHE B 165 -1.21 67.69 34.52
C PHE B 165 -2.62 67.41 34.05
N ASN B 166 -3.37 68.49 33.85
CA ASN B 166 -4.77 68.50 33.47
C ASN B 166 -5.60 67.72 34.50
N HIS B 167 -6.34 66.70 34.06
CA HIS B 167 -7.13 65.90 35.00
C HIS B 167 -6.41 64.63 35.34
N THR B 168 -6.57 64.16 36.56
CA THR B 168 -5.96 62.91 36.92
C THR B 168 -6.91 62.01 37.68
N LEU B 169 -6.63 60.72 37.62
CA LEU B 169 -7.39 59.74 38.36
C LEU B 169 -6.84 59.64 39.75
N VAL B 170 -7.73 59.61 40.73
CA VAL B 170 -7.30 59.40 42.09
C VAL B 170 -8.05 58.26 42.72
N LEU B 171 -7.30 57.34 43.30
CA LEU B 171 -7.90 56.24 44.02
C LEU B 171 -7.42 56.24 45.45
N LEU B 172 -8.32 56.47 46.38
CA LEU B 172 -7.94 56.39 47.77
C LEU B 172 -9.04 55.79 48.61
N PRO B 173 -8.69 54.90 49.52
CA PRO B 173 -9.52 54.48 50.62
C PRO B 173 -9.64 55.61 51.62
N ASP B 174 -10.76 55.71 52.31
CA ASP B 174 -10.89 56.70 53.37
C ASP B 174 -10.94 56.11 54.74
N GLY B 175 -9.97 56.46 55.57
CA GLY B 175 -9.96 55.95 56.93
C GLY B 175 -9.79 54.44 56.91
N CYS B 176 -10.74 53.75 57.54
CA CYS B 176 -10.78 52.30 57.54
C CYS B 176 -11.13 51.78 56.14
N GLY B 177 -10.68 50.57 55.86
CA GLY B 177 -10.74 49.97 54.52
C GLY B 177 -12.13 49.79 53.90
N THR B 178 -13.20 49.97 54.69
CA THR B 178 -14.57 49.85 54.23
C THR B 178 -15.03 50.89 53.19
N LEU B 179 -14.32 52.00 53.04
CA LEU B 179 -14.73 52.95 52.01
C LEU B 179 -13.64 53.23 51.01
N LEU B 180 -13.97 53.11 49.74
CA LEU B 180 -13.09 53.46 48.64
C LEU B 180 -13.68 54.58 47.80
N ARG B 181 -12.86 55.57 47.44
CA ARG B 181 -13.31 56.61 46.53
C ARG B 181 -12.49 56.70 45.25
N ALA B 182 -13.18 57.03 44.16
CA ALA B 182 -12.55 57.23 42.87
C ALA B 182 -12.84 58.63 42.38
N PHE B 183 -11.83 59.30 41.79
CA PHE B 183 -12.04 60.64 41.25
C PHE B 183 -11.43 60.84 39.88
N TYR B 184 -12.02 61.73 39.09
CA TYR B 184 -11.33 62.27 37.91
C TYR B 184 -11.42 63.78 37.96
N CYS B 185 -10.30 64.44 38.28
CA CYS B 185 -10.37 65.86 38.61
C CYS B 185 -9.07 66.60 38.36
N ILE B 186 -9.10 67.95 38.37
CA ILE B 186 -7.84 68.72 38.33
C ILE B 186 -7.31 69.07 39.73
N LEU B 187 -6.08 68.69 40.01
CA LEU B 187 -5.48 69.06 41.29
C LEU B 187 -4.93 70.49 41.27
N GLU B 188 -5.15 71.22 42.37
CA GLU B 188 -4.59 72.55 42.53
C GLU B 188 -3.52 72.62 43.62
N PRO B 189 -2.32 73.07 43.27
CA PRO B 189 -1.21 73.25 44.21
C PRO B 189 -1.49 74.31 45.26
N ARG B 190 -0.91 74.14 46.45
CA ARG B 190 -1.17 75.07 47.54
C ARG B 190 0.08 75.83 47.95
N SER B 191 -0.10 77.10 48.30
CA SER B 191 1.00 78.01 48.63
C SER B 191 1.45 78.00 50.10
N GLY B 192 0.86 77.12 50.92
CA GLY B 192 1.19 77.04 52.34
C GLY B 192 2.54 76.40 52.62
N ASN B 193 2.91 76.37 53.90
CA ASN B 193 4.19 75.81 54.28
C ASN B 193 4.19 74.30 54.01
N HIS B 194 5.23 73.83 53.32
CA HIS B 194 5.37 72.45 52.89
C HIS B 194 4.24 72.03 51.97
N CYS B 195 3.94 72.87 50.97
CA CYS B 195 2.83 72.51 50.10
C CYS B 195 3.23 72.83 48.68
N PRO B 196 2.54 72.29 47.66
CA PRO B 196 3.06 72.17 46.31
C PRO B 196 3.48 73.44 45.55
N ALA B 197 2.83 74.56 45.83
CA ALA B 197 3.24 75.83 45.21
C ALA B 197 4.21 76.62 46.10
N GLY B 198 4.37 76.19 47.36
CA GLY B 198 5.29 76.82 48.30
C GLY B 198 6.72 76.43 48.00
N ASN B 199 7.68 77.19 48.52
CA ASN B 199 9.09 76.88 48.32
C ASN B 199 9.69 76.01 49.44
N SER B 200 8.85 75.60 50.39
CA SER B 200 9.23 74.68 51.44
C SER B 200 8.72 73.27 51.20
N TYR B 201 8.19 73.01 49.99
CA TYR B 201 7.68 71.70 49.61
C TYR B 201 8.77 70.66 49.56
N THR B 202 8.47 69.48 50.09
CA THR B 202 9.37 68.34 49.99
C THR B 202 8.73 67.30 49.08
N SER B 203 7.78 66.55 49.62
CA SER B 203 7.03 65.59 48.85
C SER B 203 5.61 65.45 49.35
N PHE B 204 4.68 65.36 48.41
CA PHE B 204 3.30 65.04 48.68
C PHE B 204 3.12 63.67 49.33
N ALA B 205 2.22 63.59 50.31
CA ALA B 205 1.81 62.35 50.92
C ALA B 205 0.43 62.53 51.53
N THR B 206 -0.21 61.41 51.88
CA THR B 206 -1.52 61.48 52.55
C THR B 206 -1.47 60.71 53.84
N TYR B 207 -2.45 60.94 54.70
CA TYR B 207 -2.41 60.24 55.97
C TYR B 207 -3.76 59.97 56.60
N HIS B 208 -3.72 59.04 57.54
CA HIS B 208 -4.86 58.62 58.34
C HIS B 208 -4.52 58.82 59.81
N THR B 209 -5.47 59.31 60.61
CA THR B 209 -5.19 59.58 62.01
C THR B 209 -6.06 58.78 62.95
N PRO B 210 -5.76 57.48 63.14
CA PRO B 210 -6.55 56.47 63.87
C PRO B 210 -6.93 56.80 65.31
N ALA B 211 -6.25 57.76 65.93
CA ALA B 211 -6.59 58.21 67.27
C ALA B 211 -7.95 58.90 67.31
N THR B 212 -8.32 59.59 66.22
CA THR B 212 -9.60 60.28 66.14
C THR B 212 -10.45 59.78 64.98
N ASP B 213 -9.81 59.17 64.00
CA ASP B 213 -10.49 58.60 62.85
C ASP B 213 -10.92 57.18 63.19
N CYS B 214 -11.64 56.53 62.27
CA CYS B 214 -11.96 55.11 62.45
C CYS B 214 -12.64 54.76 63.77
N SER B 215 -13.57 55.58 64.25
CA SER B 215 -14.27 55.24 65.48
C SER B 215 -15.20 54.08 65.22
N ASP B 216 -15.38 53.21 66.21
CA ASP B 216 -16.16 52.01 65.96
C ASP B 216 -17.66 52.23 65.80
N GLY B 217 -18.19 53.36 66.27
CA GLY B 217 -19.57 53.70 65.99
C GLY B 217 -19.72 54.69 64.83
N ASN B 218 -18.61 55.15 64.25
CA ASN B 218 -18.63 56.13 63.19
C ASN B 218 -17.27 56.26 62.55
N TYR B 219 -16.99 55.40 61.60
CA TYR B 219 -15.69 55.44 60.94
C TYR B 219 -15.57 56.70 60.14
N ASN B 220 -14.39 57.31 60.15
CA ASN B 220 -14.27 58.59 59.48
C ASN B 220 -14.12 58.43 58.00
N ARG B 221 -15.25 58.52 57.33
CA ARG B 221 -15.39 58.37 55.89
C ARG B 221 -14.79 59.50 55.06
N ASN B 222 -14.37 60.60 55.68
CA ASN B 222 -13.68 61.64 54.95
C ASN B 222 -12.19 61.75 55.32
N ALA B 223 -11.67 60.80 56.12
CA ALA B 223 -10.34 60.97 56.74
C ALA B 223 -9.18 61.18 55.79
N SER B 224 -9.07 60.33 54.78
CA SER B 224 -7.90 60.34 53.94
C SER B 224 -8.06 61.38 52.84
N LEU B 225 -9.31 61.60 52.42
CA LEU B 225 -9.63 62.63 51.47
C LEU B 225 -9.35 64.00 52.00
N ASN B 226 -9.63 64.23 53.28
CA ASN B 226 -9.32 65.51 53.86
C ASN B 226 -7.82 65.72 53.96
N SER B 227 -7.08 64.69 54.36
CA SER B 227 -5.63 64.82 54.37
C SER B 227 -5.04 64.98 52.97
N PHE B 228 -5.69 64.41 51.96
CA PHE B 228 -5.36 64.67 50.56
C PHE B 228 -5.62 66.13 50.18
N LYS B 229 -6.78 66.65 50.60
CA LYS B 229 -7.18 68.03 50.33
C LYS B 229 -6.22 69.03 50.91
N GLU B 230 -5.59 68.71 52.04
CA GLU B 230 -4.61 69.60 52.64
C GLU B 230 -3.39 69.92 51.77
N TYR B 231 -3.09 69.09 50.76
CA TYR B 231 -2.00 69.40 49.85
C TYR B 231 -2.51 69.82 48.48
N PHE B 232 -3.64 69.25 48.03
CA PHE B 232 -4.20 69.59 46.74
C PHE B 232 -5.67 69.93 46.76
N ASN B 233 -6.01 71.11 46.27
CA ASN B 233 -7.41 71.50 46.18
C ASN B 233 -8.08 70.79 45.03
N LEU B 234 -9.33 70.44 45.21
CA LEU B 234 -10.09 69.77 44.16
C LEU B 234 -10.86 70.77 43.32
N ARG B 235 -10.42 70.97 42.07
CA ARG B 235 -11.07 71.92 41.19
C ARG B 235 -11.42 71.24 39.90
N ASN B 236 -12.55 71.58 39.29
CA ASN B 236 -12.90 70.99 38.00
C ASN B 236 -12.98 69.48 38.11
N CYS B 237 -13.98 68.99 38.81
CA CYS B 237 -14.04 67.55 39.05
C CYS B 237 -15.17 66.95 38.26
N THR B 238 -14.86 66.03 37.39
CA THR B 238 -15.86 65.50 36.48
C THR B 238 -16.47 64.21 36.94
N PHE B 239 -15.69 63.40 37.63
CA PHE B 239 -16.24 62.13 38.12
C PHE B 239 -15.89 61.87 39.55
N MET B 240 -16.87 61.36 40.28
CA MET B 240 -16.59 60.80 41.58
C MET B 240 -17.46 59.58 41.83
N TYR B 241 -16.86 58.54 42.40
CA TYR B 241 -17.60 57.33 42.75
C TYR B 241 -17.15 56.79 44.09
N THR B 242 -18.02 56.05 44.76
CA THR B 242 -17.61 55.41 46.00
C THR B 242 -18.00 53.96 46.01
N TYR B 243 -17.29 53.15 46.79
CA TYR B 243 -17.56 51.73 46.85
C TYR B 243 -17.52 51.18 48.28
N ASN B 244 -18.40 50.21 48.53
CA ASN B 244 -18.54 49.61 49.85
C ASN B 244 -17.71 48.34 49.98
N ILE B 245 -16.87 48.30 51.00
CA ILE B 245 -15.96 47.20 51.30
C ILE B 245 -16.21 46.75 52.73
N THR B 246 -15.88 45.51 53.07
CA THR B 246 -15.94 45.13 54.48
C THR B 246 -14.58 44.59 54.91
N GLU B 247 -14.29 44.62 56.20
CA GLU B 247 -12.99 44.17 56.67
C GLU B 247 -12.86 42.66 56.60
N ASP B 248 -11.67 42.20 56.23
CA ASP B 248 -11.35 40.79 56.14
C ASP B 248 -9.84 40.60 56.06
N GLU B 249 -9.27 39.64 56.79
CA GLU B 249 -7.82 39.41 56.75
C GLU B 249 -7.28 38.68 55.48
N ILE B 250 -8.17 38.13 54.65
CA ILE B 250 -7.80 37.36 53.46
C ILE B 250 -7.08 38.20 52.36
N LEU B 251 -6.11 37.54 51.70
CA LEU B 251 -5.35 38.12 50.60
C LEU B 251 -6.26 38.55 49.46
N GLU B 252 -6.05 39.73 48.91
CA GLU B 252 -6.92 40.19 47.83
C GLU B 252 -6.21 40.56 46.55
N TRP B 253 -6.94 40.39 45.46
CA TRP B 253 -6.44 40.75 44.15
C TRP B 253 -7.22 41.92 43.58
N PHE B 254 -6.52 42.84 42.95
CA PHE B 254 -7.15 43.98 42.30
C PHE B 254 -6.41 44.36 41.04
N GLY B 255 -7.12 44.89 40.03
CA GLY B 255 -6.38 45.29 38.85
C GLY B 255 -7.04 46.39 38.05
N ILE B 256 -6.24 46.98 37.17
CA ILE B 256 -6.68 48.05 36.28
C ILE B 256 -6.29 47.82 34.86
N THR B 257 -7.24 47.97 33.95
CA THR B 257 -6.94 48.00 32.51
C THR B 257 -7.67 49.15 31.89
N GLN B 258 -7.32 49.48 30.66
CA GLN B 258 -8.07 50.50 29.96
C GLN B 258 -8.27 50.12 28.51
N THR B 259 -9.48 50.36 28.02
CA THR B 259 -9.83 50.13 26.63
C THR B 259 -10.54 51.34 26.10
N ALA B 260 -10.99 51.27 24.85
CA ALA B 260 -11.84 52.31 24.25
C ALA B 260 -13.20 52.49 24.97
N GLN B 261 -13.60 51.52 25.81
CA GLN B 261 -14.78 51.61 26.65
C GLN B 261 -14.50 52.32 27.98
N GLY B 262 -13.25 52.71 28.23
CA GLY B 262 -12.88 53.36 29.47
C GLY B 262 -12.09 52.43 30.38
N VAL B 263 -11.77 52.92 31.56
CA VAL B 263 -11.02 52.14 32.53
C VAL B 263 -11.86 51.03 33.14
N HIS B 264 -11.25 49.87 33.30
CA HIS B 264 -11.91 48.74 33.91
C HIS B 264 -11.24 48.40 35.23
N LEU B 265 -12.06 48.17 36.24
CA LEU B 265 -11.57 47.83 37.56
C LEU B 265 -11.93 46.41 37.90
N PHE B 266 -10.95 45.66 38.35
CA PHE B 266 -11.19 44.26 38.65
C PHE B 266 -10.88 43.95 40.06
N SER B 267 -11.61 42.98 40.60
CA SER B 267 -11.27 42.51 41.92
C SER B 267 -11.68 41.10 42.15
N SER B 268 -11.01 40.47 43.09
CA SER B 268 -11.42 39.15 43.51
C SER B 268 -12.52 39.19 44.55
N ARG B 269 -12.67 40.30 45.25
CA ARG B 269 -13.53 40.32 46.43
C ARG B 269 -14.99 40.10 46.18
N TYR B 270 -15.51 40.71 45.13
CA TYR B 270 -16.93 40.70 44.88
C TYR B 270 -17.48 39.31 44.55
N VAL B 271 -16.70 38.51 43.83
CA VAL B 271 -17.15 37.21 43.37
C VAL B 271 -16.41 36.02 43.94
N ASP B 272 -15.08 36.10 44.00
CA ASP B 272 -14.25 34.95 44.27
C ASP B 272 -13.25 35.17 45.37
N LEU B 273 -13.75 35.51 46.55
CA LEU B 273 -12.90 35.82 47.69
C LEU B 273 -11.85 34.75 48.03
N TYR B 274 -12.16 33.48 47.80
CA TYR B 274 -11.26 32.43 48.18
C TYR B 274 -10.33 31.95 47.06
N GLY B 275 -10.84 31.88 45.83
CA GLY B 275 -9.99 31.44 44.70
C GLY B 275 -9.04 32.53 44.19
N GLY B 276 -9.42 33.80 44.34
CA GLY B 276 -8.57 34.91 43.93
C GLY B 276 -8.61 35.29 42.44
N ASN B 277 -9.53 34.72 41.67
CA ASN B 277 -9.64 35.13 40.27
C ASN B 277 -10.26 36.50 40.19
N MET B 278 -9.74 37.36 39.32
CA MET B 278 -10.33 38.68 39.22
C MET B 278 -11.56 38.73 38.35
N PHE B 279 -12.53 39.53 38.77
CA PHE B 279 -13.76 39.73 37.99
C PHE B 279 -14.02 41.20 37.77
N GLN B 280 -14.83 41.51 36.76
CA GLN B 280 -15.10 42.90 36.37
C GLN B 280 -15.94 43.63 37.39
N PHE B 281 -15.27 44.19 38.38
CA PHE B 281 -15.91 44.87 39.48
C PHE B 281 -16.63 46.15 39.10
N ALA B 282 -15.97 46.99 38.32
CA ALA B 282 -16.55 48.27 37.95
C ALA B 282 -15.92 48.84 36.71
N THR B 283 -16.55 49.82 36.09
CA THR B 283 -15.91 50.53 34.99
C THR B 283 -16.02 52.02 35.18
N LEU B 284 -15.14 52.74 34.50
CA LEU B 284 -15.16 54.19 34.56
C LEU B 284 -15.35 54.76 33.16
N PRO B 285 -16.03 55.91 33.02
CA PRO B 285 -16.33 56.67 31.82
C PRO B 285 -15.14 57.40 31.19
N VAL B 286 -14.00 57.43 31.87
CA VAL B 286 -12.88 58.21 31.38
C VAL B 286 -12.31 57.63 30.12
N TYR B 287 -12.24 58.45 29.06
CA TYR B 287 -11.73 58.00 27.78
C TYR B 287 -10.33 58.54 27.47
N ASP B 288 -9.75 59.28 28.39
CA ASP B 288 -8.41 59.78 28.21
C ASP B 288 -7.42 58.67 28.46
N THR B 289 -6.54 58.42 27.50
CA THR B 289 -5.56 57.35 27.63
C THR B 289 -4.57 57.64 28.73
N ILE B 290 -4.33 56.65 29.59
CA ILE B 290 -3.35 56.79 30.63
C ILE B 290 -1.96 56.54 30.10
N LYS B 291 -1.05 57.48 30.36
CA LYS B 291 0.32 57.34 29.94
C LYS B 291 1.22 57.10 31.13
N TYR B 292 0.82 57.61 32.30
CA TYR B 292 1.65 57.52 33.48
C TYR B 292 0.90 57.05 34.71
N TYR B 293 1.66 56.39 35.56
CA TYR B 293 1.12 55.82 36.77
C TYR B 293 2.05 56.00 37.96
N SER B 294 1.50 56.35 39.12
CA SER B 294 2.30 56.39 40.32
C SER B 294 1.51 55.96 41.54
N ILE B 295 2.21 55.59 42.59
CA ILE B 295 1.58 55.27 43.86
C ILE B 295 1.62 56.46 44.78
N ILE B 296 0.49 56.74 45.41
CA ILE B 296 0.46 57.80 46.40
C ILE B 296 0.95 57.25 47.72
N PRO B 297 2.05 57.77 48.29
CA PRO B 297 2.56 57.39 49.58
C PRO B 297 1.58 57.77 50.66
N HIS B 298 1.52 56.94 51.68
CA HIS B 298 0.55 57.13 52.73
C HIS B 298 1.15 56.78 54.06
N SER B 299 0.69 57.44 55.10
CA SER B 299 1.17 57.10 56.42
C SER B 299 0.14 57.23 57.49
N ILE B 300 0.45 56.63 58.62
CA ILE B 300 -0.46 56.65 59.74
C ILE B 300 0.05 57.65 60.79
N ARG B 301 -0.88 58.37 61.41
CA ARG B 301 -0.55 59.32 62.48
C ARG B 301 -0.79 58.72 63.86
N SER B 302 -0.52 57.42 64.00
CA SER B 302 -0.69 56.72 65.25
C SER B 302 0.32 57.18 66.27
N ILE B 303 -0.09 57.14 67.52
CA ILE B 303 0.73 57.43 68.68
C ILE B 303 1.88 56.44 68.82
N GLN B 304 3.03 56.92 69.30
CA GLN B 304 4.28 56.15 69.43
C GLN B 304 4.17 54.75 70.06
N SER B 305 3.35 54.62 71.11
CA SER B 305 3.12 53.33 71.75
C SER B 305 2.06 52.47 71.06
N ASP B 306 1.28 53.08 70.19
CA ASP B 306 0.14 52.45 69.53
C ASP B 306 0.43 52.02 68.09
N ARG B 307 1.70 52.04 67.67
CA ARG B 307 2.07 51.74 66.29
C ARG B 307 1.70 50.33 65.86
N LYS B 308 1.23 50.21 64.63
CA LYS B 308 0.95 48.91 64.05
C LYS B 308 1.58 48.81 62.67
N ALA B 309 2.30 47.73 62.45
CA ALA B 309 2.95 47.48 61.17
C ALA B 309 1.95 46.99 60.13
N TRP B 310 2.30 47.15 58.85
CA TRP B 310 1.39 46.76 57.79
C TRP B 310 2.04 45.80 56.81
N ALA B 311 1.23 44.89 56.28
CA ALA B 311 1.65 43.88 55.31
C ALA B 311 2.11 44.52 53.99
N ALA B 312 3.10 43.89 53.36
CA ALA B 312 3.67 44.35 52.10
C ALA B 312 2.67 44.31 50.94
N PHE B 313 2.85 45.24 50.01
CA PHE B 313 1.97 45.40 48.87
C PHE B 313 2.73 45.26 47.54
N TYR B 314 2.17 44.49 46.59
CA TYR B 314 2.91 44.22 45.36
C TYR B 314 2.19 44.60 44.09
N VAL B 315 2.96 45.00 43.07
CA VAL B 315 2.42 45.36 41.75
C VAL B 315 3.10 44.59 40.62
N TYR B 316 2.33 44.11 39.65
CA TYR B 316 2.87 43.40 38.49
C TYR B 316 2.25 43.93 37.19
N LYS B 317 3.03 44.04 36.12
CA LYS B 317 2.47 44.56 34.86
C LYS B 317 1.74 43.53 34.02
N LEU B 318 0.64 43.93 33.39
CA LEU B 318 -0.07 43.08 32.45
C LEU B 318 0.56 43.02 31.06
N GLN B 319 0.45 41.86 30.43
CA GLN B 319 1.00 41.63 29.10
C GLN B 319 0.10 40.76 28.22
N PRO B 320 0.04 40.98 26.91
CA PRO B 320 -0.75 40.24 25.92
C PRO B 320 -0.17 38.86 25.67
N LEU B 321 -0.52 37.90 26.51
CA LEU B 321 0.09 36.57 26.47
C LEU B 321 -0.89 35.42 26.22
N THR B 322 -0.38 34.34 25.63
CA THR B 322 -1.16 33.13 25.43
C THR B 322 -1.02 32.21 26.63
N PHE B 323 -2.15 31.72 27.13
CA PHE B 323 -2.16 30.85 28.29
C PHE B 323 -3.04 29.62 28.17
N LEU B 324 -2.67 28.56 28.87
CA LEU B 324 -3.65 27.52 29.15
C LEU B 324 -4.44 27.91 30.35
N LEU B 325 -5.73 27.62 30.34
CA LEU B 325 -6.53 27.79 31.53
C LEU B 325 -7.22 26.50 31.93
N ASP B 326 -6.97 26.08 33.17
CA ASP B 326 -7.63 24.93 33.75
C ASP B 326 -8.82 25.32 34.58
N PHE B 327 -9.98 25.33 33.95
CA PHE B 327 -11.23 25.56 34.64
C PHE B 327 -11.64 24.36 35.46
N SER B 328 -12.22 24.63 36.62
CA SER B 328 -12.76 23.60 37.47
C SER B 328 -14.14 23.23 37.01
N VAL B 329 -14.69 22.19 37.60
CA VAL B 329 -16.11 21.84 37.41
C VAL B 329 -17.09 22.94 37.85
N ASP B 330 -16.64 23.84 38.75
CA ASP B 330 -17.42 24.97 39.20
C ASP B 330 -17.15 26.24 38.39
N GLY B 331 -16.36 26.13 37.31
CA GLY B 331 -16.06 27.28 36.48
C GLY B 331 -14.92 28.16 36.99
N TYR B 332 -14.16 27.72 37.97
CA TYR B 332 -13.08 28.56 38.47
C TYR B 332 -11.75 28.17 37.93
N ILE B 333 -10.94 29.14 37.61
CA ILE B 333 -9.62 28.84 37.12
C ILE B 333 -8.76 28.45 38.28
N ARG B 334 -8.18 27.26 38.20
CA ARG B 334 -7.34 26.78 39.28
C ARG B 334 -5.89 26.69 38.89
N ARG B 335 -5.62 26.36 37.62
CA ARG B 335 -4.23 26.29 37.16
C ARG B 335 -4.07 27.01 35.84
N ALA B 336 -2.87 27.51 35.59
CA ALA B 336 -2.63 28.13 34.31
C ALA B 336 -1.20 27.94 33.84
N ILE B 337 -0.99 27.98 32.52
CA ILE B 337 0.34 27.84 31.96
C ILE B 337 0.73 29.01 31.10
N ASP B 338 1.80 29.70 31.47
CA ASP B 338 2.36 30.77 30.65
C ASP B 338 3.11 30.18 29.49
N CYS B 339 2.50 30.17 28.30
CA CYS B 339 3.06 29.36 27.19
C CYS B 339 4.44 29.70 26.73
N GLY B 340 4.80 30.99 26.71
CA GLY B 340 6.12 31.38 26.25
C GLY B 340 7.23 31.33 27.30
N PHE B 341 6.93 30.99 28.56
CA PHE B 341 7.91 31.03 29.63
C PHE B 341 9.06 30.03 29.53
N ASN B 342 8.79 28.82 29.06
CA ASN B 342 9.80 27.80 28.99
C ASN B 342 9.54 26.87 27.81
N ASP B 343 10.51 26.05 27.47
CA ASP B 343 10.34 25.01 26.47
C ASP B 343 9.36 23.95 26.93
N LEU B 344 9.36 23.65 28.24
CA LEU B 344 8.39 22.75 28.81
C LEU B 344 6.97 23.30 28.72
N SER B 345 6.81 24.60 28.97
CA SER B 345 5.52 25.26 28.85
C SER B 345 5.01 25.29 27.43
N GLN B 346 5.92 25.43 26.45
CA GLN B 346 5.59 25.38 25.04
C GLN B 346 5.00 24.04 24.63
N LEU B 347 5.55 22.94 25.16
CA LEU B 347 4.99 21.63 24.92
C LEU B 347 3.61 21.41 25.49
N HIS B 348 3.36 21.91 26.70
CA HIS B 348 2.04 21.80 27.30
C HIS B 348 0.99 22.54 26.50
N CYS B 349 1.34 23.72 25.99
CA CYS B 349 0.45 24.46 25.15
C CYS B 349 0.22 23.82 23.80
N SER B 350 1.27 23.27 23.18
CA SER B 350 1.13 22.60 21.88
C SER B 350 0.25 21.35 21.91
N TYR B 351 0.24 20.62 23.02
CA TYR B 351 -0.65 19.48 23.16
C TYR B 351 -1.93 19.77 23.93
N GLU B 352 -2.14 21.04 24.34
CA GLU B 352 -3.30 21.49 25.12
C GLU B 352 -3.58 20.65 26.36
N SER B 353 -2.54 20.34 27.14
CA SER B 353 -2.71 19.45 28.27
C SER B 353 -1.77 19.72 29.38
N PHE B 354 -2.14 19.23 30.55
CA PHE B 354 -1.29 19.30 31.72
C PHE B 354 -0.58 17.99 32.03
N ASP B 355 -0.64 17.02 31.11
CA ASP B 355 -0.02 15.73 31.32
C ASP B 355 0.52 15.15 30.02
N VAL B 356 1.57 15.76 29.49
CA VAL B 356 2.20 15.36 28.24
C VAL B 356 2.92 14.01 28.38
N GLU B 357 2.77 13.16 27.36
CA GLU B 357 3.42 11.85 27.29
C GLU B 357 4.93 11.91 27.17
N SER B 358 5.62 10.91 27.72
CA SER B 358 7.07 10.89 27.69
C SER B 358 7.62 10.78 26.27
N GLY B 359 8.71 11.51 26.02
CA GLY B 359 9.35 11.43 24.72
C GLY B 359 10.43 12.48 24.54
N VAL B 360 11.06 12.48 23.38
CA VAL B 360 11.96 13.55 23.00
C VAL B 360 11.24 14.46 22.04
N TYR B 361 11.19 15.76 22.35
CA TYR B 361 10.43 16.70 21.53
C TYR B 361 11.24 17.89 21.09
N SER B 362 11.15 18.21 19.80
CA SER B 362 11.77 19.41 19.28
C SER B 362 11.00 20.64 19.74
N VAL B 363 11.75 21.70 20.07
CA VAL B 363 11.18 22.98 20.50
C VAL B 363 11.81 24.12 19.72
N SER B 364 11.39 25.37 19.97
CA SER B 364 11.96 26.51 19.23
C SER B 364 13.48 26.68 19.39
N SER B 365 14.15 26.93 18.26
CA SER B 365 15.61 27.12 18.18
C SER B 365 16.07 28.52 18.59
N PHE B 366 17.33 28.64 19.02
CA PHE B 366 17.95 29.93 19.28
C PHE B 366 18.24 30.63 17.99
N GLU B 367 18.02 31.94 17.93
CA GLU B 367 18.24 32.69 16.69
C GLU B 367 19.71 32.94 16.32
N ALA B 368 20.43 33.65 17.20
CA ALA B 368 21.88 34.00 17.13
C ALA B 368 22.20 35.27 17.92
N LYS B 369 21.39 36.32 17.75
CA LYS B 369 21.58 37.70 18.31
C LYS B 369 22.71 38.51 17.62
N PRO B 370 22.40 39.33 16.60
CA PRO B 370 23.35 40.13 15.83
C PRO B 370 24.09 41.20 16.63
N SER B 371 25.32 41.47 16.17
CA SER B 371 26.21 42.48 16.73
C SER B 371 26.09 43.79 15.97
N GLY B 372 27.04 44.72 16.19
CA GLY B 372 26.99 46.05 15.58
C GLY B 372 27.15 46.01 14.07
N SER B 373 26.47 46.94 13.39
CA SER B 373 26.37 46.90 11.94
C SER B 373 27.64 47.27 11.20
N VAL B 374 27.80 46.67 10.01
CA VAL B 374 28.90 46.93 9.08
C VAL B 374 28.40 47.58 7.80
N VAL B 375 28.89 48.78 7.48
CA VAL B 375 28.33 49.51 6.34
C VAL B 375 29.38 49.98 5.33
N GLU B 376 29.14 49.67 4.04
CA GLU B 376 29.97 50.21 2.98
C GLU B 376 29.10 50.91 1.94
N GLN B 377 29.39 52.19 1.69
CA GLN B 377 28.61 52.98 0.75
C GLN B 377 29.27 54.30 0.41
N ALA B 378 30.31 54.27 -0.44
CA ALA B 378 30.93 55.50 -0.90
C ALA B 378 29.98 56.31 -1.78
N GLU B 379 30.07 57.63 -1.67
CA GLU B 379 29.26 58.53 -2.48
C GLU B 379 29.87 59.92 -2.49
N ASP B 593 29.28 57.19 10.96
CA ASP B 593 29.48 56.97 9.53
C ASP B 593 30.91 56.53 9.21
N THR B 594 31.84 56.75 10.15
CA THR B 594 33.23 56.41 9.91
C THR B 594 33.91 55.73 11.08
N LYS B 595 33.69 54.42 11.20
CA LYS B 595 34.47 53.59 12.12
C LYS B 595 34.33 52.11 11.85
N ILE B 596 33.13 51.68 11.46
CA ILE B 596 32.88 50.26 11.19
C ILE B 596 32.48 50.02 9.75
N ALA B 597 33.44 50.23 8.84
CA ALA B 597 33.29 49.81 7.46
C ALA B 597 33.60 48.31 7.27
N SER B 598 34.29 47.71 8.25
CA SER B 598 34.50 46.27 8.26
C SER B 598 34.60 45.76 9.69
N GLN B 599 34.40 44.46 9.83
CA GLN B 599 34.53 43.72 11.08
C GLN B 599 34.61 42.28 10.72
N LEU B 600 35.81 41.74 10.61
CA LEU B 600 35.94 40.44 9.95
C LEU B 600 35.62 39.24 10.81
N GLY B 601 34.34 38.88 10.81
CA GLY B 601 33.84 37.63 11.35
C GLY B 601 33.16 37.80 12.69
N ASN B 602 31.84 37.82 12.67
CA ASN B 602 31.02 37.68 13.86
C ASN B 602 29.59 37.22 13.44
N CYS B 603 28.59 38.10 13.51
CA CYS B 603 27.25 37.90 13.00
C CYS B 603 26.65 39.27 13.03
N VAL B 604 26.72 40.00 11.93
CA VAL B 604 26.39 41.41 11.97
C VAL B 604 25.34 41.77 10.97
N GLU B 605 24.60 42.81 11.28
CA GLU B 605 23.73 43.45 10.30
C GLU B 605 24.61 44.16 9.29
N TYR B 606 24.17 44.27 8.06
CA TYR B 606 24.97 45.05 7.13
C TYR B 606 24.18 45.81 6.11
N SER B 607 24.84 46.84 5.56
CA SER B 607 24.32 47.54 4.39
C SER B 607 25.46 47.77 3.39
N LEU B 608 25.26 47.30 2.16
CA LEU B 608 26.25 47.37 1.10
C LEU B 608 25.65 48.02 -0.11
N TYR B 609 25.80 49.34 -0.23
CA TYR B 609 25.23 50.12 -1.35
C TYR B 609 23.73 49.94 -1.55
N GLY B 610 22.97 49.86 -0.46
CA GLY B 610 21.53 49.65 -0.48
C GLY B 610 21.08 48.17 -0.38
N VAL B 611 22.02 47.22 -0.43
CA VAL B 611 21.69 45.82 -0.20
C VAL B 611 21.86 45.51 1.27
N SER B 612 20.83 44.94 1.90
CA SER B 612 20.93 44.73 3.34
C SER B 612 20.50 43.35 3.79
N GLY B 613 20.99 42.98 4.96
CA GLY B 613 20.77 41.64 5.50
C GLY B 613 21.64 41.47 6.72
N ARG B 614 21.87 40.23 7.12
CA ARG B 614 22.83 39.98 8.19
C ARG B 614 23.62 38.71 8.00
N GLY B 615 24.86 38.68 8.49
CA GLY B 615 25.65 37.45 8.44
C GLY B 615 27.10 37.56 8.90
N VAL B 616 27.81 36.43 8.80
CA VAL B 616 29.25 36.38 9.10
C VAL B 616 30.08 36.51 7.84
N PHE B 617 30.99 37.48 7.83
CA PHE B 617 31.90 37.63 6.71
C PHE B 617 33.21 36.90 6.94
N GLN B 618 33.75 36.27 5.90
CA GLN B 618 35.07 35.65 6.00
C GLN B 618 35.94 35.91 4.79
N ASN B 619 37.20 36.28 5.00
CA ASN B 619 38.08 36.53 3.87
C ASN B 619 38.42 35.23 3.19
N CYS B 620 38.20 35.18 1.88
CA CYS B 620 38.37 33.93 1.14
C CYS B 620 38.76 34.15 -0.32
N THR B 621 39.09 33.06 -1.01
CA THR B 621 39.52 33.09 -2.40
C THR B 621 38.42 33.59 -3.33
N ALA B 622 38.81 34.45 -4.30
CA ALA B 622 37.92 35.07 -5.29
C ALA B 622 37.19 34.05 -6.18
N VAL B 623 35.94 34.36 -6.52
CA VAL B 623 35.09 33.41 -7.26
C VAL B 623 34.41 34.00 -8.49
N GLY B 624 33.59 35.03 -8.26
CA GLY B 624 32.77 35.63 -9.30
C GLY B 624 33.51 36.71 -10.05
N VAL B 625 32.83 37.37 -10.98
CA VAL B 625 33.47 38.45 -11.70
C VAL B 625 33.42 39.74 -10.92
N ARG B 626 34.60 40.17 -10.47
CA ARG B 626 34.75 41.44 -9.79
C ARG B 626 34.47 42.53 -10.79
N GLN B 627 33.76 43.56 -10.30
CA GLN B 627 33.10 44.64 -11.04
C GLN B 627 31.61 44.55 -10.82
N GLN B 628 31.08 43.33 -10.76
CA GLN B 628 29.68 43.14 -10.48
C GLN B 628 29.37 42.98 -8.99
N ARG B 629 30.40 42.87 -8.14
CA ARG B 629 30.32 42.87 -6.66
C ARG B 629 29.63 41.67 -6.00
N PHE B 630 28.31 41.58 -6.17
CA PHE B 630 27.48 40.66 -5.45
C PHE B 630 27.39 39.29 -6.12
N VAL B 631 27.88 38.27 -5.44
CA VAL B 631 27.84 36.90 -5.92
C VAL B 631 26.66 36.14 -5.35
N TYR B 632 25.81 35.58 -6.22
CA TYR B 632 24.62 34.86 -5.75
C TYR B 632 24.62 33.39 -6.10
N ASP B 633 23.85 32.61 -5.32
CA ASP B 633 23.55 31.22 -5.65
C ASP B 633 22.29 31.13 -6.50
N ALA B 634 21.87 29.91 -6.84
CA ALA B 634 20.68 29.64 -7.64
C ALA B 634 19.33 30.01 -6.99
N TYR B 635 19.32 30.19 -5.67
CA TYR B 635 18.15 30.61 -4.91
C TYR B 635 18.18 32.11 -4.54
N GLN B 636 19.09 32.88 -5.16
CA GLN B 636 19.27 34.32 -4.96
C GLN B 636 19.54 34.72 -3.52
N ASN B 637 20.51 34.04 -2.92
CA ASN B 637 21.06 34.42 -1.63
C ASN B 637 22.46 34.92 -1.84
N LEU B 638 22.83 35.93 -1.08
CA LEU B 638 24.12 36.54 -1.31
C LEU B 638 25.23 35.67 -0.77
N VAL B 639 25.89 34.96 -1.67
CA VAL B 639 27.03 34.12 -1.36
C VAL B 639 28.28 34.88 -1.00
N GLY B 640 28.54 35.99 -1.67
CA GLY B 640 29.73 36.73 -1.29
C GLY B 640 29.82 38.10 -1.93
N TYR B 641 30.85 38.83 -1.51
CA TYR B 641 30.96 40.22 -1.89
C TYR B 641 32.38 40.68 -2.18
N TYR B 642 32.57 41.34 -3.32
CA TYR B 642 33.83 42.04 -3.55
C TYR B 642 33.71 43.46 -3.03
N SER B 643 34.58 43.80 -2.07
CA SER B 643 34.57 45.10 -1.41
C SER B 643 35.48 46.12 -2.04
N ASP B 644 35.38 47.36 -1.53
CA ASP B 644 36.20 48.48 -1.99
C ASP B 644 37.62 48.51 -1.39
N ASP B 645 37.95 47.55 -0.53
CA ASP B 645 39.34 47.28 -0.17
C ASP B 645 40.00 46.22 -1.07
N GLY B 646 39.31 45.73 -2.12
CA GLY B 646 39.85 44.76 -3.05
C GLY B 646 39.77 43.30 -2.58
N ASN B 647 39.09 43.02 -1.46
CA ASN B 647 39.02 41.69 -0.92
C ASN B 647 37.67 41.05 -1.11
N TYR B 648 37.70 39.76 -1.40
CA TYR B 648 36.49 38.98 -1.50
C TYR B 648 36.11 38.44 -0.14
N TYR B 649 34.85 38.65 0.24
CA TYR B 649 34.35 38.13 1.47
C TYR B 649 33.23 37.14 1.26
N CYS B 650 33.37 35.97 1.83
CA CYS B 650 32.37 34.92 1.81
C CYS B 650 31.33 35.25 2.84
N LEU B 651 30.07 35.02 2.53
CA LEU B 651 28.99 35.32 3.47
C LEU B 651 28.16 34.09 3.78
N ARG B 652 28.19 33.64 5.04
CA ARG B 652 27.54 32.38 5.42
C ARG B 652 26.36 32.52 6.39
N ALA B 653 25.73 33.69 6.44
CA ALA B 653 24.62 34.01 7.34
C ALA B 653 25.03 33.80 8.82
N CYS B 654 24.21 33.16 9.65
CA CYS B 654 24.60 32.95 11.05
C CYS B 654 24.14 31.59 11.52
N VAL B 655 24.67 31.15 12.65
CA VAL B 655 24.35 29.83 13.16
C VAL B 655 23.28 29.85 14.23
N SER B 656 22.09 29.40 13.84
CA SER B 656 21.03 29.13 14.78
C SER B 656 21.30 27.82 15.48
N VAL B 657 20.84 27.67 16.72
CA VAL B 657 21.10 26.46 17.48
C VAL B 657 19.79 25.71 17.73
N PRO B 658 19.56 24.54 17.11
CA PRO B 658 18.38 23.72 17.30
C PRO B 658 18.30 23.22 18.71
N VAL B 659 17.10 23.07 19.24
CA VAL B 659 16.94 22.63 20.60
C VAL B 659 15.88 21.53 20.67
N SER B 660 16.12 20.52 21.48
CA SER B 660 15.08 19.57 21.78
C SER B 660 15.14 19.24 23.26
N VAL B 661 14.03 18.76 23.80
CA VAL B 661 14.02 18.41 25.21
C VAL B 661 13.56 17.00 25.42
N ILE B 662 14.12 16.41 26.44
CA ILE B 662 13.82 15.07 26.84
C ILE B 662 12.87 15.16 27.98
N TYR B 663 11.71 14.53 27.89
CA TYR B 663 10.79 14.59 28.99
C TYR B 663 10.32 13.23 29.42
N ASP B 664 10.44 12.94 30.71
CA ASP B 664 9.76 11.78 31.23
C ASP B 664 8.61 12.19 32.13
N LYS B 665 7.42 11.76 31.73
CA LYS B 665 6.18 11.98 32.45
C LYS B 665 6.08 11.30 33.80
N GLU B 666 6.64 10.09 33.93
CA GLU B 666 6.51 9.35 35.17
C GLU B 666 7.28 9.92 36.34
N THR B 667 8.52 10.34 36.10
CA THR B 667 9.30 11.01 37.13
C THR B 667 9.11 12.52 37.12
N LYS B 668 8.55 13.07 36.02
CA LYS B 668 8.32 14.50 35.83
C LYS B 668 9.63 15.25 35.83
N THR B 669 10.59 14.77 35.04
CA THR B 669 11.92 15.35 34.98
C THR B 669 12.30 15.59 33.55
N HIS B 670 13.26 16.49 33.34
CA HIS B 670 13.64 16.80 32.00
C HIS B 670 15.08 17.19 31.83
N ALA B 671 15.52 17.16 30.58
CA ALA B 671 16.88 17.46 30.18
C ALA B 671 16.90 17.99 28.76
N THR B 672 18.02 18.53 28.28
CA THR B 672 17.99 19.06 26.89
C THR B 672 19.18 18.71 26.03
N LEU B 673 18.95 18.85 24.73
CA LEU B 673 19.91 18.55 23.67
C LEU B 673 20.01 19.68 22.63
N PHE B 674 21.23 20.11 22.32
CA PHE B 674 21.48 21.20 21.37
C PHE B 674 21.91 20.80 19.97
N GLY B 675 21.80 19.53 19.65
CA GLY B 675 22.16 19.05 18.33
C GLY B 675 23.66 18.95 18.16
N SER B 676 24.11 18.90 16.91
CA SER B 676 25.51 18.69 16.57
C SER B 676 26.42 19.94 16.63
N VAL B 677 25.92 21.08 17.14
CA VAL B 677 26.67 22.33 17.27
C VAL B 677 28.00 22.28 18.04
N ALA B 678 28.13 21.36 19.03
CA ALA B 678 29.28 21.11 19.92
C ALA B 678 29.29 22.06 21.11
N CYS B 679 29.71 21.54 22.25
CA CYS B 679 29.69 22.26 23.54
C CYS B 679 30.62 23.45 23.69
N GLU B 680 31.58 23.62 22.78
CA GLU B 680 32.37 24.86 22.71
C GLU B 680 31.55 26.14 22.47
N HIS B 681 30.38 26.03 21.82
CA HIS B 681 29.52 27.17 21.57
C HIS B 681 28.36 27.29 22.56
N ILE B 682 28.35 26.46 23.62
CA ILE B 682 27.27 26.42 24.59
C ILE B 682 27.73 26.97 25.92
N SER B 683 26.87 27.73 26.58
CA SER B 683 27.21 28.30 27.86
C SER B 683 26.02 28.31 28.80
N SER B 684 26.30 28.53 30.09
CA SER B 684 25.30 28.51 31.18
C SER B 684 24.19 29.56 31.06
N THR B 685 24.52 30.71 30.45
CA THR B 685 23.55 31.69 30.04
C THR B 685 23.83 31.94 28.59
N MET B 686 22.85 32.44 27.85
CA MET B 686 23.02 32.55 26.41
C MET B 686 22.93 33.96 25.92
N SER B 687 23.84 34.31 25.00
CA SER B 687 23.72 35.55 24.27
C SER B 687 22.72 35.39 23.13
N GLN B 688 22.62 34.18 22.58
CA GLN B 688 21.63 33.83 21.60
C GLN B 688 20.25 33.83 22.25
N TYR B 689 19.22 34.19 21.50
CA TYR B 689 17.89 34.30 22.11
C TYR B 689 16.77 33.72 21.26
N SER B 690 15.84 33.06 21.95
CA SER B 690 14.61 32.54 21.38
C SER B 690 13.42 33.08 22.15
N ARG B 691 13.11 32.45 23.29
CA ARG B 691 12.03 32.88 24.19
C ARG B 691 12.42 32.73 25.64
N SER B 692 11.96 33.68 26.44
CA SER B 692 12.08 33.78 27.90
C SER B 692 13.28 33.07 28.56
N THR B 693 13.07 31.89 29.19
CA THR B 693 14.16 31.23 29.92
C THR B 693 14.22 29.71 29.79
N ARG B 694 15.36 29.15 30.21
CA ARG B 694 15.51 27.70 30.40
C ARG B 694 15.79 27.34 31.87
N SER B 695 15.46 28.25 32.80
CA SER B 695 15.78 28.13 34.24
C SER B 695 15.31 26.87 34.97
N MET B 696 14.22 26.23 34.50
CA MET B 696 13.75 24.96 35.05
C MET B 696 14.78 23.83 34.92
N LEU B 697 15.57 23.83 33.85
CA LEU B 697 16.66 22.91 33.68
C LEU B 697 17.80 23.30 34.60
N LYS B 698 18.11 24.62 34.59
CA LYS B 698 19.27 25.22 35.29
C LYS B 698 19.24 25.16 36.81
N ARG B 699 18.07 24.87 37.42
CA ARG B 699 17.99 24.49 38.83
C ARG B 699 18.95 23.35 39.24
N ARG B 700 19.20 22.40 38.34
CA ARG B 700 20.25 21.42 38.53
C ARG B 700 21.40 21.66 37.56
N ASP B 701 21.08 22.09 36.32
CA ASP B 701 22.07 22.12 35.25
C ASP B 701 23.04 23.31 35.22
N SER B 702 22.84 24.32 36.08
CA SER B 702 23.85 25.36 36.27
C SER B 702 24.95 24.95 37.28
N THR B 703 24.85 23.75 37.87
CA THR B 703 25.92 23.20 38.69
C THR B 703 26.85 22.28 37.89
N TYR B 704 26.59 22.09 36.57
CA TYR B 704 27.42 21.21 35.77
C TYR B 704 27.94 21.90 34.52
N GLY B 705 29.00 21.33 33.96
CA GLY B 705 29.44 21.71 32.63
C GLY B 705 28.48 21.09 31.61
N PRO B 706 28.47 21.59 30.37
CA PRO B 706 27.83 20.94 29.26
C PRO B 706 28.58 19.65 28.95
N LEU B 707 27.87 18.64 28.47
CA LEU B 707 28.47 17.34 28.22
C LEU B 707 28.45 17.03 26.74
N GLN B 708 29.62 16.72 26.21
CA GLN B 708 29.71 16.42 24.81
C GLN B 708 29.41 14.96 24.56
N THR B 709 28.49 14.71 23.64
CA THR B 709 28.15 13.35 23.28
C THR B 709 28.22 13.19 21.76
N PRO B 710 28.13 11.96 21.25
CA PRO B 710 28.14 11.66 19.83
C PRO B 710 26.95 12.21 19.05
N VAL B 711 25.79 12.30 19.70
CA VAL B 711 24.65 12.97 19.11
C VAL B 711 24.79 14.45 19.19
N GLY B 712 25.20 14.95 20.36
CA GLY B 712 25.23 16.38 20.49
C GLY B 712 25.63 16.88 21.86
N CYS B 713 25.54 18.19 22.03
CA CYS B 713 25.81 18.78 23.33
C CYS B 713 24.57 18.77 24.19
N VAL B 714 24.70 18.28 25.42
CA VAL B 714 23.54 18.16 26.30
C VAL B 714 23.73 18.76 27.68
N LEU B 715 22.60 19.02 28.35
CA LEU B 715 22.64 19.44 29.76
C LEU B 715 21.87 18.48 30.64
N GLY B 716 22.47 18.15 31.79
CA GLY B 716 21.84 17.32 32.82
C GLY B 716 21.88 15.81 32.57
N LEU B 717 22.66 15.36 31.59
CA LEU B 717 22.62 13.98 31.16
C LEU B 717 23.47 12.97 31.87
N VAL B 718 24.50 13.36 32.63
CA VAL B 718 25.39 12.49 33.45
C VAL B 718 26.03 11.23 32.80
N ASN B 719 27.34 11.23 32.63
CA ASN B 719 27.95 10.04 32.04
C ASN B 719 28.02 8.88 33.01
N SER B 720 27.01 8.00 32.95
CA SER B 720 26.95 6.84 33.84
C SER B 720 27.68 5.62 33.30
N SER B 721 27.85 5.57 31.96
CA SER B 721 28.38 4.43 31.21
C SER B 721 27.66 3.08 31.45
N LEU B 722 26.35 3.11 31.73
CA LEU B 722 25.52 1.93 31.83
C LEU B 722 25.16 1.34 30.49
N PHE B 723 24.86 0.05 30.47
CA PHE B 723 24.36 -0.60 29.27
C PHE B 723 22.95 -1.07 29.50
N VAL B 724 22.02 -0.48 28.77
CA VAL B 724 20.59 -0.73 28.98
C VAL B 724 19.93 -1.07 27.67
N GLU B 725 19.10 -2.11 27.66
CA GLU B 725 18.45 -2.54 26.42
C GLU B 725 17.48 -1.54 25.80
N ASP B 726 16.65 -0.89 26.61
CA ASP B 726 15.73 0.12 26.10
C ASP B 726 15.22 1.05 27.19
N CYS B 727 15.56 2.35 27.11
CA CYS B 727 15.07 3.35 28.08
C CYS B 727 13.66 3.85 27.77
N LYS B 728 13.18 3.62 26.52
CA LYS B 728 12.01 4.23 25.89
C LYS B 728 12.20 5.74 25.63
N LEU B 729 13.45 6.19 25.54
CA LEU B 729 13.83 7.58 25.36
C LEU B 729 15.15 7.67 24.63
N PRO B 730 15.29 6.96 23.51
CA PRO B 730 16.52 6.95 22.74
C PRO B 730 16.83 8.31 22.19
N LEU B 731 18.11 8.63 22.09
CA LEU B 731 18.55 9.91 21.55
C LEU B 731 19.09 9.84 20.14
N GLY B 732 19.07 8.67 19.53
CA GLY B 732 19.70 8.46 18.24
C GLY B 732 21.07 7.85 18.46
N GLN B 733 21.71 7.46 17.36
CA GLN B 733 22.94 6.68 17.37
C GLN B 733 22.76 5.47 18.29
N SER B 734 23.60 5.30 19.31
CA SER B 734 23.39 4.29 20.32
C SER B 734 23.15 4.91 21.69
N LEU B 735 22.89 6.22 21.75
CA LEU B 735 22.73 6.86 23.03
C LEU B 735 21.33 6.78 23.55
N CYS B 736 21.19 6.68 24.85
CA CYS B 736 19.87 6.55 25.42
C CYS B 736 19.71 7.36 26.70
N ALA B 737 18.60 8.06 26.82
CA ALA B 737 18.38 8.89 28.00
C ALA B 737 17.68 8.11 29.06
N LEU B 738 18.44 7.40 29.90
CA LEU B 738 17.86 6.63 30.99
C LEU B 738 17.29 7.58 32.05
N PRO B 739 16.15 7.25 32.65
CA PRO B 739 15.60 7.93 33.80
C PRO B 739 16.47 7.75 35.02
N ASP B 740 16.38 8.71 35.94
CA ASP B 740 16.82 8.41 37.29
C ASP B 740 15.81 7.42 37.81
N THR B 741 16.22 6.59 38.78
CA THR B 741 15.48 5.41 39.22
C THR B 741 13.97 5.72 39.39
N PRO B 742 13.07 4.96 38.70
CA PRO B 742 11.65 5.26 38.54
C PRO B 742 10.88 5.30 39.82
N SER B 743 9.82 6.13 39.82
CA SER B 743 9.10 6.66 40.99
C SER B 743 8.66 5.69 42.10
N GLN C 1 24.22 -43.61 49.85
CA GLN C 1 23.74 -44.89 50.37
C GLN C 1 23.73 -45.96 49.30
N VAL C 2 24.51 -45.76 48.24
CA VAL C 2 24.54 -46.67 47.11
C VAL C 2 25.18 -47.98 47.47
N GLN C 3 24.49 -49.07 47.15
CA GLN C 3 24.98 -50.41 47.41
C GLN C 3 24.83 -51.33 46.23
N LEU C 4 25.77 -52.28 46.12
CA LEU C 4 25.75 -53.33 45.12
C LEU C 4 26.02 -54.68 45.78
N GLN C 5 24.96 -55.34 46.20
CA GLN C 5 25.10 -56.53 47.01
C GLN C 5 25.21 -57.78 46.17
N GLN C 6 26.45 -58.21 45.95
CA GLN C 6 26.68 -59.45 45.24
C GLN C 6 26.32 -60.68 46.05
N SER C 7 25.88 -61.72 45.35
CA SER C 7 25.64 -63.04 45.94
C SER C 7 26.93 -63.73 46.39
N GLY C 8 26.81 -64.56 47.43
CA GLY C 8 27.97 -65.20 48.09
C GLY C 8 28.70 -66.25 47.24
N PRO C 9 29.99 -66.44 47.54
CA PRO C 9 30.96 -67.27 46.82
C PRO C 9 30.66 -68.75 46.88
N GLU C 10 31.06 -69.49 45.84
CA GLU C 10 30.86 -70.94 45.84
C GLU C 10 31.91 -71.71 45.04
N LEU C 11 32.28 -72.90 45.54
CA LEU C 11 33.24 -73.78 44.86
C LEU C 11 32.53 -74.67 43.82
N VAL C 12 32.09 -74.08 42.73
CA VAL C 12 31.25 -74.79 41.76
C VAL C 12 32.07 -75.72 40.86
N ARG C 13 31.59 -76.95 40.70
CA ARG C 13 32.22 -77.94 39.82
C ARG C 13 32.07 -77.61 38.32
N PRO C 14 33.02 -78.04 37.46
CA PRO C 14 33.08 -77.72 36.04
C PRO C 14 31.95 -78.33 35.25
N GLY C 15 31.55 -77.61 34.21
CA GLY C 15 30.44 -77.92 33.32
C GLY C 15 29.11 -77.27 33.73
N VAL C 16 29.04 -76.65 34.91
CA VAL C 16 27.84 -75.95 35.35
C VAL C 16 27.69 -74.58 34.66
N SER C 17 26.45 -74.21 34.33
CA SER C 17 26.20 -72.84 33.88
C SER C 17 25.95 -71.97 35.12
N VAL C 18 26.89 -71.09 35.43
CA VAL C 18 26.93 -70.41 36.72
C VAL C 18 26.30 -69.04 36.73
N LYS C 19 25.28 -68.85 37.54
CA LYS C 19 24.66 -67.54 37.64
C LYS C 19 25.05 -66.80 38.92
N ILE C 20 25.45 -65.54 38.73
CA ILE C 20 25.84 -64.64 39.81
C ILE C 20 24.90 -63.46 39.83
N SER C 21 24.45 -63.03 41.01
CA SER C 21 23.55 -61.88 41.06
C SER C 21 24.17 -60.71 41.77
N CYS C 22 23.71 -59.52 41.42
CA CYS C 22 24.12 -58.27 42.06
C CYS C 22 22.92 -57.36 42.28
N LYS C 23 22.66 -57.01 43.53
CA LYS C 23 21.47 -56.22 43.84
C LYS C 23 21.76 -54.78 44.15
N GLY C 24 21.17 -53.89 43.35
CA GLY C 24 21.31 -52.47 43.61
C GLY C 24 20.42 -52.05 44.77
N SER C 25 20.90 -51.11 45.57
CA SER C 25 20.05 -50.52 46.60
C SER C 25 20.47 -49.09 46.92
N GLY C 26 19.48 -48.30 47.35
CA GLY C 26 19.69 -46.89 47.73
C GLY C 26 19.68 -45.86 46.58
N TYR C 27 19.38 -46.31 45.36
CA TYR C 27 19.30 -45.41 44.19
C TYR C 27 18.33 -45.99 43.18
N THR C 28 17.96 -45.20 42.18
CA THR C 28 17.06 -45.71 41.15
C THR C 28 17.80 -46.64 40.21
N PHE C 29 17.50 -47.93 40.33
CA PHE C 29 18.23 -48.99 39.64
C PHE C 29 18.15 -48.95 38.12
N THR C 30 17.01 -48.52 37.60
CA THR C 30 16.78 -48.46 36.18
C THR C 30 17.49 -47.32 35.44
N ASP C 31 18.08 -46.37 36.16
CA ASP C 31 18.81 -45.31 35.48
C ASP C 31 20.28 -45.61 35.21
N TYR C 32 20.82 -46.75 35.68
CA TYR C 32 22.24 -47.01 35.50
C TYR C 32 22.52 -48.40 35.00
N ALA C 33 23.28 -48.48 33.91
CA ALA C 33 23.79 -49.76 33.43
C ALA C 33 24.81 -50.36 34.39
N ILE C 34 24.85 -51.70 34.41
CA ILE C 34 25.78 -52.43 35.26
C ILE C 34 26.92 -53.05 34.48
N HIS C 35 28.15 -52.72 34.84
CA HIS C 35 29.33 -53.34 34.26
C HIS C 35 29.71 -54.55 35.05
N TRP C 36 30.21 -55.59 34.36
CA TRP C 36 30.73 -56.77 35.05
C TRP C 36 32.20 -56.97 34.73
N VAL C 37 32.99 -57.36 35.75
CA VAL C 37 34.46 -57.54 35.66
C VAL C 37 34.94 -58.86 36.28
N LYS C 38 35.97 -59.47 35.67
CA LYS C 38 36.63 -60.67 36.19
C LYS C 38 38.04 -60.36 36.67
N GLN C 39 38.38 -60.80 37.87
CA GLN C 39 39.73 -60.66 38.43
C GLN C 39 40.35 -62.00 38.77
N SER C 40 41.37 -62.38 38.00
CA SER C 40 42.05 -63.65 38.23
C SER C 40 43.32 -63.50 39.08
N HIS C 41 43.87 -62.29 39.10
CA HIS C 41 45.05 -61.99 39.90
C HIS C 41 44.98 -60.54 40.34
N ALA C 42 45.79 -60.15 41.33
CA ALA C 42 45.93 -58.75 41.73
C ALA C 42 46.29 -57.80 40.57
N LYS C 43 47.09 -58.27 39.61
CA LYS C 43 47.43 -57.54 38.39
C LYS C 43 46.79 -58.10 37.11
N SER C 44 45.70 -58.87 37.20
CA SER C 44 45.03 -59.37 36.00
C SER C 44 43.53 -59.29 36.11
N LEU C 45 42.99 -58.19 35.60
CA LEU C 45 41.57 -57.94 35.59
C LEU C 45 41.09 -57.65 34.19
N GLU C 46 39.88 -58.08 33.85
CA GLU C 46 39.33 -57.80 32.54
C GLU C 46 37.82 -57.57 32.55
N TRP C 47 37.40 -56.64 31.70
CA TRP C 47 36.00 -56.31 31.51
C TRP C 47 35.27 -57.48 30.88
N ILE C 48 34.09 -57.77 31.39
CA ILE C 48 33.28 -58.85 30.85
C ILE C 48 32.15 -58.34 30.01
N GLY C 49 31.42 -57.37 30.52
CA GLY C 49 30.31 -56.86 29.74
C GLY C 49 29.58 -55.75 30.42
N VAL C 50 28.56 -55.23 29.75
CA VAL C 50 27.70 -54.22 30.36
C VAL C 50 26.25 -54.49 30.02
N PHE C 51 25.38 -54.27 31.01
CA PHE C 51 23.97 -54.53 30.89
C PHE C 51 23.11 -53.30 31.14
N SER C 52 22.34 -52.83 30.14
CA SER C 52 21.42 -51.72 30.43
C SER C 52 20.29 -52.20 31.24
N THR C 53 20.04 -51.51 32.35
CA THR C 53 18.94 -51.87 33.22
C THR C 53 17.64 -51.20 32.86
N TYR C 54 17.62 -50.38 31.81
CA TYR C 54 16.39 -49.79 31.37
C TYR C 54 15.88 -50.52 30.14
N TYR C 55 16.78 -50.69 29.16
CA TYR C 55 16.38 -51.24 27.87
C TYR C 55 16.72 -52.71 27.68
N GLY C 56 17.65 -53.25 28.47
CA GLY C 56 18.09 -54.64 28.31
C GLY C 56 19.15 -54.87 27.21
N ASN C 57 19.67 -53.79 26.62
CA ASN C 57 20.71 -53.90 25.60
C ASN C 57 22.02 -54.28 26.23
N THR C 58 22.79 -55.13 25.54
CA THR C 58 24.07 -55.56 26.10
C THR C 58 25.24 -55.48 25.15
N ASN C 59 26.43 -55.42 25.75
CA ASN C 59 27.69 -55.63 25.04
C ASN C 59 28.50 -56.60 25.84
N TYR C 60 29.25 -57.45 25.17
CA TYR C 60 30.12 -58.38 25.87
C TYR C 60 31.50 -58.32 25.29
N ASN C 61 32.45 -58.71 26.12
CA ASN C 61 33.79 -58.96 25.67
C ASN C 61 33.71 -60.16 24.78
N GLN C 62 34.33 -60.08 23.61
CA GLN C 62 34.22 -61.09 22.57
C GLN C 62 34.59 -62.50 22.98
N LYS C 63 35.57 -62.65 23.89
CA LYS C 63 35.97 -63.95 24.40
C LYS C 63 34.88 -64.69 25.18
N PHE C 64 33.98 -63.95 25.83
CA PHE C 64 32.89 -64.53 26.58
C PHE C 64 31.55 -64.34 25.89
N LYS C 65 31.53 -63.86 24.64
CA LYS C 65 30.25 -63.47 24.03
C LYS C 65 29.27 -64.61 23.78
N GLY C 66 29.79 -65.82 23.50
CA GLY C 66 28.97 -67.02 23.37
C GLY C 66 28.82 -67.84 24.66
N ARG C 67 29.27 -67.31 25.80
CA ARG C 67 29.20 -68.02 27.06
C ARG C 67 28.39 -67.25 28.09
N ALA C 68 28.67 -65.96 28.18
CA ALA C 68 28.06 -65.11 29.18
C ALA C 68 26.87 -64.39 28.62
N THR C 69 25.76 -64.41 29.36
CA THR C 69 24.60 -63.59 29.03
C THR C 69 24.12 -62.87 30.27
N MET C 70 23.46 -61.73 30.09
CA MET C 70 22.97 -60.98 31.25
C MET C 70 21.47 -60.65 31.21
N THR C 71 20.84 -60.68 32.39
CA THR C 71 19.40 -60.40 32.54
C THR C 71 19.07 -59.58 33.81
N VAL C 72 17.79 -59.22 33.96
CA VAL C 72 17.34 -58.35 35.05
C VAL C 72 16.13 -58.90 35.80
N ASP C 73 16.02 -58.51 37.05
CA ASP C 73 14.78 -58.56 37.80
C ASP C 73 14.49 -57.19 38.35
N LYS C 74 13.79 -56.37 37.56
CA LYS C 74 13.49 -54.97 37.91
C LYS C 74 12.71 -54.81 39.22
N SER C 75 11.79 -55.74 39.53
CA SER C 75 11.05 -55.73 40.77
C SER C 75 11.90 -55.95 42.04
N SER C 76 13.05 -56.63 41.91
CA SER C 76 13.97 -56.81 43.02
C SER C 76 15.21 -55.94 42.91
N SER C 77 15.24 -54.98 41.95
CA SER C 77 16.40 -54.14 41.64
C SER C 77 17.70 -54.90 41.45
N THR C 78 17.65 -56.03 40.72
CA THR C 78 18.79 -56.93 40.67
C THR C 78 19.17 -57.26 39.22
N ALA C 79 20.47 -57.47 38.99
CA ALA C 79 20.97 -57.91 37.70
C ALA C 79 21.69 -59.23 37.85
N TYR C 80 21.66 -60.03 36.79
CA TYR C 80 22.30 -61.32 36.82
C TYR C 80 23.24 -61.50 35.67
N MET C 81 24.30 -62.25 35.90
CA MET C 81 25.16 -62.69 34.83
C MET C 81 25.27 -64.18 34.88
N GLU C 82 25.00 -64.86 33.77
CA GLU C 82 25.10 -66.31 33.75
C GLU C 82 26.14 -66.77 32.77
N LEU C 83 27.08 -67.60 33.24
CA LEU C 83 28.21 -68.03 32.45
C LEU C 83 28.17 -69.52 32.15
N ALA C 84 27.90 -69.86 30.90
CA ALA C 84 27.83 -71.25 30.45
C ALA C 84 29.17 -71.96 30.49
N ARG C 85 29.09 -73.27 30.81
CA ARG C 85 30.18 -74.25 30.65
C ARG C 85 31.43 -73.96 31.45
N LEU C 86 31.31 -73.93 32.79
CA LEU C 86 32.41 -73.59 33.67
C LEU C 86 33.65 -74.48 33.53
N THR C 87 34.81 -73.86 33.54
CA THR C 87 36.08 -74.59 33.55
C THR C 87 36.99 -73.98 34.58
N SER C 88 38.11 -74.66 34.88
CA SER C 88 39.07 -74.23 35.92
C SER C 88 39.72 -72.86 35.67
N GLU C 89 39.84 -72.45 34.39
CA GLU C 89 40.29 -71.12 33.97
C GLU C 89 39.32 -69.96 34.29
N ASP C 90 38.08 -70.28 34.68
CA ASP C 90 37.13 -69.30 35.16
C ASP C 90 37.18 -69.11 36.67
N SER C 91 38.10 -69.79 37.39
CA SER C 91 38.14 -69.59 38.82
C SER C 91 38.69 -68.22 39.12
N ALA C 92 37.82 -67.37 39.67
CA ALA C 92 38.15 -65.96 39.75
C ALA C 92 37.25 -65.21 40.69
N ILE C 93 37.64 -63.98 40.96
CA ILE C 93 36.82 -63.02 41.68
C ILE C 93 35.97 -62.26 40.67
N TYR C 94 34.69 -62.12 40.94
CA TYR C 94 33.82 -61.40 40.03
C TYR C 94 33.22 -60.18 40.69
N TYR C 95 33.04 -59.14 39.87
CA TYR C 95 32.48 -57.88 40.34
C TYR C 95 31.34 -57.38 39.49
N CYS C 96 30.54 -56.52 40.09
CA CYS C 96 29.57 -55.70 39.36
C CYS C 96 29.86 -54.24 39.70
N ALA C 97 29.58 -53.32 38.79
CA ALA C 97 29.89 -51.91 39.02
C ALA C 97 28.93 -50.97 38.32
N ARG C 98 28.68 -49.81 38.92
CA ARG C 98 27.72 -48.87 38.36
C ARG C 98 28.31 -47.97 37.28
N LYS C 99 27.66 -47.84 36.15
CA LYS C 99 28.12 -46.90 35.11
C LYS C 99 27.98 -45.45 35.56
N SER C 100 28.96 -44.61 35.23
CA SER C 100 28.80 -43.17 35.50
C SER C 100 29.54 -42.28 34.52
N TYR C 101 29.19 -41.00 34.54
CA TYR C 101 29.84 -39.97 33.75
C TYR C 101 30.28 -38.78 34.58
N TYR C 102 31.39 -38.90 35.28
CA TYR C 102 31.97 -37.73 35.96
C TYR C 102 32.54 -36.72 34.99
N VAL C 103 33.14 -37.22 33.92
CA VAL C 103 33.61 -36.42 32.82
C VAL C 103 32.74 -36.71 31.63
N ASP C 104 32.42 -35.66 30.87
CA ASP C 104 31.53 -35.81 29.74
C ASP C 104 32.10 -36.73 28.72
N TYR C 105 31.28 -37.70 28.33
CA TYR C 105 31.58 -38.78 27.40
C TYR C 105 32.67 -39.78 27.84
N VAL C 106 32.98 -39.88 29.14
CA VAL C 106 33.95 -40.84 29.63
C VAL C 106 33.33 -41.81 30.61
N ASP C 107 33.33 -43.10 30.27
CA ASP C 107 32.81 -44.11 31.18
C ASP C 107 33.61 -44.21 32.45
N ALA C 108 32.90 -44.24 33.56
CA ALA C 108 33.47 -44.48 34.87
C ALA C 108 32.77 -45.65 35.53
N MET C 109 33.49 -46.36 36.40
CA MET C 109 32.94 -47.52 37.09
C MET C 109 32.48 -47.25 38.54
N ASP C 110 32.58 -45.99 39.00
CA ASP C 110 31.87 -45.47 40.19
C ASP C 110 31.92 -46.40 41.45
N TYR C 111 30.75 -46.86 41.95
CA TYR C 111 30.67 -47.75 43.08
C TYR C 111 30.76 -49.20 42.63
N TRP C 112 31.56 -49.98 43.35
CA TRP C 112 31.75 -51.39 43.04
C TRP C 112 31.11 -52.28 44.08
N GLY C 113 30.66 -53.45 43.64
CA GLY C 113 30.18 -54.50 44.53
C GLY C 113 31.33 -55.09 45.30
N GLN C 114 31.04 -55.71 46.45
CA GLN C 114 32.06 -56.16 47.41
C GLN C 114 32.96 -57.33 46.95
N GLY C 115 32.59 -58.05 45.90
CA GLY C 115 33.38 -59.14 45.38
C GLY C 115 32.78 -60.47 45.76
N THR C 116 32.72 -61.36 44.80
CA THR C 116 32.31 -62.74 45.04
C THR C 116 33.26 -63.62 44.29
N SER C 117 33.25 -64.92 44.54
CA SER C 117 34.15 -65.76 43.76
C SER C 117 33.57 -67.10 43.41
N VAL C 118 34.10 -67.66 42.34
CA VAL C 118 33.69 -68.97 41.86
C VAL C 118 34.92 -69.82 41.70
N THR C 119 34.86 -71.09 42.13
CA THR C 119 35.98 -72.04 41.86
C THR C 119 35.61 -73.50 41.55
N ASP D 1 41.89 -54.53 20.68
CA ASP D 1 41.82 -53.38 21.56
C ASP D 1 43.19 -52.77 21.75
N ILE D 2 43.22 -51.48 22.09
CA ILE D 2 44.46 -50.82 22.44
C ILE D 2 45.03 -51.37 23.72
N VAL D 3 46.31 -51.70 23.70
CA VAL D 3 46.99 -52.28 24.84
C VAL D 3 47.58 -51.22 25.73
N LEU D 4 47.30 -51.32 27.02
CA LEU D 4 47.89 -50.42 27.99
C LEU D 4 48.98 -51.13 28.77
N THR D 5 50.11 -50.46 28.96
CA THR D 5 51.20 -50.97 29.78
C THR D 5 51.63 -49.87 30.73
N GLN D 6 52.29 -50.24 31.81
CA GLN D 6 52.67 -49.26 32.84
C GLN D 6 54.04 -49.56 33.40
N SER D 7 54.72 -48.51 33.89
CA SER D 7 56.04 -48.70 34.49
C SER D 7 56.35 -47.67 35.59
N PRO D 8 57.32 -47.97 36.48
CA PRO D 8 57.95 -49.25 36.84
C PRO D 8 56.95 -50.17 37.50
N ALA D 9 57.17 -51.49 37.40
CA ALA D 9 56.24 -52.50 37.93
C ALA D 9 55.92 -52.34 39.43
N SER D 10 56.89 -51.90 40.22
CA SER D 10 56.62 -51.42 41.55
C SER D 10 57.51 -50.24 41.84
N LEU D 11 57.04 -49.37 42.70
CA LEU D 11 57.79 -48.18 43.08
C LEU D 11 57.79 -48.00 44.57
N ALA D 12 58.97 -47.85 45.17
CA ALA D 12 59.04 -47.55 46.60
C ALA D 12 59.51 -46.13 46.81
N VAL D 13 58.79 -45.40 47.66
CA VAL D 13 59.17 -44.03 48.03
C VAL D 13 59.11 -43.83 49.53
N SER D 14 59.82 -42.83 50.03
CA SER D 14 59.76 -42.50 51.45
C SER D 14 58.48 -41.74 51.79
N LEU D 15 58.11 -41.72 53.06
CA LEU D 15 56.90 -41.02 53.47
C LEU D 15 57.05 -39.52 53.27
N GLY D 16 56.03 -38.93 52.63
CA GLY D 16 55.99 -37.52 52.29
C GLY D 16 56.64 -37.18 50.93
N GLN D 17 57.19 -38.18 50.23
CA GLN D 17 57.85 -37.99 48.96
C GLN D 17 56.85 -37.93 47.82
N ARG D 18 57.19 -37.18 46.78
CA ARG D 18 56.42 -37.24 45.56
C ARG D 18 56.63 -38.58 44.84
N ALA D 19 55.62 -39.04 44.13
CA ALA D 19 55.73 -40.26 43.35
C ALA D 19 54.98 -40.16 42.05
N THR D 20 55.50 -40.82 41.01
CA THR D 20 54.78 -40.85 39.76
C THR D 20 54.69 -42.25 39.15
N ILE D 21 53.72 -42.43 38.26
CA ILE D 21 53.55 -43.67 37.51
C ILE D 21 53.44 -43.35 36.03
N SER D 22 54.17 -44.07 35.19
CA SER D 22 54.10 -43.88 33.74
C SER D 22 53.14 -44.85 33.10
N CYS D 23 52.38 -44.38 32.11
CA CYS D 23 51.43 -45.23 31.41
C CYS D 23 51.53 -45.06 29.91
N ARG D 24 51.57 -46.17 29.18
CA ARG D 24 51.74 -46.14 27.74
C ARG D 24 50.66 -46.88 26.99
N ALA D 25 50.16 -46.26 25.93
CA ALA D 25 49.16 -46.89 25.08
C ALA D 25 49.77 -47.29 23.76
N SER D 26 49.36 -48.45 23.24
CA SER D 26 49.80 -48.93 21.92
C SER D 26 49.36 -48.05 20.73
N GLU D 27 48.24 -47.35 20.88
CA GLU D 27 47.75 -46.38 19.93
C GLU D 27 47.08 -45.28 20.72
N SER D 28 47.08 -44.06 20.21
CA SER D 28 46.51 -42.92 20.94
C SER D 28 45.05 -43.10 21.22
N VAL D 29 44.65 -42.64 22.39
CA VAL D 29 43.28 -42.75 22.80
C VAL D 29 42.54 -41.43 22.77
N ASP D 30 43.17 -40.38 22.27
CA ASP D 30 42.42 -39.14 22.13
C ASP D 30 41.50 -39.20 20.93
N ASN D 31 40.22 -38.94 21.18
CA ASN D 31 39.26 -38.80 20.12
C ASN D 31 38.38 -37.64 20.51
N TYR D 32 38.29 -36.64 19.63
CA TYR D 32 37.58 -35.36 19.85
C TYR D 32 38.13 -34.51 21.00
N GLY D 33 39.40 -34.71 21.40
CA GLY D 33 40.03 -34.02 22.52
C GLY D 33 39.66 -34.57 23.91
N ILE D 34 38.97 -35.71 23.97
CA ILE D 34 38.42 -36.21 25.22
C ILE D 34 39.37 -36.95 26.15
N SER D 35 40.37 -37.65 25.59
CA SER D 35 41.39 -38.48 26.31
C SER D 35 40.92 -39.82 26.91
N PHE D 36 39.80 -39.85 27.66
CA PHE D 36 39.17 -41.10 28.14
C PHE D 36 40.00 -41.92 29.10
N MET D 37 40.85 -41.29 29.90
CA MET D 37 41.73 -42.04 30.77
C MET D 37 41.32 -41.92 32.21
N ASN D 38 41.10 -43.07 32.84
CA ASN D 38 40.74 -43.10 34.24
C ASN D 38 41.79 -43.86 35.00
N TRP D 39 42.00 -43.50 36.27
CA TRP D 39 42.90 -44.28 37.09
C TRP D 39 42.17 -44.91 38.24
N PHE D 40 42.54 -46.15 38.56
CA PHE D 40 41.92 -46.95 39.61
C PHE D 40 42.90 -47.39 40.67
N GLN D 41 42.37 -47.67 41.87
CA GLN D 41 43.15 -48.06 43.05
C GLN D 41 42.63 -49.35 43.69
N GLN D 42 43.51 -50.30 44.02
CA GLN D 42 43.03 -51.48 44.76
C GLN D 42 43.98 -51.93 45.85
N LYS D 43 43.42 -52.34 46.97
CA LYS D 43 44.21 -52.94 48.05
C LYS D 43 43.70 -54.36 48.29
N PRO D 44 44.47 -55.18 49.00
CA PRO D 44 44.02 -56.50 49.35
C PRO D 44 42.84 -56.42 50.28
N GLY D 45 41.88 -57.29 50.04
CA GLY D 45 40.61 -57.26 50.76
C GLY D 45 39.61 -56.21 50.24
N GLN D 46 39.89 -55.57 49.09
CA GLN D 46 39.02 -54.53 48.58
C GLN D 46 38.71 -54.71 47.10
N PRO D 47 37.58 -54.15 46.65
CA PRO D 47 37.27 -53.83 45.28
C PRO D 47 38.20 -52.73 44.78
N PRO D 48 38.41 -52.60 43.48
CA PRO D 48 39.01 -51.47 42.83
C PRO D 48 38.17 -50.23 43.10
N LYS D 49 38.82 -49.09 43.21
CA LYS D 49 38.18 -47.82 43.48
C LYS D 49 38.55 -46.80 42.44
N LEU D 50 37.56 -46.10 41.92
CA LEU D 50 37.85 -45.04 40.98
C LEU D 50 38.58 -43.91 41.66
N LEU D 51 39.64 -43.42 41.03
CA LEU D 51 40.30 -42.26 41.56
C LEU D 51 39.97 -41.03 40.78
N ILE D 52 40.38 -41.02 39.53
CA ILE D 52 40.27 -39.82 38.71
C ILE D 52 39.84 -40.18 37.32
N SER D 53 39.42 -39.16 36.59
CA SER D 53 39.06 -39.27 35.19
C SER D 53 39.68 -38.12 34.44
N ALA D 54 39.64 -38.15 33.12
CA ALA D 54 40.45 -37.30 32.23
C ALA D 54 40.51 -35.77 32.56
N THR D 55 39.38 -35.15 32.93
CA THR D 55 39.39 -33.74 33.34
C THR D 55 39.12 -33.53 34.84
N SER D 56 39.11 -34.61 35.62
CA SER D 56 38.77 -34.54 37.04
C SER D 56 39.86 -35.10 37.92
N ASN D 57 40.83 -34.24 38.23
CA ASN D 57 41.89 -34.56 39.18
C ASN D 57 41.39 -34.49 40.61
N GLN D 58 40.58 -33.49 40.90
CA GLN D 58 39.80 -33.49 42.11
C GLN D 58 38.40 -33.85 41.67
N GLY D 59 37.67 -34.53 42.54
CA GLY D 59 36.38 -35.06 42.18
C GLY D 59 36.56 -36.49 41.78
N SER D 60 35.47 -37.14 41.40
CA SER D 60 35.42 -38.57 41.07
C SER D 60 35.76 -39.48 42.27
N GLY D 61 35.49 -39.02 43.49
CA GLY D 61 35.84 -39.72 44.72
C GLY D 61 37.18 -39.33 45.40
N VAL D 62 38.01 -38.43 44.81
CA VAL D 62 39.28 -38.05 45.49
C VAL D 62 39.51 -36.53 45.66
N PRO D 63 40.47 -36.15 46.54
CA PRO D 63 41.14 -34.85 46.62
C PRO D 63 42.11 -34.64 45.47
N ALA D 64 42.52 -33.37 45.28
CA ALA D 64 43.51 -32.93 44.27
C ALA D 64 44.93 -33.56 44.36
N ARG D 65 45.25 -34.29 45.44
CA ARG D 65 46.46 -35.11 45.59
C ARG D 65 46.76 -36.09 44.44
N PHE D 66 45.74 -36.59 43.73
CA PHE D 66 45.97 -37.50 42.61
C PHE D 66 45.94 -36.75 41.29
N ILE D 67 47.10 -36.35 40.78
CA ILE D 67 47.11 -35.55 39.56
C ILE D 67 47.38 -36.36 38.31
N GLY D 68 46.35 -36.58 37.50
CA GLY D 68 46.50 -37.16 36.20
C GLY D 68 47.08 -36.15 35.23
N SER D 69 47.85 -36.63 34.27
CA SER D 69 48.40 -35.78 33.23
C SER D 69 48.70 -36.55 31.96
N GLY D 70 49.09 -35.80 30.93
CA GLY D 70 49.53 -36.35 29.64
C GLY D 70 48.43 -36.43 28.59
N SER D 71 48.83 -36.81 27.37
CA SER D 71 47.91 -36.92 26.22
C SER D 71 48.45 -37.90 25.17
N GLY D 72 47.62 -38.26 24.21
CA GLY D 72 48.04 -39.15 23.16
C GLY D 72 48.24 -40.55 23.68
N THR D 73 49.46 -41.04 23.54
CA THR D 73 49.83 -42.35 24.06
C THR D 73 50.44 -42.32 25.46
N ASP D 74 50.79 -41.14 25.98
CA ASP D 74 51.52 -41.08 27.26
C ASP D 74 50.72 -40.44 28.36
N PHE D 75 50.57 -41.13 29.48
CA PHE D 75 49.83 -40.59 30.60
C PHE D 75 50.59 -40.79 31.87
N SER D 76 50.25 -40.01 32.88
CA SER D 76 50.89 -40.23 34.16
C SER D 76 50.01 -39.90 35.31
N LEU D 77 50.39 -40.43 36.46
CA LEU D 77 49.78 -40.08 37.73
C LEU D 77 50.86 -39.44 38.56
N ASN D 78 50.53 -38.36 39.24
CA ASN D 78 51.48 -37.64 40.08
C ASN D 78 50.92 -37.33 41.45
N ILE D 79 51.52 -37.89 42.51
CA ILE D 79 51.09 -37.60 43.88
C ILE D 79 52.23 -37.02 44.69
N HIS D 80 52.11 -35.76 45.07
CA HIS D 80 53.20 -35.07 45.77
C HIS D 80 53.43 -35.40 47.28
N PRO D 81 52.43 -35.85 48.05
CA PRO D 81 52.69 -36.22 49.47
C PRO D 81 52.28 -37.64 49.79
N VAL D 82 53.06 -38.63 49.38
CA VAL D 82 52.65 -40.01 49.61
C VAL D 82 52.68 -40.46 51.08
N GLU D 83 51.64 -41.18 51.49
CA GLU D 83 51.57 -41.76 52.83
C GLU D 83 51.38 -43.26 52.70
N GLU D 84 51.56 -44.01 53.80
CA GLU D 84 51.45 -45.48 53.78
C GLU D 84 50.04 -46.02 53.43
N ASP D 85 49.00 -45.20 53.61
CA ASP D 85 47.66 -45.53 53.16
C ASP D 85 47.39 -45.24 51.67
N ASP D 86 48.41 -44.80 50.90
CA ASP D 86 48.37 -44.81 49.45
C ASP D 86 48.96 -46.09 48.85
N THR D 87 49.44 -47.04 49.67
CA THR D 87 50.04 -48.23 49.09
C THR D 87 48.99 -49.14 48.53
N ALA D 88 48.97 -49.21 47.21
CA ALA D 88 47.93 -49.91 46.51
C ALA D 88 48.36 -50.25 45.11
N MET D 89 47.64 -51.14 44.47
CA MET D 89 47.82 -51.35 43.07
C MET D 89 47.19 -50.20 42.32
N TYR D 90 47.79 -49.76 41.23
CA TYR D 90 47.23 -48.66 40.45
C TYR D 90 47.12 -49.00 38.99
N PHE D 91 45.98 -48.67 38.37
CA PHE D 91 45.71 -49.11 37.00
C PHE D 91 45.26 -48.00 36.06
N CYS D 92 45.74 -48.03 34.82
CA CYS D 92 45.19 -47.21 33.75
C CYS D 92 43.98 -47.87 33.12
N GLN D 93 42.89 -47.13 32.96
CA GLN D 93 41.69 -47.63 32.29
C GLN D 93 41.35 -46.86 31.05
N GLN D 94 41.16 -47.57 29.94
CA GLN D 94 40.68 -46.94 28.72
C GLN D 94 39.17 -46.97 28.61
N SER D 95 38.53 -45.80 28.44
CA SER D 95 37.08 -45.77 28.18
C SER D 95 36.72 -45.54 26.71
N LYS D 96 37.71 -45.34 25.84
CA LYS D 96 37.50 -45.02 24.43
C LYS D 96 36.82 -46.05 23.54
N GLU D 97 37.19 -47.31 23.65
CA GLU D 97 36.67 -48.29 22.70
C GLU D 97 36.48 -49.64 23.31
N VAL D 98 35.57 -50.40 22.70
CA VAL D 98 35.28 -51.74 23.15
C VAL D 98 36.47 -52.66 22.89
N PRO D 99 36.73 -53.61 23.78
CA PRO D 99 35.95 -53.99 24.96
C PRO D 99 36.52 -53.45 26.27
N ARG D 100 36.87 -52.15 26.31
CA ARG D 100 37.19 -51.43 27.54
C ARG D 100 38.26 -52.07 28.41
N THR D 101 39.35 -52.58 27.81
CA THR D 101 40.36 -53.24 28.63
C THR D 101 41.27 -52.24 29.28
N PHE D 102 42.01 -52.75 30.25
CA PHE D 102 42.81 -51.92 31.08
C PHE D 102 44.10 -52.61 31.53
N GLY D 103 45.04 -51.79 31.99
CA GLY D 103 46.42 -52.22 32.24
C GLY D 103 46.60 -53.16 33.41
N GLY D 104 47.72 -53.90 33.39
CA GLY D 104 48.12 -54.80 34.48
C GLY D 104 48.45 -54.07 35.79
N GLY D 105 48.98 -52.86 35.69
CA GLY D 105 49.12 -52.01 36.86
C GLY D 105 50.47 -52.07 37.53
N THR D 106 50.64 -51.19 38.52
CA THR D 106 51.88 -51.11 39.30
C THR D 106 51.58 -51.08 40.78
N LYS D 107 52.57 -51.41 41.61
CA LYS D 107 52.39 -51.40 43.06
C LYS D 107 53.19 -50.32 43.78
N LEU D 108 52.50 -49.41 44.48
CA LEU D 108 53.19 -48.43 45.31
C LEU D 108 53.60 -49.04 46.64
N GLU D 109 54.82 -48.75 47.07
CA GLU D 109 55.39 -49.23 48.33
C GLU D 109 56.01 -48.09 49.13
N ILE D 110 56.23 -48.34 50.43
CA ILE D 110 56.96 -47.40 51.27
C ILE D 110 58.35 -47.91 51.63
N LYS D 111 59.34 -47.02 51.61
CA LYS D 111 60.69 -47.36 52.04
C LYS D 111 60.77 -47.47 53.56
N VAL E 753 -48.12 -4.93 -10.28
CA VAL E 753 -46.83 -4.50 -9.77
C VAL E 753 -46.41 -5.36 -8.58
N PRO E 754 -45.12 -5.35 -8.21
CA PRO E 754 -44.58 -5.86 -6.97
C PRO E 754 -45.02 -4.95 -5.83
N GLY E 755 -45.14 -5.52 -4.65
CA GLY E 755 -45.60 -4.80 -3.48
C GLY E 755 -44.45 -4.32 -2.62
N GLU E 756 -44.74 -4.25 -1.34
CA GLU E 756 -43.82 -3.79 -0.31
C GLU E 756 -42.60 -4.67 -0.13
N MET E 757 -41.52 -4.03 0.30
CA MET E 757 -40.26 -4.67 0.69
C MET E 757 -40.49 -5.55 1.89
N ARG E 758 -39.64 -6.56 2.08
CA ARG E 758 -39.76 -7.48 3.18
C ARG E 758 -38.55 -7.42 4.11
N LEU E 759 -38.79 -7.17 5.38
CA LEU E 759 -37.70 -7.18 6.33
C LEU E 759 -37.33 -8.60 6.64
N ALA E 760 -36.04 -8.89 6.53
CA ALA E 760 -35.53 -10.22 6.76
C ALA E 760 -34.28 -10.16 7.60
N SER E 761 -33.97 -11.28 8.23
CA SER E 761 -32.75 -11.40 8.98
C SER E 761 -31.71 -12.09 8.13
N ILE E 762 -30.46 -11.72 8.28
CA ILE E 762 -29.43 -12.40 7.52
C ILE E 762 -29.21 -13.77 8.07
N ALA E 763 -29.33 -14.76 7.19
CA ALA E 763 -29.15 -16.15 7.56
C ALA E 763 -27.72 -16.45 7.96
N PHE E 764 -27.58 -17.32 8.93
CA PHE E 764 -26.28 -17.84 9.30
C PHE E 764 -26.27 -19.34 9.14
N ASN E 765 -25.42 -19.81 8.25
CA ASN E 765 -25.30 -21.23 8.06
C ASN E 765 -24.45 -21.84 9.13
N HIS E 766 -25.03 -22.72 9.91
CA HIS E 766 -24.26 -23.44 10.88
C HIS E 766 -23.42 -24.52 10.18
N PRO E 767 -22.12 -24.62 10.46
CA PRO E 767 -21.26 -25.69 10.01
C PRO E 767 -21.68 -27.00 10.63
N ILE E 768 -21.35 -28.08 9.95
CA ILE E 768 -21.74 -29.41 10.40
C ILE E 768 -21.05 -29.75 11.71
N GLN E 769 -21.83 -30.18 12.68
CA GLN E 769 -21.30 -30.52 13.99
C GLN E 769 -20.82 -31.95 14.03
N VAL E 770 -19.67 -32.16 14.66
CA VAL E 770 -19.12 -33.49 14.90
C VAL E 770 -18.73 -33.58 16.37
N ASP E 771 -19.18 -34.62 17.04
CA ASP E 771 -18.93 -34.77 18.47
C ASP E 771 -17.50 -35.14 18.77
N GLN E 772 -16.84 -34.39 19.63
CA GLN E 772 -15.53 -34.80 20.10
C GLN E 772 -15.73 -35.88 21.14
N LEU E 773 -14.89 -36.91 21.10
CA LEU E 773 -14.98 -38.01 22.04
C LEU E 773 -13.68 -38.22 22.78
N ASN E 774 -13.82 -38.79 23.97
CA ASN E 774 -12.69 -39.34 24.71
C ASN E 774 -12.47 -40.78 24.26
N SER E 775 -11.55 -41.48 24.91
CA SER E 775 -11.17 -42.87 24.63
C SER E 775 -10.30 -43.01 23.37
N SER E 776 -10.12 -44.25 22.92
CA SER E 776 -9.18 -44.59 21.87
C SER E 776 -9.67 -44.48 20.43
N TYR E 777 -10.88 -43.97 20.20
CA TYR E 777 -11.41 -43.86 18.86
C TYR E 777 -12.16 -42.56 18.72
N PHE E 778 -12.42 -42.16 17.48
CA PHE E 778 -13.06 -40.88 17.27
C PHE E 778 -13.93 -40.82 16.04
N LYS E 779 -14.83 -39.85 16.02
CA LYS E 779 -15.71 -39.65 14.89
C LYS E 779 -15.04 -38.79 13.84
N LEU E 780 -15.15 -39.21 12.60
CA LEU E 780 -14.51 -38.55 11.48
C LEU E 780 -15.49 -38.16 10.41
N SER E 781 -15.47 -36.90 10.00
CA SER E 781 -16.31 -36.47 8.88
C SER E 781 -15.55 -36.55 7.57
N ILE E 782 -16.12 -37.24 6.60
CA ILE E 782 -15.45 -37.41 5.32
C ILE E 782 -16.44 -37.25 4.14
N PRO E 783 -16.03 -36.58 3.04
CA PRO E 783 -16.81 -36.39 1.82
C PRO E 783 -17.05 -37.67 1.08
N THR E 784 -18.21 -37.78 0.43
CA THR E 784 -18.48 -38.95 -0.42
C THR E 784 -18.76 -38.55 -1.87
N ASN E 785 -18.95 -37.27 -2.14
CA ASN E 785 -19.17 -36.82 -3.50
C ASN E 785 -18.41 -35.51 -3.70
N PHE E 786 -18.26 -35.09 -4.94
CA PHE E 786 -17.63 -33.81 -5.16
C PHE E 786 -18.01 -33.18 -6.46
N SER E 787 -17.73 -31.89 -6.57
CA SER E 787 -17.78 -31.23 -7.86
C SER E 787 -16.59 -30.36 -8.02
N PHE E 788 -16.11 -30.27 -9.23
CA PHE E 788 -15.16 -29.25 -9.54
C PHE E 788 -15.89 -27.94 -9.62
N GLY E 789 -15.18 -26.86 -9.40
CA GLY E 789 -15.79 -25.55 -9.61
C GLY E 789 -14.73 -24.55 -9.96
N VAL E 790 -15.14 -23.40 -10.47
CA VAL E 790 -14.19 -22.41 -10.91
C VAL E 790 -14.46 -21.09 -10.25
N THR E 791 -13.41 -20.46 -9.75
CA THR E 791 -13.53 -19.11 -9.23
C THR E 791 -12.58 -18.27 -9.99
N GLN E 792 -12.81 -16.97 -10.01
CA GLN E 792 -11.99 -16.11 -10.84
C GLN E 792 -11.57 -14.89 -10.11
N GLU E 793 -10.48 -14.31 -10.59
CA GLU E 793 -9.97 -13.10 -9.98
C GLU E 793 -9.38 -12.20 -11.03
N TYR E 794 -9.48 -10.91 -10.81
CA TYR E 794 -8.87 -9.94 -11.68
C TYR E 794 -7.85 -9.14 -10.94
N ILE E 795 -6.63 -9.17 -11.42
CA ILE E 795 -5.59 -8.37 -10.82
C ILE E 795 -5.08 -7.35 -11.79
N GLN E 796 -5.33 -6.09 -11.47
CA GLN E 796 -4.84 -5.00 -12.28
C GLN E 796 -3.34 -4.92 -12.21
N THR E 797 -2.70 -4.65 -13.34
CA THR E 797 -1.27 -4.48 -13.34
C THR E 797 -0.85 -3.11 -13.82
N THR E 798 -1.70 -2.44 -14.60
CA THR E 798 -1.30 -1.14 -15.12
C THR E 798 -2.37 -0.06 -15.14
N ILE E 799 -1.89 1.16 -15.26
CA ILE E 799 -2.67 2.36 -15.49
C ILE E 799 -2.49 2.77 -16.92
N GLN E 800 -3.55 3.27 -17.56
CA GLN E 800 -3.39 3.83 -18.89
C GLN E 800 -2.40 4.97 -18.85
N LYS E 801 -1.38 4.90 -19.69
CA LYS E 801 -0.34 5.90 -19.64
C LYS E 801 -0.73 7.12 -20.41
N VAL E 802 -0.56 8.29 -19.80
CA VAL E 802 -0.87 9.55 -20.46
C VAL E 802 0.26 10.52 -20.30
N THR E 803 0.28 11.51 -21.18
CA THR E 803 1.08 12.70 -20.98
C THR E 803 0.19 13.88 -21.23
N VAL E 804 0.62 15.04 -20.74
CA VAL E 804 -0.14 16.27 -20.93
C VAL E 804 0.75 17.36 -21.46
N ASP E 805 0.36 17.95 -22.58
CA ASP E 805 1.04 19.15 -23.06
C ASP E 805 0.53 20.32 -22.27
N CYS E 806 1.20 20.58 -21.15
CA CYS E 806 0.77 21.52 -20.13
C CYS E 806 0.45 22.89 -20.60
N LYS E 807 1.30 23.42 -21.47
CA LYS E 807 1.09 24.74 -22.02
C LYS E 807 -0.14 24.82 -22.86
N GLN E 808 -0.37 23.82 -23.73
CA GLN E 808 -1.56 23.77 -24.55
C GLN E 808 -2.84 23.55 -23.76
N TYR E 809 -2.79 22.75 -22.69
CA TYR E 809 -3.95 22.58 -21.83
C TYR E 809 -4.36 23.86 -21.16
N VAL E 810 -3.38 24.62 -20.68
CA VAL E 810 -3.71 25.88 -20.07
C VAL E 810 -4.14 26.94 -21.06
N CYS E 811 -3.46 27.02 -22.20
CA CYS E 811 -3.78 28.05 -23.16
C CYS E 811 -3.65 27.68 -24.62
N ASN E 812 -4.69 27.93 -25.41
CA ASN E 812 -4.69 27.50 -26.79
C ASN E 812 -4.03 28.45 -27.80
N GLY E 813 -2.72 28.65 -27.67
CA GLY E 813 -1.89 29.39 -28.63
C GLY E 813 -1.93 30.92 -28.55
N PHE E 814 -2.59 31.49 -27.56
CA PHE E 814 -2.71 32.92 -27.48
C PHE E 814 -1.42 33.55 -27.01
N GLN E 815 -1.07 34.68 -27.60
CA GLN E 815 0.19 35.30 -27.28
C GLN E 815 0.20 36.05 -25.96
N LYS E 816 -0.96 36.62 -25.60
CA LYS E 816 -1.12 37.30 -24.32
C LYS E 816 -1.02 36.36 -23.14
N CYS E 817 -1.62 35.16 -23.28
CA CYS E 817 -1.51 34.19 -22.23
C CYS E 817 -0.10 33.64 -22.14
N GLU E 818 0.61 33.54 -23.28
CA GLU E 818 1.95 33.00 -23.31
C GLU E 818 2.95 33.87 -22.59
N GLN E 819 2.79 35.18 -22.76
CA GLN E 819 3.59 36.14 -22.02
C GLN E 819 3.39 36.04 -20.51
N LEU E 820 2.14 35.84 -20.08
CA LEU E 820 1.88 35.60 -18.67
C LEU E 820 2.39 34.25 -18.19
N LEU E 821 2.26 33.20 -19.02
CA LEU E 821 2.73 31.86 -18.69
C LEU E 821 4.21 31.68 -18.50
N ARG E 822 5.03 32.55 -19.09
CA ARG E 822 6.45 32.60 -18.78
C ARG E 822 6.79 32.77 -17.28
N GLU E 823 5.94 33.49 -16.51
CA GLU E 823 6.10 33.61 -15.06
C GLU E 823 5.89 32.30 -14.31
N TYR E 824 5.08 31.40 -14.87
CA TYR E 824 4.72 30.14 -14.29
C TYR E 824 5.34 28.96 -15.03
N GLY E 825 6.38 29.19 -15.87
CA GLY E 825 6.93 28.14 -16.74
C GLY E 825 7.48 26.90 -16.02
N GLN E 826 7.98 27.08 -14.79
CA GLN E 826 8.46 25.99 -13.97
C GLN E 826 7.36 25.05 -13.46
N PHE E 827 6.10 25.48 -13.44
CA PHE E 827 5.02 24.60 -13.04
C PHE E 827 4.72 23.59 -14.10
N CYS E 828 4.75 24.01 -15.37
CA CYS E 828 4.61 23.07 -16.45
C CYS E 828 5.77 22.12 -16.58
N SER E 829 6.98 22.59 -16.29
CA SER E 829 8.13 21.71 -16.26
C SER E 829 8.01 20.62 -15.19
N LYS E 830 7.54 20.99 -13.99
CA LYS E 830 7.30 20.02 -12.94
C LYS E 830 6.18 19.03 -13.22
N ILE E 831 5.12 19.48 -13.89
CA ILE E 831 4.06 18.58 -14.35
C ILE E 831 4.52 17.57 -15.35
N ASN E 832 5.37 17.99 -16.29
CA ASN E 832 5.93 17.08 -17.26
C ASN E 832 6.87 16.08 -16.64
N GLN E 833 7.71 16.53 -15.70
CA GLN E 833 8.63 15.67 -14.97
C GLN E 833 7.93 14.57 -14.20
N ALA E 834 6.89 14.93 -13.47
CA ALA E 834 6.16 13.97 -12.65
C ALA E 834 5.42 12.94 -13.47
N LEU E 835 4.76 13.38 -14.55
CA LEU E 835 4.07 12.45 -15.42
C LEU E 835 5.00 11.50 -16.14
N HIS E 836 6.16 12.00 -16.58
CA HIS E 836 7.14 11.15 -17.21
C HIS E 836 7.70 10.09 -16.29
N GLY E 837 7.96 10.44 -15.03
CA GLY E 837 8.45 9.48 -14.05
C GLY E 837 7.43 8.38 -13.76
N ALA E 838 6.14 8.73 -13.69
CA ALA E 838 5.08 7.76 -13.52
C ALA E 838 4.98 6.78 -14.68
N ASN E 839 5.14 7.28 -15.90
CA ASN E 839 5.06 6.42 -17.08
C ASN E 839 6.22 5.44 -17.18
N LEU E 840 7.43 5.85 -16.77
CA LEU E 840 8.54 4.93 -16.71
C LEU E 840 8.33 3.78 -15.73
N ARG E 841 7.76 4.08 -14.56
CA ARG E 841 7.47 3.05 -13.57
C ARG E 841 6.44 2.04 -14.04
N GLN E 842 5.43 2.49 -14.80
CA GLN E 842 4.46 1.59 -15.42
C GLN E 842 5.09 0.63 -16.41
N ASP E 843 5.97 1.13 -17.25
CA ASP E 843 6.62 0.28 -18.22
C ASP E 843 7.62 -0.70 -17.62
N ASP E 844 8.30 -0.30 -16.56
CA ASP E 844 9.19 -1.22 -15.88
C ASP E 844 8.48 -2.31 -15.11
N SER E 845 7.32 -1.99 -14.54
CA SER E 845 6.49 -3.00 -13.87
C SER E 845 6.01 -4.09 -14.82
N VAL E 846 5.65 -3.70 -16.04
CA VAL E 846 5.29 -4.65 -17.07
C VAL E 846 6.44 -5.57 -17.49
N ARG E 847 7.63 -5.01 -17.68
CA ARG E 847 8.77 -5.83 -18.05
C ARG E 847 9.23 -6.78 -16.97
N ASN E 848 9.16 -6.35 -15.71
CA ASN E 848 9.52 -7.20 -14.60
C ASN E 848 8.57 -8.34 -14.41
N LEU E 849 7.26 -8.10 -14.65
CA LEU E 849 6.29 -9.17 -14.64
C LEU E 849 6.53 -10.21 -15.71
N PHE E 850 6.72 -9.77 -16.96
CA PHE E 850 6.88 -10.70 -18.06
C PHE E 850 8.18 -11.49 -18.06
N ALA E 851 9.21 -10.94 -17.42
CA ALA E 851 10.44 -11.70 -17.16
C ALA E 851 10.21 -12.93 -16.26
N SER E 852 9.24 -12.87 -15.34
CA SER E 852 8.94 -14.03 -14.52
C SER E 852 7.95 -14.96 -15.17
N VAL E 853 7.05 -14.40 -15.99
CA VAL E 853 6.08 -15.19 -16.75
C VAL E 853 6.69 -16.14 -17.76
N LYS E 854 7.75 -15.71 -18.44
CA LYS E 854 8.37 -16.53 -19.44
C LYS E 854 8.94 -17.82 -18.87
N SER E 855 8.66 -18.92 -19.54
CA SER E 855 9.28 -20.20 -19.22
C SER E 855 10.48 -20.39 -20.10
N SER E 856 11.39 -21.25 -19.67
CA SER E 856 12.50 -21.62 -20.52
C SER E 856 12.14 -22.73 -21.53
N GLN E 857 11.08 -23.49 -21.23
CA GLN E 857 10.62 -24.57 -22.09
C GLN E 857 9.12 -24.85 -21.98
N SER E 858 8.54 -25.40 -23.05
CA SER E 858 7.10 -25.64 -23.15
C SER E 858 6.73 -26.76 -24.12
N SER E 859 5.48 -27.18 -24.10
CA SER E 859 4.96 -28.02 -25.15
C SER E 859 4.46 -27.16 -26.31
N PRO E 860 4.39 -27.69 -27.52
CA PRO E 860 3.58 -27.20 -28.61
C PRO E 860 2.13 -27.34 -28.25
N ILE E 861 1.30 -26.48 -28.81
CA ILE E 861 -0.14 -26.51 -28.56
C ILE E 861 -0.92 -26.69 -29.84
N ILE E 862 -1.73 -27.74 -29.87
CA ILE E 862 -2.56 -28.07 -31.02
C ILE E 862 -4.02 -28.11 -30.62
N PRO E 863 -4.93 -28.12 -31.58
CA PRO E 863 -6.31 -28.43 -31.30
C PRO E 863 -6.38 -29.88 -30.92
N GLY E 864 -7.20 -30.19 -29.93
CA GLY E 864 -7.24 -31.52 -29.35
C GLY E 864 -6.29 -31.70 -28.13
N PHE E 865 -5.50 -30.67 -27.80
CA PHE E 865 -4.68 -30.66 -26.61
C PHE E 865 -5.54 -30.81 -25.39
N GLY E 866 -5.09 -31.65 -24.46
CA GLY E 866 -5.85 -31.94 -23.26
C GLY E 866 -6.75 -33.17 -23.36
N GLY E 867 -6.84 -33.84 -24.52
CA GLY E 867 -7.52 -35.12 -24.56
C GLY E 867 -9.00 -35.01 -24.26
N ASP E 868 -9.43 -35.68 -23.19
CA ASP E 868 -10.81 -35.67 -22.71
C ASP E 868 -11.33 -34.34 -22.15
N PHE E 869 -10.42 -33.42 -21.82
CA PHE E 869 -10.81 -32.12 -21.33
C PHE E 869 -10.95 -31.16 -22.52
N ASN E 870 -12.08 -30.43 -22.59
CA ASN E 870 -12.44 -29.66 -23.80
C ASN E 870 -11.56 -28.47 -24.12
N LEU E 871 -11.28 -27.64 -23.12
CA LEU E 871 -10.34 -26.51 -23.22
C LEU E 871 -10.61 -25.45 -24.28
N THR E 872 -11.69 -24.66 -24.08
CA THR E 872 -12.00 -23.49 -24.93
C THR E 872 -10.98 -22.32 -24.86
N LEU E 873 -10.09 -22.35 -23.85
CA LEU E 873 -8.90 -21.52 -23.72
C LEU E 873 -7.82 -21.69 -24.80
N LEU E 874 -7.87 -22.80 -25.58
CA LEU E 874 -6.91 -23.01 -26.65
C LEU E 874 -6.99 -21.93 -27.69
N GLU E 875 -5.82 -21.53 -28.17
CA GLU E 875 -5.66 -20.50 -29.17
C GLU E 875 -6.26 -20.94 -30.52
N PRO E 876 -6.89 -20.02 -31.28
CA PRO E 876 -7.31 -20.32 -32.65
C PRO E 876 -6.34 -19.74 -33.67
N VAL E 877 -5.12 -20.29 -33.67
CA VAL E 877 -4.01 -19.98 -34.57
C VAL E 877 -4.27 -20.17 -36.07
N ALA E 886 -3.55 -15.93 -32.37
CA ALA E 886 -4.79 -15.43 -31.81
C ALA E 886 -4.68 -15.19 -30.33
N ARG E 887 -5.78 -14.68 -29.79
CA ARG E 887 -6.03 -14.69 -28.38
C ARG E 887 -6.76 -16.02 -28.02
N SER E 888 -7.92 -15.97 -27.39
CA SER E 888 -8.69 -17.17 -27.10
C SER E 888 -10.13 -16.79 -27.06
N ALA E 889 -11.00 -17.80 -27.02
CA ALA E 889 -12.45 -17.59 -26.91
C ALA E 889 -12.84 -16.83 -25.65
N ILE E 890 -12.20 -17.16 -24.53
CA ILE E 890 -12.40 -16.45 -23.29
C ILE E 890 -11.92 -15.01 -23.32
N GLU E 891 -10.77 -14.76 -23.95
CA GLU E 891 -10.31 -13.38 -24.10
C GLU E 891 -11.19 -12.54 -24.98
N ASP E 892 -11.69 -13.12 -26.07
CA ASP E 892 -12.59 -12.39 -26.93
C ASP E 892 -13.93 -12.09 -26.28
N LEU E 893 -14.44 -13.00 -25.45
CA LEU E 893 -15.60 -12.70 -24.63
C LEU E 893 -15.37 -11.59 -23.67
N LEU E 894 -14.22 -11.59 -22.99
CA LEU E 894 -13.93 -10.56 -22.02
C LEU E 894 -13.72 -9.18 -22.65
N PHE E 895 -12.99 -9.11 -23.75
CA PHE E 895 -12.80 -7.83 -24.43
C PHE E 895 -14.08 -7.28 -25.06
N ASP E 896 -14.96 -8.13 -25.60
CA ASP E 896 -16.22 -7.64 -26.15
C ASP E 896 -17.27 -7.27 -25.12
N LYS E 897 -17.38 -8.03 -24.03
CA LYS E 897 -18.40 -7.75 -23.02
C LYS E 897 -18.17 -6.47 -22.23
N VAL E 898 -16.91 -6.16 -21.91
CA VAL E 898 -16.61 -4.92 -21.21
C VAL E 898 -16.80 -3.74 -22.16
N THR E 899 -17.41 -2.66 -21.66
CA THR E 899 -17.66 -1.53 -22.56
C THR E 899 -16.43 -0.64 -22.72
N ILE E 900 -15.57 -1.04 -23.63
CA ILE E 900 -14.31 -0.38 -23.92
C ILE E 900 -14.46 0.67 -25.01
N ALA E 901 -14.10 1.90 -24.68
CA ALA E 901 -14.02 2.99 -25.65
C ALA E 901 -12.95 2.70 -26.69
N ASP E 902 -13.16 3.13 -27.93
CA ASP E 902 -12.27 2.77 -29.02
C ASP E 902 -10.83 3.27 -28.79
N PRO E 903 -9.82 2.39 -28.98
CA PRO E 903 -8.41 2.66 -28.82
C PRO E 903 -7.89 3.63 -29.86
N GLY E 904 -6.81 4.30 -29.50
CA GLY E 904 -6.04 5.11 -30.42
C GLY E 904 -5.00 4.22 -31.09
N TYR E 905 -3.85 4.80 -31.51
CA TYR E 905 -2.62 4.13 -32.07
C TYR E 905 -2.79 3.64 -33.56
N MET E 906 -3.96 3.09 -33.87
CA MET E 906 -4.61 3.09 -35.17
C MET E 906 -4.94 4.54 -35.49
N GLN E 907 -5.31 4.85 -36.73
CA GLN E 907 -5.37 6.22 -37.29
C GLN E 907 -6.09 7.37 -36.49
N GLY E 908 -6.86 7.08 -35.43
CA GLY E 908 -7.01 8.01 -34.31
C GLY E 908 -7.64 9.31 -34.70
N TYR E 909 -6.81 10.36 -34.76
CA TYR E 909 -7.23 11.71 -35.16
C TYR E 909 -7.86 11.79 -36.55
N ASP E 910 -7.51 10.87 -37.47
CA ASP E 910 -8.18 10.76 -38.75
C ASP E 910 -9.63 10.27 -38.68
N ASP E 911 -10.06 9.66 -37.56
CA ASP E 911 -11.47 9.34 -37.33
C ASP E 911 -12.21 10.43 -36.54
N CYS E 912 -11.51 11.52 -36.20
CA CYS E 912 -12.06 12.69 -35.55
C CYS E 912 -12.11 13.86 -36.52
N MET E 913 -11.30 13.74 -37.59
CA MET E 913 -11.37 14.52 -38.80
C MET E 913 -12.65 14.37 -39.52
N GLN E 914 -12.87 15.28 -40.45
CA GLN E 914 -13.96 15.19 -41.40
C GLN E 914 -13.98 13.87 -42.25
N GLN E 915 -12.87 13.16 -42.43
CA GLN E 915 -12.91 11.86 -43.12
C GLN E 915 -13.29 10.68 -42.18
N GLY E 916 -14.50 10.71 -41.63
CA GLY E 916 -15.01 9.73 -40.69
C GLY E 916 -16.45 10.06 -40.31
N PRO E 917 -17.09 9.25 -39.47
CA PRO E 917 -18.48 9.38 -39.06
C PRO E 917 -18.77 10.63 -38.25
N ALA E 918 -19.98 11.15 -38.42
CA ALA E 918 -20.49 12.29 -37.63
C ALA E 918 -20.85 11.91 -36.18
N SER E 919 -21.02 10.61 -35.92
CA SER E 919 -21.33 10.08 -34.60
C SER E 919 -20.12 9.76 -33.70
N ALA E 920 -18.87 10.06 -34.12
CA ALA E 920 -17.75 9.84 -33.22
C ALA E 920 -17.86 10.74 -31.97
N ARG E 921 -17.70 10.13 -30.79
CA ARG E 921 -17.74 10.86 -29.52
C ARG E 921 -16.56 10.48 -28.62
N ASP E 922 -15.47 10.04 -29.25
CA ASP E 922 -14.32 9.49 -28.55
C ASP E 922 -13.51 10.48 -27.75
N LEU E 923 -12.95 10.00 -26.64
CA LEU E 923 -11.90 10.70 -25.86
C LEU E 923 -10.60 10.90 -26.65
N ILE E 924 -10.37 10.09 -27.71
CA ILE E 924 -9.35 10.30 -28.73
C ILE E 924 -9.45 11.67 -29.39
N CYS E 925 -10.67 12.15 -29.62
CA CYS E 925 -10.87 13.41 -30.26
C CYS E 925 -10.79 14.55 -29.25
N ALA E 926 -11.08 14.25 -27.98
CA ALA E 926 -10.83 15.19 -26.89
C ALA E 926 -9.33 15.38 -26.57
N GLN E 927 -8.46 14.42 -26.97
CA GLN E 927 -7.01 14.55 -26.79
C GLN E 927 -6.42 15.78 -27.42
N TYR E 928 -6.76 16.08 -28.67
CA TYR E 928 -6.19 17.26 -29.30
C TYR E 928 -6.81 18.58 -28.85
N VAL E 929 -7.99 18.53 -28.23
CA VAL E 929 -8.59 19.71 -27.66
C VAL E 929 -7.87 20.09 -26.40
N ALA E 930 -7.64 19.10 -25.54
CA ALA E 930 -7.01 19.31 -24.26
C ALA E 930 -5.49 19.16 -24.24
N GLY E 931 -4.86 18.71 -25.31
CA GLY E 931 -3.41 18.49 -25.24
C GLY E 931 -3.00 17.15 -24.61
N TYR E 932 -3.94 16.20 -24.44
CA TYR E 932 -3.57 14.90 -23.92
C TYR E 932 -2.83 14.14 -24.96
N LYS E 933 -2.00 13.24 -24.51
CA LYS E 933 -1.64 12.18 -25.40
C LYS E 933 -1.68 10.89 -24.65
N VAL E 934 -2.52 9.97 -25.10
CA VAL E 934 -2.49 8.65 -24.52
C VAL E 934 -1.37 7.89 -25.17
N LEU E 935 -0.50 7.32 -24.37
CA LEU E 935 0.61 6.58 -24.90
C LEU E 935 0.21 5.14 -25.21
N PRO E 936 0.89 4.46 -26.13
CA PRO E 936 0.73 3.05 -26.42
C PRO E 936 1.20 2.20 -25.24
N PRO E 937 0.62 1.01 -25.04
CA PRO E 937 1.11 -0.07 -24.23
C PRO E 937 2.42 -0.54 -24.76
N LEU E 938 3.25 -1.02 -23.85
CA LEU E 938 4.60 -1.46 -24.17
C LEU E 938 4.78 -2.88 -24.68
N MET E 939 3.71 -3.66 -24.80
CA MET E 939 3.86 -5.04 -25.18
C MET E 939 3.49 -5.44 -26.58
N ASP E 940 2.29 -5.02 -27.01
CA ASP E 940 1.58 -5.53 -28.21
C ASP E 940 0.81 -6.78 -27.83
N VAL E 941 -0.48 -6.80 -28.16
CA VAL E 941 -1.35 -7.92 -27.83
C VAL E 941 -0.93 -9.30 -28.42
N ASN E 942 -0.18 -9.31 -29.53
CA ASN E 942 0.31 -10.55 -30.07
C ASN E 942 1.43 -11.12 -29.23
N MET E 943 2.31 -10.25 -28.72
CA MET E 943 3.35 -10.69 -27.81
C MET E 943 2.79 -11.11 -26.47
N GLU E 944 1.73 -10.45 -25.99
CA GLU E 944 1.04 -10.87 -24.78
C GLU E 944 0.42 -12.25 -24.92
N ALA E 945 -0.17 -12.52 -26.10
CA ALA E 945 -0.69 -13.82 -26.41
C ALA E 945 0.39 -14.88 -26.49
N ALA E 946 1.58 -14.54 -27.02
CA ALA E 946 2.70 -15.48 -27.04
C ALA E 946 3.17 -15.86 -25.64
N TYR E 947 3.21 -14.90 -24.71
CA TYR E 947 3.50 -15.22 -23.32
C TYR E 947 2.44 -16.06 -22.65
N THR E 948 1.18 -15.78 -22.95
CA THR E 948 0.06 -16.49 -22.38
C THR E 948 -0.04 -17.93 -22.84
N SER E 949 0.18 -18.16 -24.14
CA SER E 949 0.22 -19.51 -24.66
C SER E 949 1.45 -20.27 -24.17
N SER E 950 2.57 -19.57 -23.95
CA SER E 950 3.72 -20.20 -23.33
C SER E 950 3.46 -20.66 -21.90
N LEU E 951 2.66 -19.92 -21.12
CA LEU E 951 2.22 -20.43 -19.82
C LEU E 951 1.34 -21.66 -19.92
N LEU E 952 0.38 -21.66 -20.85
CA LEU E 952 -0.48 -22.81 -21.07
C LEU E 952 0.28 -24.06 -21.48
N GLY E 953 1.28 -23.89 -22.34
CA GLY E 953 2.16 -24.98 -22.75
C GLY E 953 3.10 -25.52 -21.67
N SER E 954 3.28 -24.80 -20.55
CA SER E 954 4.11 -25.29 -19.48
C SER E 954 3.33 -26.14 -18.46
N ILE E 955 2.00 -26.09 -18.54
CA ILE E 955 1.20 -26.85 -17.61
C ILE E 955 1.31 -28.32 -17.93
N ALA E 956 1.49 -29.11 -16.87
CA ALA E 956 1.75 -30.57 -16.84
C ALA E 956 3.18 -30.97 -17.21
N GLY E 957 4.12 -30.01 -17.23
CA GLY E 957 5.53 -30.35 -17.23
C GLY E 957 6.21 -29.98 -15.91
N VAL E 958 5.43 -29.52 -14.94
CA VAL E 958 5.94 -29.00 -13.69
C VAL E 958 5.75 -29.93 -12.50
N GLY E 959 5.25 -31.13 -12.73
CA GLY E 959 5.11 -32.12 -11.68
C GLY E 959 6.39 -32.90 -11.51
N TRP E 960 6.36 -33.88 -10.59
CA TRP E 960 7.44 -34.85 -10.35
C TRP E 960 8.73 -34.19 -9.86
N THR E 961 8.60 -33.28 -8.89
CA THR E 961 9.68 -32.48 -8.25
C THR E 961 10.27 -31.39 -9.15
N ALA E 962 11.01 -30.48 -8.50
CA ALA E 962 11.64 -29.34 -9.17
C ALA E 962 10.60 -28.58 -10.01
N GLY E 963 10.74 -28.61 -11.35
CA GLY E 963 9.90 -27.81 -12.24
C GLY E 963 10.55 -26.47 -12.60
N LEU E 964 11.72 -26.19 -12.01
CA LEU E 964 12.52 -25.02 -12.26
C LEU E 964 13.81 -25.38 -13.01
N SER E 965 13.83 -26.56 -13.61
CA SER E 965 14.99 -27.14 -14.24
C SER E 965 14.44 -28.09 -15.30
N SER E 966 14.26 -29.36 -14.93
CA SER E 966 13.69 -30.32 -15.85
C SER E 966 12.24 -30.04 -16.21
N PHE E 967 11.88 -30.43 -17.43
CA PHE E 967 10.52 -30.26 -17.93
C PHE E 967 9.93 -31.55 -18.39
N ALA E 968 8.94 -32.00 -17.63
CA ALA E 968 8.46 -33.37 -17.76
C ALA E 968 7.63 -33.67 -19.00
N ALA E 969 6.87 -32.72 -19.54
CA ALA E 969 6.06 -32.92 -20.76
C ALA E 969 5.16 -34.17 -20.77
N ILE E 970 4.41 -34.44 -19.68
CA ILE E 970 3.67 -35.71 -19.64
C ILE E 970 2.24 -35.42 -19.94
N PRO E 971 1.42 -36.43 -20.31
CA PRO E 971 -0.01 -36.29 -20.60
C PRO E 971 -0.81 -35.56 -19.57
N PHE E 972 -1.62 -34.62 -20.08
CA PHE E 972 -2.37 -33.68 -19.26
C PHE E 972 -3.34 -34.33 -18.31
N ALA E 973 -4.06 -35.34 -18.79
CA ALA E 973 -4.97 -36.12 -17.98
C ALA E 973 -4.24 -36.84 -16.87
N GLN E 974 -3.08 -37.40 -17.18
CA GLN E 974 -2.26 -38.07 -16.19
C GLN E 974 -1.73 -37.11 -15.14
N SER E 975 -1.39 -35.86 -15.54
CA SER E 975 -0.96 -34.87 -14.57
C SER E 975 -2.08 -34.43 -13.64
N ILE E 976 -3.33 -34.41 -14.12
CA ILE E 976 -4.45 -34.16 -13.25
C ILE E 976 -4.65 -35.26 -12.24
N PHE E 977 -4.51 -36.52 -12.65
CA PHE E 977 -4.63 -37.64 -11.72
C PHE E 977 -3.54 -37.62 -10.66
N TYR E 978 -2.33 -37.26 -11.06
CA TYR E 978 -1.24 -37.04 -10.15
C TYR E 978 -1.48 -35.90 -9.15
N ARG E 979 -2.09 -34.79 -9.59
CA ARG E 979 -2.52 -33.74 -8.65
C ARG E 979 -3.63 -34.17 -7.70
N LEU E 980 -4.52 -35.04 -8.14
CA LEU E 980 -5.55 -35.58 -7.27
C LEU E 980 -5.02 -36.60 -6.24
N ASN E 981 -3.93 -37.32 -6.57
CA ASN E 981 -3.21 -38.08 -5.54
C ASN E 981 -2.59 -37.18 -4.50
N GLY E 982 -2.10 -36.01 -4.94
CA GLY E 982 -1.58 -34.97 -4.07
C GLY E 982 -2.56 -34.34 -3.06
N VAL E 983 -3.88 -34.51 -3.23
CA VAL E 983 -4.81 -34.03 -2.21
C VAL E 983 -5.47 -35.17 -1.47
N GLY E 984 -4.84 -36.35 -1.43
CA GLY E 984 -5.37 -37.43 -0.60
C GLY E 984 -6.48 -38.29 -1.20
N ILE E 985 -6.71 -38.23 -2.52
CA ILE E 985 -7.61 -39.19 -3.14
C ILE E 985 -6.81 -40.40 -3.56
N THR E 986 -7.25 -41.59 -3.17
CA THR E 986 -6.54 -42.79 -3.58
C THR E 986 -6.63 -43.05 -5.06
N GLN E 987 -5.56 -43.64 -5.57
CA GLN E 987 -5.44 -44.00 -6.97
C GLN E 987 -6.39 -45.05 -7.48
N GLN E 988 -6.95 -45.89 -6.60
CA GLN E 988 -7.94 -46.87 -7.03
C GLN E 988 -9.21 -46.21 -7.53
N VAL E 989 -9.66 -45.19 -6.81
CA VAL E 989 -10.81 -44.38 -7.20
C VAL E 989 -10.57 -43.61 -8.45
N LEU E 990 -9.38 -43.03 -8.56
CA LEU E 990 -9.00 -42.30 -9.74
C LEU E 990 -8.93 -43.16 -10.99
N SER E 991 -8.45 -44.41 -10.85
CA SER E 991 -8.40 -45.35 -11.95
C SER E 991 -9.78 -45.75 -12.47
N GLU E 992 -10.74 -45.97 -11.55
CA GLU E 992 -12.08 -46.35 -11.95
C GLU E 992 -12.93 -45.24 -12.54
N ASN E 993 -12.79 -44.03 -12.00
CA ASN E 993 -13.71 -42.95 -12.33
C ASN E 993 -13.21 -41.89 -13.30
N GLN E 994 -12.27 -42.23 -14.17
CA GLN E 994 -11.63 -41.29 -15.10
C GLN E 994 -12.61 -40.53 -15.99
N LYS E 995 -13.61 -41.23 -16.51
CA LYS E 995 -14.63 -40.63 -17.33
C LYS E 995 -15.50 -39.64 -16.58
N LEU E 996 -15.83 -39.98 -15.33
CA LEU E 996 -16.63 -39.11 -14.49
C LEU E 996 -15.92 -37.84 -14.11
N ILE E 997 -14.61 -37.94 -13.86
CA ILE E 997 -13.76 -36.78 -13.61
C ILE E 997 -13.71 -35.83 -14.77
N ALA E 998 -13.58 -36.37 -15.99
CA ALA E 998 -13.60 -35.56 -17.19
C ALA E 998 -14.94 -34.87 -17.40
N ASN E 999 -16.05 -35.55 -17.12
CA ASN E 999 -17.37 -34.96 -17.27
C ASN E 999 -17.63 -33.83 -16.30
N LYS E 1000 -17.27 -34.02 -15.03
CA LYS E 1000 -17.45 -32.97 -14.03
C LYS E 1000 -16.60 -31.74 -14.30
N PHE E 1001 -15.37 -31.97 -14.74
CA PHE E 1001 -14.47 -30.89 -15.07
C PHE E 1001 -14.93 -30.08 -16.27
N ASN E 1002 -15.48 -30.75 -17.28
CA ASN E 1002 -16.00 -30.07 -18.44
C ASN E 1002 -17.29 -29.29 -18.14
N GLN E 1003 -18.12 -29.78 -17.21
CA GLN E 1003 -19.26 -28.99 -16.71
C GLN E 1003 -18.81 -27.71 -16.02
N ALA E 1004 -17.76 -27.80 -15.20
CA ALA E 1004 -17.19 -26.63 -14.54
C ALA E 1004 -16.62 -25.62 -15.54
N LEU E 1005 -15.99 -26.09 -16.63
CA LEU E 1005 -15.58 -25.21 -17.70
C LEU E 1005 -16.74 -24.58 -18.45
N GLY E 1006 -17.82 -25.34 -18.68
CA GLY E 1006 -19.02 -24.85 -19.38
C GLY E 1006 -19.70 -23.67 -18.68
N ALA E 1007 -19.65 -23.64 -17.33
CA ALA E 1007 -20.18 -22.53 -16.53
C ALA E 1007 -19.53 -21.16 -16.79
N MET E 1008 -18.31 -21.10 -17.37
CA MET E 1008 -17.64 -19.85 -17.72
C MET E 1008 -18.37 -19.00 -18.75
N GLN E 1009 -19.22 -19.60 -19.59
CA GLN E 1009 -19.98 -18.87 -20.59
C GLN E 1009 -21.08 -17.95 -20.02
N THR E 1010 -21.47 -18.15 -18.76
CA THR E 1010 -22.41 -17.29 -18.07
C THR E 1010 -21.73 -16.33 -17.08
N GLY E 1011 -20.40 -16.32 -17.05
CA GLY E 1011 -19.64 -15.55 -16.06
C GLY E 1011 -19.23 -14.14 -16.48
N PHE E 1012 -19.77 -13.62 -17.57
CA PHE E 1012 -19.42 -12.29 -18.05
C PHE E 1012 -20.57 -11.31 -17.93
N THR E 1013 -21.11 -11.22 -16.72
CA THR E 1013 -22.15 -10.30 -16.33
C THR E 1013 -21.66 -9.61 -15.10
N THR E 1014 -22.27 -8.47 -14.72
CA THR E 1014 -21.83 -7.71 -13.54
C THR E 1014 -22.21 -8.34 -12.18
N THR E 1015 -23.03 -9.42 -12.19
CA THR E 1015 -23.22 -10.27 -11.02
C THR E 1015 -21.96 -11.08 -10.66
N ASN E 1016 -21.08 -11.31 -11.64
CA ASN E 1016 -19.78 -11.87 -11.38
C ASN E 1016 -18.87 -10.77 -10.92
N GLU E 1017 -18.37 -10.90 -9.69
CA GLU E 1017 -17.57 -9.85 -9.08
C GLU E 1017 -16.26 -9.55 -9.78
N ALA E 1018 -15.57 -10.59 -10.25
CA ALA E 1018 -14.31 -10.39 -10.98
C ALA E 1018 -14.53 -9.65 -12.28
N PHE E 1019 -15.60 -9.97 -12.99
CA PHE E 1019 -15.98 -9.24 -14.19
C PHE E 1019 -16.32 -7.79 -13.92
N HIS E 1020 -17.01 -7.53 -12.81
CA HIS E 1020 -17.33 -6.18 -12.40
C HIS E 1020 -16.10 -5.34 -12.08
N LYS E 1021 -15.07 -5.95 -11.47
CA LYS E 1021 -13.81 -5.26 -11.25
C LYS E 1021 -13.11 -4.85 -12.54
N VAL E 1022 -13.16 -5.70 -13.59
CA VAL E 1022 -12.57 -5.34 -14.88
C VAL E 1022 -13.24 -4.14 -15.50
N GLN E 1023 -14.57 -4.10 -15.44
CA GLN E 1023 -15.33 -2.98 -15.94
C GLN E 1023 -15.02 -1.69 -15.22
N ASP E 1024 -14.87 -1.74 -13.90
CA ASP E 1024 -14.52 -0.54 -13.14
C ASP E 1024 -13.10 -0.04 -13.37
N ALA E 1025 -12.14 -0.92 -13.68
CA ALA E 1025 -10.80 -0.48 -14.06
C ALA E 1025 -10.82 0.36 -15.34
N VAL E 1026 -11.61 -0.08 -16.33
CA VAL E 1026 -11.81 0.69 -17.56
C VAL E 1026 -12.52 2.01 -17.32
N ASN E 1027 -13.52 2.01 -16.43
CA ASN E 1027 -14.25 3.22 -16.09
C ASN E 1027 -13.38 4.26 -15.43
N ASN E 1028 -12.48 3.84 -14.55
CA ASN E 1028 -11.57 4.74 -13.86
C ASN E 1028 -10.60 5.46 -14.77
N ASN E 1029 -10.08 4.77 -15.78
CA ASN E 1029 -9.22 5.40 -16.77
C ASN E 1029 -9.94 6.48 -17.57
N ALA E 1030 -11.17 6.17 -18.00
CA ALA E 1030 -12.01 7.13 -18.69
C ALA E 1030 -12.40 8.31 -17.82
N GLN E 1031 -12.67 8.06 -16.53
CA GLN E 1031 -13.07 9.07 -15.57
C GLN E 1031 -12.03 10.14 -15.36
N ALA E 1032 -10.76 9.74 -15.25
CA ALA E 1032 -9.66 10.68 -15.09
C ALA E 1032 -9.50 11.62 -16.29
N LEU E 1033 -9.61 11.07 -17.50
CA LEU E 1033 -9.55 11.90 -18.70
C LEU E 1033 -10.72 12.85 -18.84
N SER E 1034 -11.92 12.38 -18.48
CA SER E 1034 -13.10 13.23 -18.56
C SER E 1034 -13.08 14.37 -17.56
N LYS E 1035 -12.44 14.19 -16.40
CA LYS E 1035 -12.29 15.26 -15.42
C LYS E 1035 -11.49 16.44 -15.93
N LEU E 1036 -10.34 16.16 -16.57
CA LEU E 1036 -9.57 17.22 -17.18
C LEU E 1036 -10.27 17.91 -18.34
N ALA E 1037 -11.02 17.15 -19.15
CA ALA E 1037 -11.78 17.71 -20.25
C ALA E 1037 -12.88 18.64 -19.78
N SER E 1038 -13.63 18.24 -18.73
CA SER E 1038 -14.72 19.05 -18.22
C SER E 1038 -14.29 20.37 -17.65
N GLU E 1039 -13.10 20.39 -17.03
CA GLU E 1039 -12.55 21.60 -16.46
C GLU E 1039 -12.15 22.68 -17.46
N LEU E 1040 -12.02 22.36 -18.76
CA LEU E 1040 -11.77 23.38 -19.78
C LEU E 1040 -12.91 24.41 -19.91
N SER E 1041 -14.15 24.01 -19.58
CA SER E 1041 -15.28 24.90 -19.60
C SER E 1041 -15.53 25.68 -18.31
N ASN E 1042 -14.69 25.52 -17.28
CA ASN E 1042 -14.96 26.17 -16.01
C ASN E 1042 -14.23 27.49 -15.86
N THR E 1043 -14.98 28.56 -15.60
CA THR E 1043 -14.39 29.85 -15.32
C THR E 1043 -13.95 29.90 -13.87
N PHE E 1044 -12.97 30.76 -13.59
CA PHE E 1044 -12.50 30.96 -12.23
C PHE E 1044 -12.60 32.44 -11.88
N GLY E 1045 -13.79 33.01 -12.12
CA GLY E 1045 -14.02 34.46 -12.04
C GLY E 1045 -13.87 35.17 -13.40
N ALA E 1046 -13.47 34.42 -14.44
CA ALA E 1046 -13.39 34.88 -15.81
C ALA E 1046 -14.76 35.14 -16.40
N ILE E 1047 -14.82 36.07 -17.35
CA ILE E 1047 -16.02 36.29 -18.15
C ILE E 1047 -16.39 35.09 -19.03
N SER E 1048 -15.37 34.47 -19.62
CA SER E 1048 -15.53 33.26 -20.40
C SER E 1048 -14.35 32.37 -20.18
N ALA E 1049 -14.55 31.08 -20.41
CA ALA E 1049 -13.48 30.10 -20.29
C ALA E 1049 -12.54 30.12 -21.50
N SER E 1050 -12.96 30.74 -22.60
CA SER E 1050 -12.07 30.96 -23.72
C SER E 1050 -11.23 32.18 -23.50
N ILE E 1051 -9.94 32.00 -23.71
CA ILE E 1051 -9.01 33.11 -23.64
C ILE E 1051 -9.20 34.08 -24.78
N GLY E 1052 -9.54 33.58 -25.97
CA GLY E 1052 -9.85 34.43 -27.10
C GLY E 1052 -11.05 35.34 -26.89
N ASP E 1053 -12.10 34.84 -26.19
CA ASP E 1053 -13.24 35.68 -25.84
C ASP E 1053 -12.90 36.85 -24.96
N ILE E 1054 -12.13 36.60 -23.89
CA ILE E 1054 -11.76 37.69 -23.01
C ILE E 1054 -10.70 38.63 -23.62
N ILE E 1055 -9.91 38.13 -24.59
CA ILE E 1055 -9.10 39.03 -25.40
C ILE E 1055 -9.93 39.96 -26.29
N GLN E 1056 -10.98 39.45 -26.89
CA GLN E 1056 -11.86 40.28 -27.71
C GLN E 1056 -12.69 41.28 -26.90
N ARG E 1057 -13.17 40.87 -25.73
CA ARG E 1057 -14.07 41.71 -24.97
C ARG E 1057 -13.43 42.68 -23.97
N LEU E 1058 -12.13 42.57 -23.72
CA LEU E 1058 -11.50 43.46 -22.72
C LEU E 1058 -10.30 44.22 -23.20
N ASP E 1059 -10.22 45.46 -22.71
CA ASP E 1059 -9.04 46.30 -22.84
C ASP E 1059 -7.89 45.69 -22.02
N PRO E 1060 -6.62 45.83 -22.44
CA PRO E 1060 -5.49 45.05 -21.92
C PRO E 1060 -5.16 45.12 -20.39
N PRO E 1061 -5.36 46.23 -19.63
CA PRO E 1061 -5.28 46.28 -18.18
C PRO E 1061 -6.28 45.38 -17.45
N GLU E 1062 -7.47 45.21 -18.03
CA GLU E 1062 -8.50 44.36 -17.45
C GLU E 1062 -8.37 42.93 -17.92
N GLN E 1063 -7.97 42.81 -19.18
CA GLN E 1063 -7.79 41.55 -19.87
C GLN E 1063 -6.79 40.65 -19.22
N ASP E 1064 -5.64 41.19 -18.85
CA ASP E 1064 -4.59 40.38 -18.28
C ASP E 1064 -4.89 39.87 -16.87
N ALA E 1065 -5.67 40.63 -16.08
CA ALA E 1065 -6.12 40.16 -14.78
C ALA E 1065 -7.07 38.97 -14.89
N GLN E 1066 -7.99 39.04 -15.86
CA GLN E 1066 -8.89 37.93 -16.13
C GLN E 1066 -8.18 36.70 -16.67
N ILE E 1067 -7.19 36.89 -17.55
CA ILE E 1067 -6.41 35.78 -18.06
C ILE E 1067 -5.61 35.10 -16.97
N ASP E 1068 -5.02 35.89 -16.05
CA ASP E 1068 -4.24 35.31 -14.96
C ASP E 1068 -5.07 34.46 -14.02
N ARG E 1069 -6.29 34.92 -13.67
CA ARG E 1069 -7.20 34.13 -12.85
C ARG E 1069 -7.58 32.80 -13.48
N LEU E 1070 -7.83 32.85 -14.80
CA LEU E 1070 -8.15 31.68 -15.57
C LEU E 1070 -6.98 30.69 -15.62
N ILE E 1071 -5.75 31.21 -15.78
CA ILE E 1071 -4.54 30.38 -15.71
C ILE E 1071 -4.30 29.72 -14.37
N ASN E 1072 -4.56 30.43 -13.26
CA ASN E 1072 -4.30 29.92 -11.94
C ASN E 1072 -5.15 28.72 -11.58
N GLY E 1073 -6.44 28.78 -11.92
CA GLY E 1073 -7.30 27.62 -11.69
C GLY E 1073 -6.95 26.44 -12.60
N ARG E 1074 -6.55 26.70 -13.86
CA ARG E 1074 -6.14 25.63 -14.77
C ARG E 1074 -4.87 24.91 -14.32
N LEU E 1075 -3.89 25.66 -13.81
CA LEU E 1075 -2.70 25.06 -13.24
C LEU E 1075 -2.98 24.26 -11.99
N THR E 1076 -3.88 24.76 -11.14
CA THR E 1076 -4.26 24.06 -9.92
C THR E 1076 -4.94 22.73 -10.20
N THR E 1077 -5.78 22.67 -11.23
CA THR E 1077 -6.39 21.43 -11.65
C THR E 1077 -5.40 20.41 -12.15
N LEU E 1078 -4.41 20.84 -12.92
CA LEU E 1078 -3.37 19.93 -13.36
C LEU E 1078 -2.51 19.39 -12.24
N ASN E 1079 -2.24 20.19 -11.21
CA ASN E 1079 -1.50 19.72 -10.06
C ASN E 1079 -2.24 18.65 -9.28
N ALA E 1080 -3.55 18.84 -9.10
CA ALA E 1080 -4.40 17.84 -8.47
C ALA E 1080 -4.46 16.55 -9.27
N PHE E 1081 -4.56 16.67 -10.60
CA PHE E 1081 -4.56 15.52 -11.49
C PHE E 1081 -3.30 14.70 -11.43
N VAL E 1082 -2.14 15.36 -11.38
CA VAL E 1082 -0.88 14.65 -11.27
C VAL E 1082 -0.74 13.90 -9.97
N ALA E 1083 -1.20 14.50 -8.86
CA ALA E 1083 -1.19 13.83 -7.58
C ALA E 1083 -2.06 12.57 -7.59
N GLN E 1084 -3.23 12.63 -8.24
CA GLN E 1084 -4.08 11.47 -8.41
C GLN E 1084 -3.43 10.35 -9.20
N GLN E 1085 -2.77 10.71 -10.29
CA GLN E 1085 -2.09 9.72 -11.11
C GLN E 1085 -0.92 9.05 -10.46
N LEU E 1086 -0.15 9.78 -9.65
CA LEU E 1086 0.94 9.18 -8.90
C LEU E 1086 0.49 8.14 -7.90
N VAL E 1087 -0.62 8.41 -7.21
CA VAL E 1087 -1.21 7.44 -6.30
C VAL E 1087 -1.71 6.19 -7.00
N ARG E 1088 -2.40 6.37 -8.13
CA ARG E 1088 -2.89 5.24 -8.88
C ARG E 1088 -1.79 4.39 -9.47
N SER E 1089 -0.73 5.03 -9.96
CA SER E 1089 0.43 4.32 -10.49
C SER E 1089 1.14 3.47 -9.47
N GLU E 1090 1.28 3.98 -8.25
CA GLU E 1090 1.90 3.20 -7.21
C GLU E 1090 1.08 2.02 -6.77
N SER E 1091 -0.25 2.19 -6.67
CA SER E 1091 -1.10 1.07 -6.30
C SER E 1091 -1.11 -0.03 -7.36
N ALA E 1092 -1.02 0.35 -8.65
CA ALA E 1092 -0.90 -0.61 -9.72
C ALA E 1092 0.38 -1.41 -9.67
N ALA E 1093 1.50 -0.77 -9.31
CA ALA E 1093 2.77 -1.48 -9.16
C ALA E 1093 2.74 -2.53 -8.06
N LEU E 1094 2.11 -2.19 -6.92
CA LEU E 1094 1.94 -3.13 -5.83
C LEU E 1094 1.02 -4.29 -6.19
N SER E 1095 -0.06 -4.00 -6.92
CA SER E 1095 -0.95 -5.01 -7.44
C SER E 1095 -0.27 -5.93 -8.47
N ALA E 1096 0.61 -5.38 -9.30
CA ALA E 1096 1.39 -6.18 -10.24
C ALA E 1096 2.35 -7.14 -9.55
N GLN E 1097 2.91 -6.74 -8.40
CA GLN E 1097 3.71 -7.65 -7.60
C GLN E 1097 2.93 -8.84 -7.06
N LEU E 1098 1.67 -8.62 -6.64
CA LEU E 1098 0.79 -9.72 -6.29
C LEU E 1098 0.51 -10.68 -7.44
N ALA E 1099 0.29 -10.15 -8.65
CA ALA E 1099 0.08 -10.98 -9.83
C ALA E 1099 1.26 -11.87 -10.13
N LYS E 1100 2.49 -11.35 -10.00
CA LYS E 1100 3.70 -12.12 -10.18
C LYS E 1100 3.82 -13.28 -9.22
N ASP E 1101 3.45 -13.06 -7.96
CA ASP E 1101 3.46 -14.13 -6.99
C ASP E 1101 2.43 -15.21 -7.26
N LYS E 1102 1.23 -14.83 -7.72
CA LYS E 1102 0.24 -15.85 -8.06
C LYS E 1102 0.60 -16.69 -9.27
N VAL E 1103 1.24 -16.09 -10.27
CA VAL E 1103 1.74 -16.88 -11.39
C VAL E 1103 2.81 -17.89 -11.00
N ASN E 1104 3.66 -17.54 -10.04
CA ASN E 1104 4.65 -18.50 -9.60
C ASN E 1104 4.21 -19.46 -8.49
N GLU E 1105 2.94 -19.42 -8.06
CA GLU E 1105 2.48 -20.36 -7.04
C GLU E 1105 1.20 -21.07 -7.35
N CYS E 1106 0.38 -20.51 -8.22
CA CYS E 1106 -0.89 -21.11 -8.57
C CYS E 1106 -0.94 -21.52 -10.03
N VAL E 1107 -0.24 -20.82 -10.89
CA VAL E 1107 -0.24 -21.22 -12.29
C VAL E 1107 0.80 -22.26 -12.61
N LYS E 1108 2.02 -22.03 -12.18
CA LYS E 1108 3.13 -22.95 -12.44
C LYS E 1108 3.27 -24.11 -11.46
N ALA E 1109 2.46 -24.19 -10.41
CA ALA E 1109 2.58 -25.28 -9.45
C ALA E 1109 1.26 -25.53 -8.77
N GLN E 1110 1.12 -26.67 -8.12
CA GLN E 1110 -0.04 -26.88 -7.29
C GLN E 1110 0.18 -26.20 -5.96
N SER E 1111 -0.83 -25.47 -5.46
CA SER E 1111 -0.67 -24.82 -4.17
C SER E 1111 -1.21 -25.68 -3.07
N LYS E 1112 -0.48 -25.71 -1.97
CA LYS E 1112 -0.90 -26.42 -0.78
C LYS E 1112 -1.30 -25.48 0.34
N ARG E 1113 -1.34 -24.17 0.06
CA ARG E 1113 -1.49 -23.20 1.12
C ARG E 1113 -2.91 -22.89 1.56
N SER E 1114 -3.90 -23.16 0.67
CA SER E 1114 -5.25 -22.61 0.75
C SER E 1114 -5.19 -21.09 0.66
N GLY E 1115 -6.22 -20.38 1.12
CA GLY E 1115 -6.19 -18.90 1.14
C GLY E 1115 -6.39 -18.28 -0.25
N PHE E 1116 -5.32 -18.33 -1.05
CA PHE E 1116 -5.34 -18.06 -2.46
C PHE E 1116 -6.26 -19.04 -3.12
N CYS E 1117 -6.94 -18.56 -4.17
CA CYS E 1117 -7.78 -19.37 -5.06
C CYS E 1117 -9.13 -19.67 -4.44
N GLY E 1118 -9.96 -20.40 -5.18
CA GLY E 1118 -11.22 -20.86 -4.64
C GLY E 1118 -10.95 -21.88 -3.57
N GLN E 1119 -11.81 -21.94 -2.58
CA GLN E 1119 -11.52 -22.76 -1.42
C GLN E 1119 -11.95 -24.20 -1.59
N GLY E 1120 -11.07 -24.98 -2.19
CA GLY E 1120 -11.34 -26.39 -2.44
C GLY E 1120 -10.03 -27.06 -2.69
N THR E 1121 -9.12 -26.86 -1.75
CA THR E 1121 -7.69 -27.07 -1.95
C THR E 1121 -7.33 -26.31 -3.23
N HIS E 1122 -6.56 -26.94 -4.10
CA HIS E 1122 -6.24 -26.33 -5.38
C HIS E 1122 -5.76 -27.37 -6.37
N ILE E 1123 -6.23 -27.28 -7.61
CA ILE E 1123 -5.64 -28.00 -8.72
C ILE E 1123 -5.40 -26.94 -9.79
N VAL E 1124 -5.10 -27.31 -11.02
CA VAL E 1124 -4.62 -26.38 -12.05
C VAL E 1124 -5.40 -25.07 -12.23
N SER E 1125 -4.64 -23.98 -12.35
CA SER E 1125 -5.17 -22.65 -12.63
C SER E 1125 -4.66 -22.12 -13.95
N PHE E 1126 -5.39 -21.14 -14.52
CA PHE E 1126 -5.09 -20.59 -15.82
C PHE E 1126 -5.09 -19.08 -15.81
N VAL E 1127 -4.38 -18.48 -16.77
CA VAL E 1127 -4.32 -17.03 -16.93
C VAL E 1127 -4.64 -16.58 -18.31
N VAL E 1128 -5.47 -15.54 -18.41
CA VAL E 1128 -5.71 -14.88 -19.67
C VAL E 1128 -5.53 -13.37 -19.52
N ASN E 1129 -5.34 -12.68 -20.64
CA ASN E 1129 -5.16 -11.24 -20.59
C ASN E 1129 -6.47 -10.53 -20.43
N ALA E 1130 -6.44 -9.43 -19.71
CA ALA E 1130 -7.62 -8.63 -19.45
C ALA E 1130 -7.32 -7.19 -19.74
N PRO E 1131 -8.33 -6.33 -19.72
CA PRO E 1131 -8.10 -4.92 -19.81
C PRO E 1131 -7.33 -4.51 -18.58
N ASN E 1132 -6.16 -3.93 -18.80
CA ASN E 1132 -5.26 -3.39 -17.80
C ASN E 1132 -4.68 -4.40 -16.78
N GLY E 1133 -4.65 -5.70 -17.11
CA GLY E 1133 -4.25 -6.65 -16.08
C GLY E 1133 -4.38 -8.10 -16.49
N LEU E 1134 -4.35 -9.00 -15.50
CA LEU E 1134 -4.49 -10.41 -15.74
C LEU E 1134 -5.73 -10.97 -15.09
N TYR E 1135 -6.35 -11.91 -15.75
CA TYR E 1135 -7.55 -12.53 -15.24
C TYR E 1135 -7.31 -14.01 -15.01
N PHE E 1136 -7.47 -14.40 -13.77
CA PHE E 1136 -7.16 -15.74 -13.34
C PHE E 1136 -8.38 -16.57 -13.24
N MET E 1137 -8.23 -17.86 -13.55
CA MET E 1137 -9.26 -18.84 -13.27
C MET E 1137 -8.67 -19.96 -12.46
N HIS E 1138 -9.32 -20.32 -11.37
CA HIS E 1138 -8.79 -21.35 -10.50
C HIS E 1138 -9.72 -22.50 -10.39
N VAL E 1139 -9.27 -23.69 -10.75
CA VAL E 1139 -10.13 -24.83 -10.57
C VAL E 1139 -9.94 -25.41 -9.18
N GLY E 1140 -11.04 -25.60 -8.46
CA GLY E 1140 -10.99 -26.14 -7.12
C GLY E 1140 -11.84 -27.38 -7.01
N TYR E 1141 -11.66 -28.12 -5.93
CA TYR E 1141 -12.36 -29.36 -5.66
C TYR E 1141 -13.28 -29.19 -4.46
N TYR E 1142 -14.58 -29.24 -4.69
CA TYR E 1142 -15.55 -28.94 -3.63
C TYR E 1142 -16.28 -30.19 -3.13
N PRO E 1143 -16.21 -30.48 -1.84
CA PRO E 1143 -16.88 -31.61 -1.21
C PRO E 1143 -18.39 -31.55 -1.16
N SER E 1144 -18.99 -32.73 -1.14
CA SER E 1144 -20.40 -32.88 -0.85
C SER E 1144 -20.72 -34.20 -0.16
N ASN E 1145 -21.93 -34.25 0.41
CA ASN E 1145 -22.50 -35.46 1.00
C ASN E 1145 -21.65 -36.12 2.09
N HIS E 1146 -21.26 -35.34 3.09
CA HIS E 1146 -20.39 -35.82 4.15
C HIS E 1146 -21.06 -36.84 5.05
N ILE E 1147 -20.29 -37.84 5.46
CA ILE E 1147 -20.79 -38.84 6.40
C ILE E 1147 -19.85 -38.95 7.58
N GLU E 1148 -20.38 -39.41 8.70
CA GLU E 1148 -19.56 -39.62 9.89
C GLU E 1148 -19.21 -41.08 10.06
N VAL E 1149 -17.93 -41.38 10.30
CA VAL E 1149 -17.51 -42.75 10.54
C VAL E 1149 -16.64 -42.91 11.77
N VAL E 1150 -16.57 -44.14 12.27
CA VAL E 1150 -15.65 -44.48 13.35
C VAL E 1150 -14.24 -44.66 12.86
N SER E 1151 -13.28 -44.04 13.55
CA SER E 1151 -11.89 -44.18 13.17
C SER E 1151 -10.95 -44.37 14.33
N ALA E 1152 -9.78 -44.94 14.06
CA ALA E 1152 -8.78 -45.19 15.08
C ALA E 1152 -7.50 -44.45 14.77
N TYR E 1153 -6.79 -44.06 15.83
CA TYR E 1153 -5.52 -43.34 15.71
C TYR E 1153 -4.41 -44.16 15.08
N GLY E 1154 -4.37 -45.44 15.38
CA GLY E 1154 -3.39 -46.34 14.80
C GLY E 1154 -3.65 -47.73 15.30
N LEU E 1155 -2.86 -48.68 14.80
CA LEU E 1155 -3.06 -50.09 15.10
C LEU E 1155 -1.76 -50.73 15.56
N CYS E 1156 -1.84 -51.68 16.47
CA CYS E 1156 -0.64 -52.43 16.84
C CYS E 1156 -0.89 -53.90 17.00
N ASP E 1157 0.19 -54.66 17.03
CA ASP E 1157 0.14 -56.06 17.35
C ASP E 1157 -0.07 -56.26 18.83
N ALA E 1158 -1.14 -56.94 19.23
CA ALA E 1158 -1.38 -57.23 20.65
C ALA E 1158 -0.30 -58.14 21.29
N ALA E 1159 0.33 -59.02 20.49
CA ALA E 1159 1.41 -59.88 20.96
C ALA E 1159 2.78 -59.21 21.01
N ASN E 1160 2.95 -58.04 20.40
CA ASN E 1160 4.26 -57.41 20.33
C ASN E 1160 4.16 -55.91 20.18
N PRO E 1161 4.27 -55.13 21.28
CA PRO E 1161 4.05 -53.68 21.38
C PRO E 1161 4.91 -52.78 20.49
N THR E 1162 6.03 -53.26 19.95
CA THR E 1162 6.83 -52.45 19.05
C THR E 1162 6.30 -52.46 17.61
N ASN E 1163 5.42 -53.40 17.28
CA ASN E 1163 4.84 -53.46 15.95
C ASN E 1163 3.63 -52.56 15.85
N CYS E 1164 3.86 -51.26 15.60
CA CYS E 1164 2.77 -50.30 15.49
C CYS E 1164 2.82 -49.52 14.21
N ILE E 1165 1.64 -49.28 13.66
CA ILE E 1165 1.50 -48.57 12.41
C ILE E 1165 0.51 -47.42 12.46
N ALA E 1166 0.71 -46.45 11.58
CA ALA E 1166 -0.19 -45.31 11.45
C ALA E 1166 -0.44 -45.04 9.97
N PRO E 1167 -1.65 -44.66 9.56
CA PRO E 1167 -1.99 -44.45 8.17
C PRO E 1167 -1.23 -43.29 7.57
N VAL E 1168 -0.88 -43.44 6.30
CA VAL E 1168 -0.29 -42.36 5.52
C VAL E 1168 -1.31 -41.74 4.60
N ASN E 1169 -1.51 -40.43 4.76
CA ASN E 1169 -2.41 -39.60 3.95
C ASN E 1169 -3.83 -40.12 3.91
N GLY E 1170 -4.34 -40.50 5.06
CA GLY E 1170 -5.61 -41.15 5.10
C GLY E 1170 -5.90 -41.61 6.49
N TYR E 1171 -6.94 -42.41 6.63
CA TYR E 1171 -7.39 -42.81 7.95
C TYR E 1171 -7.68 -44.29 8.05
N PHE E 1172 -7.59 -44.79 9.26
CA PHE E 1172 -8.01 -46.15 9.57
C PHE E 1172 -9.44 -46.11 10.07
N ILE E 1173 -10.35 -46.74 9.35
CA ILE E 1173 -11.77 -46.69 9.68
C ILE E 1173 -12.35 -48.06 9.88
N LYS E 1174 -13.39 -48.12 10.69
CA LYS E 1174 -14.03 -49.40 10.93
C LYS E 1174 -14.73 -49.84 9.65
N THR E 1175 -14.60 -51.12 9.31
CA THR E 1175 -15.09 -51.61 8.03
C THR E 1175 -16.61 -51.64 7.90
N ASN E 1176 -17.11 -51.01 6.83
CA ASN E 1176 -18.53 -51.09 6.47
C ASN E 1176 -18.72 -51.51 5.00
N ASN E 1177 -17.74 -52.20 4.43
CA ASN E 1177 -17.77 -52.65 3.04
C ASN E 1177 -17.68 -54.16 2.94
N THR E 1178 -18.61 -54.78 2.20
CA THR E 1178 -18.72 -56.24 2.10
C THR E 1178 -17.65 -56.99 1.31
N ARG E 1179 -16.78 -56.28 0.57
CA ARG E 1179 -15.63 -56.89 -0.05
C ARG E 1179 -14.51 -57.22 0.93
N ILE E 1180 -14.41 -56.44 2.01
CA ILE E 1180 -13.28 -56.52 2.92
C ILE E 1180 -13.59 -57.40 4.13
N VAL E 1181 -12.67 -58.32 4.44
CA VAL E 1181 -12.84 -59.25 5.56
C VAL E 1181 -11.90 -58.94 6.70
N ASP E 1182 -11.87 -57.69 7.11
CA ASP E 1182 -11.03 -57.24 8.19
C ASP E 1182 -11.79 -56.24 9.00
N GLU E 1183 -11.44 -56.11 10.26
CA GLU E 1183 -12.06 -55.15 11.15
C GLU E 1183 -11.79 -53.69 10.78
N TRP E 1184 -10.60 -53.43 10.21
CA TRP E 1184 -10.20 -52.08 9.86
C TRP E 1184 -9.92 -51.94 8.38
N SER E 1185 -10.11 -50.75 7.86
CA SER E 1185 -9.90 -50.48 6.46
C SER E 1185 -9.25 -49.13 6.28
N TYR E 1186 -8.63 -48.92 5.14
CA TYR E 1186 -7.96 -47.66 4.85
C TYR E 1186 -8.79 -46.83 3.93
N THR E 1187 -8.88 -45.53 4.19
CA THR E 1187 -9.50 -44.64 3.21
C THR E 1187 -8.66 -43.42 3.00
N GLY E 1188 -8.88 -42.77 1.87
CA GLY E 1188 -8.20 -41.54 1.50
C GLY E 1188 -8.69 -40.36 2.32
N SER E 1189 -7.90 -39.29 2.36
CA SER E 1189 -8.28 -38.13 3.15
C SER E 1189 -9.40 -37.29 2.55
N SER E 1190 -9.42 -37.16 1.22
CA SER E 1190 -10.42 -36.31 0.59
C SER E 1190 -11.61 -37.05 0.01
N PHE E 1191 -11.61 -38.38 0.08
CA PHE E 1191 -12.71 -39.11 -0.53
C PHE E 1191 -12.94 -40.42 0.15
N TYR E 1192 -14.18 -40.69 0.51
CA TYR E 1192 -14.49 -41.93 1.19
C TYR E 1192 -14.52 -43.10 0.26
N ALA E 1193 -13.62 -44.03 0.51
CA ALA E 1193 -13.58 -45.29 -0.21
C ALA E 1193 -12.72 -46.25 0.55
N PRO E 1194 -13.30 -47.31 1.10
CA PRO E 1194 -12.52 -48.30 1.83
C PRO E 1194 -11.57 -49.09 0.94
N GLU E 1195 -10.45 -49.48 1.51
CA GLU E 1195 -9.46 -50.30 0.86
C GLU E 1195 -8.78 -51.17 1.89
N PRO E 1196 -8.11 -52.23 1.48
CA PRO E 1196 -7.31 -53.02 2.39
C PRO E 1196 -6.12 -52.27 2.89
N ILE E 1197 -5.73 -52.58 4.12
CA ILE E 1197 -4.56 -51.97 4.70
C ILE E 1197 -3.35 -52.75 4.31
N THR E 1198 -2.46 -52.12 3.60
CA THR E 1198 -1.24 -52.73 3.14
C THR E 1198 -0.09 -51.81 3.34
N SER E 1199 1.12 -52.34 3.13
CA SER E 1199 2.37 -51.63 3.38
C SER E 1199 2.53 -50.32 2.62
N LEU E 1200 1.96 -50.22 1.42
CA LEU E 1200 1.90 -49.01 0.63
C LEU E 1200 1.12 -47.85 1.27
N ASN E 1201 0.16 -48.16 2.16
CA ASN E 1201 -0.69 -47.15 2.76
C ASN E 1201 -0.26 -46.74 4.16
N THR E 1202 0.86 -47.26 4.68
CA THR E 1202 1.15 -47.05 6.08
C THR E 1202 2.61 -46.82 6.43
N LYS E 1203 2.85 -46.36 7.65
CA LYS E 1203 4.20 -46.19 8.15
C LYS E 1203 4.36 -46.72 9.55
N TYR E 1204 5.56 -47.16 9.86
CA TYR E 1204 5.85 -47.65 11.20
C TYR E 1204 6.11 -46.52 12.16
N VAL E 1205 5.50 -46.61 13.33
CA VAL E 1205 5.64 -45.59 14.38
C VAL E 1205 5.93 -46.19 15.74
N ALA E 1206 6.36 -45.35 16.66
CA ALA E 1206 6.46 -45.74 18.06
C ALA E 1206 5.05 -45.98 18.62
N PRO E 1207 4.87 -46.88 19.59
CA PRO E 1207 3.60 -47.21 20.24
C PRO E 1207 3.06 -46.08 21.07
N GLN E 1208 1.74 -46.02 21.16
CA GLN E 1208 1.00 -45.08 21.98
C GLN E 1208 -0.16 -45.78 22.61
N VAL E 1209 -0.58 -45.28 23.77
CA VAL E 1209 -1.71 -45.84 24.52
C VAL E 1209 -3.08 -45.83 23.83
N THR E 1210 -3.28 -44.94 22.86
CA THR E 1210 -4.52 -44.88 22.12
C THR E 1210 -4.58 -45.81 20.90
N TYR E 1211 -3.48 -46.46 20.55
CA TYR E 1211 -3.50 -47.38 19.42
C TYR E 1211 -4.25 -48.65 19.77
N GLN E 1212 -4.94 -49.23 18.78
CA GLN E 1212 -5.71 -50.45 19.02
C GLN E 1212 -4.82 -51.65 19.20
N ASN E 1213 -5.25 -52.58 20.02
CA ASN E 1213 -4.53 -53.83 20.21
C ASN E 1213 -5.14 -54.93 19.35
N ILE E 1214 -4.56 -55.19 18.19
CA ILE E 1214 -5.10 -56.16 17.24
C ILE E 1214 -4.59 -57.56 17.51
N SER E 1215 -5.51 -58.47 17.76
CA SER E 1215 -5.15 -59.82 18.16
C SER E 1215 -4.86 -60.81 17.02
N THR E 1216 -5.37 -60.56 15.80
CA THR E 1216 -5.18 -61.53 14.72
C THR E 1216 -4.69 -60.92 13.40
N ASN E 1217 -5.63 -60.53 12.55
CA ASN E 1217 -5.31 -60.28 11.16
C ASN E 1217 -4.76 -58.89 10.90
N LEU E 1218 -3.44 -58.81 10.86
CA LEU E 1218 -2.74 -57.61 10.40
C LEU E 1218 -1.78 -58.04 9.29
N PRO E 1219 -1.79 -57.38 8.10
CA PRO E 1219 -0.80 -57.77 7.07
C PRO E 1219 0.50 -56.93 6.98
N PRO E 1220 0.54 -55.62 7.32
CA PRO E 1220 1.71 -54.82 7.59
C PRO E 1220 1.82 -54.42 9.06
N PRO E 1221 2.76 -54.96 9.81
CA PRO E 1221 3.58 -56.12 9.63
C PRO E 1221 2.73 -57.33 9.75
N LEU E 1222 3.10 -58.38 9.04
CA LEU E 1222 2.42 -59.65 9.14
C LEU E 1222 2.58 -60.29 10.51
N LEU E 1223 3.78 -60.13 11.09
CA LEU E 1223 4.07 -60.58 12.40
C LEU E 1223 3.40 -59.63 13.38
N TYR F 18 -50.25 57.86 -30.86
CA TYR F 18 -50.66 56.56 -30.34
C TYR F 18 -51.19 55.65 -31.44
N VAL F 19 -51.49 54.41 -31.06
CA VAL F 19 -51.98 53.37 -31.96
C VAL F 19 -53.34 53.67 -32.55
N ASP F 20 -53.51 53.32 -33.83
CA ASP F 20 -54.81 53.49 -34.49
C ASP F 20 -55.78 52.39 -34.08
N VAL F 21 -56.45 52.63 -32.94
CA VAL F 21 -57.47 51.78 -32.37
C VAL F 21 -58.79 51.67 -33.16
N GLY F 22 -59.02 52.57 -34.11
CA GLY F 22 -60.29 52.59 -34.80
C GLY F 22 -61.34 53.31 -33.96
N PRO F 23 -62.61 53.06 -34.26
CA PRO F 23 -63.77 53.68 -33.61
C PRO F 23 -63.93 53.30 -32.14
N ASP F 24 -64.47 54.23 -31.37
CA ASP F 24 -64.92 53.98 -30.01
C ASP F 24 -66.27 53.29 -30.05
N SER F 25 -66.67 52.65 -28.95
CA SER F 25 -67.99 52.00 -28.93
C SER F 25 -69.11 53.02 -29.03
N VAL F 26 -70.17 52.63 -29.74
CA VAL F 26 -71.30 53.52 -29.97
C VAL F 26 -72.35 53.43 -28.89
N LYS F 27 -72.75 52.20 -28.54
CA LYS F 27 -73.75 52.01 -27.51
C LYS F 27 -73.19 52.41 -26.15
N SER F 28 -73.99 53.13 -25.37
CA SER F 28 -73.55 53.55 -24.05
C SER F 28 -73.71 52.44 -23.01
N ALA F 29 -74.91 51.87 -22.95
CA ALA F 29 -75.21 50.78 -22.03
C ALA F 29 -74.47 49.51 -22.37
N CYS F 30 -74.15 48.75 -21.35
CA CYS F 30 -73.52 47.44 -21.49
C CYS F 30 -74.58 46.37 -21.27
N ILE F 31 -74.39 45.23 -21.94
CA ILE F 31 -75.21 44.08 -21.61
C ILE F 31 -74.88 43.64 -20.19
N GLU F 32 -75.95 43.42 -19.43
CA GLU F 32 -75.84 43.11 -18.02
C GLU F 32 -75.13 41.81 -17.77
N VAL F 33 -74.28 41.83 -16.75
CA VAL F 33 -73.53 40.68 -16.32
C VAL F 33 -74.02 40.17 -14.99
N ASP F 34 -74.56 38.96 -15.01
CA ASP F 34 -75.01 38.32 -13.80
C ASP F 34 -74.00 37.26 -13.38
N ILE F 35 -73.62 37.28 -12.11
CA ILE F 35 -72.65 36.32 -11.63
C ILE F 35 -73.33 35.04 -11.18
N GLN F 36 -72.96 33.97 -11.85
CA GLN F 36 -73.50 32.64 -11.65
C GLN F 36 -72.44 31.67 -11.17
N GLN F 37 -71.43 32.18 -10.45
CA GLN F 37 -70.22 31.46 -10.09
C GLN F 37 -70.37 30.07 -9.48
N THR F 38 -71.44 29.83 -8.73
CA THR F 38 -71.65 28.54 -8.10
C THR F 38 -71.84 27.39 -9.09
N PHE F 39 -72.31 27.71 -10.31
CA PHE F 39 -72.47 26.71 -11.36
C PHE F 39 -71.14 26.17 -11.87
N PHE F 40 -70.07 26.94 -11.68
CA PHE F 40 -68.77 26.60 -12.20
C PHE F 40 -67.88 25.87 -11.20
N ASP F 41 -68.42 25.49 -10.04
CA ASP F 41 -67.59 24.76 -9.08
C ASP F 41 -67.42 23.31 -9.50
N LYS F 42 -66.26 23.01 -10.09
CA LYS F 42 -65.94 21.66 -10.58
C LYS F 42 -64.56 21.24 -10.09
N THR F 43 -64.32 19.93 -10.03
CA THR F 43 -63.04 19.41 -9.57
C THR F 43 -62.41 18.48 -10.59
N TRP F 44 -61.81 19.05 -11.62
CA TRP F 44 -61.14 18.27 -12.64
C TRP F 44 -59.64 18.59 -12.68
N PRO F 45 -58.92 18.29 -11.59
CA PRO F 45 -57.52 18.68 -11.39
C PRO F 45 -56.59 18.05 -12.40
N ARG F 46 -55.52 18.76 -12.75
CA ARG F 46 -54.60 18.24 -13.74
C ARG F 46 -53.15 18.46 -13.31
N PRO F 47 -52.62 17.59 -12.46
CA PRO F 47 -51.26 17.67 -11.99
C PRO F 47 -50.28 17.57 -13.12
N ILE F 48 -49.17 18.28 -12.97
CA ILE F 48 -48.13 18.25 -13.96
C ILE F 48 -47.44 16.89 -14.04
N ASP F 49 -47.36 16.32 -15.23
CA ASP F 49 -46.55 15.12 -15.38
C ASP F 49 -45.21 15.46 -16.01
N VAL F 50 -44.22 15.70 -15.16
CA VAL F 50 -42.88 16.06 -15.63
C VAL F 50 -42.20 14.98 -16.46
N SER F 51 -42.57 13.70 -16.26
CA SER F 51 -42.00 12.63 -17.06
C SER F 51 -42.62 12.55 -18.46
N LYS F 52 -43.66 13.34 -18.73
CA LYS F 52 -44.17 13.58 -20.07
C LYS F 52 -43.79 14.95 -20.60
N ALA F 53 -42.91 15.66 -19.86
CA ALA F 53 -42.47 17.02 -20.15
C ALA F 53 -43.62 18.03 -20.13
N ASP F 54 -44.59 17.84 -19.23
CA ASP F 54 -45.68 18.79 -19.17
C ASP F 54 -45.20 20.13 -18.68
N GLY F 55 -45.51 21.17 -19.45
CA GLY F 55 -45.23 22.54 -19.03
C GLY F 55 -43.76 22.94 -19.21
N ILE F 56 -42.96 22.11 -19.86
CA ILE F 56 -41.56 22.44 -20.02
C ILE F 56 -41.33 23.49 -21.08
N ILE F 57 -40.65 24.56 -20.68
CA ILE F 57 -40.21 25.55 -21.62
C ILE F 57 -38.84 25.18 -22.11
N TYR F 58 -38.72 25.06 -23.42
CA TYR F 58 -37.48 24.67 -24.06
C TYR F 58 -36.40 25.76 -23.86
N PRO F 59 -35.11 25.38 -23.69
CA PRO F 59 -33.99 26.28 -23.42
C PRO F 59 -33.73 27.27 -24.54
N GLN F 60 -33.27 28.45 -24.17
CA GLN F 60 -33.17 29.53 -25.14
C GLN F 60 -31.87 29.56 -25.90
N GLY F 61 -32.00 29.55 -27.23
CA GLY F 61 -30.87 29.75 -28.14
C GLY F 61 -30.00 28.52 -28.36
N ARG F 62 -30.42 27.35 -27.87
CA ARG F 62 -29.56 26.17 -27.95
C ARG F 62 -30.33 24.91 -28.28
N THR F 63 -29.64 23.94 -28.85
CA THR F 63 -30.21 22.64 -28.95
C THR F 63 -29.21 21.56 -28.65
N TYR F 64 -29.73 20.37 -28.45
CA TYR F 64 -28.94 19.25 -27.96
C TYR F 64 -29.29 17.98 -28.70
N SER F 65 -28.42 17.00 -28.56
CA SER F 65 -28.63 15.66 -29.10
C SER F 65 -29.35 14.81 -28.05
N ASN F 66 -29.22 13.50 -28.14
CA ASN F 66 -29.88 12.58 -27.21
C ASN F 66 -29.26 12.50 -25.79
N ILE F 67 -28.28 13.33 -25.49
CA ILE F 67 -27.70 13.46 -24.17
C ILE F 67 -28.64 14.06 -23.14
N THR F 68 -28.57 13.54 -21.92
CA THR F 68 -29.25 14.11 -20.77
C THR F 68 -28.43 15.17 -20.09
N ILE F 69 -29.04 16.30 -19.76
CA ILE F 69 -28.31 17.33 -19.01
C ILE F 69 -29.09 17.81 -17.82
N THR F 70 -28.40 18.43 -16.88
CA THR F 70 -29.05 19.20 -15.84
C THR F 70 -29.34 20.57 -16.40
N TYR F 71 -30.38 21.22 -15.90
CA TYR F 71 -30.67 22.55 -16.36
C TYR F 71 -31.34 23.39 -15.30
N GLN F 72 -31.09 24.70 -15.35
CA GLN F 72 -31.72 25.63 -14.42
C GLN F 72 -32.62 26.59 -15.15
N GLY F 73 -33.87 26.72 -14.71
CA GLY F 73 -34.76 27.65 -15.39
C GLY F 73 -36.13 27.72 -14.73
N LEU F 74 -37.03 28.50 -15.32
CA LEU F 74 -38.38 28.61 -14.81
C LEU F 74 -39.24 27.42 -15.21
N PHE F 75 -39.79 26.72 -14.23
CA PHE F 75 -40.65 25.56 -14.46
C PHE F 75 -41.78 25.45 -13.43
N PRO F 76 -42.87 24.76 -13.76
CA PRO F 76 -43.95 24.40 -12.85
C PRO F 76 -43.49 23.33 -11.87
N TYR F 77 -44.08 23.31 -10.67
CA TYR F 77 -43.84 22.22 -9.73
C TYR F 77 -44.43 20.93 -10.23
N GLN F 78 -43.73 19.82 -10.02
CA GLN F 78 -44.32 18.52 -10.36
C GLN F 78 -45.64 18.21 -9.66
N GLY F 79 -45.82 18.66 -8.44
CA GLY F 79 -47.06 18.37 -7.72
C GLY F 79 -48.22 19.35 -7.96
N ASP F 80 -48.04 20.36 -8.82
CA ASP F 80 -49.08 21.37 -8.95
C ASP F 80 -50.24 20.91 -9.82
N HIS F 81 -51.45 20.94 -9.23
CA HIS F 81 -52.73 20.61 -9.91
C HIS F 81 -53.30 21.75 -10.75
N GLY F 82 -52.81 22.97 -10.50
CA GLY F 82 -53.18 24.14 -11.27
C GLY F 82 -54.45 24.80 -10.76
N ASP F 83 -54.78 25.91 -11.40
CA ASP F 83 -56.04 26.59 -11.17
C ASP F 83 -56.92 26.38 -12.40
N MET F 84 -58.19 26.02 -12.19
CA MET F 84 -59.04 25.69 -13.31
C MET F 84 -60.15 26.70 -13.56
N TYR F 85 -60.33 27.04 -14.83
CA TYR F 85 -61.31 28.00 -15.26
C TYR F 85 -62.12 27.45 -16.42
N VAL F 86 -63.43 27.73 -16.43
CA VAL F 86 -64.27 27.28 -17.53
C VAL F 86 -65.13 28.41 -18.11
N TYR F 87 -64.92 28.69 -19.40
CA TYR F 87 -65.79 29.61 -20.13
C TYR F 87 -67.10 28.91 -20.52
N SER F 88 -68.19 29.67 -20.59
CA SER F 88 -69.47 29.08 -20.97
C SER F 88 -70.34 30.05 -21.76
N ALA F 89 -71.36 29.51 -22.39
CA ALA F 89 -72.41 30.33 -22.97
C ALA F 89 -73.19 31.03 -21.85
N GLY F 90 -73.67 32.24 -22.14
CA GLY F 90 -74.45 33.04 -21.21
C GLY F 90 -75.94 32.72 -21.29
N HIS F 91 -76.79 33.64 -20.84
CA HIS F 91 -78.22 33.35 -20.93
C HIS F 91 -78.76 33.63 -22.30
N ALA F 92 -79.64 32.75 -22.71
CA ALA F 92 -80.41 32.83 -23.92
C ALA F 92 -81.65 31.99 -23.68
N THR F 93 -82.76 32.38 -24.29
CA THR F 93 -83.98 31.57 -24.19
C THR F 93 -84.69 31.54 -25.53
N GLY F 94 -85.47 30.50 -25.77
CA GLY F 94 -86.19 30.44 -27.02
C GLY F 94 -85.18 30.42 -28.17
N THR F 95 -85.33 31.38 -29.08
CA THR F 95 -84.39 31.53 -30.18
C THR F 95 -83.51 32.78 -30.06
N THR F 96 -83.46 33.45 -28.89
CA THR F 96 -82.66 34.68 -28.78
C THR F 96 -81.72 34.73 -27.56
N PRO F 97 -80.67 35.54 -27.64
CA PRO F 97 -79.76 35.90 -26.56
C PRO F 97 -80.44 36.76 -25.50
N GLN F 98 -79.97 36.67 -24.26
CA GLN F 98 -80.53 37.44 -23.15
C GLN F 98 -79.41 38.15 -22.36
N LYS F 99 -79.23 37.85 -21.06
CA LYS F 99 -78.18 38.52 -20.28
C LYS F 99 -76.98 37.60 -20.10
N LEU F 100 -75.84 38.17 -19.77
CA LEU F 100 -74.68 37.32 -19.58
C LEU F 100 -74.76 36.59 -18.26
N PHE F 101 -74.56 35.27 -18.29
CA PHE F 101 -74.48 34.41 -17.10
C PHE F 101 -73.07 33.87 -16.97
N VAL F 102 -72.26 34.49 -16.12
CA VAL F 102 -70.84 34.17 -16.07
C VAL F 102 -70.29 33.91 -14.69
N ALA F 103 -69.12 33.31 -14.67
CA ALA F 103 -68.33 33.10 -13.46
C ALA F 103 -67.76 34.42 -12.93
N ASN F 104 -67.28 34.40 -11.67
CA ASN F 104 -66.78 35.63 -11.02
C ASN F 104 -65.29 35.91 -11.24
N TYR F 105 -64.69 35.37 -12.31
CA TYR F 105 -63.25 35.41 -12.59
C TYR F 105 -62.64 36.81 -12.62
N SER F 106 -63.42 37.85 -12.92
CA SER F 106 -62.96 39.24 -12.87
C SER F 106 -62.42 39.66 -11.50
N GLN F 107 -62.90 39.02 -10.44
CA GLN F 107 -62.47 39.34 -9.08
C GLN F 107 -61.22 38.57 -8.66
N ASP F 108 -60.77 37.62 -9.48
CA ASP F 108 -59.63 36.78 -9.14
C ASP F 108 -58.30 37.42 -9.52
N VAL F 109 -57.89 38.41 -8.75
CA VAL F 109 -56.61 39.07 -8.96
C VAL F 109 -55.51 38.29 -8.28
N LYS F 110 -54.43 38.04 -9.00
CA LYS F 110 -53.34 37.29 -8.46
C LYS F 110 -52.07 38.09 -8.45
N GLN F 111 -51.21 37.75 -7.52
CA GLN F 111 -49.88 38.31 -7.52
C GLN F 111 -49.08 37.64 -8.61
N PHE F 112 -48.52 38.44 -9.50
CA PHE F 112 -47.66 37.91 -10.53
C PHE F 112 -46.39 37.40 -9.91
N ALA F 113 -45.90 36.25 -10.38
CA ALA F 113 -44.77 35.63 -9.73
C ALA F 113 -43.88 34.91 -10.71
N ASN F 114 -43.10 35.69 -11.45
CA ASN F 114 -42.14 35.17 -12.42
C ASN F 114 -42.76 34.37 -13.54
N GLY F 115 -43.97 34.76 -13.94
CA GLY F 115 -44.59 34.14 -15.08
C GLY F 115 -45.45 32.94 -14.74
N PHE F 116 -46.13 32.45 -15.76
CA PHE F 116 -47.00 31.30 -15.62
C PHE F 116 -47.17 30.59 -16.93
N VAL F 117 -47.65 29.36 -16.85
CA VAL F 117 -47.91 28.56 -18.02
C VAL F 117 -49.31 28.05 -18.02
N VAL F 118 -49.88 27.81 -19.20
CA VAL F 118 -51.23 27.33 -19.24
C VAL F 118 -51.43 26.16 -20.17
N ARG F 119 -52.46 25.39 -19.86
CA ARG F 119 -52.87 24.25 -20.66
C ARG F 119 -54.23 24.51 -21.27
N ILE F 120 -54.31 24.39 -22.60
CA ILE F 120 -55.52 24.78 -23.32
C ILE F 120 -56.12 23.64 -24.11
N GLY F 121 -57.43 23.43 -23.94
CA GLY F 121 -58.16 22.49 -24.80
C GLY F 121 -57.99 21.02 -24.46
N ALA F 122 -57.45 20.72 -23.28
CA ALA F 122 -57.08 19.36 -22.91
C ALA F 122 -58.20 18.33 -23.00
N ALA F 123 -59.42 18.75 -22.73
CA ALA F 123 -60.57 17.86 -22.77
C ALA F 123 -61.26 17.79 -24.15
N ALA F 124 -60.67 18.39 -25.18
CA ALA F 124 -61.21 18.29 -26.55
C ALA F 124 -61.26 16.84 -27.02
N ASN F 125 -62.20 16.58 -27.93
CA ASN F 125 -62.54 15.24 -28.42
C ASN F 125 -63.15 14.38 -27.33
N SER F 126 -63.99 15.00 -26.51
CA SER F 126 -64.75 14.32 -25.46
C SER F 126 -65.96 15.18 -25.16
N THR F 127 -66.76 14.76 -24.17
CA THR F 127 -67.95 15.52 -23.85
C THR F 127 -67.94 15.95 -22.40
N GLY F 128 -68.72 16.98 -22.11
CA GLY F 128 -68.80 17.52 -20.76
C GLY F 128 -70.21 17.93 -20.48
N THR F 129 -70.37 19.10 -19.88
CA THR F 129 -71.69 19.66 -19.66
C THR F 129 -71.68 21.12 -20.05
N VAL F 130 -72.88 21.67 -20.27
CA VAL F 130 -73.07 23.10 -20.54
C VAL F 130 -72.75 24.04 -19.37
N ILE F 131 -72.65 23.48 -18.14
CA ILE F 131 -72.31 24.16 -16.89
C ILE F 131 -73.43 25.06 -16.36
N ILE F 132 -73.76 26.12 -17.08
CA ILE F 132 -74.86 27.01 -16.71
C ILE F 132 -76.23 26.34 -16.86
N SER F 133 -76.31 25.35 -17.75
CA SER F 133 -77.51 24.56 -17.96
C SER F 133 -77.10 23.12 -18.19
N PRO F 134 -76.28 22.60 -17.27
CA PRO F 134 -75.43 21.41 -17.39
C PRO F 134 -76.12 20.11 -17.76
N SER F 135 -77.43 19.99 -17.49
CA SER F 135 -78.21 18.80 -17.80
C SER F 135 -78.22 18.43 -19.29
N THR F 136 -77.96 19.40 -20.18
CA THR F 136 -77.85 19.16 -21.61
C THR F 136 -76.71 18.22 -22.02
N SER F 137 -75.63 18.18 -21.23
CA SER F 137 -74.47 17.30 -21.47
C SER F 137 -73.82 17.49 -22.85
N ALA F 138 -73.65 18.74 -23.26
CA ALA F 138 -73.05 19.08 -24.56
C ALA F 138 -71.58 18.65 -24.66
N THR F 139 -71.18 18.33 -25.90
CA THR F 139 -69.79 18.01 -26.21
C THR F 139 -68.91 19.23 -26.02
N ILE F 140 -67.64 19.02 -25.67
CA ILE F 140 -66.76 20.15 -25.37
C ILE F 140 -65.66 20.35 -26.38
N ARG F 141 -65.36 21.63 -26.64
CA ARG F 141 -64.32 22.00 -27.60
C ARG F 141 -63.37 23.03 -27.05
N LYS F 142 -62.20 23.14 -27.67
CA LYS F 142 -61.23 24.11 -27.20
C LYS F 142 -61.71 25.54 -27.36
N ILE F 143 -61.45 26.35 -26.35
CA ILE F 143 -61.73 27.76 -26.38
C ILE F 143 -60.52 28.50 -25.83
N TYR F 144 -60.15 29.60 -26.46
CA TYR F 144 -58.96 30.31 -26.03
C TYR F 144 -59.25 31.34 -24.93
N PRO F 145 -58.42 31.36 -23.87
CA PRO F 145 -58.45 32.28 -22.74
C PRO F 145 -58.14 33.73 -23.06
N ALA F 146 -58.67 34.65 -22.24
CA ALA F 146 -58.30 36.06 -22.32
C ALA F 146 -57.73 36.55 -20.98
N PHE F 147 -56.78 37.50 -21.04
CA PHE F 147 -56.06 37.91 -19.82
C PHE F 147 -55.85 39.42 -19.68
N MET F 148 -55.61 39.85 -18.44
CA MET F 148 -55.18 41.21 -18.20
C MET F 148 -54.02 41.27 -17.19
N LEU F 149 -52.99 42.04 -17.52
CA LEU F 149 -51.81 42.15 -16.64
C LEU F 149 -51.40 43.59 -16.40
N GLY F 150 -50.83 43.88 -15.23
CA GLY F 150 -50.39 45.26 -14.98
C GLY F 150 -49.63 45.42 -13.68
N SER F 151 -49.18 46.64 -13.43
CA SER F 151 -48.40 46.93 -12.23
C SER F 151 -49.23 47.34 -11.02
N SER F 152 -50.50 47.69 -11.20
CA SER F 152 -51.31 48.06 -10.05
C SER F 152 -52.80 47.79 -10.24
N VAL F 153 -53.45 47.45 -9.12
CA VAL F 153 -54.89 47.21 -9.08
C VAL F 153 -55.56 47.93 -7.92
N GLY F 154 -56.89 48.05 -7.98
CA GLY F 154 -57.64 48.65 -6.89
C GLY F 154 -59.15 48.57 -7.10
N ASN F 155 -59.88 49.19 -6.18
CA ASN F 155 -61.33 49.15 -6.23
C ASN F 155 -61.91 49.98 -7.36
N PHE F 156 -62.99 49.45 -7.93
CA PHE F 156 -63.88 50.19 -8.82
C PHE F 156 -64.68 51.18 -8.00
N SER F 157 -65.34 52.13 -8.67
CA SER F 157 -66.21 53.09 -7.99
C SER F 157 -67.34 52.45 -7.16
N ASP F 158 -67.79 51.23 -7.53
CA ASP F 158 -68.74 50.47 -6.75
C ASP F 158 -68.11 49.52 -5.71
N GLY F 159 -66.79 49.62 -5.50
CA GLY F 159 -66.08 48.77 -4.55
C GLY F 159 -65.71 47.39 -5.10
N LYS F 160 -65.91 47.17 -6.40
CA LYS F 160 -65.59 45.89 -7.00
C LYS F 160 -64.08 45.74 -7.13
N MET F 161 -63.58 44.53 -7.03
CA MET F 161 -62.15 44.30 -7.11
C MET F 161 -61.61 44.36 -8.53
N GLY F 162 -60.30 44.57 -8.64
CA GLY F 162 -59.59 44.37 -9.90
C GLY F 162 -59.54 45.50 -10.93
N ARG F 163 -59.90 46.73 -10.58
CA ARG F 163 -59.68 47.79 -11.55
C ARG F 163 -58.18 47.95 -11.74
N PHE F 164 -57.72 47.98 -12.98
CA PHE F 164 -56.28 48.16 -13.23
C PHE F 164 -55.96 49.59 -13.51
N PHE F 165 -54.77 50.01 -13.08
CA PHE F 165 -54.39 51.40 -13.20
C PHE F 165 -53.30 51.65 -14.21
N ASN F 166 -53.25 52.90 -14.69
CA ASN F 166 -52.34 53.37 -15.72
C ASN F 166 -52.51 52.53 -17.00
N HIS F 167 -51.44 51.92 -17.51
CA HIS F 167 -51.56 51.10 -18.70
C HIS F 167 -51.63 49.65 -18.32
N THR F 168 -52.37 48.88 -19.10
CA THR F 168 -52.43 47.46 -18.83
C THR F 168 -52.29 46.64 -20.10
N LEU F 169 -51.85 45.41 -19.91
CA LEU F 169 -51.74 44.47 -21.00
C LEU F 169 -53.05 43.81 -21.22
N VAL F 170 -53.46 43.69 -22.47
CA VAL F 170 -54.68 42.95 -22.77
C VAL F 170 -54.42 41.91 -23.81
N LEU F 171 -54.85 40.69 -23.52
CA LEU F 171 -54.74 39.60 -24.46
C LEU F 171 -56.10 39.04 -24.74
N LEU F 172 -56.56 39.18 -25.97
CA LEU F 172 -57.83 38.58 -26.32
C LEU F 172 -57.80 38.04 -27.74
N PRO F 173 -58.34 36.86 -27.94
CA PRO F 173 -58.71 36.33 -29.23
C PRO F 173 -59.92 37.08 -29.74
N ASP F 174 -60.04 37.24 -31.05
CA ASP F 174 -61.25 37.83 -31.61
C ASP F 174 -62.10 36.88 -32.37
N GLY F 175 -63.33 36.70 -31.90
CA GLY F 175 -64.23 35.80 -32.59
C GLY F 175 -63.69 34.38 -32.54
N CYS F 176 -63.53 33.79 -33.71
CA CYS F 176 -62.93 32.47 -33.87
C CYS F 176 -61.45 32.52 -33.52
N GLY F 177 -60.92 31.39 -33.07
CA GLY F 177 -59.57 31.28 -32.53
C GLY F 177 -58.41 31.66 -33.44
N THR F 178 -58.67 31.85 -34.74
CA THR F 178 -57.67 32.23 -35.71
C THR F 178 -57.03 33.62 -35.52
N LEU F 179 -57.65 34.51 -34.76
CA LEU F 179 -57.02 35.80 -34.54
C LEU F 179 -56.78 36.10 -33.08
N LEU F 180 -55.54 36.47 -32.76
CA LEU F 180 -55.17 36.92 -31.43
C LEU F 180 -54.68 38.35 -31.45
N ARG F 181 -55.13 39.16 -30.50
CA ARG F 181 -54.62 40.52 -30.37
C ARG F 181 -53.96 40.80 -29.03
N ALA F 182 -52.92 41.61 -29.07
CA ALA F 182 -52.21 42.05 -27.87
C ALA F 182 -52.24 43.56 -27.78
N PHE F 183 -52.46 44.10 -26.57
CA PHE F 183 -52.47 45.56 -26.39
C PHE F 183 -51.68 46.02 -25.19
N TYR F 184 -51.14 47.23 -25.24
CA TYR F 184 -50.70 47.91 -24.04
C TYR F 184 -51.29 49.31 -24.03
N CYS F 185 -52.29 49.52 -23.17
CA CYS F 185 -53.09 50.74 -23.30
C CYS F 185 -53.75 51.17 -21.98
N ILE F 186 -54.27 52.41 -21.92
CA ILE F 186 -55.08 52.81 -20.76
C ILE F 186 -56.58 52.55 -20.96
N LEU F 187 -57.18 51.81 -20.04
CA LEU F 187 -58.62 51.61 -20.13
C LEU F 187 -59.41 52.77 -19.54
N GLU F 188 -60.50 53.14 -20.21
CA GLU F 188 -61.40 54.19 -19.71
C GLU F 188 -62.76 53.62 -19.31
N PRO F 189 -63.18 53.85 -18.06
CA PRO F 189 -64.49 53.44 -17.55
C PRO F 189 -65.63 54.15 -18.24
N ARG F 190 -66.78 53.48 -18.32
CA ARG F 190 -67.93 54.05 -19.01
C ARG F 190 -69.09 54.30 -18.08
N SER F 191 -69.80 55.40 -18.32
CA SER F 191 -70.90 55.85 -17.46
C SER F 191 -72.28 55.27 -17.79
N GLY F 192 -72.36 54.34 -18.76
CA GLY F 192 -73.62 53.75 -19.18
C GLY F 192 -74.16 52.74 -18.19
N ASN F 193 -75.34 52.22 -18.49
CA ASN F 193 -75.99 51.25 -17.60
C ASN F 193 -75.17 49.96 -17.58
N HIS F 194 -74.87 49.49 -16.36
CA HIS F 194 -74.02 48.31 -16.15
C HIS F 194 -72.62 48.52 -16.69
N CYS F 195 -72.03 49.66 -16.41
CA CYS F 195 -70.71 49.89 -16.98
C CYS F 195 -69.84 50.54 -15.90
N PRO F 196 -68.50 50.54 -16.05
CA PRO F 196 -67.58 50.72 -14.94
C PRO F 196 -67.64 52.01 -14.12
N ALA F 197 -68.03 53.12 -14.74
CA ALA F 197 -68.22 54.37 -13.98
C ALA F 197 -69.67 54.56 -13.53
N GLY F 198 -70.58 53.74 -14.04
CA GLY F 198 -71.99 53.79 -13.66
C GLY F 198 -72.19 53.17 -12.28
N ASN F 199 -73.34 53.46 -11.66
CA ASN F 199 -73.65 52.88 -10.35
C ASN F 199 -74.47 51.60 -10.44
N SER F 200 -74.73 51.12 -11.66
CA SER F 200 -75.38 49.86 -11.91
C SER F 200 -74.40 48.76 -12.34
N TYR F 201 -73.10 49.05 -12.23
CA TYR F 201 -72.05 48.10 -12.58
C TYR F 201 -72.06 46.87 -11.67
N THR F 202 -71.88 45.71 -12.28
CA THR F 202 -71.74 44.48 -11.53
C THR F 202 -70.32 43.96 -11.70
N SER F 203 -70.05 43.35 -12.84
CA SER F 203 -68.72 42.90 -13.20
C SER F 203 -68.47 42.97 -14.68
N PHE F 204 -67.27 43.42 -15.04
CA PHE F 204 -66.79 43.39 -16.40
C PHE F 204 -66.68 41.98 -16.96
N ALA F 205 -67.07 41.82 -18.22
CA ALA F 205 -66.90 40.59 -18.98
C ALA F 205 -66.88 40.91 -20.46
N THR F 206 -66.45 39.94 -21.27
CA THR F 206 -66.47 40.13 -22.72
C THR F 206 -67.23 39.00 -23.37
N TYR F 207 -67.60 39.19 -24.62
CA TYR F 207 -68.38 38.13 -25.26
C TYR F 207 -68.21 38.03 -26.75
N HIS F 208 -68.62 36.88 -27.26
CA HIS F 208 -68.62 36.52 -28.66
C HIS F 208 -70.03 36.16 -29.07
N THR F 209 -70.48 36.58 -30.25
CA THR F 209 -71.84 36.32 -30.68
C THR F 209 -71.91 35.51 -31.96
N PRO F 210 -71.69 34.19 -31.88
CA PRO F 210 -71.54 33.23 -32.99
C PRO F 210 -72.68 33.18 -34.00
N ALA F 211 -73.87 33.69 -33.65
CA ALA F 211 -74.98 33.76 -34.57
C ALA F 211 -74.70 34.73 -35.72
N THR F 212 -73.94 35.79 -35.46
CA THR F 212 -73.60 36.77 -36.48
C THR F 212 -72.09 36.90 -36.70
N ASP F 213 -71.32 36.49 -35.70
CA ASP F 213 -69.87 36.49 -35.77
C ASP F 213 -69.40 35.20 -36.40
N CYS F 214 -68.10 35.08 -36.63
CA CYS F 214 -67.55 33.79 -37.09
C CYS F 214 -68.19 33.23 -38.36
N SER F 215 -68.51 34.06 -39.33
CA SER F 215 -69.07 33.54 -40.58
C SER F 215 -68.01 32.79 -41.33
N ASP F 216 -68.39 31.74 -42.04
CA ASP F 216 -67.39 30.91 -42.68
C ASP F 216 -66.70 31.53 -43.90
N GLY F 217 -67.30 32.56 -44.50
CA GLY F 217 -66.63 33.30 -45.54
C GLY F 217 -66.01 34.61 -45.04
N ASN F 218 -66.19 34.93 -43.76
CA ASN F 218 -65.71 36.18 -43.19
C ASN F 218 -65.82 36.15 -41.68
N TYR F 219 -64.83 35.59 -41.03
CA TYR F 219 -64.86 35.51 -39.59
C TYR F 219 -64.76 36.89 -38.99
N ASN F 220 -65.51 37.14 -37.93
CA ASN F 220 -65.53 38.49 -37.40
C ASN F 220 -64.32 38.78 -36.55
N ARG F 221 -63.33 39.35 -37.22
CA ARG F 221 -62.04 39.71 -36.64
C ARG F 221 -62.07 40.85 -35.63
N ASN F 222 -63.19 41.56 -35.49
CA ASN F 222 -63.30 42.56 -34.46
C ASN F 222 -64.28 42.17 -33.33
N ALA F 223 -64.77 40.93 -33.33
CA ALA F 223 -65.92 40.55 -32.48
C ALA F 223 -65.71 40.76 -30.99
N SER F 224 -64.62 40.26 -30.46
CA SER F 224 -64.42 40.25 -29.04
C SER F 224 -63.87 41.57 -28.56
N LEU F 225 -63.10 42.22 -29.43
CA LEU F 225 -62.59 43.55 -29.17
C LEU F 225 -63.69 44.56 -29.09
N ASN F 226 -64.69 44.44 -29.94
CA ASN F 226 -65.81 45.36 -29.86
C ASN F 226 -66.61 45.14 -28.60
N SER F 227 -66.84 43.88 -28.22
CA SER F 227 -67.52 43.63 -26.96
C SER F 227 -66.70 44.09 -25.74
N PHE F 228 -65.37 44.04 -25.86
CA PHE F 228 -64.48 44.63 -24.87
C PHE F 228 -64.64 46.16 -24.80
N LYS F 229 -64.68 46.79 -25.98
CA LYS F 229 -64.84 48.23 -26.10
C LYS F 229 -66.12 48.73 -25.49
N GLU F 230 -67.18 47.92 -25.51
CA GLU F 230 -68.44 48.30 -24.89
C GLU F 230 -68.37 48.56 -23.38
N TYR F 231 -67.36 48.05 -22.68
CA TYR F 231 -67.21 48.34 -21.26
C TYR F 231 -66.04 49.29 -21.00
N PHE F 232 -64.98 49.17 -21.81
CA PHE F 232 -63.80 50.05 -21.64
C PHE F 232 -63.33 50.72 -22.90
N ASN F 233 -63.27 52.05 -22.88
CA ASN F 233 -62.76 52.78 -24.02
C ASN F 233 -61.24 52.65 -24.09
N LEU F 234 -60.71 52.60 -25.30
CA LEU F 234 -59.27 52.50 -25.48
C LEU F 234 -58.66 53.87 -25.67
N ARG F 235 -57.92 54.33 -24.67
CA ARG F 235 -57.30 55.65 -24.73
C ARG F 235 -55.83 55.51 -24.45
N ASN F 236 -54.99 56.31 -25.11
CA ASN F 236 -53.55 56.26 -24.82
C ASN F 236 -53.00 54.86 -25.05
N CYS F 237 -52.95 54.44 -26.31
CA CYS F 237 -52.55 53.06 -26.57
C CYS F 237 -51.20 53.06 -27.22
N THR F 238 -50.25 52.40 -26.58
CA THR F 238 -48.88 52.47 -27.04
C THR F 238 -48.49 51.29 -27.88
N PHE F 239 -49.06 50.13 -27.60
CA PHE F 239 -48.72 48.96 -28.40
C PHE F 239 -49.93 48.18 -28.84
N MET F 240 -49.90 47.73 -30.08
CA MET F 240 -50.86 46.72 -30.51
C MET F 240 -50.21 45.75 -31.47
N TYR F 241 -50.51 44.48 -31.31
CA TYR F 241 -50.00 43.45 -32.20
C TYR F 241 -51.07 42.42 -32.50
N THR F 242 -50.95 41.74 -33.64
CA THR F 242 -51.88 40.66 -33.93
C THR F 242 -51.14 39.43 -34.39
N TYR F 243 -51.76 38.27 -34.20
CA TYR F 243 -51.14 37.01 -34.57
C TYR F 243 -52.09 36.05 -35.26
N ASN F 244 -51.54 35.31 -36.22
CA ASN F 244 -52.32 34.37 -37.03
C ASN F 244 -52.27 32.97 -36.46
N ILE F 245 -53.45 32.40 -36.24
CA ILE F 245 -53.63 31.08 -35.67
C ILE F 245 -54.51 30.27 -36.62
N THR F 246 -54.44 28.95 -36.59
CA THR F 246 -55.41 28.17 -37.35
C THR F 246 -56.12 27.20 -36.42
N GLU F 247 -57.30 26.75 -36.80
CA GLU F 247 -58.06 25.86 -35.94
C GLU F 247 -57.46 24.47 -35.89
N ASP F 248 -57.48 23.87 -34.70
CA ASP F 248 -56.99 22.52 -34.48
C ASP F 248 -57.49 22.00 -33.14
N GLU F 249 -57.95 20.75 -33.07
CA GLU F 249 -58.44 20.18 -31.80
C GLU F 249 -57.35 19.77 -30.77
N ILE F 250 -56.09 19.75 -31.17
CA ILE F 250 -54.97 19.34 -30.32
C ILE F 250 -54.71 20.25 -29.10
N LEU F 251 -54.32 19.64 -27.98
CA LEU F 251 -53.98 20.32 -26.73
C LEU F 251 -52.83 21.29 -26.95
N GLU F 252 -52.95 22.50 -26.40
CA GLU F 252 -51.89 23.48 -26.61
C GLU F 252 -51.29 24.04 -25.34
N TRP F 253 -50.03 24.40 -25.45
CA TRP F 253 -49.31 25.02 -24.35
C TRP F 253 -48.98 26.47 -24.67
N PHE F 254 -49.14 27.33 -23.68
CA PHE F 254 -48.80 28.74 -23.84
C PHE F 254 -48.23 29.30 -22.55
N GLY F 255 -47.32 30.27 -22.63
CA GLY F 255 -46.83 30.83 -21.38
C GLY F 255 -46.35 32.27 -21.48
N ILE F 256 -46.19 32.88 -20.32
CA ILE F 256 -45.72 34.24 -20.20
C ILE F 256 -44.63 34.39 -19.17
N THR F 257 -43.54 35.05 -19.54
CA THR F 257 -42.52 35.45 -18.57
C THR F 257 -42.15 36.89 -18.82
N GLN F 258 -41.44 37.48 -17.89
CA GLN F 258 -40.95 38.82 -18.14
C GLN F 258 -39.53 38.99 -17.62
N THR F 259 -38.71 39.66 -18.42
CA THR F 259 -37.34 39.97 -18.06
C THR F 259 -37.10 41.43 -18.34
N ALA F 260 -35.86 41.87 -18.11
CA ALA F 260 -35.43 43.22 -18.49
C ALA F 260 -35.50 43.50 -20.01
N GLN F 261 -35.62 42.44 -20.84
CA GLN F 261 -35.84 42.57 -22.27
C GLN F 261 -37.33 42.73 -22.63
N GLY F 262 -38.22 42.68 -21.64
CA GLY F 262 -39.64 42.80 -21.87
C GLY F 262 -40.35 41.47 -21.70
N VAL F 263 -41.64 41.47 -21.97
CA VAL F 263 -42.43 40.25 -21.84
C VAL F 263 -42.13 39.26 -22.94
N HIS F 264 -42.06 37.99 -22.58
CA HIS F 264 -41.83 36.94 -23.53
C HIS F 264 -43.04 36.04 -23.62
N LEU F 265 -43.44 35.72 -24.85
CA LEU F 265 -44.58 34.87 -25.08
C LEU F 265 -44.14 33.55 -25.66
N PHE F 266 -44.63 32.47 -25.09
CA PHE F 266 -44.21 31.17 -25.53
C PHE F 266 -45.37 30.35 -25.99
N SER F 267 -45.12 29.49 -26.94
CA SER F 267 -46.15 28.56 -27.33
C SER F 267 -45.59 27.29 -27.90
N SER F 268 -46.39 26.25 -27.82
CA SER F 268 -46.04 25.01 -28.48
C SER F 268 -46.43 24.99 -29.94
N ARG F 269 -47.38 25.83 -30.33
CA ARG F 269 -47.98 25.69 -31.65
C ARG F 269 -47.07 25.93 -32.82
N TYR F 270 -46.23 26.96 -32.71
CA TYR F 270 -45.42 27.38 -33.83
C TYR F 270 -44.36 26.37 -34.24
N VAL F 271 -43.80 25.65 -33.26
CA VAL F 271 -42.72 24.72 -33.52
C VAL F 271 -43.02 23.26 -33.25
N ASP F 272 -43.68 22.99 -32.11
CA ASP F 272 -43.78 21.64 -31.59
C ASP F 272 -45.19 21.25 -31.26
N LEU F 273 -46.08 21.31 -32.24
CA LEU F 273 -47.49 21.02 -32.04
C LEU F 273 -47.79 19.68 -31.37
N TYR F 274 -46.97 18.66 -31.61
CA TYR F 274 -47.25 17.35 -31.10
C TYR F 274 -46.54 17.03 -29.78
N GLY F 275 -45.29 17.48 -29.61
CA GLY F 275 -44.57 17.23 -28.36
C GLY F 275 -44.98 18.15 -27.21
N GLY F 276 -45.45 19.35 -27.52
CA GLY F 276 -45.93 20.28 -26.50
C GLY F 276 -44.84 21.11 -25.78
N ASN F 277 -43.59 21.06 -26.23
CA ASN F 277 -42.57 21.90 -25.62
C ASN F 277 -42.78 23.34 -26.03
N MET F 278 -42.64 24.26 -25.08
CA MET F 278 -42.84 25.66 -25.45
C MET F 278 -41.62 26.28 -26.09
N PHE F 279 -41.86 27.13 -27.09
CA PHE F 279 -40.80 27.86 -27.77
C PHE F 279 -41.08 29.35 -27.78
N GLN F 280 -40.03 30.16 -27.97
CA GLN F 280 -40.16 31.62 -27.91
C GLN F 280 -40.92 32.17 -29.09
N PHE F 281 -42.23 32.21 -28.96
CA PHE F 281 -43.12 32.64 -30.01
C PHE F 281 -43.01 34.11 -30.35
N ALA F 282 -43.00 34.97 -29.34
CA ALA F 282 -42.95 36.39 -29.58
C ALA F 282 -42.44 37.15 -28.37
N THR F 283 -42.05 38.41 -28.55
CA THR F 283 -41.72 39.23 -27.41
C THR F 283 -42.41 40.56 -27.49
N LEU F 284 -42.52 41.23 -26.35
CA LEU F 284 -43.13 42.54 -26.29
C LEU F 284 -42.14 43.54 -25.73
N PRO F 285 -42.19 44.81 -26.17
CA PRO F 285 -41.39 45.97 -25.79
C PRO F 285 -41.67 46.52 -24.39
N VAL F 286 -42.73 46.06 -23.74
CA VAL F 286 -43.12 46.64 -22.48
C VAL F 286 -42.10 46.37 -21.39
N TYR F 287 -41.60 47.43 -20.77
CA TYR F 287 -40.60 47.30 -19.72
C TYR F 287 -41.14 47.53 -18.32
N ASP F 288 -42.44 47.78 -18.22
CA ASP F 288 -43.06 47.95 -16.92
C ASP F 288 -43.25 46.61 -16.26
N THR F 289 -42.74 46.47 -15.04
CA THR F 289 -42.83 45.20 -14.34
C THR F 289 -44.27 44.86 -13.99
N ILE F 290 -44.67 43.63 -14.28
CA ILE F 290 -46.00 43.19 -13.92
C ILE F 290 -46.06 42.78 -12.46
N LYS F 291 -47.03 43.32 -11.75
CA LYS F 291 -47.22 42.99 -10.35
C LYS F 291 -48.48 42.17 -10.16
N TYR F 292 -49.45 42.36 -11.06
CA TYR F 292 -50.73 41.70 -10.93
C TYR F 292 -51.23 41.07 -12.19
N TYR F 293 -51.98 40.01 -12.01
CA TYR F 293 -52.51 39.24 -13.11
C TYR F 293 -53.94 38.80 -12.87
N SER F 294 -54.79 38.90 -13.89
CA SER F 294 -56.12 38.35 -13.78
C SER F 294 -56.61 37.78 -15.10
N ILE F 295 -57.61 36.92 -15.02
CA ILE F 295 -58.25 36.40 -16.20
C ILE F 295 -59.49 37.18 -16.54
N ILE F 296 -59.64 37.53 -17.81
CA ILE F 296 -60.84 38.20 -18.25
C ILE F 296 -61.91 37.14 -18.51
N PRO F 297 -63.05 37.18 -17.81
CA PRO F 297 -64.17 36.28 -18.02
C PRO F 297 -64.78 36.54 -19.37
N HIS F 298 -65.25 35.48 -19.97
CA HIS F 298 -65.77 35.56 -21.32
C HIS F 298 -66.96 34.67 -21.47
N SER F 299 -67.88 35.07 -22.34
CA SER F 299 -69.01 34.22 -22.59
C SER F 299 -69.50 34.25 -24.01
N ILE F 300 -70.31 33.28 -24.33
CA ILE F 300 -70.86 33.17 -25.66
C ILE F 300 -72.32 33.62 -25.67
N ARG F 301 -72.71 34.32 -26.73
CA ARG F 301 -74.10 34.77 -26.90
C ARG F 301 -74.87 33.85 -27.82
N SER F 302 -74.59 32.55 -27.76
CA SER F 302 -75.26 31.56 -28.55
C SER F 302 -76.71 31.40 -28.14
N ILE F 303 -77.52 31.08 -29.12
CA ILE F 303 -78.93 30.78 -28.94
C ILE F 303 -79.14 29.53 -28.09
N GLN F 304 -80.22 29.53 -27.29
CA GLN F 304 -80.55 28.47 -26.32
C GLN F 304 -80.47 27.02 -26.83
N SER F 305 -80.91 26.77 -28.06
CA SER F 305 -80.81 25.45 -28.66
C SER F 305 -79.47 25.14 -29.30
N ASP F 306 -78.67 26.18 -29.52
CA ASP F 306 -77.40 26.10 -30.23
C ASP F 306 -76.18 26.08 -29.30
N ARG F 307 -76.40 25.91 -27.99
CA ARG F 307 -75.31 25.98 -27.02
C ARG F 307 -74.25 24.92 -27.24
N LYS F 308 -72.99 25.32 -27.04
CA LYS F 308 -71.88 24.38 -27.09
C LYS F 308 -70.99 24.56 -25.88
N ALA F 309 -70.69 23.45 -25.21
CA ALA F 309 -69.83 23.46 -24.05
C ALA F 309 -68.36 23.60 -24.43
N TRP F 310 -67.54 24.06 -23.50
CA TRP F 310 -66.12 24.27 -23.80
C TRP F 310 -65.22 23.53 -22.81
N ALA F 311 -64.09 23.06 -23.33
CA ALA F 311 -63.08 22.35 -22.56
C ALA F 311 -62.46 23.22 -21.47
N ALA F 312 -62.12 22.61 -20.34
CA ALA F 312 -61.52 23.28 -19.19
C ALA F 312 -60.14 23.86 -19.50
N PHE F 313 -59.82 24.95 -18.82
CA PHE F 313 -58.59 25.67 -19.02
C PHE F 313 -57.77 25.79 -17.72
N TYR F 314 -56.45 25.52 -17.80
CA TYR F 314 -55.66 25.47 -16.57
C TYR F 314 -54.47 26.40 -16.54
N VAL F 315 -54.13 26.89 -15.34
CA VAL F 315 -52.97 27.77 -15.15
C VAL F 315 -52.03 27.26 -14.05
N TYR F 316 -50.72 27.31 -14.30
CA TYR F 316 -49.72 26.89 -13.30
C TYR F 316 -48.62 27.94 -13.17
N LYS F 317 -48.12 28.19 -11.96
CA LYS F 317 -47.07 29.20 -11.79
C LYS F 317 -45.66 28.70 -12.09
N LEU F 318 -44.85 29.55 -12.70
CA LEU F 318 -43.43 29.25 -12.92
C LEU F 318 -42.56 29.46 -11.71
N GLN F 319 -41.53 28.63 -11.56
CA GLN F 319 -40.60 28.69 -10.44
C GLN F 319 -39.15 28.40 -10.86
N PRO F 320 -38.15 29.03 -10.26
CA PRO F 320 -36.73 28.87 -10.51
C PRO F 320 -36.21 27.54 -9.98
N LEU F 321 -36.36 26.47 -10.76
CA LEU F 321 -36.06 25.12 -10.31
C LEU F 321 -34.98 24.39 -11.13
N THR F 322 -34.29 23.46 -10.46
CA THR F 322 -33.32 22.61 -11.13
C THR F 322 -33.99 21.36 -11.66
N PHE F 323 -33.73 21.04 -12.92
CA PHE F 323 -34.32 19.88 -13.56
C PHE F 323 -33.36 19.02 -14.35
N LEU F 324 -33.67 17.73 -14.44
CA LEU F 324 -33.06 16.94 -15.50
C LEU F 324 -33.86 17.11 -16.76
N LEU F 325 -33.18 17.17 -17.89
CA LEU F 325 -33.88 17.16 -19.16
C LEU F 325 -33.40 16.03 -20.04
N ASP F 326 -34.34 15.19 -20.46
CA ASP F 326 -34.09 14.11 -21.40
C ASP F 326 -34.41 14.50 -22.81
N PHE F 327 -33.41 15.01 -23.51
CA PHE F 327 -33.52 15.32 -24.92
C PHE F 327 -33.54 14.07 -25.77
N SER F 328 -34.34 14.08 -26.82
CA SER F 328 -34.39 13.01 -27.78
C SER F 328 -33.29 13.17 -28.78
N VAL F 329 -33.12 12.17 -29.62
CA VAL F 329 -32.23 12.27 -30.78
C VAL F 329 -32.60 13.38 -31.77
N ASP F 330 -33.88 13.80 -31.76
CA ASP F 330 -34.36 14.89 -32.57
C ASP F 330 -34.32 16.24 -31.85
N GLY F 331 -33.73 16.28 -30.65
CA GLY F 331 -33.64 17.52 -29.90
C GLY F 331 -34.88 17.88 -29.09
N TYR F 332 -35.84 16.97 -28.95
CA TYR F 332 -37.04 17.32 -28.20
C TYR F 332 -37.01 16.80 -26.80
N ILE F 333 -37.48 17.59 -25.87
CA ILE F 333 -37.52 17.13 -24.51
C ILE F 333 -38.68 16.19 -24.36
N ARG F 334 -38.39 14.98 -23.90
CA ARG F 334 -39.44 14.00 -23.73
C ARG F 334 -39.70 13.67 -22.28
N ARG F 335 -38.65 13.69 -21.45
CA ARG F 335 -38.84 13.44 -20.02
C ARG F 335 -38.13 14.47 -19.18
N ALA F 336 -38.63 14.71 -17.99
CA ALA F 336 -37.93 15.61 -17.11
C ALA F 336 -38.09 15.22 -15.65
N ILE F 337 -37.12 15.63 -14.82
CA ILE F 337 -37.18 15.34 -13.39
C ILE F 337 -37.10 16.59 -12.55
N ASP F 338 -38.13 16.83 -11.75
CA ASP F 338 -38.13 17.93 -10.79
C ASP F 338 -37.27 17.56 -9.61
N CYS F 339 -36.05 18.08 -9.56
CA CYS F 339 -35.06 17.55 -8.60
C CYS F 339 -35.41 17.67 -7.14
N GLY F 340 -36.05 18.76 -6.73
CA GLY F 340 -36.40 18.94 -5.33
C GLY F 340 -37.70 18.27 -4.87
N PHE F 341 -38.46 17.64 -5.79
CA PHE F 341 -39.78 17.09 -5.45
C PHE F 341 -39.78 15.92 -4.47
N ASN F 342 -38.81 15.02 -4.57
CA ASN F 342 -38.77 13.85 -3.72
C ASN F 342 -37.33 13.46 -3.43
N ASP F 343 -37.14 12.57 -2.47
CA ASP F 343 -35.85 11.97 -2.21
C ASP F 343 -35.38 11.10 -3.36
N LEU F 344 -36.33 10.42 -4.02
CA LEU F 344 -36.03 9.65 -5.21
C LEU F 344 -35.57 10.53 -6.37
N SER F 345 -36.22 11.69 -6.54
CA SER F 345 -35.83 12.65 -7.55
C SER F 345 -34.46 13.25 -7.30
N GLN F 346 -34.12 13.47 -6.02
CA GLN F 346 -32.81 13.95 -5.63
C GLN F 346 -31.70 12.99 -6.03
N LEU F 347 -31.92 11.69 -5.88
CA LEU F 347 -30.96 10.70 -6.34
C LEU F 347 -30.75 10.68 -7.83
N HIS F 348 -31.84 10.81 -8.60
CA HIS F 348 -31.72 10.86 -10.06
C HIS F 348 -30.90 12.05 -10.53
N CYS F 349 -31.11 13.19 -9.89
CA CYS F 349 -30.34 14.37 -10.20
C CYS F 349 -28.88 14.26 -9.78
N SER F 350 -28.62 13.68 -8.60
CA SER F 350 -27.24 13.51 -8.14
C SER F 350 -26.38 12.58 -9.00
N TYR F 351 -27.00 11.56 -9.61
CA TYR F 351 -26.28 10.71 -10.54
C TYR F 351 -26.49 11.05 -12.00
N GLU F 352 -27.23 12.14 -12.30
CA GLU F 352 -27.55 12.59 -13.65
C GLU F 352 -28.10 11.50 -14.57
N SER F 353 -29.05 10.72 -14.06
CA SER F 353 -29.54 9.59 -14.82
C SER F 353 -30.96 9.25 -14.53
N PHE F 354 -31.56 8.52 -15.46
CA PHE F 354 -32.90 8.01 -15.30
C PHE F 354 -32.93 6.53 -14.92
N ASP F 355 -31.77 5.95 -14.59
CA ASP F 355 -31.70 4.54 -14.24
C ASP F 355 -30.63 4.28 -13.18
N VAL F 356 -30.90 4.75 -11.96
CA VAL F 356 -29.99 4.62 -10.84
C VAL F 356 -29.87 3.16 -10.36
N GLU F 357 -28.65 2.74 -10.06
CA GLU F 357 -28.35 1.40 -9.55
C GLU F 357 -28.91 1.12 -8.17
N SER F 358 -29.26 -0.15 -7.92
CA SER F 358 -29.84 -0.53 -6.63
C SER F 358 -28.89 -0.31 -5.48
N GLY F 359 -29.42 0.16 -4.36
CA GLY F 359 -28.61 0.32 -3.16
C GLY F 359 -29.35 1.08 -2.07
N VAL F 360 -28.67 1.29 -0.95
CA VAL F 360 -29.17 2.16 0.09
C VAL F 360 -28.45 3.48 0.00
N TYR F 361 -29.20 4.58 -0.10
CA TYR F 361 -28.58 5.89 -0.30
C TYR F 361 -29.02 6.92 0.70
N SER F 362 -28.07 7.63 1.27
CA SER F 362 -28.39 8.74 2.15
C SER F 362 -28.92 9.91 1.35
N VAL F 363 -29.92 10.60 1.91
CA VAL F 363 -30.55 11.77 1.29
C VAL F 363 -30.63 12.91 2.31
N SER F 364 -31.15 14.08 1.91
CA SER F 364 -31.24 15.21 2.84
C SER F 364 -32.08 14.93 4.09
N SER F 365 -31.55 15.35 5.25
CA SER F 365 -32.19 15.19 6.57
C SER F 365 -33.27 16.23 6.87
N PHE F 366 -34.20 15.87 7.76
CA PHE F 366 -35.19 16.82 8.26
C PHE F 366 -34.54 17.80 9.20
N GLU F 367 -34.93 19.07 9.12
CA GLU F 367 -34.30 20.09 9.98
C GLU F 367 -34.72 20.06 11.45
N ALA F 368 -36.04 20.25 11.71
CA ALA F 368 -36.73 20.24 13.02
C ALA F 368 -38.01 21.07 13.00
N LYS F 369 -37.94 22.29 12.45
CA LYS F 369 -39.03 23.33 12.45
C LYS F 369 -39.27 24.00 13.82
N PRO F 370 -38.64 25.15 14.10
CA PRO F 370 -38.73 25.90 15.36
C PRO F 370 -40.12 26.42 15.70
N SER F 371 -40.37 26.51 17.01
CA SER F 371 -41.61 27.03 17.58
C SER F 371 -41.45 28.52 17.93
N GLY F 372 -42.41 29.05 18.71
CA GLY F 372 -42.42 30.47 19.06
C GLY F 372 -41.24 30.88 19.94
N SER F 373 -40.77 32.10 19.75
CA SER F 373 -39.54 32.56 20.37
C SER F 373 -39.62 32.81 21.87
N VAL F 374 -38.48 32.59 22.54
CA VAL F 374 -38.31 32.85 23.97
C VAL F 374 -37.31 33.97 24.20
N VAL F 375 -37.73 35.04 24.88
CA VAL F 375 -36.84 36.21 25.00
C VAL F 375 -36.66 36.69 26.43
N GLU F 376 -35.39 36.88 26.84
CA GLU F 376 -35.09 37.50 28.12
C GLU F 376 -34.16 38.69 27.92
N GLN F 377 -34.58 39.86 28.37
CA GLN F 377 -33.80 41.08 28.22
C GLN F 377 -34.32 42.23 29.06
N ALA F 378 -34.08 42.20 30.37
CA ALA F 378 -34.45 43.32 31.22
C ALA F 378 -33.64 44.57 30.88
N GLU F 379 -34.29 45.72 31.01
CA GLU F 379 -33.65 47.00 30.75
C GLU F 379 -34.45 48.13 31.39
N ASP F 593 -44.05 41.55 24.09
CA ASP F 593 -42.89 41.75 24.96
C ASP F 593 -43.06 41.08 26.32
N THR F 594 -44.31 40.76 26.69
CA THR F 594 -44.57 40.18 28.00
C THR F 594 -45.55 39.01 27.97
N LYS F 595 -45.04 37.83 27.61
CA LYS F 595 -45.78 36.59 27.79
C LYS F 595 -44.91 35.35 27.69
N ILE F 596 -43.91 35.37 26.81
CA ILE F 596 -43.02 34.23 26.63
C ILE F 596 -41.59 34.56 26.98
N ALA F 597 -41.34 34.80 28.26
CA ALA F 597 -40.00 34.89 28.79
C ALA F 597 -39.38 33.49 29.04
N SER F 598 -40.23 32.46 29.11
CA SER F 598 -39.77 31.09 29.19
C SER F 598 -40.76 30.15 28.54
N GLN F 599 -40.28 28.97 28.21
CA GLN F 599 -41.06 27.86 27.66
C GLN F 599 -40.22 26.63 27.81
N LEU F 600 -40.43 25.87 28.86
CA LEU F 600 -39.44 24.86 29.20
C LEU F 600 -39.53 23.57 28.42
N GLY F 601 -38.82 23.57 27.28
CA GLY F 601 -38.57 22.38 26.49
C GLY F 601 -39.43 22.28 25.27
N ASN F 602 -38.85 22.64 24.12
CA ASN F 602 -39.43 22.34 22.81
C ASN F 602 -38.29 22.41 21.76
N CYS F 603 -38.27 23.44 20.91
CA CYS F 603 -37.21 23.76 19.98
C CYS F 603 -37.52 25.15 19.54
N VAL F 604 -36.94 26.15 20.19
CA VAL F 604 -37.39 27.52 19.99
C VAL F 604 -36.28 28.42 19.59
N GLU F 605 -36.62 29.47 18.86
CA GLU F 605 -35.71 30.57 18.64
C GLU F 605 -35.55 31.32 19.94
N TYR F 606 -34.39 31.92 20.17
CA TYR F 606 -34.28 32.72 21.37
C TYR F 606 -33.43 33.95 21.24
N SER F 607 -33.67 34.89 22.16
CA SER F 607 -32.77 36.02 22.34
C SER F 607 -32.53 36.26 23.82
N LEU F 608 -31.27 36.27 24.21
CA LEU F 608 -30.86 36.43 25.60
C LEU F 608 -29.88 37.56 25.72
N TYR F 609 -30.37 38.76 26.01
CA TYR F 609 -29.53 39.97 26.11
C TYR F 609 -28.64 40.24 24.89
N GLY F 610 -29.18 40.01 23.68
CA GLY F 610 -28.46 40.18 22.43
C GLY F 610 -27.77 38.92 21.89
N VAL F 611 -27.73 37.83 22.65
CA VAL F 611 -27.25 36.55 22.17
C VAL F 611 -28.38 35.77 21.57
N SER F 612 -28.23 35.30 20.33
CA SER F 612 -29.37 34.63 19.71
C SER F 612 -29.00 33.34 19.01
N GLY F 613 -30.01 32.50 18.83
CA GLY F 613 -29.82 31.17 18.28
C GLY F 613 -31.12 30.41 18.43
N ARG F 614 -31.06 29.09 18.34
CA ARG F 614 -32.24 28.29 18.63
C ARG F 614 -31.91 26.97 19.33
N GLY F 615 -32.83 26.49 20.17
CA GLY F 615 -32.64 25.18 20.79
C GLY F 615 -33.67 24.77 21.84
N VAL F 616 -33.45 23.60 22.43
CA VAL F 616 -34.28 23.10 23.53
C VAL F 616 -33.67 23.40 24.87
N PHE F 617 -34.42 24.06 25.73
CA PHE F 617 -33.96 24.33 27.08
C PHE F 617 -34.42 23.25 28.05
N GLN F 618 -33.56 22.87 28.99
CA GLN F 618 -33.95 21.93 30.05
C GLN F 618 -33.43 22.35 31.41
N ASN F 619 -34.29 22.29 32.42
CA ASN F 619 -33.85 22.66 33.77
C ASN F 619 -32.92 21.59 34.31
N CYS F 620 -31.74 22.01 34.74
CA CYS F 620 -30.73 21.07 35.17
C CYS F 620 -29.80 21.63 36.25
N THR F 621 -28.94 20.77 36.79
CA THR F 621 -27.99 21.12 37.85
C THR F 621 -26.97 22.14 37.38
N ALA F 622 -26.70 23.13 38.25
CA ALA F 622 -25.75 24.24 38.01
C ALA F 622 -24.32 23.77 37.75
N VAL F 623 -23.62 24.48 36.85
CA VAL F 623 -22.28 24.05 36.41
C VAL F 623 -21.23 25.16 36.45
N GLY F 624 -21.48 26.22 35.69
CA GLY F 624 -20.51 27.31 35.54
C GLY F 624 -20.65 28.35 36.63
N VAL F 625 -19.87 29.42 36.53
CA VAL F 625 -19.98 30.47 37.51
C VAL F 625 -21.11 31.43 37.18
N ARG F 626 -22.15 31.37 38.01
CA ARG F 626 -23.26 32.29 37.91
C ARG F 626 -22.77 33.67 38.22
N GLN F 627 -23.27 34.63 37.44
CA GLN F 627 -22.81 36.02 37.31
C GLN F 627 -22.33 36.25 35.90
N GLN F 628 -21.67 35.24 35.33
CA GLN F 628 -21.22 35.34 33.95
C GLN F 628 -22.23 34.80 32.94
N ARG F 629 -23.33 34.16 33.42
CA ARG F 629 -24.49 33.73 32.62
C ARG F 629 -24.26 32.59 31.61
N PHE F 630 -23.52 32.89 30.55
CA PHE F 630 -23.39 32.02 29.40
C PHE F 630 -22.27 31.01 29.57
N VAL F 631 -22.62 29.74 29.57
CA VAL F 631 -21.67 28.65 29.69
C VAL F 631 -21.33 28.08 28.32
N TYR F 632 -20.05 28.04 27.97
CA TYR F 632 -19.62 27.55 26.67
C TYR F 632 -18.75 26.31 26.72
N ASP F 633 -18.77 25.54 25.63
CA ASP F 633 -17.81 24.44 25.43
C ASP F 633 -16.55 24.95 24.74
N ALA F 634 -15.61 24.04 24.46
CA ALA F 634 -14.33 24.34 23.79
C ALA F 634 -14.44 24.81 22.33
N TYR F 635 -15.58 24.56 21.68
CA TYR F 635 -15.87 25.01 20.34
C TYR F 635 -16.78 26.25 20.28
N GLN F 636 -16.96 26.93 21.43
CA GLN F 636 -17.78 28.14 21.58
C GLN F 636 -19.23 27.98 21.15
N ASN F 637 -19.86 26.93 21.65
CA ASN F 637 -21.29 26.72 21.51
C ASN F 637 -21.91 26.91 22.87
N LEU F 638 -23.09 27.50 22.90
CA LEU F 638 -23.69 27.81 24.17
C LEU F 638 -24.26 26.56 24.81
N VAL F 639 -23.52 26.03 25.77
CA VAL F 639 -23.94 24.88 26.56
C VAL F 639 -25.07 25.14 27.52
N GLY F 640 -25.08 26.29 28.15
CA GLY F 640 -26.18 26.57 29.05
C GLY F 640 -26.24 27.99 29.54
N TYR F 641 -27.30 28.28 30.28
CA TYR F 641 -27.61 29.63 30.66
C TYR F 641 -28.15 29.79 32.06
N TYR F 642 -27.56 30.71 32.83
CA TYR F 642 -28.19 31.11 34.09
C TYR F 642 -29.13 32.26 33.83
N SER F 643 -30.40 32.06 34.15
CA SER F 643 -31.46 33.05 33.90
C SER F 643 -31.73 33.96 35.07
N ASP F 644 -32.60 34.95 34.82
CA ASP F 644 -33.02 35.91 35.84
C ASP F 644 -34.12 35.40 36.79
N ASP F 645 -34.59 34.16 36.58
CA ASP F 645 -35.36 33.46 37.59
C ASP F 645 -34.49 32.60 38.53
N GLY F 646 -33.15 32.67 38.40
CA GLY F 646 -32.24 31.92 39.27
C GLY F 646 -32.01 30.46 38.87
N ASN F 647 -32.52 30.03 37.71
CA ASN F 647 -32.39 28.65 37.29
C ASN F 647 -31.42 28.48 36.17
N TYR F 648 -30.69 27.38 36.24
CA TYR F 648 -29.78 26.99 35.19
C TYR F 648 -30.50 26.16 34.15
N TYR F 649 -30.36 26.55 32.89
CA TYR F 649 -30.95 25.81 31.81
C TYR F 649 -29.89 25.26 30.87
N CYS F 650 -29.97 23.97 30.64
CA CYS F 650 -29.11 23.26 29.70
C CYS F 650 -29.63 23.51 28.32
N LEU F 651 -28.74 23.72 27.36
CA LEU F 651 -29.17 23.96 25.98
C LEU F 651 -28.58 22.94 25.02
N ARG F 652 -29.45 22.13 24.40
CA ARG F 652 -28.97 21.03 23.55
C ARG F 652 -29.31 21.13 22.06
N ALA F 653 -29.56 22.36 21.58
CA ALA F 653 -29.94 22.65 20.18
C ALA F 653 -31.23 21.88 19.81
N CYS F 654 -31.31 21.23 18.64
CA CYS F 654 -32.53 20.52 18.29
C CYS F 654 -32.18 19.24 17.56
N VAL F 655 -33.15 18.34 17.44
CA VAL F 655 -32.90 17.04 16.82
C VAL F 655 -33.32 17.00 15.37
N SER F 656 -32.32 17.00 14.50
CA SER F 656 -32.53 16.74 13.09
C SER F 656 -32.68 15.25 12.88
N VAL F 657 -33.44 14.84 11.87
CA VAL F 657 -33.68 13.42 11.64
C VAL F 657 -33.05 12.99 10.33
N PRO F 658 -31.98 12.17 10.35
CA PRO F 658 -31.30 11.65 9.17
C PRO F 658 -32.22 10.77 8.38
N VAL F 659 -32.07 10.77 7.07
CA VAL F 659 -32.94 9.98 6.22
C VAL F 659 -32.11 9.22 5.20
N SER F 660 -32.46 7.98 4.94
CA SER F 660 -31.90 7.27 3.82
C SER F 660 -32.99 6.49 3.13
N VAL F 661 -32.77 6.15 1.87
CA VAL F 661 -33.77 5.40 1.14
C VAL F 661 -33.19 4.17 0.53
N ILE F 662 -34.02 3.15 0.49
CA ILE F 662 -33.69 1.87 -0.07
C ILE F 662 -34.26 1.83 -1.44
N TYR F 663 -33.43 1.59 -2.44
CA TYR F 663 -33.96 1.52 -3.79
C TYR F 663 -33.57 0.26 -4.50
N ASP F 664 -34.55 -0.44 -5.05
CA ASP F 664 -34.23 -1.49 -5.98
C ASP F 664 -34.62 -1.12 -7.38
N LYS F 665 -33.63 -1.08 -8.26
CA LYS F 665 -33.77 -0.80 -9.68
C LYS F 665 -34.56 -1.82 -10.47
N GLU F 666 -34.43 -3.10 -10.13
CA GLU F 666 -35.08 -4.14 -10.91
C GLU F 666 -36.59 -4.18 -10.76
N THR F 667 -37.09 -4.04 -9.53
CA THR F 667 -38.52 -3.94 -9.32
C THR F 667 -39.03 -2.51 -9.37
N LYS F 668 -38.12 -1.52 -9.28
CA LYS F 668 -38.43 -0.10 -9.29
C LYS F 668 -39.29 0.27 -8.09
N THR F 669 -38.87 -0.17 -6.91
CA THR F 669 -39.62 0.05 -5.69
C THR F 669 -38.70 0.62 -4.64
N HIS F 670 -39.30 1.27 -3.64
CA HIS F 670 -38.50 1.89 -2.62
C HIS F 670 -39.12 1.93 -1.26
N ALA F 671 -38.27 2.18 -0.27
CA ALA F 671 -38.66 2.24 1.14
C ALA F 671 -37.72 3.18 1.87
N THR F 672 -38.01 3.55 3.13
CA THR F 672 -37.09 4.46 3.81
C THR F 672 -36.75 4.12 5.25
N LEU F 673 -35.65 4.71 5.70
CA LEU F 673 -35.09 4.53 7.02
C LEU F 673 -34.73 5.87 7.69
N PHE F 674 -35.17 6.05 8.94
CA PHE F 674 -34.94 7.29 9.70
C PHE F 674 -33.83 7.25 10.73
N GLY F 675 -33.01 6.22 10.70
CA GLY F 675 -31.90 6.10 11.63
C GLY F 675 -32.37 5.69 13.01
N SER F 676 -31.51 5.92 14.00
CA SER F 676 -31.75 5.50 15.38
C SER F 676 -32.69 6.38 16.23
N VAL F 677 -33.34 7.39 15.62
CA VAL F 677 -34.25 8.31 16.30
C VAL F 677 -35.43 7.69 17.07
N ALA F 678 -35.92 6.51 16.64
CA ALA F 678 -37.04 5.71 17.18
C ALA F 678 -38.39 6.20 16.68
N CYS F 679 -39.29 5.25 16.45
CA CYS F 679 -40.60 5.51 15.85
C CYS F 679 -41.60 6.32 16.67
N GLU F 680 -41.34 6.52 17.96
CA GLU F 680 -42.11 7.47 18.77
C GLU F 680 -42.08 8.93 18.26
N HIS F 681 -41.01 9.33 17.55
CA HIS F 681 -40.88 10.67 17.00
C HIS F 681 -41.25 10.75 15.51
N ILE F 682 -41.77 9.67 14.94
CA ILE F 682 -42.08 9.60 13.52
C ILE F 682 -43.59 9.57 13.31
N SER F 683 -44.05 10.27 12.29
CA SER F 683 -45.47 10.31 12.00
C SER F 683 -45.73 10.33 10.51
N SER F 684 -46.98 10.04 10.13
CA SER F 684 -47.43 9.94 8.73
C SER F 684 -47.28 11.22 7.90
N THR F 685 -47.38 12.37 8.57
CA THR F 685 -47.02 13.65 7.98
C THR F 685 -46.06 14.26 8.96
N MET F 686 -45.24 15.20 8.51
CA MET F 686 -44.19 15.69 9.37
C MET F 686 -44.31 17.18 9.63
N SER F 687 -44.09 17.55 10.89
CA SER F 687 -43.94 18.95 11.23
C SER F 687 -42.51 19.42 10.91
N GLN F 688 -41.55 18.49 11.01
CA GLN F 688 -40.19 18.73 10.60
C GLN F 688 -40.14 18.88 9.09
N TYR F 689 -39.23 19.70 8.57
CA TYR F 689 -39.20 19.94 7.14
C TYR F 689 -37.80 19.97 6.53
N SER F 690 -37.70 19.38 5.34
CA SER F 690 -36.51 19.38 4.52
C SER F 690 -36.85 19.94 3.14
N ARG F 691 -37.39 19.08 2.27
CA ARG F 691 -37.82 19.46 0.93
C ARG F 691 -39.12 18.77 0.55
N SER F 692 -39.95 19.51 -0.18
CA SER F 692 -41.23 19.10 -0.78
C SER F 692 -41.99 17.95 -0.12
N THR F 693 -41.95 16.73 -0.69
CA THR F 693 -42.74 15.62 -0.14
C THR F 693 -42.07 14.25 -0.14
N ARG F 694 -42.66 13.32 0.62
CA ARG F 694 -42.32 11.90 0.54
C ARG F 694 -43.48 11.03 0.04
N SER F 695 -44.46 11.65 -0.63
CA SER F 695 -45.71 11.02 -1.06
C SER F 695 -45.61 9.74 -1.92
N MET F 696 -44.52 9.59 -2.68
CA MET F 696 -44.26 8.37 -3.45
C MET F 696 -44.15 7.11 -2.58
N LEU F 697 -43.60 7.26 -1.36
CA LEU F 697 -43.58 6.19 -0.39
C LEU F 697 -44.96 5.98 0.18
N LYS F 698 -45.61 7.10 0.54
CA LYS F 698 -46.89 7.14 1.25
C LYS F 698 -48.10 6.61 0.48
N ARG F 699 -47.99 6.46 -0.85
CA ARG F 699 -48.95 5.68 -1.65
C ARG F 699 -49.24 4.27 -1.10
N ARG F 700 -48.23 3.61 -0.50
CA ARG F 700 -48.46 2.39 0.24
C ARG F 700 -48.25 2.64 1.74
N ASP F 701 -47.28 3.50 2.09
CA ASP F 701 -46.84 3.61 3.49
C ASP F 701 -47.70 4.47 4.41
N SER F 702 -48.72 5.18 3.90
CA SER F 702 -49.71 5.80 4.75
C SER F 702 -50.84 4.85 5.18
N THR F 703 -50.80 3.58 4.74
CA THR F 703 -51.70 2.56 5.22
C THR F 703 -51.08 1.72 6.35
N TYR F 704 -49.84 2.04 6.77
CA TYR F 704 -49.18 1.26 7.82
C TYR F 704 -48.65 2.16 8.93
N GLY F 705 -48.43 1.56 10.09
CA GLY F 705 -47.67 2.21 11.14
C GLY F 705 -46.19 2.21 10.76
N PRO F 706 -45.39 3.06 11.40
CA PRO F 706 -43.94 2.97 11.34
C PRO F 706 -43.50 1.70 12.05
N LEU F 707 -42.41 1.10 11.59
CA LEU F 707 -41.94 -0.15 12.15
C LEU F 707 -40.62 0.03 12.84
N GLN F 708 -40.55 -0.39 14.09
CA GLN F 708 -39.34 -0.25 14.84
C GLN F 708 -38.44 -1.42 14.58
N THR F 709 -37.19 -1.14 14.23
CA THR F 709 -36.21 -2.18 14.00
C THR F 709 -34.95 -1.85 14.80
N PRO F 710 -34.01 -2.80 14.89
CA PRO F 710 -32.73 -2.63 15.57
C PRO F 710 -31.82 -1.59 14.96
N VAL F 711 -31.88 -1.42 13.65
CA VAL F 711 -31.18 -0.34 12.99
C VAL F 711 -31.90 0.97 13.16
N GLY F 712 -33.22 0.96 12.99
CA GLY F 712 -33.91 2.21 13.05
C GLY F 712 -35.39 2.14 12.76
N CYS F 713 -36.00 3.30 12.69
CA CYS F 713 -37.41 3.37 12.34
C CYS F 713 -37.58 3.38 10.84
N VAL F 714 -38.45 2.53 10.31
CA VAL F 714 -38.61 2.43 8.86
C VAL F 714 -40.05 2.50 8.39
N LEU F 715 -40.23 2.81 7.11
CA LEU F 715 -41.55 2.75 6.48
C LEU F 715 -41.56 1.78 5.31
N GLY F 716 -42.62 0.97 5.25
CA GLY F 716 -42.86 0.04 4.14
C GLY F 716 -42.08 -1.27 4.19
N LEU F 717 -41.44 -1.57 5.32
CA LEU F 717 -40.52 -2.69 5.39
C LEU F 717 -41.05 -4.05 5.72
N VAL F 718 -42.27 -4.19 6.27
CA VAL F 718 -42.97 -5.47 6.57
C VAL F 718 -42.21 -6.57 7.35
N ASN F 719 -42.64 -6.87 8.58
CA ASN F 719 -41.94 -7.92 9.32
C ASN F 719 -42.30 -9.31 8.82
N SER F 720 -41.47 -9.84 7.91
CA SER F 720 -41.70 -11.16 7.35
C SER F 720 -41.10 -12.29 8.16
N SER F 721 -40.07 -11.95 8.95
CA SER F 721 -39.22 -12.89 9.70
C SER F 721 -38.57 -14.03 8.86
N LEU F 722 -38.26 -13.75 7.59
CA LEU F 722 -37.53 -14.67 6.73
C LEU F 722 -36.04 -14.67 7.04
N PHE F 723 -35.39 -15.78 6.70
CA PHE F 723 -33.94 -15.88 6.81
C PHE F 723 -33.34 -16.03 5.43
N VAL F 724 -32.59 -15.02 5.02
CA VAL F 724 -32.05 -14.96 3.66
C VAL F 724 -30.57 -14.69 3.70
N GLU F 725 -29.79 -15.43 2.91
CA GLU F 725 -28.34 -15.28 2.92
C GLU F 725 -27.81 -13.91 2.46
N ASP F 726 -28.38 -13.37 1.38
CA ASP F 726 -27.97 -12.05 0.91
C ASP F 726 -29.02 -11.42 -0.01
N CYS F 727 -29.61 -10.29 0.42
CA CYS F 727 -30.58 -9.56 -0.41
C CYS F 727 -29.93 -8.64 -1.45
N LYS F 728 -28.62 -8.35 -1.27
CA LYS F 728 -27.84 -7.29 -1.94
C LYS F 728 -28.31 -5.88 -1.54
N LEU F 729 -28.96 -5.74 -0.38
CA LEU F 729 -29.52 -4.51 0.14
C LEU F 729 -29.52 -4.54 1.65
N PRO F 730 -28.39 -4.87 2.27
CA PRO F 730 -28.28 -4.95 3.71
C PRO F 730 -28.52 -3.60 4.35
N LEU F 731 -29.11 -3.60 5.54
CA LEU F 731 -29.36 -2.37 6.26
C LEU F 731 -28.42 -2.12 7.43
N GLY F 732 -27.44 -2.99 7.63
CA GLY F 732 -26.58 -2.94 8.79
C GLY F 732 -27.10 -3.91 9.83
N GLN F 733 -26.33 -4.09 10.90
CA GLN F 733 -26.54 -5.11 11.91
C GLN F 733 -26.74 -6.47 11.21
N SER F 734 -27.86 -7.15 11.44
CA SER F 734 -28.19 -8.33 10.69
C SER F 734 -29.45 -8.14 9.85
N LEU F 735 -29.91 -6.90 9.69
CA LEU F 735 -31.14 -6.67 8.97
C LEU F 735 -30.92 -6.57 7.50
N CYS F 736 -31.88 -7.03 6.72
CA CYS F 736 -31.74 -6.99 5.29
C CYS F 736 -33.03 -6.62 4.59
N ALA F 737 -32.94 -5.73 3.61
CA ALA F 737 -34.12 -5.30 2.89
C ALA F 737 -34.38 -6.17 1.70
N LEU F 738 -35.10 -7.26 1.92
CA LEU F 738 -35.44 -8.17 0.82
C LEU F 738 -36.43 -7.49 -0.13
N PRO F 739 -36.30 -7.69 -1.43
CA PRO F 739 -37.27 -7.29 -2.42
C PRO F 739 -38.57 -8.06 -2.28
N ASP F 740 -39.66 -7.45 -2.74
CA ASP F 740 -40.82 -8.27 -3.04
C ASP F 740 -40.42 -9.08 -4.25
N THR F 741 -41.05 -10.24 -4.42
CA THR F 741 -40.63 -11.28 -5.37
C THR F 741 -40.25 -10.67 -6.73
N PRO F 742 -39.01 -10.92 -7.23
CA PRO F 742 -38.38 -10.24 -8.36
C PRO F 742 -39.12 -10.41 -9.67
N SER F 743 -39.00 -9.39 -10.52
CA SER F 743 -39.86 -9.09 -11.69
C SER F 743 -40.19 -10.22 -12.67
N GLN G 1 -33.57 -61.69 -6.41
CA GLN G 1 -33.28 -62.90 -7.17
C GLN G 1 -31.98 -63.55 -6.73
N VAL G 2 -31.53 -63.22 -5.52
CA VAL G 2 -30.26 -63.71 -5.00
C VAL G 2 -30.30 -65.19 -4.71
N GLN G 3 -29.32 -65.91 -5.23
CA GLN G 3 -29.22 -67.34 -5.03
C GLN G 3 -27.82 -67.78 -4.65
N LEU G 4 -27.76 -68.84 -3.85
CA LEU G 4 -26.53 -69.48 -3.44
C LEU G 4 -26.63 -70.99 -3.63
N GLN G 5 -26.27 -71.47 -4.81
CA GLN G 5 -26.51 -72.85 -5.16
C GLN G 5 -25.39 -73.75 -4.74
N GLN G 6 -25.56 -74.38 -3.59
CA GLN G 6 -24.59 -75.36 -3.12
C GLN G 6 -24.61 -76.64 -3.91
N SER G 7 -23.43 -77.27 -4.03
CA SER G 7 -23.29 -78.60 -4.63
C SER G 7 -23.94 -79.70 -3.77
N GLY G 8 -24.39 -80.76 -4.44
CA GLY G 8 -25.17 -81.84 -3.81
C GLY G 8 -24.38 -82.72 -2.83
N PRO G 9 -25.09 -83.30 -1.85
CA PRO G 9 -24.60 -84.08 -0.73
C PRO G 9 -23.92 -85.39 -1.12
N GLU G 10 -22.96 -85.83 -0.31
CA GLU G 10 -22.30 -87.11 -0.60
C GLU G 10 -21.79 -87.83 0.66
N LEU G 11 -21.89 -89.17 0.66
CA LEU G 11 -21.39 -89.99 1.76
C LEU G 11 -19.89 -90.32 1.59
N VAL G 12 -19.05 -89.32 1.78
CA VAL G 12 -17.63 -89.45 1.47
C VAL G 12 -16.87 -90.22 2.56
N ARG G 13 -16.05 -91.19 2.14
CA ARG G 13 -15.22 -91.97 3.05
C ARG G 13 -14.05 -91.16 3.67
N PRO G 14 -13.59 -91.52 4.89
CA PRO G 14 -12.59 -90.79 5.66
C PRO G 14 -11.21 -90.83 5.02
N GLY G 15 -10.49 -89.73 5.24
CA GLY G 15 -9.17 -89.46 4.68
C GLY G 15 -9.20 -88.66 3.36
N VAL G 16 -10.38 -88.44 2.78
CA VAL G 16 -10.50 -87.64 1.57
C VAL G 16 -10.41 -86.13 1.88
N SER G 17 -9.76 -85.38 0.99
CA SER G 17 -9.84 -83.92 1.08
C SER G 17 -11.09 -83.45 0.32
N VAL G 18 -12.09 -82.97 1.05
CA VAL G 18 -13.42 -82.77 0.49
C VAL G 18 -13.70 -81.36 0.04
N LYS G 19 -14.00 -81.18 -1.24
CA LYS G 19 -14.34 -79.85 -1.73
C LYS G 19 -15.83 -79.68 -1.96
N ILE G 20 -16.36 -78.58 -1.44
CA ILE G 20 -17.76 -78.19 -1.56
C ILE G 20 -17.83 -76.87 -2.31
N SER G 21 -18.79 -76.74 -3.24
CA SER G 21 -18.89 -75.48 -3.97
C SER G 21 -20.20 -74.79 -3.69
N CYS G 22 -20.19 -73.47 -3.84
CA CYS G 22 -21.37 -72.64 -3.71
C CYS G 22 -21.40 -71.57 -4.80
N LYS G 23 -22.44 -71.57 -5.62
CA LYS G 23 -22.51 -70.65 -6.74
C LYS G 23 -23.45 -69.49 -6.53
N GLY G 24 -22.91 -68.29 -6.59
CA GLY G 24 -23.73 -67.11 -6.51
C GLY G 24 -24.47 -66.87 -7.82
N SER G 25 -25.70 -66.37 -7.72
CA SER G 25 -26.41 -65.94 -8.92
C SER G 25 -27.41 -64.84 -8.63
N GLY G 26 -27.65 -64.00 -9.63
CA GLY G 26 -28.61 -62.89 -9.54
C GLY G 26 -28.08 -61.59 -8.91
N TYR G 27 -26.78 -61.52 -8.60
CA TYR G 27 -26.16 -60.33 -8.04
C TYR G 27 -24.69 -60.29 -8.42
N THR G 28 -24.03 -59.15 -8.21
CA THR G 28 -22.61 -59.09 -8.52
C THR G 28 -21.79 -59.82 -7.48
N PHE G 29 -21.25 -60.96 -7.89
CA PHE G 29 -20.58 -61.89 -6.99
C PHE G 29 -19.34 -61.37 -6.32
N THR G 30 -18.59 -60.52 -7.03
CA THR G 30 -17.35 -59.97 -6.52
C THR G 30 -17.52 -58.87 -5.47
N ASP G 31 -18.73 -58.36 -5.23
CA ASP G 31 -18.90 -57.37 -4.19
C ASP G 31 -19.19 -57.92 -2.80
N TYR G 32 -19.35 -59.24 -2.65
CA TYR G 32 -19.71 -59.78 -1.34
C TYR G 32 -18.87 -60.97 -0.94
N ALA G 33 -18.28 -60.90 0.23
CA ALA G 33 -17.59 -62.03 0.82
C ALA G 33 -18.56 -63.16 1.20
N ILE G 34 -18.07 -64.38 1.13
CA ILE G 34 -18.86 -65.56 1.47
C ILE G 34 -18.47 -66.18 2.80
N HIS G 35 -19.43 -66.29 3.72
CA HIS G 35 -19.22 -66.97 4.98
C HIS G 35 -19.52 -68.43 4.84
N TRP G 36 -18.78 -69.28 5.54
CA TRP G 36 -19.10 -70.71 5.56
C TRP G 36 -19.37 -71.16 7.00
N VAL G 37 -20.39 -72.04 7.15
CA VAL G 37 -20.87 -72.54 8.46
C VAL G 37 -21.04 -74.08 8.49
N LYS G 38 -20.75 -74.70 9.63
CA LYS G 38 -20.98 -76.13 9.88
C LYS G 38 -22.09 -76.35 10.88
N GLN G 39 -23.04 -77.22 10.55
CA GLN G 39 -24.13 -77.59 11.46
C GLN G 39 -24.14 -79.08 11.75
N SER G 40 -23.79 -79.45 12.98
CA SER G 40 -23.76 -80.86 13.38
C SER G 40 -25.06 -81.30 14.07
N HIS G 41 -25.79 -80.35 14.62
CA HIS G 41 -27.06 -80.62 15.28
C HIS G 41 -27.96 -79.42 15.11
N ALA G 42 -29.26 -79.57 15.35
CA ALA G 42 -30.21 -78.44 15.37
C ALA G 42 -29.79 -77.30 16.33
N LYS G 43 -29.16 -77.63 17.46
CA LYS G 43 -28.61 -76.66 18.39
C LYS G 43 -27.07 -76.61 18.43
N SER G 44 -26.38 -77.07 17.38
CA SER G 44 -24.92 -76.98 17.35
C SER G 44 -24.40 -76.57 16.00
N LEU G 45 -24.19 -75.27 15.86
CA LEU G 45 -23.68 -74.68 14.65
C LEU G 45 -22.44 -73.84 14.94
N GLU G 46 -21.49 -73.84 14.01
CA GLU G 46 -20.30 -73.03 14.20
C GLU G 46 -19.76 -72.43 12.90
N TRP G 47 -19.26 -71.22 13.02
CA TRP G 47 -18.63 -70.50 11.92
C TRP G 47 -17.35 -71.18 11.51
N ILE G 48 -17.14 -71.32 10.22
CA ILE G 48 -15.94 -71.93 9.70
C ILE G 48 -14.97 -70.93 9.16
N GLY G 49 -15.46 -70.01 8.34
CA GLY G 49 -14.55 -69.02 7.81
C GLY G 49 -15.23 -68.03 6.91
N VAL G 50 -14.46 -67.09 6.39
CA VAL G 50 -14.99 -66.14 5.41
C VAL G 50 -13.99 -65.93 4.30
N PHE G 51 -14.51 -65.81 3.08
CA PHE G 51 -13.70 -65.66 1.88
C PHE G 51 -14.04 -64.40 1.10
N SER G 52 -13.09 -63.46 0.96
CA SER G 52 -13.37 -62.30 0.10
C SER G 52 -13.35 -62.71 -1.32
N THR G 53 -14.42 -62.36 -2.03
CA THR G 53 -14.52 -62.69 -3.43
C THR G 53 -13.93 -61.64 -4.35
N TYR G 54 -13.39 -60.55 -3.79
CA TYR G 54 -12.75 -59.57 -4.60
C TYR G 54 -11.25 -59.72 -4.50
N TYR G 55 -10.76 -59.78 -3.25
CA TYR G 55 -9.33 -59.78 -2.99
C TYR G 55 -8.73 -61.15 -2.71
N GLY G 56 -9.57 -62.13 -2.32
CA GLY G 56 -9.06 -63.47 -1.97
C GLY G 56 -8.53 -63.60 -0.53
N ASN G 57 -8.70 -62.57 0.30
CA ASN G 57 -8.27 -62.60 1.68
C ASN G 57 -9.19 -63.46 2.50
N THR G 58 -8.63 -64.22 3.44
CA THR G 58 -9.45 -65.11 4.25
C THR G 58 -9.21 -65.04 5.74
N ASN G 59 -10.22 -65.47 6.48
CA ASN G 59 -10.10 -65.75 7.91
C ASN G 59 -10.71 -67.10 8.15
N TYR G 60 -10.15 -67.85 9.08
CA TYR G 60 -10.72 -69.14 9.43
C TYR G 60 -10.87 -69.26 10.91
N ASN G 61 -11.80 -70.10 11.31
CA ASN G 61 -11.90 -70.53 12.67
C ASN G 61 -10.66 -71.33 12.96
N GLN G 62 -10.01 -71.04 14.08
CA GLN G 62 -8.71 -71.62 14.41
C GLN G 62 -8.65 -73.13 14.44
N LYS G 63 -9.74 -73.79 14.83
CA LYS G 63 -9.82 -75.25 14.84
C LYS G 63 -9.69 -75.90 13.46
N PHE G 64 -10.13 -75.20 12.41
CA PHE G 64 -10.04 -75.70 11.05
C PHE G 64 -8.98 -74.96 10.23
N LYS G 65 -8.16 -74.12 10.86
CA LYS G 65 -7.26 -73.25 10.09
C LYS G 65 -6.19 -73.98 9.28
N GLY G 66 -5.72 -75.12 9.77
CA GLY G 66 -4.78 -75.97 9.05
C GLY G 66 -5.44 -77.10 8.23
N ARG G 67 -6.77 -77.08 8.09
CA ARG G 67 -7.49 -78.11 7.36
C ARG G 67 -8.27 -77.53 6.21
N ALA G 68 -8.99 -76.45 6.50
CA ALA G 68 -9.87 -75.83 5.54
C ALA G 68 -9.19 -74.69 4.83
N THR G 69 -9.31 -74.67 3.50
CA THR G 69 -8.88 -73.52 2.71
C THR G 69 -9.97 -73.14 1.75
N MET G 70 -9.99 -71.87 1.33
CA MET G 70 -11.02 -71.42 0.39
C MET G 70 -10.48 -70.74 -0.87
N THR G 71 -11.17 -70.97 -2.00
CA THR G 71 -10.79 -70.40 -3.31
C THR G 71 -12.00 -69.96 -4.15
N VAL G 72 -11.72 -69.36 -5.32
CA VAL G 72 -12.76 -68.80 -6.18
C VAL G 72 -12.63 -69.23 -7.64
N ASP G 73 -13.76 -69.24 -8.33
CA ASP G 73 -13.82 -69.21 -9.76
C ASP G 73 -14.69 -68.05 -10.19
N LYS G 74 -14.07 -66.88 -10.35
CA LYS G 74 -14.79 -65.64 -10.69
C LYS G 74 -15.57 -65.71 -12.00
N SER G 75 -15.06 -66.43 -13.01
CA SER G 75 -15.77 -66.63 -14.26
C SER G 75 -17.08 -67.43 -14.15
N SER G 76 -17.20 -68.30 -13.14
CA SER G 76 -18.42 -69.05 -12.89
C SER G 76 -19.21 -68.53 -11.70
N SER G 77 -18.81 -67.35 -11.15
CA SER G 77 -19.38 -66.77 -9.93
C SER G 77 -19.48 -67.75 -8.75
N THR G 78 -18.42 -68.54 -8.52
CA THR G 78 -18.50 -69.63 -7.55
C THR G 78 -17.36 -69.57 -6.55
N ALA G 79 -17.64 -70.02 -5.33
CA ALA G 79 -16.63 -70.14 -4.28
C ALA G 79 -16.54 -71.57 -3.83
N TYR G 80 -15.35 -71.97 -3.39
CA TYR G 80 -15.13 -73.33 -2.95
C TYR G 80 -14.53 -73.36 -1.57
N MET G 81 -14.87 -74.38 -0.81
CA MET G 81 -14.18 -74.66 0.43
C MET G 81 -13.69 -76.08 0.39
N GLU G 82 -12.41 -76.28 0.65
CA GLU G 82 -11.85 -77.62 0.64
C GLU G 82 -11.32 -77.99 2.00
N LEU G 83 -11.77 -79.13 2.52
CA LEU G 83 -11.43 -79.57 3.87
C LEU G 83 -10.59 -80.83 3.87
N ALA G 84 -9.32 -80.68 4.22
CA ALA G 84 -8.37 -81.78 4.29
C ALA G 84 -8.70 -82.80 5.38
N ARG G 85 -8.40 -84.07 5.07
CA ARG G 85 -8.35 -85.19 6.03
C ARG G 85 -9.65 -85.50 6.74
N LEU G 86 -10.69 -85.86 5.98
CA LEU G 86 -12.02 -86.10 6.53
C LEU G 86 -12.06 -87.17 7.61
N THR G 87 -12.81 -86.91 8.65
CA THR G 87 -13.08 -87.90 9.70
C THR G 87 -14.55 -87.89 10.04
N SER G 88 -15.00 -88.89 10.81
CA SER G 88 -16.42 -89.06 11.18
C SER G 88 -17.04 -87.88 11.95
N GLU G 89 -16.22 -87.14 12.71
CA GLU G 89 -16.59 -85.91 13.41
C GLU G 89 -16.90 -84.70 12.48
N ASP G 90 -16.56 -84.81 11.19
CA ASP G 90 -16.94 -83.83 10.21
C ASP G 90 -18.27 -84.13 9.52
N SER G 91 -18.96 -85.22 9.92
CA SER G 91 -20.23 -85.50 9.27
C SER G 91 -21.24 -84.47 9.69
N ALA G 92 -21.66 -83.65 8.74
CA ALA G 92 -22.43 -82.47 9.08
C ALA G 92 -23.11 -81.85 7.88
N ILE G 93 -23.97 -80.90 8.18
CA ILE G 93 -24.59 -80.06 7.18
C ILE G 93 -23.71 -78.83 6.99
N TYR G 94 -23.44 -78.47 5.76
CA TYR G 94 -22.62 -77.30 5.49
C TYR G 94 -23.38 -76.23 4.74
N TYR G 95 -23.05 -74.98 5.05
CA TYR G 95 -23.70 -73.83 4.43
C TYR G 95 -22.72 -72.82 3.89
N CYS G 96 -23.20 -72.02 2.95
CA CYS G 96 -22.53 -70.81 2.53
C CYS G 96 -23.51 -69.64 2.72
N ALA G 97 -23.00 -68.44 2.98
CA ALA G 97 -23.89 -67.31 3.24
C ALA G 97 -23.27 -65.98 2.80
N ARG G 98 -24.12 -65.04 2.39
CA ARG G 98 -23.62 -63.77 1.89
C ARG G 98 -23.36 -62.75 3.00
N LYS G 99 -22.21 -62.11 2.99
CA LYS G 99 -21.94 -61.05 3.97
C LYS G 99 -22.81 -59.82 3.73
N SER G 100 -23.31 -59.19 4.80
CA SER G 100 -24.02 -57.92 4.64
C SER G 100 -23.90 -56.99 5.82
N TYR G 101 -24.27 -55.74 5.59
CA TYR G 101 -24.31 -54.70 6.62
C TYR G 101 -25.64 -53.98 6.68
N TYR G 102 -26.65 -54.59 7.29
CA TYR G 102 -27.91 -53.89 7.54
C TYR G 102 -27.76 -52.80 8.58
N VAL G 103 -26.94 -53.07 9.59
CA VAL G 103 -26.57 -52.10 10.60
C VAL G 103 -25.12 -51.77 10.39
N ASP G 104 -24.78 -50.50 10.57
CA ASP G 104 -23.42 -50.05 10.34
C ASP G 104 -22.47 -50.72 11.27
N TYR G 105 -21.41 -51.28 10.67
CA TYR G 105 -20.36 -52.05 11.33
C TYR G 105 -20.79 -53.38 11.98
N VAL G 106 -21.93 -53.95 11.60
CA VAL G 106 -22.36 -55.24 12.14
C VAL G 106 -22.51 -56.28 11.05
N ASP G 107 -21.73 -57.34 11.13
CA ASP G 107 -21.84 -58.44 10.16
C ASP G 107 -23.18 -59.12 10.23
N ALA G 108 -23.77 -59.32 9.07
CA ALA G 108 -24.98 -60.09 8.90
C ALA G 108 -24.76 -61.19 7.89
N MET G 109 -25.49 -62.30 8.04
CA MET G 109 -25.36 -63.44 7.14
C MET G 109 -26.44 -63.54 6.06
N ASP G 110 -27.36 -62.55 6.00
CA ASP G 110 -28.23 -62.28 4.84
C ASP G 110 -28.91 -63.53 4.19
N TYR G 111 -28.63 -63.82 2.91
CA TYR G 111 -29.17 -64.97 2.22
C TYR G 111 -28.27 -66.18 2.42
N TRP G 112 -28.88 -67.32 2.72
CA TRP G 112 -28.16 -68.56 2.93
C TRP G 112 -28.38 -69.54 1.80
N GLY G 113 -27.37 -70.36 1.53
CA GLY G 113 -27.47 -71.47 0.62
C GLY G 113 -28.34 -72.56 1.19
N GLN G 114 -28.91 -73.41 0.33
CA GLN G 114 -29.94 -74.37 0.73
C GLN G 114 -29.50 -75.54 1.65
N GLY G 115 -28.20 -75.77 1.78
CA GLY G 115 -27.67 -76.79 2.65
C GLY G 115 -27.21 -77.98 1.85
N THR G 116 -26.04 -78.49 2.21
CA THR G 116 -25.53 -79.72 1.64
C THR G 116 -24.96 -80.53 2.76
N SER G 117 -24.64 -81.80 2.55
CA SER G 117 -24.07 -82.55 3.66
C SER G 117 -23.00 -83.51 3.23
N VAL G 118 -22.13 -83.82 4.17
CA VAL G 118 -21.04 -84.77 3.95
C VAL G 118 -21.11 -85.80 5.05
N THR G 119 -20.92 -87.08 4.70
CA THR G 119 -20.81 -88.15 5.73
C THR G 119 -19.82 -89.29 5.46
N ASP H 1 -13.04 -66.94 22.46
CA ASP H 1 -14.18 -66.15 22.04
C ASP H 1 -15.17 -65.99 23.20
N ILE H 2 -15.96 -64.93 23.14
CA ILE H 2 -17.04 -64.75 24.10
C ILE H 2 -18.12 -65.79 23.93
N VAL H 3 -18.51 -66.41 25.03
CA VAL H 3 -19.49 -67.47 25.02
C VAL H 3 -20.88 -66.93 25.16
N LEU H 4 -21.78 -67.36 24.28
CA LEU H 4 -23.17 -66.98 24.40
C LEU H 4 -23.98 -68.16 24.90
N THR H 5 -24.88 -67.88 25.84
CA THR H 5 -25.82 -68.88 26.35
C THR H 5 -27.21 -68.29 26.33
N GLN H 6 -28.23 -69.13 26.36
CA GLN H 6 -29.61 -68.66 26.25
C GLN H 6 -30.54 -69.44 27.15
N SER H 7 -31.64 -68.81 27.58
CA SER H 7 -32.62 -69.50 28.41
C SER H 7 -34.05 -68.99 28.22
N PRO H 8 -35.06 -69.79 28.60
CA PRO H 8 -35.11 -71.22 28.90
C PRO H 8 -34.87 -72.02 27.62
N ALA H 9 -34.36 -73.26 27.77
CA ALA H 9 -33.99 -74.12 26.64
C ALA H 9 -35.14 -74.37 25.63
N SER H 10 -36.37 -74.45 26.12
CA SER H 10 -37.52 -74.36 25.26
C SER H 10 -38.61 -73.60 25.98
N LEU H 11 -39.45 -72.95 25.21
CA LEU H 11 -40.55 -72.17 25.76
C LEU H 11 -41.84 -72.49 25.04
N ALA H 12 -42.89 -72.82 25.79
CA ALA H 12 -44.19 -73.02 25.18
C ALA H 12 -45.12 -71.90 25.58
N VAL H 13 -45.80 -71.32 24.59
CA VAL H 13 -46.80 -70.28 24.84
C VAL H 13 -48.09 -70.56 24.07
N SER H 14 -49.18 -69.97 24.50
CA SER H 14 -50.45 -70.10 23.78
C SER H 14 -50.48 -69.19 22.55
N LEU H 15 -51.36 -69.48 21.61
CA LEU H 15 -51.46 -68.66 20.41
C LEU H 15 -51.95 -67.27 20.74
N GLY H 16 -51.24 -66.27 20.22
CA GLY H 16 -51.50 -64.85 20.45
C GLY H 16 -50.80 -64.28 21.70
N GLN H 17 -50.08 -65.12 22.44
CA GLN H 17 -49.40 -64.71 23.65
C GLN H 17 -48.07 -64.04 23.35
N ARG H 18 -47.67 -63.12 24.20
CA ARG H 18 -46.32 -62.60 24.14
C ARG H 18 -45.30 -63.64 24.57
N ALA H 19 -44.11 -63.59 24.00
CA ALA H 19 -43.03 -64.49 24.40
C ALA H 19 -41.69 -63.80 24.38
N THR H 20 -40.81 -64.20 25.31
CA THR H 20 -39.46 -63.67 25.29
C THR H 20 -38.39 -64.72 25.42
N ILE H 21 -37.18 -64.36 25.00
CA ILE H 21 -35.99 -65.22 25.13
C ILE H 21 -34.88 -64.44 25.77
N SER H 22 -34.22 -65.02 26.78
CA SER H 22 -33.09 -64.36 27.43
C SER H 22 -31.77 -64.81 26.84
N CYS H 23 -30.83 -63.89 26.70
CA CYS H 23 -29.52 -64.21 26.15
C CYS H 23 -28.41 -63.60 27.00
N ARG H 24 -27.40 -64.40 27.31
CA ARG H 24 -26.31 -63.95 28.16
C ARG H 24 -24.94 -64.13 27.55
N ALA H 25 -24.11 -63.10 27.66
CA ALA H 25 -22.75 -63.16 27.17
C ALA H 25 -21.78 -63.26 28.32
N SER H 26 -20.72 -64.07 28.13
CA SER H 26 -19.63 -64.20 29.12
C SER H 26 -18.84 -62.90 29.38
N GLU H 27 -18.75 -62.03 28.38
CA GLU H 27 -18.16 -60.71 28.50
C GLU H 27 -18.95 -59.80 27.60
N SER H 28 -19.03 -58.50 27.94
CA SER H 28 -19.82 -57.57 27.18
C SER H 28 -19.35 -57.44 25.75
N VAL H 29 -20.32 -57.29 24.87
CA VAL H 29 -20.02 -57.18 23.46
C VAL H 29 -20.21 -55.77 22.93
N ASP H 30 -20.50 -54.81 23.79
CA ASP H 30 -20.56 -53.44 23.29
C ASP H 30 -19.16 -52.89 23.07
N ASN H 31 -18.92 -52.42 21.87
CA ASN H 31 -17.70 -51.70 21.55
C ASN H 31 -18.11 -50.54 20.67
N TYR H 32 -17.75 -49.33 21.10
CA TYR H 32 -18.13 -48.06 20.47
C TYR H 32 -19.65 -47.77 20.45
N GLY H 33 -20.42 -48.40 21.35
CA GLY H 33 -21.88 -48.28 21.39
C GLY H 33 -22.64 -49.13 20.34
N ILE H 34 -21.94 -50.02 19.64
CA ILE H 34 -22.52 -50.73 18.51
C ILE H 34 -23.38 -51.94 18.82
N SER H 35 -23.08 -52.66 19.93
CA SER H 35 -23.77 -53.90 20.40
C SER H 35 -23.53 -55.20 19.60
N PHE H 36 -23.65 -55.17 18.26
CA PHE H 36 -23.28 -56.30 17.38
C PHE H 36 -24.07 -57.58 17.59
N MET H 37 -25.35 -57.46 17.98
CA MET H 37 -26.13 -58.64 18.27
C MET H 37 -27.17 -58.88 17.21
N ASN H 38 -27.14 -60.08 16.62
CA ASN H 38 -28.10 -60.47 15.62
C ASN H 38 -28.88 -61.66 16.11
N TRP H 39 -30.14 -61.78 15.70
CA TRP H 39 -30.89 -62.98 16.04
C TRP H 39 -31.26 -63.73 14.79
N PHE H 40 -31.17 -65.06 14.87
CA PHE H 40 -31.45 -65.97 13.76
C PHE H 40 -32.57 -66.95 14.06
N GLN H 41 -33.20 -67.44 12.99
CA GLN H 41 -34.34 -68.38 13.06
C GLN H 41 -34.14 -69.63 12.21
N GLN H 42 -34.40 -70.83 12.75
CA GLN H 42 -34.31 -72.02 11.89
C GLN H 42 -35.43 -73.01 12.14
N LYS H 43 -35.95 -73.60 11.08
CA LYS H 43 -36.92 -74.69 11.19
C LYS H 43 -36.33 -75.93 10.54
N PRO H 44 -36.92 -77.09 10.80
CA PRO H 44 -36.49 -78.32 10.16
C PRO H 44 -36.77 -78.23 8.67
N GLY H 45 -35.82 -78.71 7.88
CA GLY H 45 -35.87 -78.60 6.44
C GLY H 45 -35.44 -77.22 5.89
N GLN H 46 -34.88 -76.34 6.74
CA GLN H 46 -34.52 -75.00 6.31
C GLN H 46 -33.10 -74.62 6.75
N PRO H 47 -32.49 -73.68 6.04
CA PRO H 47 -31.36 -72.89 6.46
C PRO H 47 -31.79 -71.96 7.59
N PRO H 48 -30.86 -71.47 8.41
CA PRO H 48 -31.04 -70.37 9.33
C PRO H 48 -31.40 -69.12 8.56
N LYS H 49 -32.21 -68.28 9.15
CA LYS H 49 -32.67 -67.05 8.55
C LYS H 49 -32.38 -65.88 9.45
N LEU H 50 -31.81 -64.82 8.90
CA LEU H 50 -31.59 -63.62 9.69
C LEU H 50 -32.90 -62.99 10.06
N LEU H 51 -33.04 -62.61 11.32
CA LEU H 51 -34.21 -61.88 11.73
C LEU H 51 -33.92 -60.43 11.89
N ILE H 52 -33.08 -60.13 12.87
CA ILE H 52 -32.84 -58.76 13.26
C ILE H 52 -31.38 -58.52 13.54
N SER H 53 -31.03 -57.26 13.61
CA SER H 53 -29.68 -56.83 13.96
C SER H 53 -29.80 -55.70 14.96
N ALA H 54 -28.69 -55.30 15.57
CA ALA H 54 -28.65 -54.44 16.76
C ALA H 54 -29.55 -53.17 16.76
N THR H 55 -29.62 -52.43 15.65
CA THR H 55 -30.51 -51.26 15.56
C THR H 55 -31.70 -51.48 14.59
N SER H 56 -31.91 -52.71 14.14
CA SER H 56 -32.94 -53.01 13.14
C SER H 56 -33.90 -54.08 13.62
N ASN H 57 -34.90 -53.63 14.37
CA ASN H 57 -36.00 -54.48 14.81
C ASN H 57 -36.98 -54.74 13.68
N GLN H 58 -37.26 -53.71 12.90
CA GLN H 58 -37.92 -53.89 11.63
C GLN H 58 -36.83 -53.74 10.60
N GLY H 59 -36.96 -54.46 9.51
CA GLY H 59 -35.90 -54.50 8.51
C GLY H 59 -35.09 -55.74 8.76
N SER H 60 -34.05 -55.93 7.96
CA SER H 60 -33.19 -57.13 7.97
C SER H 60 -33.95 -58.43 7.62
N GLY H 61 -35.02 -58.32 6.82
CA GLY H 61 -35.88 -59.44 6.47
C GLY H 61 -37.16 -59.62 7.34
N VAL H 62 -37.40 -58.83 8.41
CA VAL H 62 -38.64 -59.01 9.21
C VAL H 62 -39.48 -57.73 9.43
N PRO H 63 -40.76 -57.89 9.86
CA PRO H 63 -41.62 -56.90 10.50
C PRO H 63 -41.19 -56.59 11.93
N ALA H 64 -41.70 -55.47 12.46
CA ALA H 64 -41.48 -54.99 13.85
C ALA H 64 -41.91 -55.96 14.99
N ARG H 65 -42.63 -57.05 14.69
CA ARG H 65 -42.94 -58.15 15.61
C ARG H 65 -41.75 -58.76 16.36
N PHE H 66 -40.54 -58.74 15.79
CA PHE H 66 -39.37 -59.28 16.47
C PHE H 66 -38.57 -58.17 17.14
N ILE H 67 -38.81 -57.93 18.43
CA ILE H 67 -38.15 -56.82 19.10
C ILE H 67 -36.92 -57.24 19.88
N GLY H 68 -35.74 -56.93 19.36
CA GLY H 68 -34.51 -57.08 20.09
C GLY H 68 -34.37 -55.99 21.14
N SER H 69 -33.73 -56.33 22.25
CA SER H 69 -33.45 -55.36 23.30
C SER H 69 -32.24 -55.75 24.13
N GLY H 70 -31.86 -54.83 25.02
CA GLY H 70 -30.79 -55.04 26.00
C GLY H 70 -29.43 -54.50 25.54
N SER H 71 -28.46 -54.57 26.46
CA SER H 71 -27.10 -54.09 26.22
C SER H 71 -26.09 -54.78 27.14
N GLY H 72 -24.80 -54.60 26.85
CA GLY H 72 -23.78 -55.18 27.68
C GLY H 72 -23.73 -56.68 27.49
N THR H 73 -23.94 -57.41 28.59
CA THR H 73 -24.01 -58.86 28.56
C THR H 73 -25.41 -59.42 28.42
N ASP H 74 -26.46 -58.59 28.54
CA ASP H 74 -27.82 -59.12 28.56
C ASP H 74 -28.63 -58.68 27.36
N PHE H 75 -29.20 -59.63 26.64
CA PHE H 75 -30.02 -59.30 25.49
C PHE H 75 -31.30 -60.08 25.51
N SER H 76 -32.28 -59.60 24.78
CA SER H 76 -33.50 -60.36 24.70
C SER H 76 -34.21 -60.19 23.39
N LEU H 77 -35.09 -61.14 23.11
CA LEU H 77 -36.01 -61.07 21.99
C LEU H 77 -37.39 -61.01 22.56
N ASN H 78 -38.23 -60.15 22.02
CA ASN H 78 -39.60 -60.00 22.50
C ASN H 78 -40.60 -60.00 21.35
N ILE H 79 -41.49 -61.00 21.32
CA ILE H 79 -42.53 -61.07 20.29
C ILE H 79 -43.91 -61.06 20.92
N HIS H 80 -44.68 -60.00 20.72
CA HIS H 80 -45.98 -59.88 21.37
C HIS H 80 -47.18 -60.69 20.82
N PRO H 81 -47.19 -61.11 19.53
CA PRO H 81 -48.31 -61.95 19.05
C PRO H 81 -47.85 -63.26 18.43
N VAL H 82 -47.44 -64.23 19.24
CA VAL H 82 -46.91 -65.46 18.67
C VAL H 82 -47.94 -66.34 17.95
N GLU H 83 -47.55 -66.87 16.79
CA GLU H 83 -48.38 -67.80 16.04
C GLU H 83 -47.60 -69.09 15.83
N GLU H 84 -48.27 -70.16 15.39
CA GLU H 84 -47.62 -71.48 15.21
C GLU H 84 -46.53 -71.51 14.12
N ASP H 85 -46.56 -70.55 13.17
CA ASP H 85 -45.48 -70.37 12.21
C ASP H 85 -44.27 -69.57 12.73
N ASP H 86 -44.26 -69.18 14.01
CA ASP H 86 -43.06 -68.72 14.68
C ASP H 86 -42.32 -69.86 15.41
N THR H 87 -42.80 -71.11 15.36
CA THR H 87 -42.11 -72.16 16.08
C THR H 87 -40.86 -72.55 15.37
N ALA H 88 -39.75 -72.20 16.00
CA ALA H 88 -38.45 -72.35 15.39
C ALA H 88 -37.37 -72.34 16.43
N MET H 89 -36.18 -72.77 16.05
CA MET H 89 -35.04 -72.57 16.89
C MET H 89 -34.62 -71.12 16.78
N TYR H 90 -34.16 -70.52 17.87
CA TYR H 90 -33.72 -69.14 17.83
C TYR H 90 -32.35 -68.96 18.44
N PHE H 91 -31.50 -68.17 17.77
CA PHE H 91 -30.09 -68.08 18.18
C PHE H 91 -29.59 -66.65 18.32
N CYS H 92 -28.76 -66.42 19.33
CA CYS H 92 -27.97 -65.18 19.44
C CYS H 92 -26.69 -65.29 18.67
N GLN H 93 -26.39 -64.29 17.84
CA GLN H 93 -25.14 -64.24 17.09
C GLN H 93 -24.29 -63.04 17.45
N GLN H 94 -23.02 -63.30 17.78
CA GLN H 94 -22.07 -62.23 18.02
C GLN H 94 -21.32 -61.83 16.75
N SER H 95 -21.38 -60.55 16.35
CA SER H 95 -20.57 -60.08 15.23
C SER H 95 -19.30 -59.31 15.65
N LYS H 96 -19.10 -59.10 16.95
CA LYS H 96 -17.98 -58.31 17.48
C LYS H 96 -16.58 -58.80 17.25
N GLU H 97 -16.32 -60.09 17.43
CA GLU H 97 -14.93 -60.55 17.38
C GLU H 97 -14.81 -61.94 16.82
N VAL H 98 -13.64 -62.22 16.27
CA VAL H 98 -13.33 -63.51 15.71
C VAL H 98 -13.26 -64.56 16.80
N PRO H 99 -13.73 -65.78 16.52
CA PRO H 99 -14.21 -66.31 15.24
C PRO H 99 -15.73 -66.36 15.13
N ARG H 100 -16.42 -65.28 15.51
CA ARG H 100 -17.85 -65.08 15.23
C ARG H 100 -18.76 -66.21 15.70
N THR H 101 -18.53 -66.77 16.90
CA THR H 101 -19.36 -67.88 17.33
C THR H 101 -20.69 -67.40 17.89
N PHE H 102 -21.58 -68.36 18.01
CA PHE H 102 -22.93 -68.07 18.35
C PHE H 102 -23.56 -69.16 19.21
N GLY H 103 -24.66 -68.80 19.86
CA GLY H 103 -25.28 -69.60 20.91
C GLY H 103 -25.94 -70.88 20.42
N GLY H 104 -26.11 -71.83 21.36
CA GLY H 104 -26.81 -73.09 21.11
C GLY H 104 -28.31 -72.93 20.81
N GLY H 105 -28.94 -71.92 21.39
CA GLY H 105 -30.28 -71.55 21.01
C GLY H 105 -31.38 -72.15 21.85
N THR H 106 -32.61 -71.69 21.56
CA THR H 106 -33.79 -72.17 22.27
C THR H 106 -34.89 -72.54 21.30
N LYS H 107 -35.85 -73.36 21.73
CA LYS H 107 -36.96 -73.75 20.85
C LYS H 107 -38.31 -73.20 21.27
N LEU H 108 -38.95 -72.41 20.40
CA LEU H 108 -40.30 -71.95 20.66
C LEU H 108 -41.32 -73.03 20.32
N GLU H 109 -42.31 -73.20 21.19
CA GLU H 109 -43.38 -74.18 21.04
C GLU H 109 -44.75 -73.54 21.27
N ILE H 110 -45.80 -74.23 20.81
CA ILE H 110 -47.17 -73.83 21.09
C ILE H 110 -47.84 -74.76 22.08
N LYS H 111 -48.61 -74.18 23.01
CA LYS H 111 -49.39 -74.97 23.95
C LYS H 111 -50.63 -75.56 23.28
N VAL I 753 30.81 10.81 -37.16
CA VAL I 753 29.68 10.72 -36.24
C VAL I 753 28.87 9.46 -36.52
N PRO I 754 28.02 9.01 -35.58
CA PRO I 754 26.98 8.02 -35.75
C PRO I 754 25.89 8.61 -36.63
N GLY I 755 25.20 7.75 -37.35
CA GLY I 755 24.16 8.15 -38.27
C GLY I 755 22.77 8.03 -37.66
N GLU I 756 21.82 7.76 -38.53
CA GLU I 756 20.42 7.63 -38.21
C GLU I 756 20.10 6.47 -37.30
N MET I 757 19.04 6.64 -36.52
CA MET I 757 18.44 5.62 -35.67
C MET I 757 17.91 4.48 -36.51
N ARG I 758 17.79 3.31 -35.92
CA ARG I 758 17.31 2.13 -36.64
C ARG I 758 16.02 1.60 -36.04
N LEU I 759 14.99 1.48 -36.85
CA LEU I 759 13.76 0.90 -36.38
C LEU I 759 13.92 -0.59 -36.30
N ALA I 760 13.56 -1.14 -35.15
CA ALA I 760 13.68 -2.56 -34.91
C ALA I 760 12.44 -3.09 -34.24
N SER I 761 12.25 -4.38 -34.34
CA SER I 761 11.16 -5.04 -33.67
C SER I 761 11.70 -5.65 -32.39
N ILE I 762 10.88 -5.68 -31.35
CA ILE I 762 11.33 -6.31 -30.14
C ILE I 762 11.33 -7.81 -30.30
N ALA I 763 12.49 -8.40 -30.05
CA ALA I 763 12.67 -9.84 -30.17
C ALA I 763 11.85 -10.60 -29.15
N PHE I 764 11.34 -11.74 -29.56
CA PHE I 764 10.69 -12.66 -28.64
C PHE I 764 11.41 -13.98 -28.66
N ASN I 765 11.97 -14.34 -27.53
CA ASN I 765 12.65 -15.61 -27.43
C ASN I 765 11.65 -16.72 -27.25
N HIS I 766 11.62 -17.64 -28.20
CA HIS I 766 10.77 -18.79 -28.06
C HIS I 766 11.42 -19.76 -27.07
N PRO I 767 10.67 -20.27 -26.07
CA PRO I 767 11.10 -21.32 -25.17
C PRO I 767 11.29 -22.62 -25.95
N ILE I 768 12.14 -23.48 -25.41
CA ILE I 768 12.46 -24.73 -26.05
C ILE I 768 11.24 -25.64 -26.12
N GLN I 769 10.95 -26.14 -27.31
CA GLN I 769 9.80 -26.99 -27.49
C GLN I 769 10.13 -28.43 -27.21
N VAL I 770 9.21 -29.11 -26.53
CA VAL I 770 9.31 -30.54 -26.27
C VAL I 770 7.98 -31.19 -26.65
N ASP I 771 8.03 -32.24 -27.45
CA ASP I 771 6.82 -32.88 -27.93
C ASP I 771 6.12 -33.69 -26.86
N GLN I 772 4.84 -33.42 -26.65
CA GLN I 772 4.06 -34.28 -25.78
C GLN I 772 3.73 -35.55 -26.53
N LEU I 773 3.82 -36.68 -25.86
CA LEU I 773 3.53 -37.97 -26.47
C LEU I 773 2.45 -38.72 -25.73
N ASN I 774 1.77 -39.59 -26.46
CA ASN I 774 0.90 -40.60 -25.88
C ASN I 774 1.75 -41.82 -25.58
N SER I 775 1.11 -42.91 -25.14
CA SER I 775 1.73 -44.19 -24.77
C SER I 775 2.43 -44.14 -23.41
N SER I 776 3.22 -45.17 -23.12
CA SER I 776 3.80 -45.39 -21.81
C SER I 776 5.14 -44.71 -21.53
N TYR I 777 5.64 -43.87 -22.43
CA TYR I 777 6.91 -43.22 -22.22
C TYR I 777 6.83 -41.81 -22.71
N PHE I 778 7.78 -40.97 -22.30
CA PHE I 778 7.72 -39.57 -22.67
C PHE I 778 9.07 -38.92 -22.83
N LYS I 779 9.09 -37.79 -23.53
CA LYS I 779 10.29 -37.03 -23.72
C LYS I 779 10.53 -36.09 -22.58
N LEU I 780 11.76 -36.05 -22.09
CA LEU I 780 12.13 -35.26 -20.94
C LEU I 780 13.27 -34.32 -21.23
N SER I 781 13.10 -33.03 -20.93
CA SER I 781 14.19 -32.08 -21.08
C SER I 781 14.95 -31.94 -19.79
N ILE I 782 16.27 -32.12 -19.85
CA ILE I 782 17.09 -32.05 -18.66
C ILE I 782 18.41 -31.28 -18.92
N PRO I 783 18.86 -30.42 -17.99
CA PRO I 783 20.11 -29.66 -18.06
C PRO I 783 21.32 -30.54 -17.99
N THR I 784 22.39 -30.15 -18.69
CA THR I 784 23.65 -30.87 -18.59
C THR I 784 24.79 -29.99 -18.09
N ASN I 785 24.59 -28.68 -18.04
CA ASN I 785 25.60 -27.78 -17.53
C ASN I 785 24.93 -26.72 -16.69
N PHE I 786 25.70 -25.97 -15.92
CA PHE I 786 25.11 -24.90 -15.17
C PHE I 786 26.08 -23.81 -14.83
N SER I 787 25.53 -22.67 -14.44
CA SER I 787 26.34 -21.65 -13.81
C SER I 787 25.62 -21.10 -12.62
N PHE I 788 26.37 -20.75 -11.61
CA PHE I 788 25.81 -19.97 -10.55
C PHE I 788 25.67 -18.56 -11.07
N GLY I 789 24.76 -17.81 -10.48
CA GLY I 789 24.68 -16.40 -10.81
C GLY I 789 24.10 -15.64 -9.65
N VAL I 790 24.24 -14.33 -9.68
CA VAL I 790 23.80 -13.51 -8.56
C VAL I 790 22.86 -12.44 -9.04
N THR I 791 21.75 -12.30 -8.32
CA THR I 791 20.85 -11.20 -8.58
C THR I 791 20.72 -10.42 -7.32
N GLN I 792 20.32 -9.17 -7.43
CA GLN I 792 20.31 -8.33 -6.25
C GLN I 792 19.05 -7.53 -6.15
N GLU I 793 18.74 -7.13 -4.94
CA GLU I 793 17.56 -6.35 -4.69
C GLU I 793 17.80 -5.34 -3.61
N TYR I 794 17.15 -4.20 -3.71
CA TYR I 794 17.22 -3.19 -2.69
C TYR I 794 15.87 -2.95 -2.12
N ILE I 795 15.74 -3.13 -0.81
CA ILE I 795 14.51 -2.85 -0.15
C ILE I 795 14.66 -1.74 0.84
N GLN I 796 14.01 -0.63 0.56
CA GLN I 796 14.03 0.50 1.45
C GLN I 796 13.30 0.18 2.73
N THR I 797 13.85 0.61 3.85
CA THR I 797 13.15 0.42 5.12
C THR I 797 12.83 1.72 5.80
N THR I 798 13.56 2.79 5.50
CA THR I 798 13.30 4.04 6.18
C THR I 798 13.34 5.30 5.34
N ILE I 799 12.75 6.34 5.91
CA ILE I 799 12.80 7.71 5.42
C ILE I 799 13.73 8.49 6.31
N GLN I 800 14.50 9.41 5.74
CA GLN I 800 15.29 10.30 6.57
C GLN I 800 14.38 11.08 7.49
N LYS I 801 14.66 11.02 8.78
CA LYS I 801 13.78 11.67 9.73
C LYS I 801 14.09 13.12 9.85
N VAL I 802 13.06 13.96 9.79
CA VAL I 802 13.23 15.40 9.92
C VAL I 802 12.23 15.96 10.89
N THR I 803 12.55 17.14 11.42
CA THR I 803 11.56 17.96 12.10
C THR I 803 11.67 19.34 11.53
N VAL I 804 10.65 20.14 11.74
CA VAL I 804 10.64 21.51 11.27
C VAL I 804 10.26 22.45 12.37
N ASP I 805 11.10 23.45 12.63
CA ASP I 805 10.72 24.53 13.53
C ASP I 805 9.83 25.48 12.78
N CYS I 806 8.53 25.20 12.84
CA CYS I 806 7.50 25.84 12.03
C CYS I 806 7.48 27.33 12.09
N LYS I 807 7.62 27.87 13.29
CA LYS I 807 7.63 29.30 13.46
C LYS I 807 8.81 29.95 12.80
N GLN I 808 10.01 29.35 12.96
CA GLN I 808 11.21 29.88 12.32
C GLN I 808 11.20 29.76 10.82
N TYR I 809 10.63 28.67 10.27
CA TYR I 809 10.48 28.53 8.83
C TYR I 809 9.60 29.59 8.24
N VAL I 810 8.49 29.89 8.90
CA VAL I 810 7.64 30.93 8.42
C VAL I 810 8.21 32.33 8.61
N CYS I 811 8.82 32.58 9.75
CA CYS I 811 9.31 33.91 10.02
C CYS I 811 10.61 34.00 10.82
N ASN I 812 11.58 34.74 10.32
CA ASN I 812 12.89 34.78 10.97
C ASN I 812 13.05 35.81 12.10
N GLY I 813 12.30 35.61 13.19
CA GLY I 813 12.43 36.38 14.43
C GLY I 813 11.78 37.77 14.46
N PHE I 814 11.03 38.15 13.43
CA PHE I 814 10.45 39.47 13.41
C PHE I 814 9.27 39.57 14.33
N GLN I 815 9.15 40.69 15.01
CA GLN I 815 8.11 40.85 15.99
C GLN I 815 6.74 41.12 15.40
N LYS I 816 6.71 41.82 14.27
CA LYS I 816 5.47 42.08 13.55
C LYS I 816 4.84 40.82 12.99
N CYS I 817 5.67 39.93 12.46
CA CYS I 817 5.17 38.67 11.97
C CYS I 817 4.71 37.78 13.11
N GLU I 818 5.37 37.88 14.28
CA GLU I 818 5.04 37.05 15.42
C GLU I 818 3.69 37.37 15.99
N GLN I 819 3.37 38.66 16.04
CA GLN I 819 2.05 39.11 16.43
C GLN I 819 0.96 38.60 15.51
N LEU I 820 1.21 38.60 14.21
CA LEU I 820 0.28 37.99 13.26
C LEU I 820 0.20 36.47 13.38
N LEU I 821 1.33 35.81 13.61
CA LEU I 821 1.41 34.35 13.76
C LEU I 821 0.69 33.76 14.94
N ARG I 822 0.48 34.54 16.00
CA ARG I 822 -0.41 34.13 17.09
C ARG I 822 -1.83 33.73 16.66
N GLU I 823 -2.38 34.36 15.59
CA GLU I 823 -3.67 33.97 15.03
C GLU I 823 -3.68 32.58 14.40
N TYR I 824 -2.52 32.15 13.90
CA TYR I 824 -2.33 30.90 13.22
C TYR I 824 -1.53 29.90 14.03
N GLY I 825 -1.39 30.12 15.36
CA GLY I 825 -0.50 29.29 16.19
C GLY I 825 -0.82 27.78 16.23
N GLN I 826 -2.11 27.44 16.08
CA GLN I 826 -2.55 26.06 16.02
C GLN I 826 -2.13 25.32 14.75
N PHE I 827 -1.77 26.02 13.66
CA PHE I 827 -1.29 25.35 12.48
C PHE I 827 0.11 24.84 12.66
N CYS I 828 0.96 25.62 13.33
CA CYS I 828 2.27 25.13 13.68
C CYS I 828 2.25 24.01 14.68
N SER I 829 1.32 24.05 15.63
CA SER I 829 1.16 22.95 16.55
C SER I 829 0.76 21.65 15.85
N LYS I 830 -0.15 21.72 14.87
CA LYS I 830 -0.52 20.56 14.08
C LYS I 830 0.58 20.03 13.18
N ILE I 831 1.40 20.91 12.60
CA ILE I 831 2.57 20.50 11.85
C ILE I 831 3.60 19.78 12.67
N ASN I 832 3.83 20.24 13.90
CA ASN I 832 4.74 19.57 14.79
C ASN I 832 4.23 18.22 15.25
N GLN I 833 2.92 18.14 15.55
CA GLN I 833 2.29 16.89 15.93
C GLN I 833 2.40 15.81 14.87
N ALA I 834 2.10 16.18 13.62
CA ALA I 834 2.12 15.23 12.52
C ALA I 834 3.51 14.73 12.21
N LEU I 835 4.51 15.63 12.20
CA LEU I 835 5.88 15.23 11.96
C LEU I 835 6.43 14.35 13.05
N HIS I 836 6.10 14.66 14.31
CA HIS I 836 6.54 13.84 15.41
C HIS I 836 5.97 12.42 15.38
N GLY I 837 4.69 12.29 15.01
CA GLY I 837 4.08 10.97 14.88
C GLY I 837 4.71 10.13 13.78
N ALA I 838 5.06 10.77 12.65
CA ALA I 838 5.75 10.08 11.57
C ALA I 838 7.13 9.57 11.98
N ASN I 839 7.86 10.37 12.76
CA ASN I 839 9.18 9.99 13.21
C ASN I 839 9.16 8.83 14.19
N LEU I 840 8.15 8.77 15.07
CA LEU I 840 7.99 7.61 15.94
C LEU I 840 7.74 6.32 15.21
N ARG I 841 6.92 6.36 14.16
CA ARG I 841 6.65 5.19 13.34
C ARG I 841 7.87 4.66 12.61
N GLN I 842 8.74 5.58 12.14
CA GLN I 842 10.00 5.18 11.54
C GLN I 842 10.93 4.46 12.49
N ASP I 843 11.04 4.96 13.72
CA ASP I 843 11.89 4.33 14.70
C ASP I 843 11.37 2.99 15.19
N ASP I 844 10.05 2.85 15.30
CA ASP I 844 9.48 1.57 15.69
C ASP I 844 9.59 0.52 14.61
N SER I 845 9.49 0.92 13.33
CA SER I 845 9.70 -0.01 12.22
C SER I 845 11.11 -0.59 12.19
N VAL I 846 12.11 0.24 12.50
CA VAL I 846 13.48 -0.22 12.63
C VAL I 846 13.70 -1.21 13.76
N ARG I 847 13.12 -0.94 14.93
CA ARG I 847 13.26 -1.85 16.05
C ARG I 847 12.56 -3.19 15.85
N ASN I 848 11.39 -3.16 15.21
CA ASN I 848 10.67 -4.38 14.91
C ASN I 848 11.38 -5.25 13.91
N LEU I 849 12.02 -4.63 12.92
CA LEU I 849 12.85 -5.37 11.99
C LEU I 849 14.04 -6.03 12.64
N PHE I 850 14.80 -5.29 13.45
CA PHE I 850 16.00 -5.84 14.07
C PHE I 850 15.76 -6.89 15.14
N ALA I 851 14.58 -6.85 15.77
CA ALA I 851 14.15 -7.93 16.65
C ALA I 851 14.00 -9.28 15.94
N SER I 852 13.64 -9.29 14.64
CA SER I 852 13.56 -10.52 13.90
C SER I 852 14.89 -10.91 13.29
N VAL I 853 15.72 -9.92 12.95
CA VAL I 853 17.05 -10.17 12.42
C VAL I 853 17.99 -10.87 13.38
N LYS I 854 17.92 -10.52 14.66
CA LYS I 854 18.81 -11.12 15.64
C LYS I 854 18.59 -12.62 15.76
N SER I 855 19.71 -13.35 15.76
CA SER I 855 19.69 -14.77 16.06
C SER I 855 19.96 -14.97 17.51
N SER I 856 19.57 -16.12 18.04
CA SER I 856 19.94 -16.47 19.40
C SER I 856 21.34 -17.08 19.49
N GLN I 857 21.86 -17.60 18.36
CA GLN I 857 23.18 -18.20 18.32
C GLN I 857 23.85 -18.12 16.93
N SER I 858 25.18 -18.15 16.93
CA SER I 858 25.97 -17.96 15.71
C SER I 858 27.36 -18.60 15.78
N SER I 859 28.04 -18.67 14.65
CA SER I 859 29.46 -18.98 14.65
C SER I 859 30.26 -17.70 14.85
N PRO I 860 31.49 -17.78 15.35
CA PRO I 860 32.53 -16.78 15.21
C PRO I 860 32.91 -16.68 13.76
N ILE I 861 33.37 -15.50 13.37
CA ILE I 861 33.79 -15.24 12.00
C ILE I 861 35.24 -14.81 11.93
N ILE I 862 36.02 -15.55 11.16
CA ILE I 862 37.44 -15.29 10.99
C ILE I 862 37.75 -15.09 9.52
N PRO I 863 38.92 -14.56 9.20
CA PRO I 863 39.40 -14.59 7.85
C PRO I 863 39.71 -16.02 7.49
N GLY I 864 39.38 -16.41 6.28
CA GLY I 864 39.44 -17.81 5.86
C GLY I 864 38.13 -18.58 6.08
N PHE I 865 37.11 -17.94 6.68
CA PHE I 865 35.79 -18.52 6.80
C PHE I 865 35.23 -18.83 5.45
N GLY I 866 34.62 -19.98 5.33
CA GLY I 866 34.08 -20.43 4.06
C GLY I 866 35.02 -21.32 3.23
N GLY I 867 36.26 -21.54 3.68
CA GLY I 867 37.10 -22.53 3.02
C GLY I 867 37.44 -22.14 1.60
N ASP I 868 37.02 -22.99 0.65
CA ASP I 868 37.22 -22.80 -0.78
C ASP I 868 36.45 -21.61 -1.41
N PHE I 869 35.44 -21.10 -0.73
CA PHE I 869 34.69 -19.97 -1.22
C PHE I 869 35.34 -18.68 -0.68
N ASN I 870 35.58 -17.71 -1.58
CA ASN I 870 36.42 -16.55 -1.25
C ASN I 870 35.83 -15.57 -0.24
N LEU I 871 34.56 -15.18 -0.43
CA LEU I 871 33.80 -14.37 0.51
C LEU I 871 34.36 -12.98 0.87
N THR I 872 34.34 -12.06 -0.10
CA THR I 872 34.70 -10.63 0.12
C THR I 872 33.74 -9.85 1.06
N LEU I 873 32.56 -10.43 1.34
CA LEU I 873 31.61 -10.00 2.37
C LEU I 873 32.10 -10.09 3.82
N LEU I 874 33.19 -10.84 4.08
CA LEU I 874 33.74 -10.94 5.42
C LEU I 874 34.19 -9.60 5.94
N GLU I 875 33.93 -9.38 7.21
CA GLU I 875 34.27 -8.17 7.92
C GLU I 875 35.78 -7.99 8.03
N PRO I 876 36.30 -6.75 7.92
CA PRO I 876 37.72 -6.49 8.20
C PRO I 876 37.92 -5.88 9.58
N VAL I 877 37.61 -6.69 10.60
CA VAL I 877 37.74 -6.40 12.04
C VAL I 877 39.15 -6.03 12.53
N ALA I 886 34.15 -3.50 11.64
CA ALA I 886 34.03 -2.91 10.32
C ALA I 886 32.69 -3.18 9.71
N ARG I 887 32.52 -2.62 8.52
CA ARG I 887 31.46 -3.00 7.62
C ARG I 887 32.02 -4.15 6.72
N SER I 888 31.98 -4.00 5.41
CA SER I 888 32.54 -5.00 4.50
C SER I 888 32.98 -4.31 3.25
N ALA I 889 33.71 -5.03 2.40
CA ALA I 889 34.16 -4.50 1.11
C ALA I 889 33.00 -4.10 0.22
N ILE I 890 31.94 -4.93 0.19
CA ILE I 890 30.74 -4.61 -0.53
C ILE I 890 30.00 -3.41 0.00
N GLU I 891 29.92 -3.26 1.32
CA GLU I 891 29.30 -2.07 1.89
C GLU I 891 30.06 -0.81 1.62
N ASP I 892 31.38 -0.87 1.68
CA ASP I 892 32.18 0.29 1.36
C ASP I 892 32.10 0.70 -0.08
N LEU I 893 32.01 -0.27 -1.01
CA LEU I 893 31.71 0.04 -2.40
C LEU I 893 30.38 0.71 -2.59
N LEU I 894 29.35 0.19 -1.93
CA LEU I 894 28.03 0.76 -2.07
C LEU I 894 27.90 2.17 -1.49
N PHE I 895 28.46 2.40 -0.31
CA PHE I 895 28.42 3.73 0.28
C PHE I 895 29.26 4.76 -0.49
N ASP I 896 30.41 4.36 -1.04
CA ASP I 896 31.20 5.31 -1.83
C ASP I 896 30.67 5.59 -3.23
N LYS I 897 30.12 4.58 -3.91
CA LYS I 897 29.63 4.77 -5.27
C LYS I 897 28.38 5.64 -5.36
N VAL I 898 27.46 5.51 -4.41
CA VAL I 898 26.28 6.34 -4.40
C VAL I 898 26.66 7.76 -4.03
N THR I 899 26.09 8.75 -4.71
CA THR I 899 26.47 10.14 -4.42
C THR I 899 25.73 10.70 -3.21
N ILE I 900 26.27 10.39 -2.04
CA ILE I 900 25.70 10.77 -0.76
C ILE I 900 26.24 12.11 -0.29
N ALA I 901 25.32 13.05 -0.03
CA ALA I 901 25.65 14.33 0.58
C ALA I 901 26.15 14.12 1.99
N ASP I 902 27.08 14.96 2.45
CA ASP I 902 27.72 14.76 3.73
C ASP I 902 26.74 14.78 4.91
N PRO I 903 26.80 13.77 5.81
CA PRO I 903 25.97 13.61 6.99
C PRO I 903 26.21 14.70 8.01
N GLY I 904 25.18 14.93 8.83
CA GLY I 904 25.29 15.77 10.01
C GLY I 904 25.74 14.90 11.17
N TYR I 905 25.37 15.28 12.41
CA TYR I 905 25.56 14.52 13.71
C TYR I 905 27.04 14.59 14.25
N MET I 906 28.01 14.47 13.34
CA MET I 906 29.35 15.05 13.43
C MET I 906 29.17 16.56 13.39
N GLN I 907 30.22 17.33 13.70
CA GLN I 907 30.14 18.78 14.01
C GLN I 907 29.34 19.76 13.09
N GLY I 908 28.93 19.35 11.87
CA GLY I 908 27.71 19.90 11.27
C GLY I 908 27.78 21.36 10.99
N TYR I 909 27.07 22.13 11.82
CA TYR I 909 27.03 23.60 11.75
C TYR I 909 28.40 24.27 11.89
N ASP I 910 29.36 23.63 12.58
CA ASP I 910 30.73 24.11 12.61
C ASP I 910 31.49 23.98 11.27
N ASP I 911 31.00 23.19 10.31
CA ASP I 911 31.53 23.17 8.96
C ASP I 911 30.78 24.11 8.00
N CYS I 912 29.78 24.84 8.52
CA CYS I 912 29.02 25.83 7.80
C CYS I 912 29.36 27.23 8.32
N MET I 913 29.94 27.24 9.54
CA MET I 913 30.63 28.36 10.13
C MET I 913 31.83 28.76 9.34
N GLN I 914 32.32 29.95 9.68
CA GLN I 914 33.60 30.43 9.20
C GLN I 914 34.82 29.51 9.50
N GLN I 915 34.77 28.63 10.51
CA GLN I 915 35.86 27.66 10.72
C GLN I 915 35.74 26.39 9.84
N GLY I 916 35.78 26.55 8.52
CA GLY I 916 35.63 25.47 7.55
C GLY I 916 35.80 26.04 6.14
N PRO I 917 35.71 25.17 5.11
CA PRO I 917 35.93 25.52 3.71
C PRO I 917 34.89 26.48 3.15
N ALA I 918 35.34 27.33 2.21
CA ALA I 918 34.46 28.24 1.47
C ALA I 918 33.58 27.53 0.42
N SER I 919 33.96 26.29 0.04
CA SER I 919 33.23 25.47 -0.90
C SER I 919 32.10 24.60 -0.31
N ALA I 920 31.80 24.69 1.00
CA ALA I 920 30.66 23.92 1.52
C ALA I 920 29.35 24.38 0.87
N ARG I 921 28.56 23.41 0.40
CA ARG I 921 27.25 23.69 -0.21
C ARG I 921 26.17 22.76 0.36
N ASP I 922 26.40 22.29 1.57
CA ASP I 922 25.56 21.27 2.19
C ASP I 922 24.16 21.72 2.58
N LEU I 923 23.21 20.78 2.48
CA LEU I 923 21.86 20.93 3.06
C LEU I 923 21.87 21.03 4.61
N ILE I 924 22.95 20.56 5.25
CA ILE I 924 23.26 20.82 6.65
C ILE I 924 23.30 22.30 7.00
N CYS I 925 23.81 23.12 6.07
CA CYS I 925 23.91 24.53 6.30
C CYS I 925 22.61 25.23 5.96
N ALA I 926 21.82 24.63 5.05
CA ALA I 926 20.46 25.08 4.81
C ALA I 926 19.48 24.78 5.97
N GLN I 927 19.82 23.82 6.85
CA GLN I 927 19.02 23.52 8.04
C GLN I 927 18.78 24.69 8.96
N TYR I 928 19.83 25.44 9.29
CA TYR I 928 19.62 26.58 10.17
C TYR I 928 19.00 27.80 9.50
N VAL I 929 19.01 27.85 8.17
CA VAL I 929 18.34 28.90 7.45
C VAL I 929 16.84 28.67 7.49
N ALA I 930 16.46 27.44 7.20
CA ALA I 930 15.06 27.07 7.14
C ALA I 930 14.45 26.55 8.43
N GLY I 931 15.24 26.31 9.48
CA GLY I 931 14.66 25.72 10.68
C GLY I 931 14.50 24.19 10.63
N TYR I 932 15.13 23.51 9.67
CA TYR I 932 15.07 22.06 9.64
C TYR I 932 15.88 21.50 10.75
N LYS I 933 15.54 20.33 11.19
CA LYS I 933 16.53 19.55 11.86
C LYS I 933 16.45 18.15 11.37
N VAL I 934 17.53 17.65 10.79
CA VAL I 934 17.56 16.26 10.44
C VAL I 934 17.93 15.50 11.68
N LEU I 935 17.14 14.49 12.00
CA LEU I 935 17.38 13.70 13.17
C LEU I 935 18.37 12.59 12.88
N PRO I 936 19.11 12.08 13.87
CA PRO I 936 19.97 10.92 13.78
C PRO I 936 19.15 9.65 13.56
N PRO I 937 19.70 8.65 12.86
CA PRO I 937 19.27 7.28 12.81
C PRO I 937 19.31 6.69 14.19
N LEU I 938 18.43 5.75 14.43
CA LEU I 938 18.27 5.11 15.72
C LEU I 938 19.17 3.94 16.03
N MET I 939 20.04 3.53 15.11
CA MET I 939 20.83 2.34 15.32
C MET I 939 22.28 2.51 15.66
N ASP I 940 22.98 3.32 14.85
CA ASP I 940 24.46 3.42 14.79
C ASP I 940 24.98 2.35 13.85
N VAL I 941 25.80 2.76 12.89
CA VAL I 941 26.36 1.85 11.90
C VAL I 941 27.19 0.67 12.45
N ASN I 942 27.78 0.81 13.64
CA ASN I 942 28.51 -0.27 14.26
C ASN I 942 27.57 -1.34 14.77
N MET I 943 26.43 -0.92 15.34
CA MET I 943 25.43 -1.88 15.77
C MET I 943 24.74 -2.55 14.60
N GLU I 944 24.54 -1.82 13.49
CA GLU I 944 24.01 -2.41 12.27
C GLU I 944 24.95 -3.47 11.71
N ALA I 945 26.25 -3.21 11.75
CA ALA I 945 27.25 -4.16 11.35
C ALA I 945 27.28 -5.39 12.26
N ALA I 946 27.07 -5.20 13.58
CA ALA I 946 26.98 -6.34 14.49
C ALA I 946 25.79 -7.25 14.19
N TYR I 947 24.64 -6.67 13.85
CA TYR I 947 23.50 -7.47 13.39
C TYR I 947 23.75 -8.19 12.08
N THR I 948 24.43 -7.52 11.16
CA THR I 948 24.71 -8.07 9.86
C THR I 948 25.71 -9.20 9.88
N SER I 949 26.76 -9.07 10.68
CA SER I 949 27.70 -10.15 10.89
C SER I 949 27.09 -11.31 11.66
N SER I 950 26.15 -11.02 12.58
CA SER I 950 25.39 -12.09 13.24
C SER I 950 24.53 -12.90 12.28
N LEU I 951 23.94 -12.26 11.24
CA LEU I 951 23.27 -13.03 10.20
C LEU I 951 24.22 -13.89 9.40
N LEU I 952 25.38 -13.35 9.01
CA LEU I 952 26.39 -14.13 8.29
C LEU I 952 26.89 -15.33 9.07
N GLY I 953 27.10 -15.16 10.37
CA GLY I 953 27.49 -16.24 11.26
C GLY I 953 26.42 -17.32 11.51
N SER I 954 25.14 -17.05 11.17
CA SER I 954 24.11 -18.05 11.33
C SER I 954 23.96 -18.94 10.10
N ILE I 955 24.57 -18.56 8.97
CA ILE I 955 24.45 -19.34 7.77
C ILE I 955 25.25 -20.61 7.93
N ALA I 956 24.62 -21.72 7.51
CA ALA I 956 25.07 -23.12 7.61
C ALA I 956 24.91 -23.73 9.02
N GLY I 957 24.15 -23.08 9.91
CA GLY I 957 23.69 -23.75 11.11
C GLY I 957 22.18 -24.00 11.09
N VAL I 958 21.54 -23.68 9.96
CA VAL I 958 20.09 -23.73 9.82
C VAL I 958 19.58 -24.91 9.01
N GLY I 959 20.47 -25.81 8.61
CA GLY I 959 20.06 -27.01 7.91
C GLY I 959 19.68 -28.10 8.88
N TRP I 960 19.33 -29.28 8.34
CA TRP I 960 19.07 -30.51 9.08
C TRP I 960 17.87 -30.39 10.01
N THR I 961 16.76 -29.83 9.49
CA THR I 961 15.47 -29.56 10.17
C THR I 961 15.51 -28.43 11.20
N ALA I 962 14.31 -27.99 11.58
CA ALA I 962 14.12 -26.90 12.55
C ALA I 962 14.96 -25.67 12.12
N GLY I 963 16.00 -25.31 12.88
CA GLY I 963 16.77 -24.09 12.65
C GLY I 963 16.25 -22.92 13.49
N LEU I 964 15.16 -23.14 14.22
CA LEU I 964 14.55 -22.18 15.12
C LEU I 964 14.76 -22.60 16.59
N SER I 965 15.71 -23.51 16.82
CA SER I 965 15.96 -24.12 18.09
C SER I 965 17.42 -24.53 18.07
N SER I 966 17.71 -25.75 17.64
CA SER I 966 19.08 -26.21 17.53
C SER I 966 19.89 -25.47 16.47
N PHE I 967 21.18 -25.35 16.73
CA PHE I 967 22.10 -24.70 15.79
C PHE I 967 23.23 -25.59 15.41
N ALA I 968 23.22 -26.00 14.16
CA ALA I 968 24.07 -27.08 13.70
C ALA I 968 25.55 -26.77 13.57
N ALA I 969 25.94 -25.53 13.24
CA ALA I 969 27.35 -25.13 13.12
C ALA I 969 28.24 -26.04 12.24
N ILE I 970 27.78 -26.44 11.05
CA ILE I 970 28.57 -27.43 10.30
C ILE I 970 29.30 -26.71 9.23
N PRO I 971 30.36 -27.31 8.62
CA PRO I 971 31.15 -26.74 7.53
C PRO I 971 30.37 -26.19 6.38
N PHE I 972 30.75 -24.97 5.99
CA PHE I 972 30.03 -24.17 5.00
C PHE I 972 29.93 -24.82 3.66
N ALA I 973 31.03 -25.41 3.19
CA ALA I 973 31.05 -26.15 1.95
C ALA I 973 30.13 -27.35 1.97
N GLN I 974 30.11 -28.06 3.11
CA GLN I 974 29.23 -29.18 3.29
C GLN I 974 27.76 -28.76 3.31
N SER I 975 27.45 -27.59 3.87
CA SER I 975 26.08 -27.09 3.84
C SER I 975 25.63 -26.70 2.46
N ILE I 976 26.55 -26.22 1.61
CA ILE I 976 26.22 -25.98 0.22
C ILE I 976 25.91 -27.25 -0.53
N PHE I 977 26.68 -28.31 -0.29
CA PHE I 977 26.42 -29.61 -0.92
C PHE I 977 25.09 -30.20 -0.51
N TYR I 978 24.76 -30.03 0.77
CA TYR I 978 23.47 -30.40 1.30
C TYR I 978 22.30 -29.61 0.67
N ARG I 979 22.48 -28.30 0.43
CA ARG I 979 21.49 -27.53 -0.32
C ARG I 979 21.35 -27.94 -1.78
N LEU I 980 22.45 -28.38 -2.40
CA LEU I 980 22.39 -28.89 -3.76
C LEU I 980 21.73 -30.28 -3.88
N ASN I 981 21.81 -31.10 -2.83
CA ASN I 981 20.98 -32.31 -2.75
C ASN I 981 19.51 -31.97 -2.65
N GLY I 982 19.19 -30.88 -1.93
CA GLY I 982 17.85 -30.33 -1.83
C GLY I 982 17.19 -29.82 -3.13
N VAL I 983 17.96 -29.60 -4.22
CA VAL I 983 17.34 -29.25 -5.49
C VAL I 983 17.47 -30.36 -6.51
N GLY I 984 17.64 -31.62 -6.06
CA GLY I 984 17.61 -32.72 -7.00
C GLY I 984 18.92 -33.05 -7.73
N ILE I 985 20.06 -32.52 -7.28
CA ILE I 985 21.33 -32.98 -7.83
C ILE I 985 21.82 -34.14 -7.02
N THR I 986 22.15 -35.25 -7.67
CA THR I 986 22.67 -36.40 -6.92
C THR I 986 24.00 -36.16 -6.30
N GLN I 987 24.20 -36.80 -5.17
CA GLN I 987 25.42 -36.71 -4.40
C GLN I 987 26.67 -37.28 -5.06
N GLN I 988 26.52 -38.18 -6.02
CA GLN I 988 27.67 -38.69 -6.74
C GLN I 988 28.38 -37.62 -7.57
N VAL I 989 27.57 -36.79 -8.24
CA VAL I 989 28.05 -35.65 -8.99
C VAL I 989 28.66 -34.61 -8.11
N LEU I 990 28.01 -34.34 -6.98
CA LEU I 990 28.53 -33.39 -6.02
C LEU I 990 29.86 -33.82 -5.41
N SER I 991 30.02 -35.12 -5.15
CA SER I 991 31.28 -35.64 -4.64
C SER I 991 32.45 -35.49 -5.62
N GLU I 992 32.20 -35.75 -6.89
CA GLU I 992 33.24 -35.63 -7.90
C GLU I 992 33.63 -34.21 -8.28
N ASN I 993 32.66 -33.31 -8.34
CA ASN I 993 32.89 -31.99 -8.90
C ASN I 993 33.05 -30.84 -7.91
N GLN I 994 33.49 -31.12 -6.69
CA GLN I 994 33.60 -30.12 -5.62
C GLN I 994 34.44 -28.90 -5.97
N LYS I 995 35.57 -29.13 -6.64
CA LYS I 995 36.44 -28.06 -7.08
C LYS I 995 35.80 -27.17 -8.14
N LEU I 996 35.06 -27.79 -9.07
CA LEU I 996 34.38 -27.06 -10.11
C LEU I 996 33.26 -26.20 -9.59
N ILE I 997 32.55 -26.70 -8.58
CA ILE I 997 31.52 -25.94 -7.89
C ILE I 997 32.06 -24.71 -7.21
N ALA I 998 33.20 -24.86 -6.53
CA ALA I 998 33.88 -23.73 -5.91
C ALA I 998 34.34 -22.68 -6.92
N ASN I 999 34.86 -23.13 -8.07
CA ASN I 999 35.30 -22.21 -9.10
C ASN I 999 34.18 -21.41 -9.72
N LYS I 1000 33.06 -22.07 -10.04
CA LYS I 1000 31.91 -21.38 -10.61
C LYS I 1000 31.29 -20.39 -9.65
N PHE I 1001 31.21 -20.77 -8.38
CA PHE I 1001 30.66 -19.90 -7.37
C PHE I 1001 31.51 -18.67 -7.12
N ASN I 1002 32.83 -18.82 -7.16
CA ASN I 1002 33.73 -17.70 -7.00
C ASN I 1002 33.74 -16.76 -8.21
N GLN I 1003 33.52 -17.29 -9.42
CA GLN I 1003 33.29 -16.44 -10.58
C GLN I 1003 32.03 -15.59 -10.46
N ALA I 1004 30.94 -16.21 -9.95
CA ALA I 1004 29.71 -15.48 -9.70
C ALA I 1004 29.87 -14.39 -8.64
N LEU I 1005 30.68 -14.64 -7.59
CA LEU I 1005 31.02 -13.59 -6.65
C LEU I 1005 31.88 -12.48 -7.25
N GLY I 1006 32.82 -12.84 -8.13
CA GLY I 1006 33.70 -11.87 -8.79
C GLY I 1006 32.97 -10.84 -9.64
N ALA I 1007 31.84 -11.25 -10.25
CA ALA I 1007 30.96 -10.36 -11.02
C ALA I 1007 30.36 -9.18 -10.24
N MET I 1008 30.29 -9.26 -8.89
CA MET I 1008 29.79 -8.17 -8.05
C MET I 1008 30.60 -6.88 -8.12
N GLN I 1009 31.89 -6.96 -8.50
CA GLN I 1009 32.74 -5.77 -8.62
C GLN I 1009 32.38 -4.83 -9.77
N THR I 1010 31.59 -5.33 -10.76
CA THR I 1010 31.10 -4.52 -11.85
C THR I 1010 29.63 -4.13 -11.68
N GLY I 1011 29.02 -4.45 -10.52
CA GLY I 1011 27.59 -4.25 -10.30
C GLY I 1011 27.20 -2.93 -9.64
N PHE I 1012 28.11 -1.97 -9.54
CA PHE I 1012 27.82 -0.70 -8.91
C PHE I 1012 27.82 0.46 -9.90
N THR I 1013 27.03 0.29 -10.96
CA THR I 1013 26.80 1.28 -11.98
C THR I 1013 25.32 1.40 -12.11
N THR I 1014 24.82 2.47 -12.75
CA THR I 1014 23.37 2.67 -12.89
C THR I 1014 22.68 1.78 -13.93
N THR I 1015 23.45 1.00 -14.71
CA THR I 1015 22.93 -0.10 -15.50
C THR I 1015 22.43 -1.27 -14.65
N ASN I 1016 22.93 -1.40 -13.42
CA ASN I 1016 22.38 -2.32 -12.46
C ASN I 1016 21.18 -1.70 -11.81
N GLU I 1017 20.03 -2.32 -11.99
CA GLU I 1017 18.77 -1.74 -11.52
C GLU I 1017 18.66 -1.59 -10.01
N ALA I 1018 19.17 -2.56 -9.25
CA ALA I 1018 19.14 -2.46 -7.80
C ALA I 1018 20.00 -1.31 -7.29
N PHE I 1019 21.17 -1.13 -7.91
CA PHE I 1019 22.01 0.02 -7.60
C PHE I 1019 21.36 1.35 -7.92
N HIS I 1020 20.65 1.41 -9.05
CA HIS I 1020 19.91 2.60 -9.43
C HIS I 1020 18.80 2.96 -8.46
N LYS I 1021 18.11 1.95 -7.90
CA LYS I 1021 17.12 2.18 -6.87
C LYS I 1021 17.70 2.80 -5.60
N VAL I 1022 18.92 2.36 -5.19
CA VAL I 1022 19.57 2.94 -4.02
C VAL I 1022 19.88 4.42 -4.21
N GLN I 1023 20.39 4.76 -5.40
CA GLN I 1023 20.68 6.14 -5.74
C GLN I 1023 19.44 7.02 -5.72
N ASP I 1024 18.33 6.52 -6.25
CA ASP I 1024 17.08 7.28 -6.22
C ASP I 1024 16.47 7.47 -4.85
N ALA I 1025 16.66 6.51 -3.92
CA ALA I 1025 16.22 6.70 -2.53
C ALA I 1025 16.94 7.88 -1.87
N VAL I 1026 18.26 7.98 -2.10
CA VAL I 1026 19.03 9.11 -1.63
C VAL I 1026 18.62 10.44 -2.26
N ASN I 1027 18.33 10.41 -3.57
CA ASN I 1027 17.87 11.59 -4.29
C ASN I 1027 16.56 12.12 -3.78
N ASN I 1028 15.62 11.22 -3.45
CA ASN I 1028 14.32 11.61 -2.94
C ASN I 1028 14.37 12.31 -1.60
N ASN I 1029 15.24 11.86 -0.70
CA ASN I 1029 15.43 12.54 0.57
C ASN I 1029 15.95 13.96 0.41
N ALA I 1030 16.95 14.11 -0.47
CA ALA I 1030 17.49 15.42 -0.78
C ALA I 1030 16.47 16.33 -1.47
N GLN I 1031 15.65 15.75 -2.36
CA GLN I 1031 14.63 16.47 -3.10
C GLN I 1031 13.60 17.14 -2.22
N ALA I 1032 13.12 16.42 -1.21
CA ALA I 1032 12.15 16.95 -0.26
C ALA I 1032 12.69 18.14 0.53
N LEU I 1033 13.94 18.06 1.00
CA LEU I 1033 14.55 19.17 1.69
C LEU I 1033 14.80 20.38 0.81
N SER I 1034 15.20 20.14 -0.45
CA SER I 1034 15.43 21.23 -1.38
C SER I 1034 14.15 21.97 -1.76
N LYS I 1035 13.01 21.27 -1.79
CA LYS I 1035 11.73 21.91 -2.06
C LYS I 1035 11.33 22.94 -1.03
N LEU I 1036 11.48 22.60 0.25
CA LEU I 1036 11.22 23.58 1.30
C LEU I 1036 12.19 24.75 1.31
N ALA I 1037 13.47 24.49 1.00
CA ALA I 1037 14.46 25.54 0.91
C ALA I 1037 14.18 26.52 -0.22
N SER I 1038 13.81 26.01 -1.39
CA SER I 1038 13.54 26.86 -2.54
C SER I 1038 12.35 27.79 -2.35
N GLU I 1039 11.35 27.31 -1.62
CA GLU I 1039 10.17 28.11 -1.33
C GLU I 1039 10.38 29.31 -0.41
N LEU I 1040 11.52 29.39 0.31
CA LEU I 1040 11.83 30.58 1.09
C LEU I 1040 12.02 31.84 0.24
N SER I 1041 12.43 31.69 -1.03
CA SER I 1041 12.59 32.80 -1.94
C SER I 1041 11.32 33.17 -2.74
N ASN I 1042 10.19 32.49 -2.53
CA ASN I 1042 9.02 32.75 -3.34
C ASN I 1042 8.07 33.74 -2.67
N THR I 1043 7.75 34.82 -3.38
CA THR I 1043 6.75 35.76 -2.92
C THR I 1043 5.37 35.24 -3.23
N PHE I 1044 4.39 35.69 -2.47
CA PHE I 1044 3.00 35.34 -2.71
C PHE I 1044 2.17 36.60 -2.87
N GLY I 1045 2.64 37.50 -3.73
CA GLY I 1045 2.11 38.85 -3.88
C GLY I 1045 2.86 39.90 -3.03
N ALA I 1046 3.84 39.43 -2.22
CA ALA I 1046 4.73 40.27 -1.45
C ALA I 1046 5.70 41.03 -2.33
N ILE I 1047 6.13 42.19 -1.85
CA ILE I 1047 7.20 42.95 -2.49
C ILE I 1047 8.54 42.22 -2.46
N SER I 1048 8.84 41.58 -1.34
CA SER I 1048 10.01 40.77 -1.18
C SER I 1048 9.68 39.58 -0.33
N ALA I 1049 10.47 38.52 -0.48
CA ALA I 1049 10.32 37.32 0.32
C ALA I 1049 10.88 37.48 1.74
N SER I 1050 11.71 38.50 1.96
CA SER I 1050 12.16 38.83 3.29
C SER I 1050 11.14 39.66 3.99
N ILE I 1051 10.82 39.25 5.21
CA ILE I 1051 9.94 40.01 6.06
C ILE I 1051 10.56 41.31 6.53
N GLY I 1052 11.87 41.30 6.77
CA GLY I 1052 12.59 42.52 7.13
C GLY I 1052 12.56 43.58 6.02
N ASP I 1053 12.64 43.17 4.75
CA ASP I 1053 12.51 44.12 3.64
C ASP I 1053 11.19 44.82 3.58
N ILE I 1054 10.09 44.07 3.71
CA ILE I 1054 8.78 44.70 3.68
C ILE I 1054 8.46 45.47 4.97
N ILE I 1055 9.10 45.14 6.10
CA ILE I 1055 9.06 46.01 7.26
C ILE I 1055 9.75 47.35 7.05
N GLN I 1056 10.92 47.33 6.38
CA GLN I 1056 11.61 48.58 6.08
C GLN I 1056 10.92 49.44 5.03
N ARG I 1057 10.33 48.82 4.02
CA ARG I 1057 9.76 49.57 2.92
C ARG I 1057 8.30 49.99 3.05
N LEU I 1058 7.57 49.48 4.06
CA LEU I 1058 6.16 49.81 4.17
C LEU I 1058 5.72 50.37 5.50
N ASP I 1059 4.80 51.32 5.43
CA ASP I 1059 4.07 51.84 6.57
C ASP I 1059 3.16 50.74 7.12
N PRO I 1060 2.90 50.67 8.45
CA PRO I 1060 2.30 49.52 9.11
C PRO I 1060 0.89 49.02 8.67
N PRO I 1061 -0.07 49.85 8.19
CA PRO I 1061 -1.33 49.40 7.56
C PRO I 1061 -1.13 48.61 6.27
N GLU I 1062 -0.07 48.93 5.50
CA GLU I 1062 0.22 48.23 4.26
C GLU I 1062 1.12 47.04 4.51
N GLN I 1063 2.02 47.22 5.47
CA GLN I 1063 3.01 46.24 5.87
C GLN I 1063 2.41 44.96 6.35
N ASP I 1064 1.40 45.05 7.22
CA ASP I 1064 0.81 43.86 7.78
C ASP I 1064 0.00 43.03 6.80
N ALA I 1065 -0.61 43.67 5.79
CA ALA I 1065 -1.30 42.95 4.73
C ALA I 1065 -0.33 42.13 3.88
N GLN I 1066 0.83 42.73 3.55
CA GLN I 1066 1.86 42.03 2.83
C GLN I 1066 2.50 40.90 3.62
N ILE I 1067 2.72 41.10 4.93
CA ILE I 1067 3.23 40.04 5.78
C ILE I 1067 2.27 38.88 5.89
N ASP I 1068 0.96 39.16 6.02
CA ASP I 1068 -0.02 38.10 6.12
C ASP I 1068 -0.10 37.23 4.87
N ARG I 1069 -0.04 37.85 3.68
CA ARG I 1069 -0.01 37.09 2.43
C ARG I 1069 1.19 36.18 2.31
N LEU I 1070 2.35 36.69 2.74
CA LEU I 1070 3.58 35.94 2.76
C LEU I 1070 3.50 34.76 3.73
N ILE I 1071 2.91 34.97 4.92
CA ILE I 1071 2.66 33.89 5.88
C ILE I 1071 1.73 32.81 5.38
N ASN I 1072 0.67 33.18 4.66
CA ASN I 1072 -0.32 32.22 4.20
C ASN I 1072 0.23 31.23 3.21
N GLY I 1073 1.03 31.71 2.26
CA GLY I 1073 1.67 30.79 1.33
C GLY I 1073 2.73 29.90 1.98
N ARG I 1074 3.47 30.45 2.96
CA ARG I 1074 4.46 29.66 3.68
C ARG I 1074 3.85 28.53 4.52
N LEU I 1075 2.71 28.82 5.18
CA LEU I 1075 1.98 27.79 5.89
C LEU I 1075 1.40 26.72 4.98
N THR I 1076 0.90 27.14 3.81
CA THR I 1076 0.35 26.21 2.84
C THR I 1076 1.38 25.25 2.29
N THR I 1077 2.60 25.73 2.07
CA THR I 1077 3.70 24.89 1.66
C THR I 1077 4.09 23.86 2.68
N LEU I 1078 4.12 24.24 3.95
CA LEU I 1078 4.40 23.30 5.02
C LEU I 1078 3.33 22.23 5.16
N ASN I 1079 2.06 22.57 4.95
CA ASN I 1079 0.99 21.58 5.00
C ASN I 1079 1.10 20.55 3.90
N ALA I 1080 1.44 21.00 2.68
CA ALA I 1080 1.69 20.10 1.57
C ALA I 1080 2.88 19.18 1.82
N PHE I 1081 3.95 19.74 2.39
CA PHE I 1081 5.13 18.97 2.74
C PHE I 1081 4.88 17.89 3.76
N VAL I 1082 4.08 18.19 4.79
CA VAL I 1082 3.74 17.18 5.77
C VAL I 1082 2.91 16.05 5.20
N ALA I 1083 1.97 16.37 4.32
CA ALA I 1083 1.20 15.34 3.64
C ALA I 1083 2.07 14.41 2.80
N GLN I 1084 3.06 14.97 2.11
CA GLN I 1084 4.03 14.17 1.37
C GLN I 1084 4.84 13.23 2.25
N GLN I 1085 5.30 13.73 3.39
CA GLN I 1085 6.07 12.93 4.31
C GLN I 1085 5.31 11.80 4.96
N LEU I 1086 4.03 12.03 5.28
CA LEU I 1086 3.19 10.96 5.82
C LEU I 1086 2.98 9.81 4.86
N VAL I 1087 2.79 10.12 3.57
CA VAL I 1087 2.69 9.10 2.55
C VAL I 1087 3.96 8.30 2.36
N ARG I 1088 5.11 9.00 2.34
CA ARG I 1088 6.38 8.32 2.21
C ARG I 1088 6.72 7.44 3.39
N SER I 1089 6.41 7.92 4.60
CA SER I 1089 6.64 7.16 5.81
C SER I 1089 5.84 5.87 5.87
N GLU I 1090 4.59 5.92 5.43
CA GLU I 1090 3.79 4.72 5.40
C GLU I 1090 4.25 3.71 4.39
N SER I 1091 4.67 4.16 3.20
CA SER I 1091 5.17 3.24 2.20
C SER I 1091 6.48 2.56 2.63
N ALA I 1092 7.32 3.30 3.38
CA ALA I 1092 8.54 2.73 3.93
C ALA I 1092 8.26 1.66 4.96
N ALA I 1093 7.24 1.85 5.81
CA ALA I 1093 6.86 0.83 6.80
C ALA I 1093 6.38 -0.46 6.14
N LEU I 1094 5.60 -0.35 5.07
CA LEU I 1094 5.16 -1.51 4.32
C LEU I 1094 6.30 -2.23 3.61
N SER I 1095 7.24 -1.47 3.06
CA SER I 1095 8.44 -2.01 2.46
C SER I 1095 9.35 -2.70 3.49
N ALA I 1096 9.43 -2.16 4.71
CA ALA I 1096 10.19 -2.79 5.79
C ALA I 1096 9.59 -4.11 6.21
N GLN I 1097 8.26 -4.25 6.17
CA GLN I 1097 7.64 -5.54 6.41
C GLN I 1097 8.00 -6.61 5.38
N LEU I 1098 8.11 -6.22 4.10
CA LEU I 1098 8.63 -7.12 3.09
C LEU I 1098 10.07 -7.57 3.34
N ALA I 1099 10.93 -6.63 3.78
CA ALA I 1099 12.32 -6.97 4.12
C ALA I 1099 12.41 -8.00 5.22
N LYS I 1100 11.58 -7.86 6.26
CA LYS I 1100 11.51 -8.82 7.35
C LYS I 1100 11.14 -10.22 6.90
N ASP I 1101 10.19 -10.32 5.98
CA ASP I 1101 9.81 -11.60 5.44
C ASP I 1101 10.90 -12.24 4.59
N LYS I 1102 11.64 -11.46 3.80
CA LYS I 1102 12.73 -12.03 3.03
C LYS I 1102 13.90 -12.51 3.89
N VAL I 1103 14.21 -11.80 4.99
CA VAL I 1103 15.22 -12.30 5.90
C VAL I 1103 14.84 -13.62 6.57
N ASN I 1104 13.57 -13.82 6.87
CA ASN I 1104 13.15 -15.07 7.43
C ASN I 1104 12.83 -16.20 6.45
N GLU I 1105 13.01 -15.99 5.14
CA GLU I 1105 12.74 -17.04 4.17
C GLU I 1105 13.82 -17.28 3.16
N CYS I 1106 14.65 -16.28 2.92
CA CYS I 1106 15.72 -16.40 1.94
C CYS I 1106 17.09 -16.32 2.58
N VAL I 1107 17.21 -15.57 3.67
CA VAL I 1107 18.52 -15.50 4.31
C VAL I 1107 18.74 -16.61 5.30
N LYS I 1108 17.77 -16.83 6.18
CA LYS I 1108 17.88 -17.88 7.19
C LYS I 1108 17.48 -19.29 6.76
N ALA I 1109 17.00 -19.48 5.54
CA ALA I 1109 16.60 -20.81 5.09
C ALA I 1109 16.72 -20.92 3.59
N GLN I 1110 16.70 -22.13 3.08
CA GLN I 1110 16.61 -22.30 1.64
C GLN I 1110 15.16 -22.14 1.24
N SER I 1111 14.90 -21.40 0.17
CA SER I 1111 13.52 -21.25 -0.28
C SER I 1111 13.20 -22.24 -1.34
N LYS I 1112 12.01 -22.80 -1.26
CA LYS I 1112 11.50 -23.71 -2.24
C LYS I 1112 10.37 -23.10 -3.08
N ARG I 1113 10.11 -21.82 -2.89
CA ARG I 1113 8.92 -21.21 -3.47
C ARG I 1113 9.05 -20.71 -4.91
N SER I 1114 10.29 -20.43 -5.34
CA SER I 1114 10.59 -19.62 -6.52
C SER I 1114 10.04 -18.21 -6.31
N GLY I 1115 9.83 -17.44 -7.39
CA GLY I 1115 9.20 -16.10 -7.27
C GLY I 1115 10.17 -15.05 -6.72
N PHE I 1116 10.38 -15.11 -5.40
CA PHE I 1116 11.44 -14.43 -4.71
C PHE I 1116 12.76 -14.87 -5.26
N CYS I 1117 13.71 -13.95 -5.29
CA CYS I 1117 15.11 -14.18 -5.64
C CYS I 1117 15.30 -14.32 -7.15
N GLY I 1118 16.54 -14.55 -7.56
CA GLY I 1118 16.82 -14.82 -8.94
C GLY I 1118 16.24 -16.15 -9.31
N GLN I 1119 15.83 -16.30 -10.55
CA GLN I 1119 15.08 -17.49 -10.91
C GLN I 1119 15.98 -18.64 -11.31
N GLY I 1120 16.40 -19.41 -10.31
CA GLY I 1120 17.28 -20.54 -10.51
C GLY I 1120 17.18 -21.40 -9.29
N THR I 1121 15.95 -21.76 -8.96
CA THR I 1121 15.59 -22.23 -7.63
C THR I 1121 16.18 -21.23 -6.64
N HIS I 1122 16.81 -21.72 -5.58
CA HIS I 1122 17.47 -20.84 -4.64
C HIS I 1122 18.48 -21.60 -3.81
N ILE I 1123 19.66 -21.02 -3.61
CA ILE I 1123 20.61 -21.47 -2.59
C ILE I 1123 20.95 -20.22 -1.79
N VAL I 1124 21.97 -20.26 -0.95
CA VAL I 1124 22.23 -19.19 0.03
C VAL I 1124 22.20 -17.74 -0.47
N SER I 1125 21.53 -16.89 0.33
CA SER I 1125 21.46 -15.46 0.10
C SER I 1125 22.11 -14.68 1.22
N PHE I 1126 22.49 -13.43 0.93
CA PHE I 1126 23.21 -12.59 1.87
C PHE I 1126 22.58 -11.21 1.98
N VAL I 1127 22.83 -10.54 3.11
CA VAL I 1127 22.36 -9.18 3.33
C VAL I 1127 23.44 -8.25 3.76
N VAL I 1128 23.47 -7.06 3.16
CA VAL I 1128 24.33 -5.99 3.62
C VAL I 1128 23.54 -4.71 3.81
N ASN I 1129 24.09 -3.78 4.57
CA ASN I 1129 23.41 -2.52 4.81
C ASN I 1129 23.55 -1.58 3.64
N ALA I 1130 22.51 -0.81 3.39
CA ALA I 1130 22.49 0.13 2.29
C ALA I 1130 22.02 1.47 2.80
N PRO I 1131 22.10 2.51 1.97
CA PRO I 1131 21.51 3.77 2.31
C PRO I 1131 20.02 3.56 2.41
N ASN I 1132 19.47 3.87 3.58
CA ASN I 1132 18.06 3.81 3.91
C ASN I 1132 17.39 2.43 3.83
N GLY I 1133 18.15 1.34 3.93
CA GLY I 1133 17.53 0.04 3.71
C GLY I 1133 18.49 -1.13 3.69
N LEU I 1134 18.02 -2.26 3.17
CA LEU I 1134 18.84 -3.45 3.07
C LEU I 1134 19.06 -3.84 1.64
N TYR I 1135 20.25 -4.35 1.36
CA TYR I 1135 20.58 -4.78 0.02
C TYR I 1135 20.87 -6.26 0.02
N PHE I 1136 20.09 -6.97 -0.77
CA PHE I 1136 20.14 -8.41 -0.80
C PHE I 1136 20.91 -8.90 -1.97
N MET I 1137 21.61 -10.01 -1.78
CA MET I 1137 22.21 -10.75 -2.88
C MET I 1137 21.73 -12.17 -2.84
N HIS I 1138 21.27 -12.68 -3.96
CA HIS I 1138 20.74 -14.02 -4.00
C HIS I 1138 21.51 -14.88 -4.95
N VAL I 1139 22.08 -15.97 -4.46
CA VAL I 1139 22.75 -16.86 -5.38
C VAL I 1139 21.76 -17.87 -5.94
N GLY I 1140 21.73 -18.00 -7.25
CA GLY I 1140 20.83 -18.93 -7.91
C GLY I 1140 21.61 -19.89 -8.78
N TYR I 1141 20.94 -20.94 -9.20
CA TYR I 1141 21.50 -21.99 -10.04
C TYR I 1141 20.86 -21.99 -11.41
N TYR I 1142 21.61 -21.63 -12.43
CA TYR I 1142 21.05 -21.45 -13.77
C TYR I 1142 21.46 -22.57 -14.74
N PRO I 1143 20.49 -23.25 -15.33
CA PRO I 1143 20.70 -24.31 -16.31
C PRO I 1143 21.29 -23.90 -17.63
N SER I 1144 22.00 -24.84 -18.24
CA SER I 1144 22.42 -24.70 -19.62
C SER I 1144 22.51 -26.05 -20.34
N ASN I 1145 22.58 -25.97 -21.67
CA ASN I 1145 22.83 -27.13 -22.54
C ASN I 1145 21.84 -28.29 -22.37
N HIS I 1146 20.56 -27.98 -22.47
CA HIS I 1146 19.52 -28.97 -22.27
C HIS I 1146 19.47 -30.01 -23.36
N ILE I 1147 19.21 -31.26 -22.97
CA ILE I 1147 19.04 -32.35 -23.93
C ILE I 1147 17.73 -33.05 -23.70
N GLU I 1148 17.23 -33.70 -24.74
CA GLU I 1148 16.00 -34.46 -24.63
C GLU I 1148 16.29 -35.94 -24.50
N VAL I 1149 15.66 -36.61 -23.53
CA VAL I 1149 15.84 -38.05 -23.37
C VAL I 1149 14.53 -38.80 -23.23
N VAL I 1150 14.58 -40.10 -23.51
CA VAL I 1150 13.45 -40.98 -23.26
C VAL I 1150 13.32 -41.35 -21.81
N SER I 1151 12.11 -41.24 -21.26
CA SER I 1151 11.87 -41.59 -19.88
C SER I 1151 10.59 -42.37 -19.65
N ALA I 1152 10.55 -43.10 -18.54
CA ALA I 1152 9.38 -43.91 -18.17
C ALA I 1152 8.80 -43.45 -16.86
N TYR I 1153 7.48 -43.61 -16.74
CA TYR I 1153 6.75 -43.23 -15.53
C TYR I 1153 7.12 -44.06 -14.32
N GLY I 1154 7.38 -45.34 -14.52
CA GLY I 1154 7.78 -46.22 -13.44
C GLY I 1154 8.04 -47.59 -14.01
N LEU I 1155 8.49 -48.51 -13.15
CA LEU I 1155 8.88 -49.83 -13.57
C LEU I 1155 8.21 -50.89 -12.71
N CYS I 1156 7.88 -52.03 -13.29
CA CYS I 1156 7.36 -53.13 -12.49
C CYS I 1156 7.92 -54.47 -12.88
N ASP I 1157 7.74 -55.44 -12.00
CA ASP I 1157 8.06 -56.82 -12.32
C ASP I 1157 7.02 -57.41 -13.23
N ALA I 1158 7.42 -57.89 -14.40
CA ALA I 1158 6.48 -58.55 -15.32
C ALA I 1158 5.86 -59.84 -14.76
N ALA I 1159 6.59 -60.55 -13.89
CA ALA I 1159 6.09 -61.76 -13.24
C ALA I 1159 5.20 -61.51 -12.01
N ASN I 1160 5.17 -60.29 -11.49
CA ASN I 1160 4.42 -60.02 -10.28
C ASN I 1160 3.98 -58.57 -10.19
N PRO I 1161 2.74 -58.24 -10.57
CA PRO I 1161 2.17 -56.89 -10.71
C PRO I 1161 2.17 -56.00 -9.47
N THR I 1162 2.32 -56.55 -8.26
CA THR I 1162 2.39 -55.72 -7.07
C THR I 1162 3.79 -55.14 -6.82
N ASN I 1163 4.81 -55.67 -7.50
CA ASN I 1163 6.16 -55.17 -7.35
C ASN I 1163 6.40 -54.00 -8.29
N CYS I 1164 5.99 -52.80 -7.88
CA CYS I 1164 6.16 -51.62 -8.70
C CYS I 1164 6.87 -50.51 -7.98
N ILE I 1165 7.74 -49.81 -8.73
CA ILE I 1165 8.52 -48.74 -8.17
C ILE I 1165 8.45 -47.45 -8.99
N ALA I 1166 8.70 -46.34 -8.31
CA ALA I 1166 8.74 -45.04 -8.94
C ALA I 1166 9.93 -44.26 -8.41
N PRO I 1167 10.63 -43.47 -9.25
CA PRO I 1167 11.81 -42.76 -8.85
C PRO I 1167 11.54 -41.70 -7.82
N VAL I 1168 12.47 -41.52 -6.90
CA VAL I 1168 12.44 -40.44 -5.93
C VAL I 1168 13.36 -39.32 -6.32
N ASN I 1169 12.79 -38.12 -6.48
CA ASN I 1169 13.52 -36.88 -6.81
C ASN I 1169 14.35 -37.00 -8.05
N GLY I 1170 13.79 -37.57 -9.09
CA GLY I 1170 14.55 -37.86 -10.26
C GLY I 1170 13.72 -38.64 -11.23
N TYR I 1171 14.38 -39.17 -12.26
CA TYR I 1171 13.65 -39.83 -13.33
C TYR I 1171 14.29 -41.14 -13.73
N PHE I 1172 13.46 -42.02 -14.28
CA PHE I 1172 13.93 -43.24 -14.89
C PHE I 1172 14.10 -43.01 -16.37
N ILE I 1173 15.34 -43.13 -16.85
CA ILE I 1173 15.66 -42.83 -18.24
C ILE I 1173 16.28 -43.99 -18.94
N LYS I 1174 16.10 -44.05 -20.24
CA LYS I 1174 16.68 -45.13 -21.02
C LYS I 1174 18.19 -44.96 -21.02
N THR I 1175 18.92 -46.05 -20.83
CA THR I 1175 20.36 -45.98 -20.68
C THR I 1175 21.12 -45.59 -21.92
N ASN I 1176 21.95 -44.55 -21.80
CA ASN I 1176 22.89 -44.15 -22.85
C ASN I 1176 24.33 -44.03 -22.33
N ASN I 1177 24.65 -44.73 -21.24
CA ASN I 1177 25.98 -44.69 -20.63
C ASN I 1177 26.61 -46.06 -20.60
N THR I 1178 27.86 -46.16 -21.09
CA THR I 1178 28.57 -47.43 -21.25
C THR I 1178 29.05 -48.15 -19.98
N ARG I 1179 29.00 -47.48 -18.83
CA ARG I 1179 29.26 -48.14 -17.54
C ARG I 1179 28.11 -49.03 -17.09
N ILE I 1180 26.88 -48.68 -17.47
CA ILE I 1180 25.68 -49.32 -16.95
C ILE I 1180 25.18 -50.43 -17.85
N VAL I 1181 24.91 -51.61 -17.28
CA VAL I 1181 24.44 -52.76 -18.03
C VAL I 1181 22.98 -53.07 -17.75
N ASP I 1182 22.14 -52.06 -17.85
CA ASP I 1182 20.73 -52.21 -17.61
C ASP I 1182 20.00 -51.35 -18.60
N GLU I 1183 18.76 -51.72 -18.90
CA GLU I 1183 17.93 -50.96 -19.82
C GLU I 1183 17.54 -49.59 -19.29
N TRP I 1184 17.40 -49.46 -17.96
CA TRP I 1184 16.96 -48.22 -17.35
C TRP I 1184 18.00 -47.70 -16.38
N SER I 1185 18.03 -46.39 -16.19
CA SER I 1185 18.98 -45.75 -15.31
C SER I 1185 18.31 -44.62 -14.56
N TYR I 1186 18.90 -44.22 -13.45
CA TYR I 1186 18.34 -43.16 -12.64
C TYR I 1186 19.12 -41.90 -12.85
N THR I 1187 18.44 -40.77 -12.96
CA THR I 1187 19.12 -39.48 -12.97
C THR I 1187 18.47 -38.52 -12.03
N GLY I 1188 19.22 -37.51 -11.63
CA GLY I 1188 18.74 -36.43 -10.78
C GLY I 1188 17.81 -35.50 -11.51
N SER I 1189 17.02 -34.73 -10.78
CA SER I 1189 16.08 -33.81 -11.41
C SER I 1189 16.71 -32.58 -12.04
N SER I 1190 17.74 -32.04 -11.39
CA SER I 1190 18.35 -30.81 -11.89
C SER I 1190 19.62 -31.01 -12.70
N PHE I 1191 20.09 -32.24 -12.82
CA PHE I 1191 21.35 -32.43 -13.53
C PHE I 1191 21.41 -33.80 -14.15
N TYR I 1192 21.76 -33.85 -15.43
CA TYR I 1192 21.83 -35.11 -16.12
C TYR I 1192 23.06 -35.89 -15.78
N ALA I 1193 22.85 -37.05 -15.18
CA ALA I 1193 23.92 -37.98 -14.88
C ALA I 1193 23.30 -39.31 -14.57
N PRO I 1194 23.53 -40.33 -15.42
CA PRO I 1194 23.00 -41.64 -15.17
C PRO I 1194 23.63 -42.33 -13.96
N GLU I 1195 22.83 -43.14 -13.29
CA GLU I 1195 23.28 -43.94 -12.18
C GLU I 1195 22.49 -45.22 -12.15
N PRO I 1196 22.95 -46.24 -11.43
CA PRO I 1196 22.19 -47.46 -11.24
C PRO I 1196 20.97 -47.22 -10.40
N ILE I 1197 19.93 -47.99 -10.68
CA ILE I 1197 18.72 -47.90 -9.91
C ILE I 1197 18.84 -48.81 -8.72
N THR I 1198 18.79 -48.21 -7.56
CA THR I 1198 18.88 -48.95 -6.31
C THR I 1198 17.85 -48.46 -5.35
N SER I 1199 17.73 -49.18 -4.23
CA SER I 1199 16.72 -48.93 -3.21
C SER I 1199 16.74 -47.52 -2.61
N LEU I 1200 17.93 -46.92 -2.53
CA LEU I 1200 18.11 -45.54 -2.10
C LEU I 1200 17.46 -44.49 -3.01
N ASN I 1201 17.27 -44.81 -4.30
CA ASN I 1201 16.74 -43.86 -5.25
C ASN I 1201 15.26 -44.03 -5.55
N THR I 1202 14.57 -44.95 -4.86
CA THR I 1202 13.22 -45.27 -5.28
C THR I 1202 12.23 -45.53 -4.16
N LYS I 1203 10.95 -45.55 -4.52
CA LYS I 1203 9.89 -45.89 -3.58
C LYS I 1203 8.90 -46.87 -4.16
N TYR I 1204 8.30 -47.67 -3.30
CA TYR I 1204 7.29 -48.61 -3.74
C TYR I 1204 5.95 -47.95 -3.90
N VAL I 1205 5.29 -48.24 -5.01
CA VAL I 1205 3.98 -47.67 -5.33
C VAL I 1205 2.99 -48.72 -5.79
N ALA I 1206 1.72 -48.35 -5.81
CA ALA I 1206 0.70 -49.17 -6.43
C ALA I 1206 0.94 -49.22 -7.95
N PRO I 1207 0.58 -50.30 -8.65
CA PRO I 1207 0.72 -50.49 -10.09
C PRO I 1207 -0.18 -49.57 -10.88
N GLN I 1208 0.30 -49.23 -12.07
CA GLN I 1208 -0.42 -48.43 -13.04
C GLN I 1208 -0.17 -48.98 -14.42
N VAL I 1209 -1.13 -48.78 -15.32
CA VAL I 1209 -1.05 -49.25 -16.71
C VAL I 1209 0.09 -48.68 -17.56
N THR I 1210 0.63 -47.51 -17.20
CA THR I 1210 1.73 -46.90 -17.90
C THR I 1210 3.12 -47.35 -17.43
N TYR I 1211 3.19 -48.13 -16.34
CA TYR I 1211 4.49 -48.59 -15.88
C TYR I 1211 5.02 -49.69 -16.79
N GLN I 1212 6.35 -49.74 -16.94
CA GLN I 1212 6.96 -50.73 -17.81
C GLN I 1212 6.92 -52.11 -17.21
N ASN I 1213 6.79 -53.12 -18.06
CA ASN I 1213 6.83 -54.50 -17.61
C ASN I 1213 8.23 -55.08 -17.80
N ILE I 1214 9.02 -55.10 -16.73
CA ILE I 1214 10.41 -55.56 -16.81
C ILE I 1214 10.53 -57.05 -16.60
N SER I 1215 11.09 -57.73 -17.59
CA SER I 1215 11.15 -59.18 -17.56
C SER I 1215 12.34 -59.80 -16.82
N THR I 1216 13.45 -59.06 -16.65
CA THR I 1216 14.63 -59.66 -16.02
C THR I 1216 15.25 -58.81 -14.91
N ASN I 1217 16.19 -57.95 -15.29
CA ASN I 1217 17.08 -57.35 -14.32
C ASN I 1217 16.51 -56.14 -13.61
N LEU I 1218 15.95 -56.39 -12.43
CA LEU I 1218 15.56 -55.32 -11.51
C LEU I 1218 16.21 -55.60 -10.17
N PRO I 1219 16.92 -54.63 -9.55
CA PRO I 1219 17.50 -54.91 -8.20
C PRO I 1219 16.68 -54.43 -6.98
N PRO I 1220 15.87 -53.35 -7.02
CA PRO I 1220 14.83 -53.00 -6.08
C PRO I 1220 13.43 -53.12 -6.67
N PRO I 1221 12.63 -54.08 -6.26
CA PRO I 1221 12.89 -55.30 -5.54
C PRO I 1221 13.64 -56.23 -6.43
N LEU I 1222 14.47 -57.06 -5.83
CA LEU I 1222 15.19 -58.09 -6.56
C LEU I 1222 14.25 -59.15 -7.13
N LEU I 1223 13.22 -59.48 -6.36
CA LEU I 1223 12.20 -60.37 -6.79
C LEU I 1223 11.31 -59.64 -7.79
N TYR J 18 23.56 75.29 -24.51
CA TYR J 18 23.83 74.05 -25.22
C TYR J 18 25.30 73.69 -25.20
N VAL J 19 25.62 72.52 -25.74
CA VAL J 19 26.97 71.97 -25.79
C VAL J 19 27.92 72.77 -26.67
N ASP J 20 29.17 72.90 -26.22
CA ASP J 20 30.19 73.57 -27.01
C ASP J 20 30.71 72.69 -28.14
N VAL J 21 29.97 72.72 -29.24
CA VAL J 21 30.27 72.01 -30.48
C VAL J 21 31.51 72.49 -31.24
N GLY J 22 32.04 73.68 -30.92
CA GLY J 22 33.14 74.23 -31.68
C GLY J 22 32.61 74.89 -32.96
N PRO J 23 33.49 75.08 -33.94
CA PRO J 23 33.21 75.72 -35.22
C PRO J 23 32.24 74.95 -36.10
N ASP J 24 31.48 75.70 -36.88
CA ASP J 24 30.65 75.16 -37.95
C ASP J 24 31.54 74.87 -39.16
N SER J 25 31.07 74.04 -40.09
CA SER J 25 31.86 73.78 -41.29
C SER J 25 32.02 75.03 -42.15
N VAL J 26 33.20 75.16 -42.75
CA VAL J 26 33.52 76.33 -43.55
C VAL J 26 33.14 76.17 -45.00
N LYS J 27 33.50 75.03 -45.60
CA LYS J 27 33.16 74.78 -46.99
C LYS J 27 31.66 74.59 -47.13
N SER J 28 31.08 75.18 -48.17
CA SER J 28 29.66 75.05 -48.40
C SER J 28 29.32 73.75 -49.13
N ALA J 29 30.01 73.52 -50.24
CA ALA J 29 29.81 72.30 -51.03
C ALA J 29 30.29 71.06 -50.30
N CYS J 30 29.61 69.97 -50.58
CA CYS J 30 29.99 68.66 -50.06
C CYS J 30 30.69 67.87 -51.16
N ILE J 31 31.61 66.99 -50.75
CA ILE J 31 32.14 66.02 -51.70
C ILE J 31 31.02 65.11 -52.15
N GLU J 32 30.93 64.93 -53.46
CA GLU J 32 29.87 64.18 -54.07
C GLU J 32 29.88 62.72 -53.67
N VAL J 33 28.68 62.21 -53.43
CA VAL J 33 28.46 60.83 -53.07
C VAL J 33 27.80 60.08 -54.19
N ASP J 34 28.52 59.11 -54.72
CA ASP J 34 27.98 58.25 -55.76
C ASP J 34 27.63 56.89 -55.16
N ILE J 35 26.43 56.42 -55.45
CA ILE J 35 26.00 55.14 -54.92
C ILE J 35 26.44 54.01 -55.81
N GLN J 36 27.25 53.15 -55.23
CA GLN J 36 27.84 52.00 -55.89
C GLN J 36 27.38 50.70 -55.27
N GLN J 37 26.16 50.68 -54.73
CA GLN J 37 25.63 49.60 -53.88
C GLN J 37 25.76 48.19 -54.41
N THR J 38 25.71 47.99 -55.72
CA THR J 38 25.79 46.66 -56.32
C THR J 38 27.14 45.98 -56.07
N PHE J 39 28.20 46.77 -55.86
CA PHE J 39 29.52 46.23 -55.55
C PHE J 39 29.58 45.56 -54.19
N PHE J 40 28.66 45.93 -53.30
CA PHE J 40 28.67 45.46 -51.94
C PHE J 40 27.77 44.25 -51.71
N ASP J 41 27.20 43.68 -52.77
CA ASP J 41 26.36 42.50 -52.57
C ASP J 41 27.21 41.26 -52.31
N LYS J 42 27.31 40.87 -51.04
CA LYS J 42 28.10 39.73 -50.61
C LYS J 42 27.28 38.83 -49.70
N THR J 43 27.66 37.55 -49.60
CA THR J 43 26.94 36.61 -48.75
C THR J 43 27.87 35.92 -47.77
N TRP J 44 28.22 36.61 -46.70
CA TRP J 44 29.08 36.05 -45.67
C TRP J 44 28.34 35.99 -44.34
N PRO J 45 27.27 35.19 -44.26
CA PRO J 45 26.36 35.13 -43.12
C PRO J 45 27.03 34.64 -41.85
N ARG J 46 26.57 35.12 -40.71
CA ARG J 46 27.19 34.73 -39.45
C ARG J 46 26.15 34.43 -38.39
N PRO J 47 25.58 33.23 -38.42
CA PRO J 47 24.58 32.82 -37.45
C PRO J 47 25.12 32.84 -36.05
N ILE J 48 24.24 33.16 -35.11
CA ILE J 48 24.62 33.19 -33.71
C ILE J 48 24.92 31.79 -33.17
N ASP J 49 26.08 31.62 -32.56
CA ASP J 49 26.34 30.37 -31.87
C ASP J 49 26.15 30.54 -30.38
N VAL J 50 24.93 30.26 -29.91
CA VAL J 50 24.60 30.39 -28.50
C VAL J 50 25.41 29.47 -27.58
N SER J 51 25.92 28.34 -28.08
CA SER J 51 26.77 27.48 -27.28
C SER J 51 28.20 28.00 -27.13
N LYS J 52 28.54 29.07 -27.85
CA LYS J 52 29.76 29.84 -27.62
C LYS J 52 29.47 31.16 -26.93
N ALA J 53 28.22 31.36 -26.48
CA ALA J 53 27.73 32.58 -25.85
C ALA J 53 27.79 33.79 -26.79
N ASP J 54 27.56 33.57 -28.09
CA ASP J 54 27.59 34.70 -29.01
C ASP J 54 26.46 35.66 -28.74
N GLY J 55 26.80 36.93 -28.54
CA GLY J 55 25.81 37.98 -28.40
C GLY J 55 25.17 38.03 -27.03
N ILE J 56 25.69 37.28 -26.07
CA ILE J 56 25.08 37.28 -24.76
C ILE J 56 25.44 38.51 -23.96
N ILE J 57 24.41 39.19 -23.49
CA ILE J 57 24.58 40.29 -22.57
C ILE J 57 24.54 39.77 -21.17
N TYR J 58 25.60 40.03 -20.43
CA TYR J 58 25.75 39.57 -19.07
C TYR J 58 24.70 40.23 -18.16
N PRO J 59 24.16 39.50 -17.15
CA PRO J 59 23.10 39.96 -16.24
C PRO J 59 23.51 41.15 -15.40
N GLN J 60 22.55 42.01 -15.10
CA GLN J 60 22.87 43.27 -14.46
C GLN J 60 22.93 43.21 -12.95
N GLY J 61 24.06 43.66 -12.42
CA GLY J 61 24.25 43.84 -10.98
C GLY J 61 24.54 42.57 -10.19
N ARG J 62 24.78 41.45 -10.88
CA ARG J 62 24.96 40.17 -10.17
C ARG J 62 26.04 39.32 -10.78
N THR J 63 26.59 38.44 -9.96
CA THR J 63 27.44 37.42 -10.51
C THR J 63 27.19 36.09 -9.86
N TYR J 64 27.72 35.06 -10.50
CA TYR J 64 27.43 33.70 -10.12
C TYR J 64 28.69 32.84 -10.15
N SER J 65 28.60 31.68 -9.53
CA SER J 65 29.65 30.67 -9.54
C SER J 65 29.44 29.76 -10.74
N ASN J 66 29.99 28.55 -10.67
CA ASN J 66 29.87 27.58 -11.76
C ASN J 66 28.48 26.90 -11.93
N ILE J 67 27.49 27.33 -11.16
CA ILE J 67 26.12 26.88 -11.29
C ILE J 67 25.44 27.34 -12.59
N THR J 68 24.62 26.46 -13.15
CA THR J 68 23.76 26.80 -14.27
C THR J 68 22.43 27.35 -13.80
N ILE J 69 21.97 28.44 -14.42
CA ILE J 69 20.65 28.95 -14.09
C ILE J 69 19.83 29.23 -15.32
N THR J 70 18.52 29.31 -15.13
CA THR J 70 17.65 29.85 -16.16
C THR J 70 17.69 31.36 -16.04
N TYR J 71 17.46 32.06 -17.13
CA TYR J 71 17.43 33.50 -17.07
C TYR J 71 16.50 34.10 -18.11
N GLN J 72 15.93 35.24 -17.78
CA GLN J 72 15.07 35.95 -18.71
C GLN J 72 15.67 37.29 -19.07
N GLY J 73 15.80 37.60 -20.36
CA GLY J 73 16.35 38.88 -20.75
C GLY J 73 16.37 39.09 -22.25
N LEU J 74 16.93 40.20 -22.69
CA LEU J 74 17.05 40.48 -24.11
C LEU J 74 18.22 39.74 -24.73
N PHE J 75 17.93 38.92 -25.76
CA PHE J 75 18.95 38.15 -26.47
C PHE J 75 18.63 38.01 -27.96
N PRO J 76 19.63 37.76 -28.79
CA PRO J 76 19.49 37.41 -30.20
C PRO J 76 18.92 36.01 -30.36
N TYR J 77 18.21 35.77 -31.45
CA TYR J 77 17.77 34.42 -31.78
C TYR J 77 18.95 33.54 -32.14
N GLN J 78 18.92 32.27 -31.73
CA GLN J 78 19.97 31.34 -32.15
C GLN J 78 20.08 31.17 -33.67
N GLY J 79 18.98 31.24 -34.39
CA GLY J 79 19.04 31.05 -35.84
C GLY J 79 19.34 32.32 -36.66
N ASP J 80 19.55 33.47 -36.01
CA ASP J 80 19.72 34.70 -36.78
C ASP J 80 21.09 34.85 -37.40
N HIS J 81 21.13 34.99 -38.74
CA HIS J 81 22.35 35.23 -39.53
C HIS J 81 22.82 36.67 -39.54
N GLY J 82 21.93 37.58 -39.15
CA GLY J 82 22.25 38.99 -39.02
C GLY J 82 22.11 39.76 -40.32
N ASP J 83 22.33 41.06 -40.23
CA ASP J 83 22.42 41.92 -41.38
C ASP J 83 23.87 42.34 -41.56
N MET J 84 24.37 42.27 -42.78
CA MET J 84 25.79 42.54 -43.01
C MET J 84 26.06 43.81 -43.77
N TYR J 85 27.04 44.57 -43.28
CA TYR J 85 27.42 45.84 -43.86
C TYR J 85 28.93 45.90 -44.04
N VAL J 86 29.38 46.48 -45.14
CA VAL J 86 30.82 46.62 -45.37
C VAL J 86 31.20 48.05 -45.74
N TYR J 87 32.06 48.67 -44.93
CA TYR J 87 32.65 49.96 -45.26
C TYR J 87 33.80 49.77 -46.24
N SER J 88 34.03 50.76 -47.11
CA SER J 88 35.11 50.66 -48.08
C SER J 88 35.74 52.01 -48.38
N ALA J 89 36.90 51.98 -49.00
CA ALA J 89 37.49 53.18 -49.56
C ALA J 89 36.64 53.66 -50.74
N GLY J 90 36.61 54.98 -50.92
CA GLY J 90 35.86 55.62 -52.01
C GLY J 90 36.70 55.73 -53.29
N HIS J 91 36.32 56.64 -54.18
CA HIS J 91 37.11 56.76 -55.40
C HIS J 91 38.35 57.59 -55.19
N ALA J 92 39.41 57.12 -55.81
CA ALA J 92 40.69 57.76 -55.89
C ALA J 92 41.35 57.24 -57.14
N THR J 93 42.18 58.06 -57.78
CA THR J 93 42.93 57.60 -58.93
C THR J 93 44.33 58.17 -58.91
N GLY J 94 45.26 57.50 -59.55
CA GLY J 94 46.62 58.01 -59.56
C GLY J 94 47.13 58.10 -58.12
N THR J 95 47.55 59.29 -57.74
CA THR J 95 47.99 59.55 -56.38
C THR J 95 47.02 60.45 -55.58
N THR J 96 45.78 60.67 -56.06
CA THR J 96 44.86 61.56 -55.34
C THR J 96 43.45 60.98 -55.11
N PRO J 97 42.76 61.48 -54.10
CA PRO J 97 41.34 61.25 -53.81
C PRO J 97 40.43 61.88 -54.86
N GLN J 98 39.26 61.28 -55.06
CA GLN J 98 38.28 61.78 -56.04
C GLN J 98 36.88 61.90 -55.41
N LYS J 99 35.88 61.18 -55.91
CA LYS J 99 34.52 61.27 -55.33
C LYS J 99 34.23 60.08 -54.43
N LEU J 100 33.25 60.20 -53.56
CA LEU J 100 32.94 59.08 -52.71
C LEU J 100 32.17 58.01 -53.47
N PHE J 101 32.65 56.76 -53.38
CA PHE J 101 31.98 55.59 -53.95
C PHE J 101 31.49 54.69 -52.83
N VAL J 102 30.21 54.79 -52.50
CA VAL J 102 29.70 54.12 -51.31
C VAL J 102 28.44 53.31 -51.53
N ALA J 103 28.16 52.46 -50.56
CA ALA J 103 26.93 51.70 -50.47
C ALA J 103 25.73 52.58 -50.16
N ASN J 104 24.52 52.05 -50.36
CA ASN J 104 23.29 52.85 -50.16
C ASN J 104 22.71 52.80 -48.72
N TYR J 105 23.56 52.49 -47.71
CA TYR J 105 23.14 52.25 -46.33
C TYR J 105 22.36 53.40 -45.68
N SER J 106 22.52 54.64 -46.15
CA SER J 106 21.73 55.78 -45.67
C SER J 106 20.21 55.61 -45.84
N GLN J 107 19.80 54.80 -46.83
CA GLN J 107 18.39 54.56 -47.09
C GLN J 107 17.82 53.41 -46.27
N ASP J 108 18.67 52.68 -45.54
CA ASP J 108 18.26 51.51 -44.78
C ASP J 108 17.74 51.88 -43.39
N VAL J 109 16.54 52.45 -43.34
CA VAL J 109 15.90 52.79 -42.07
C VAL J 109 15.20 51.59 -41.50
N LYS J 110 15.42 51.33 -40.24
CA LYS J 110 14.82 50.19 -39.60
C LYS J 110 13.95 50.60 -38.46
N GLN J 111 12.96 49.78 -38.18
CA GLN J 111 12.17 49.96 -36.99
C GLN J 111 12.97 49.48 -35.81
N PHE J 112 13.15 50.36 -34.83
CA PHE J 112 13.84 49.99 -33.62
C PHE J 112 12.99 48.99 -32.85
N ALA J 113 13.62 47.99 -32.27
CA ALA J 113 12.85 46.92 -31.65
C ALA J 113 13.56 46.35 -30.45
N ASN J 114 13.52 47.09 -29.35
CA ASN J 114 14.10 46.68 -28.08
C ASN J 114 15.60 46.47 -28.13
N GLY J 115 16.28 47.24 -28.95
CA GLY J 115 17.72 47.19 -28.98
C GLY J 115 18.29 46.21 -29.98
N PHE J 116 19.60 46.26 -30.10
CA PHE J 116 20.31 45.38 -31.00
C PHE J 116 21.74 45.18 -30.56
N VAL J 117 22.36 44.14 -31.11
CA VAL J 117 23.75 43.85 -30.81
C VAL J 117 24.54 43.73 -32.08
N VAL J 118 25.83 44.03 -32.00
CA VAL J 118 26.63 43.94 -33.19
C VAL J 118 27.94 43.20 -33.00
N ARG J 119 28.44 42.66 -34.10
CA ARG J 119 29.71 41.96 -34.14
C ARG J 119 30.68 42.75 -35.01
N ILE J 120 31.84 43.07 -34.44
CA ILE J 120 32.78 43.96 -35.11
C ILE J 120 34.15 43.32 -35.31
N GLY J 121 34.65 43.40 -36.55
CA GLY J 121 36.03 43.00 -36.84
C GLY J 121 36.26 41.50 -36.96
N ALA J 122 35.19 40.72 -37.09
CA ALA J 122 35.27 39.26 -37.04
C ALA J 122 36.23 38.63 -38.04
N ALA J 123 36.36 39.23 -39.22
CA ALA J 123 37.23 38.72 -40.26
C ALA J 123 38.68 39.26 -40.18
N ALA J 124 39.04 39.99 -39.12
CA ALA J 124 40.41 40.47 -38.93
C ALA J 124 41.39 39.31 -38.83
N ASN J 125 42.64 39.59 -39.23
CA ASN J 125 43.71 38.60 -39.37
C ASN J 125 43.43 37.62 -40.51
N SER J 126 42.87 38.15 -41.60
CA SER J 126 42.60 37.38 -42.81
C SER J 126 42.54 38.38 -43.96
N THR J 127 42.24 37.88 -45.16
CA THR J 127 42.18 38.77 -46.30
C THR J 127 40.83 38.71 -46.96
N GLY J 128 40.51 39.75 -47.72
CA GLY J 128 39.24 39.86 -48.40
C GLY J 128 39.46 40.48 -49.75
N THR J 129 38.57 41.41 -50.10
CA THR J 129 38.73 42.19 -51.31
C THR J 129 38.47 43.65 -51.02
N VAL J 130 38.94 44.52 -51.91
CA VAL J 130 38.67 45.96 -51.84
C VAL J 130 37.20 46.36 -52.08
N ILE J 131 36.39 45.45 -52.62
CA ILE J 131 34.95 45.59 -52.90
C ILE J 131 34.65 46.52 -54.06
N ILE J 132 34.95 47.81 -53.93
CA ILE J 132 34.77 48.78 -54.99
C ILE J 132 35.74 48.56 -56.16
N SER J 133 36.89 47.95 -55.87
CA SER J 133 37.88 47.60 -56.86
C SER J 133 38.47 46.25 -56.50
N PRO J 134 37.57 45.28 -56.26
CA PRO J 134 37.78 44.02 -55.54
C PRO J 134 38.90 43.11 -56.06
N SER J 135 39.27 43.24 -57.34
CA SER J 135 40.33 42.46 -57.94
C SER J 135 41.70 42.58 -57.25
N THR J 136 41.92 43.69 -56.53
CA THR J 136 43.14 43.89 -55.74
C THR J 136 43.35 42.87 -54.62
N SER J 137 42.26 42.30 -54.07
CA SER J 137 42.32 41.29 -53.01
C SER J 137 43.08 41.74 -51.75
N ALA J 138 42.85 42.98 -51.31
CA ALA J 138 43.53 43.53 -50.14
C ALA J 138 43.16 42.81 -48.84
N THR J 139 44.11 42.80 -47.91
CA THR J 139 43.90 42.25 -46.58
C THR J 139 42.89 43.10 -45.81
N ILE J 140 42.14 42.47 -44.89
CA ILE J 140 41.08 43.19 -44.20
C ILE J 140 41.35 43.43 -42.73
N ARG J 141 40.93 44.60 -42.26
CA ARG J 141 41.12 44.98 -40.86
C ARG J 141 39.86 45.51 -40.23
N LYS J 142 39.82 45.51 -38.90
CA LYS J 142 38.64 46.01 -38.21
C LYS J 142 38.42 47.49 -38.45
N ILE J 143 37.15 47.83 -38.67
CA ILE J 143 36.73 49.21 -38.79
C ILE J 143 35.50 49.41 -37.96
N TYR J 144 35.41 50.53 -37.25
CA TYR J 144 34.27 50.74 -36.38
C TYR J 144 33.08 51.42 -37.09
N PRO J 145 31.87 50.90 -36.90
CA PRO J 145 30.59 51.38 -37.42
C PRO J 145 30.14 52.73 -36.88
N ALA J 146 29.35 53.45 -37.69
CA ALA J 146 28.69 54.67 -37.22
C ALA J 146 27.16 54.56 -37.35
N PHE J 147 26.43 55.21 -36.43
CA PHE J 147 24.96 55.02 -36.36
C PHE J 147 24.16 56.29 -36.14
N MET J 148 22.89 56.24 -36.52
CA MET J 148 21.96 57.30 -36.17
C MET J 148 20.62 56.76 -35.64
N LEU J 149 20.14 57.31 -34.53
CA LEU J 149 18.89 56.83 -33.93
C LEU J 149 17.95 57.97 -33.59
N GLY J 150 16.64 57.73 -33.65
CA GLY J 150 15.71 58.80 -33.30
C GLY J 150 14.26 58.35 -33.26
N SER J 151 13.38 59.27 -32.90
CA SER J 151 11.95 58.96 -32.79
C SER J 151 11.16 59.16 -34.08
N SER J 152 11.72 59.86 -35.07
CA SER J 152 10.98 60.04 -36.32
C SER J 152 11.87 60.22 -37.53
N VAL J 153 11.38 59.72 -38.67
CA VAL J 153 12.04 59.86 -39.96
C VAL J 153 11.11 60.32 -41.06
N GLY J 154 11.67 60.78 -42.17
CA GLY J 154 10.87 61.17 -43.32
C GLY J 154 11.71 61.55 -44.53
N ASN J 155 11.03 62.00 -45.57
CA ASN J 155 11.70 62.35 -46.81
C ASN J 155 12.55 63.61 -46.69
N PHE J 156 13.67 63.59 -47.40
CA PHE J 156 14.48 64.76 -47.69
C PHE J 156 13.76 65.61 -48.71
N SER J 157 14.21 66.85 -48.89
CA SER J 157 13.65 67.74 -49.91
C SER J 157 13.71 67.17 -51.36
N ASP J 158 14.69 66.29 -51.64
CA ASP J 158 14.76 65.58 -52.92
C ASP J 158 14.02 64.24 -52.93
N GLY J 159 13.25 63.93 -51.88
CA GLY J 159 12.51 62.68 -51.79
C GLY J 159 13.34 61.49 -51.29
N LYS J 160 14.57 61.74 -50.84
CA LYS J 160 15.44 60.67 -50.37
C LYS J 160 14.96 60.20 -49.00
N MET J 161 15.15 58.94 -48.70
CA MET J 161 14.68 58.40 -47.43
C MET J 161 15.59 58.76 -46.26
N GLY J 162 15.04 58.66 -45.05
CA GLY J 162 15.84 58.70 -43.83
C GLY J 162 16.21 60.03 -43.21
N ARG J 163 15.59 61.13 -43.61
CA ARG J 163 15.87 62.36 -42.86
C ARG J 163 15.32 62.19 -41.46
N PHE J 164 16.12 62.50 -40.45
CA PHE J 164 15.65 62.37 -39.07
C PHE J 164 15.16 63.70 -38.54
N PHE J 165 14.15 63.64 -37.70
CA PHE J 165 13.52 64.86 -37.20
C PHE J 165 13.78 65.14 -35.74
N ASN J 166 13.66 66.41 -35.38
CA ASN J 166 13.92 66.94 -34.06
C ASN J 166 15.37 66.63 -33.64
N HIS J 167 15.56 65.95 -32.50
CA HIS J 167 16.91 65.61 -32.08
C HIS J 167 17.21 64.18 -32.42
N THR J 168 18.46 63.90 -32.74
CA THR J 168 18.84 62.53 -33.02
C THR J 168 20.13 62.14 -32.35
N LEU J 169 20.28 60.85 -32.13
CA LEU J 169 21.48 60.31 -31.57
C LEU J 169 22.49 60.10 -32.65
N VAL J 170 23.72 60.49 -32.40
CA VAL J 170 24.78 60.23 -33.37
C VAL J 170 25.93 59.52 -32.70
N LEU J 171 26.35 58.42 -33.30
CA LEU J 171 27.50 57.70 -32.82
C LEU J 171 28.53 57.61 -33.91
N LEU J 172 29.68 58.23 -33.70
CA LEU J 172 30.75 58.12 -34.67
C LEU J 172 32.10 58.06 -34.00
N PRO J 173 32.95 57.17 -34.45
CA PRO J 173 34.37 57.19 -34.17
C PRO J 173 35.01 58.35 -34.93
N ASP J 174 36.06 58.94 -34.38
CA ASP J 174 36.79 59.96 -35.12
C ASP J 174 38.15 59.54 -35.55
N GLY J 175 38.37 59.53 -36.86
CA GLY J 175 39.67 59.16 -37.37
C GLY J 175 39.97 57.71 -37.02
N CYS J 176 41.09 57.50 -36.35
CA CYS J 176 41.47 56.18 -35.85
C CYS J 176 40.54 55.75 -34.73
N GLY J 177 40.40 54.44 -34.56
CA GLY J 177 39.43 53.82 -33.67
C GLY J 177 39.53 54.18 -32.18
N THR J 178 40.61 54.82 -31.75
CA THR J 178 40.83 55.22 -30.38
C THR J 178 39.85 56.27 -29.82
N LEU J 179 39.15 57.00 -30.69
CA LEU J 179 38.19 57.96 -30.14
C LEU J 179 36.78 57.72 -30.63
N LEU J 180 35.85 57.64 -29.69
CA LEU J 180 34.42 57.54 -29.99
C LEU J 180 33.66 58.73 -29.45
N ARG J 181 32.75 59.29 -30.24
CA ARG J 181 31.90 60.37 -29.77
C ARG J 181 30.41 60.03 -29.84
N ALA J 182 29.68 60.52 -28.84
CA ALA J 182 28.23 60.37 -28.79
C ALA J 182 27.58 61.73 -28.76
N PHE J 183 26.47 61.90 -29.50
CA PHE J 183 25.76 63.18 -29.48
C PHE J 183 24.25 63.02 -29.37
N TYR J 184 23.59 64.02 -28.79
CA TYR J 184 22.15 64.16 -28.93
C TYR J 184 21.84 65.58 -29.36
N CYS J 185 21.48 65.76 -30.63
CA CYS J 185 21.44 67.11 -31.19
C CYS J 185 20.48 67.26 -32.36
N ILE J 186 20.17 68.50 -32.76
CA ILE J 186 19.40 68.70 -34.01
C ILE J 186 20.31 68.91 -35.24
N LEU J 187 20.12 68.09 -36.25
CA LEU J 187 20.88 68.29 -37.48
C LEU J 187 20.27 69.37 -38.37
N GLU J 188 21.14 70.20 -38.97
CA GLU J 188 20.70 71.22 -39.91
C GLU J 188 21.18 70.92 -41.34
N PRO J 189 20.25 70.84 -42.29
CA PRO J 189 20.54 70.63 -43.71
C PRO J 189 21.31 71.79 -44.33
N ARG J 190 22.15 71.49 -45.32
CA ARG J 190 22.96 72.52 -45.95
C ARG J 190 22.60 72.75 -47.40
N SER J 191 22.66 74.01 -47.82
CA SER J 191 22.26 74.42 -49.17
C SER J 191 23.34 74.34 -50.25
N GLY J 192 24.52 73.82 -49.90
CA GLY J 192 25.64 73.72 -50.83
C GLY J 192 25.47 72.62 -51.86
N ASN J 193 26.43 72.54 -52.78
CA ASN J 193 26.37 71.54 -53.83
C ASN J 193 26.50 70.15 -53.24
N HIS J 194 25.57 69.25 -53.59
CA HIS J 194 25.50 67.90 -53.05
C HIS J 194 25.28 67.90 -51.55
N CYS J 195 24.33 68.71 -51.09
CA CYS J 195 24.14 68.77 -49.65
C CYS J 195 22.65 68.81 -49.37
N PRO J 196 22.19 68.51 -48.14
CA PRO J 196 20.83 68.09 -47.87
C PRO J 196 19.67 69.04 -48.24
N ALA J 197 19.90 70.35 -48.20
CA ALA J 197 18.87 71.30 -48.64
C ALA J 197 19.04 71.70 -50.11
N GLY J 198 20.18 71.34 -50.71
CA GLY J 198 20.44 71.62 -52.11
C GLY J 198 19.66 70.67 -53.01
N ASN J 199 19.52 71.03 -54.29
CA ASN J 199 18.82 70.16 -55.24
C ASN J 199 19.75 69.22 -56.00
N SER J 200 21.05 69.23 -55.65
CA SER J 200 22.03 68.31 -56.19
C SER J 200 22.39 67.20 -55.20
N TYR J 201 21.63 67.09 -54.11
CA TYR J 201 21.84 66.08 -53.09
C TYR J 201 21.60 64.68 -53.63
N THR J 202 22.49 63.76 -53.27
CA THR J 202 22.30 62.36 -53.59
C THR J 202 22.03 61.58 -52.31
N SER J 203 23.10 61.31 -51.56
CA SER J 203 23.00 60.68 -50.27
C SER J 203 24.07 61.15 -49.31
N PHE J 204 23.67 61.36 -48.07
CA PHE J 204 24.58 61.65 -46.98
C PHE J 204 25.56 60.51 -46.72
N ALA J 205 26.80 60.86 -46.44
CA ALA J 205 27.84 59.92 -46.02
C ALA J 205 28.91 60.68 -45.25
N THR J 206 29.77 59.95 -44.54
CA THR J 206 30.88 60.57 -43.83
C THR J 206 32.18 59.94 -44.26
N TYR J 207 33.28 60.59 -43.96
CA TYR J 207 34.54 60.03 -44.40
C TYR J 207 35.74 60.36 -43.52
N HIS J 208 36.77 59.56 -43.71
CA HIS J 208 38.07 59.68 -43.06
C HIS J 208 39.14 59.82 -44.12
N THR J 209 40.12 60.71 -43.89
CA THR J 209 41.15 60.95 -44.88
C THR J 209 42.54 60.62 -44.38
N PRO J 210 42.91 59.33 -44.31
CA PRO J 210 44.12 58.77 -43.70
C PRO J 210 45.46 59.32 -44.21
N ALA J 211 45.47 59.97 -45.38
CA ALA J 211 46.66 60.62 -45.88
C ALA J 211 47.10 61.79 -45.01
N THR J 212 46.14 62.49 -44.40
CA THR J 212 46.44 63.63 -43.53
C THR J 212 45.92 63.43 -42.12
N ASP J 213 44.94 62.55 -41.96
CA ASP J 213 44.38 62.20 -40.67
C ASP J 213 45.21 61.10 -40.04
N CYS J 214 44.89 60.73 -38.81
CA CYS J 214 45.54 59.57 -38.18
C CYS J 214 47.07 59.60 -38.17
N SER J 215 47.67 60.76 -37.91
CA SER J 215 49.12 60.83 -37.82
C SER J 215 49.58 60.11 -36.58
N ASP J 216 50.73 59.45 -36.65
CA ASP J 216 51.15 58.65 -35.51
C ASP J 216 51.60 59.42 -34.28
N GLY J 217 51.95 60.70 -34.43
CA GLY J 217 52.21 61.55 -33.28
C GLY J 217 51.02 62.43 -32.90
N ASN J 218 49.92 62.37 -33.66
CA ASN J 218 48.76 63.21 -33.44
C ASN J 218 47.61 62.74 -34.27
N TYR J 219 46.86 61.76 -33.77
CA TYR J 219 45.74 61.24 -34.52
C TYR J 219 44.66 62.30 -34.62
N ASN J 220 44.02 62.39 -35.77
CA ASN J 220 43.07 63.46 -35.96
C ASN J 220 41.75 63.15 -35.30
N ARG J 221 41.64 63.63 -34.07
CA ARG J 221 40.48 63.46 -33.21
C ARG J 221 39.22 64.20 -33.64
N ASN J 222 39.30 65.07 -34.64
CA ASN J 222 38.11 65.70 -35.17
C ASN J 222 37.77 65.23 -36.59
N ALA J 223 38.48 64.22 -37.11
CA ALA J 223 38.41 63.90 -38.55
C ALA J 223 37.04 63.56 -39.10
N SER J 224 36.33 62.67 -38.43
CA SER J 224 35.09 62.16 -38.96
C SER J 224 33.95 63.09 -38.63
N LEU J 225 34.07 63.75 -37.48
CA LEU J 225 33.12 64.75 -37.07
C LEU J 225 33.11 65.94 -38.00
N ASN J 226 34.28 66.35 -38.46
CA ASN J 226 34.33 67.44 -39.40
C ASN J 226 33.74 67.05 -40.74
N SER J 227 34.02 65.83 -41.20
CA SER J 227 33.38 65.38 -42.43
C SER J 227 31.87 65.20 -42.28
N PHE J 228 31.41 64.86 -41.07
CA PHE J 228 29.99 64.88 -40.74
C PHE J 228 29.40 66.28 -40.80
N LYS J 229 30.13 67.25 -40.23
CA LYS J 229 29.73 68.64 -40.20
C LYS J 229 29.57 69.23 -41.59
N GLU J 230 30.37 68.75 -42.55
CA GLU J 230 30.25 69.24 -43.92
C GLU J 230 28.88 68.98 -44.59
N TYR J 231 28.08 68.04 -44.07
CA TYR J 231 26.76 67.82 -44.61
C TYR J 231 25.67 68.31 -43.66
N PHE J 232 25.92 68.19 -42.35
CA PHE J 232 24.94 68.65 -41.36
C PHE J 232 25.50 69.54 -40.28
N ASN J 233 24.92 70.73 -40.14
CA ASN J 233 25.34 71.63 -39.09
C ASN J 233 24.80 71.16 -37.75
N LEU J 234 25.58 71.35 -36.70
CA LEU J 234 25.15 70.96 -35.37
C LEU J 234 24.51 72.12 -34.65
N ARG J 235 23.19 72.04 -34.45
CA ARG J 235 22.45 73.11 -33.79
C ARG J 235 21.66 72.53 -32.67
N ASN J 236 21.51 73.25 -31.55
CA ASN J 236 20.69 72.76 -30.45
C ASN J 236 21.20 71.41 -29.97
N CYS J 237 22.36 71.41 -29.33
CA CYS J 237 22.96 70.13 -28.96
C CYS J 237 22.91 69.99 -27.46
N THR J 238 22.25 68.95 -27.00
CA THR J 238 22.02 68.81 -25.57
C THR J 238 23.00 67.90 -24.90
N PHE J 239 23.47 66.89 -25.61
CA PHE J 239 24.45 65.99 -25.01
C PHE J 239 25.61 65.71 -25.90
N MET J 240 26.79 65.69 -25.31
CA MET J 240 27.95 65.14 -25.99
C MET J 240 28.84 64.40 -25.03
N TYR J 241 29.34 63.25 -25.46
CA TYR J 241 30.26 62.45 -24.65
C TYR J 241 31.36 61.89 -25.50
N THR J 242 32.51 61.60 -24.89
CA THR J 242 33.57 60.93 -25.63
C THR J 242 34.11 59.76 -24.85
N TYR J 243 34.69 58.79 -25.57
CA TYR J 243 35.22 57.60 -24.93
C TYR J 243 36.57 57.18 -25.48
N ASN J 244 37.42 56.66 -24.59
CA ASN J 244 38.77 56.25 -24.94
C ASN J 244 38.85 54.78 -25.27
N ILE J 245 39.38 54.49 -26.44
CA ILE J 245 39.52 53.13 -26.98
C ILE J 245 41.00 52.92 -27.34
N THR J 246 41.46 51.68 -27.38
CA THR J 246 42.81 51.45 -27.91
C THR J 246 42.74 50.45 -29.06
N GLU J 247 43.74 50.46 -29.92
CA GLU J 247 43.71 49.56 -31.07
C GLU J 247 43.96 48.11 -30.66
N ASP J 248 43.24 47.20 -31.31
CA ASP J 248 43.39 45.77 -31.08
C ASP J 248 42.72 45.00 -32.22
N GLU J 249 43.35 43.95 -32.72
CA GLU J 249 42.76 43.15 -33.81
C GLU J 249 41.62 42.18 -33.41
N ILE J 250 41.41 41.98 -32.11
CA ILE J 250 40.40 41.04 -31.58
C ILE J 250 38.95 41.44 -31.90
N LEU J 251 38.12 40.42 -32.14
CA LEU J 251 36.67 40.57 -32.41
C LEU J 251 35.98 41.23 -31.25
N GLU J 252 35.10 42.20 -31.53
CA GLU J 252 34.43 42.89 -30.43
C GLU J 252 32.92 42.86 -30.50
N TRP J 253 32.33 42.91 -29.31
CA TRP J 253 30.89 42.95 -29.19
C TRP J 253 30.43 44.29 -28.64
N PHE J 254 29.36 44.81 -29.20
CA PHE J 254 28.77 46.06 -28.74
C PHE J 254 27.26 46.03 -28.82
N GLY J 255 26.56 46.72 -27.93
CA GLY J 255 25.11 46.72 -28.08
C GLY J 255 24.42 47.93 -27.50
N ILE J 256 23.17 48.09 -27.90
CA ILE J 256 22.32 49.19 -27.45
C ILE J 256 20.97 48.71 -27.00
N THR J 257 20.54 49.17 -25.82
CA THR J 257 19.16 48.98 -25.38
C THR J 257 18.64 50.27 -24.84
N GLN J 258 17.34 50.35 -24.63
CA GLN J 258 16.79 51.53 -23.99
C GLN J 258 15.71 51.16 -23.00
N THR J 259 15.75 51.83 -21.86
CA THR J 259 14.75 51.65 -20.81
C THR J 259 14.29 53.00 -20.36
N ALA J 260 13.41 53.03 -19.37
CA ALA J 260 13.00 54.28 -18.71
C ALA J 260 14.15 55.03 -18.01
N GLN J 261 15.29 54.36 -17.78
CA GLN J 261 16.50 54.97 -17.27
C GLN J 261 17.36 55.60 -18.36
N GLY J 262 16.95 55.48 -19.63
CA GLY J 262 17.70 56.02 -20.75
C GLY J 262 18.39 54.92 -21.54
N VAL J 263 19.16 55.32 -22.53
CA VAL J 263 19.88 54.37 -23.36
C VAL J 263 21.04 53.74 -22.63
N HIS J 264 21.21 52.44 -22.84
CA HIS J 264 22.31 51.71 -22.25
C HIS J 264 23.26 51.23 -23.33
N LEU J 265 24.55 51.43 -23.09
CA LEU J 265 25.56 51.01 -24.03
C LEU J 265 26.37 49.86 -23.45
N PHE J 266 26.54 48.83 -24.24
CA PHE J 266 27.23 47.67 -23.75
C PHE J 266 28.42 47.36 -24.58
N SER J 267 29.44 46.79 -23.96
CA SER J 267 30.56 46.32 -24.73
C SER J 267 31.29 45.22 -24.07
N SER J 268 31.98 44.44 -24.86
CA SER J 268 32.86 43.42 -24.33
C SER J 268 34.22 43.96 -23.96
N ARG J 269 34.61 45.09 -24.53
CA ARG J 269 35.99 45.53 -24.41
C ARG J 269 36.45 45.88 -23.03
N TYR J 270 35.60 46.58 -22.28
CA TYR J 270 36.00 47.11 -21.00
C TYR J 270 36.29 46.05 -19.95
N VAL J 271 35.54 44.95 -19.99
CA VAL J 271 35.66 43.91 -18.98
C VAL J 271 36.14 42.55 -19.50
N ASP J 272 35.60 42.12 -20.63
CA ASP J 272 35.77 40.75 -21.08
C ASP J 272 36.25 40.63 -22.50
N LEU J 273 37.40 41.22 -22.78
CA LEU J 273 37.95 41.24 -24.12
C LEU J 273 38.07 39.89 -24.81
N TYR J 274 38.32 38.83 -24.03
CA TYR J 274 38.53 37.54 -24.63
C TYR J 274 37.29 36.65 -24.68
N GLY J 275 36.44 36.69 -23.65
CA GLY J 275 35.22 35.89 -23.65
C GLY J 275 34.10 36.46 -24.51
N GLY J 276 34.07 37.79 -24.68
CA GLY J 276 33.07 38.44 -25.53
C GLY J 276 31.70 38.70 -24.88
N ASN J 277 31.56 38.48 -23.58
CA ASN J 277 30.29 38.80 -22.92
C ASN J 277 30.13 40.30 -22.81
N MET J 278 28.94 40.82 -23.08
CA MET J 278 28.78 42.26 -22.98
C MET J 278 28.53 42.72 -21.56
N PHE J 279 29.11 43.87 -21.22
CA PHE J 279 28.91 44.48 -19.92
C PHE J 279 28.45 45.93 -20.05
N GLN J 280 27.85 46.45 -18.99
CA GLN J 280 27.27 47.80 -19.03
C GLN J 280 28.34 48.88 -19.07
N PHE J 281 28.76 49.20 -20.28
CA PHE J 281 29.83 50.16 -20.50
C PHE J 281 29.48 51.58 -20.13
N ALA J 282 28.30 52.03 -20.55
CA ALA J 282 27.93 53.41 -20.30
C ALA J 282 26.42 53.59 -20.39
N THR J 283 25.91 54.70 -19.88
CA THR J 283 24.51 55.02 -20.08
C THR J 283 24.34 56.43 -20.56
N LEU J 284 23.20 56.71 -21.17
CA LEU J 284 22.88 58.05 -21.63
C LEU J 284 21.61 58.54 -20.98
N PRO J 285 21.50 59.84 -20.73
CA PRO J 285 20.37 60.59 -20.13
C PRO J 285 19.14 60.73 -21.02
N VAL J 286 19.25 60.36 -22.29
CA VAL J 286 18.15 60.59 -23.21
C VAL J 286 16.95 59.75 -22.86
N TYR J 287 15.80 60.40 -22.66
CA TYR J 287 14.57 59.69 -22.32
C TYR J 287 13.58 59.60 -23.47
N ASP J 288 13.94 60.12 -24.62
CA ASP J 288 13.09 60.03 -25.78
C ASP J 288 13.16 58.64 -26.35
N THR J 289 12.02 58.00 -26.53
CA THR J 289 11.99 56.64 -27.04
C THR J 289 12.45 56.59 -28.49
N ILE J 290 13.34 55.66 -28.78
CA ILE J 290 13.79 55.47 -30.15
C ILE J 290 12.79 54.65 -30.93
N LYS J 291 12.40 55.16 -32.09
CA LYS J 291 11.49 54.46 -32.96
C LYS J 291 12.20 53.97 -34.20
N TYR J 292 13.26 54.67 -34.60
CA TYR J 292 13.96 54.34 -35.82
C TYR J 292 15.46 54.29 -35.68
N TYR J 293 16.05 53.46 -36.49
CA TYR J 293 17.46 53.24 -36.47
C TYR J 293 18.06 53.12 -37.87
N SER J 294 19.21 53.74 -38.09
CA SER J 294 19.90 53.54 -39.34
C SER J 294 21.41 53.55 -39.17
N ILE J 295 22.12 52.99 -40.14
CA ILE J 295 23.56 53.04 -40.15
C ILE J 295 24.05 54.18 -41.00
N ILE J 296 25.01 54.93 -40.48
CA ILE J 296 25.61 55.99 -41.27
C ILE J 296 26.69 55.37 -42.15
N PRO J 297 26.60 55.46 -43.48
CA PRO J 297 27.59 54.99 -44.41
C PRO J 297 28.86 55.82 -44.26
N HIS J 298 29.98 55.15 -44.45
CA HIS J 298 31.26 55.77 -44.24
C HIS J 298 32.24 55.31 -45.26
N SER J 299 33.18 56.17 -45.60
CA SER J 299 34.20 55.76 -46.53
C SER J 299 35.55 56.36 -46.26
N ILE J 300 36.54 55.77 -46.88
CA ILE J 300 37.89 56.23 -46.70
C ILE J 300 38.35 57.01 -47.94
N ARG J 301 39.10 58.09 -47.72
CA ARG J 301 39.65 58.90 -48.79
C ARG J 301 41.10 58.54 -49.08
N SER J 302 41.44 57.26 -48.96
CA SER J 302 42.77 56.78 -49.22
C SER J 302 43.11 56.87 -50.69
N ILE J 303 44.38 57.09 -50.96
CA ILE J 303 44.96 57.10 -52.29
C ILE J 303 44.85 55.74 -52.97
N GLN J 304 44.64 55.76 -54.29
CA GLN J 304 44.43 54.57 -55.13
C GLN J 304 45.38 53.39 -54.92
N SER J 305 46.67 53.66 -54.72
CA SER J 305 47.64 52.60 -54.43
C SER J 305 47.70 52.19 -52.97
N ASP J 306 47.14 53.01 -52.10
CA ASP J 306 47.21 52.83 -50.66
C ASP J 306 45.94 52.23 -50.04
N ARG J 307 45.03 51.71 -50.88
CA ARG J 307 43.75 51.20 -50.41
C ARG J 307 43.90 50.03 -49.46
N LYS J 308 43.05 50.01 -48.43
CA LYS J 308 42.98 48.89 -47.51
C LYS J 308 41.55 48.45 -47.32
N ALA J 309 41.31 47.16 -47.47
CA ALA J 309 40.00 46.58 -47.28
C ALA J 309 39.63 46.46 -45.80
N TRP J 310 38.34 46.38 -45.52
CA TRP J 310 37.89 46.31 -44.13
C TRP J 310 37.00 45.10 -43.88
N ALA J 311 37.12 44.55 -42.67
CA ALA J 311 36.36 43.40 -42.23
C ALA J 311 34.85 43.71 -42.15
N ALA J 312 34.04 42.70 -42.46
CA ALA J 312 32.59 42.79 -42.44
C ALA J 312 32.01 43.08 -41.06
N PHE J 313 30.90 43.79 -41.04
CA PHE J 313 30.25 44.20 -39.82
C PHE J 313 28.80 43.69 -39.73
N TYR J 314 28.40 43.14 -38.57
CA TYR J 314 27.08 42.49 -38.48
C TYR J 314 26.18 43.05 -37.39
N VAL J 315 24.87 43.04 -37.65
CA VAL J 315 23.87 43.50 -36.68
C VAL J 315 22.78 42.44 -36.44
N TYR J 316 22.39 42.23 -35.17
CA TYR J 316 21.34 41.28 -34.83
C TYR J 316 20.34 41.93 -33.85
N LYS J 317 19.05 41.64 -34.00
CA LYS J 317 18.07 42.26 -33.09
C LYS J 317 17.90 41.54 -31.77
N LEU J 318 17.72 42.30 -30.70
CA LEU J 318 17.41 41.75 -29.38
C LEU J 318 15.96 41.34 -29.19
N GLN J 319 15.74 40.27 -28.43
CA GLN J 319 14.41 39.75 -28.16
C GLN J 319 14.25 39.25 -26.72
N PRO J 320 13.08 39.38 -26.10
CA PRO J 320 12.75 38.95 -24.75
C PRO J 320 12.61 37.44 -24.66
N LEU J 321 13.75 36.76 -24.48
CA LEU J 321 13.79 35.29 -24.53
C LEU J 321 14.27 34.61 -23.24
N THR J 322 13.81 33.39 -23.04
CA THR J 322 14.28 32.57 -21.93
C THR J 322 15.49 31.75 -22.33
N PHE J 323 16.54 31.79 -21.51
CA PHE J 323 17.77 31.08 -21.80
C PHE J 323 18.34 30.29 -20.64
N LEU J 324 19.06 29.22 -20.96
CA LEU J 324 19.97 28.68 -19.96
C LEU J 324 21.26 29.44 -20.03
N LEU J 325 21.88 29.68 -18.89
CA LEU J 325 23.21 30.24 -18.87
C LEU J 325 24.18 29.36 -18.10
N ASP J 326 25.25 28.96 -18.77
CA ASP J 326 26.32 28.21 -18.16
C ASP J 326 27.46 29.10 -17.72
N PHE J 327 27.40 29.53 -16.47
CA PHE J 327 28.48 30.29 -15.86
C PHE J 327 29.66 29.41 -15.55
N SER J 328 30.85 29.96 -15.73
CA SER J 328 32.09 29.29 -15.39
C SER J 328 32.36 29.47 -13.92
N VAL J 329 33.37 28.78 -13.43
CA VAL J 329 33.89 29.01 -12.09
C VAL J 329 34.41 30.44 -11.85
N ASP J 330 34.78 31.13 -12.94
CA ASP J 330 35.23 32.51 -12.88
C ASP J 330 34.08 33.51 -13.10
N GLY J 331 32.84 33.02 -13.18
CA GLY J 331 31.70 33.89 -13.38
C GLY J 331 31.43 34.29 -14.83
N TYR J 332 32.08 33.65 -15.79
CA TYR J 332 31.85 34.03 -17.17
C TYR J 332 30.90 33.10 -17.87
N ILE J 333 30.03 33.66 -18.68
CA ILE J 333 29.12 32.82 -19.42
C ILE J 333 29.86 32.20 -20.56
N ARG J 334 29.85 30.88 -20.63
CA ARG J 334 30.54 30.18 -21.69
C ARG J 334 29.60 29.50 -22.64
N ARG J 335 28.49 28.99 -22.14
CA ARG J 335 27.49 28.36 -23.02
C ARG J 335 26.11 28.86 -22.74
N ALA J 336 25.26 28.83 -23.74
CA ALA J 336 23.88 29.21 -23.50
C ALA J 336 22.91 28.42 -24.38
N ILE J 337 21.67 28.30 -23.91
CA ILE J 337 20.65 27.60 -24.69
C ILE J 337 19.43 28.45 -24.95
N ASP J 338 19.13 28.68 -26.22
CA ASP J 338 17.91 29.39 -26.61
C ASP J 338 16.72 28.46 -26.47
N CYS J 339 15.96 28.61 -25.38
CA CYS J 339 14.96 27.58 -25.03
C CYS J 339 13.88 27.31 -26.04
N GLY J 340 13.40 28.34 -26.72
CA GLY J 340 12.33 28.15 -27.69
C GLY J 340 12.78 27.72 -29.10
N PHE J 341 14.09 27.63 -29.36
CA PHE J 341 14.60 27.34 -30.71
C PHE J 341 14.27 25.97 -31.27
N ASN J 342 14.28 24.94 -30.44
CA ASN J 342 14.04 23.59 -30.91
C ASN J 342 13.36 22.78 -29.83
N ASP J 343 12.84 21.61 -30.20
CA ASP J 343 12.33 20.65 -29.24
C ASP J 343 13.41 20.10 -28.33
N LEU J 344 14.62 19.92 -28.88
CA LEU J 344 15.76 19.51 -28.09
C LEU J 344 16.15 20.57 -27.07
N SER J 345 16.11 21.85 -27.46
CA SER J 345 16.39 22.96 -26.56
C SER J 345 15.36 23.09 -25.46
N GLN J 346 14.09 22.79 -25.77
CA GLN J 346 13.02 22.77 -24.79
C GLN J 346 13.25 21.75 -23.69
N LEU J 347 13.75 20.56 -24.05
CA LEU J 347 14.10 19.57 -23.05
C LEU J 347 15.24 19.96 -22.15
N HIS J 348 16.27 20.60 -22.70
CA HIS J 348 17.39 21.07 -21.88
C HIS J 348 16.95 22.10 -20.86
N CYS J 349 16.06 23.01 -21.28
CA CYS J 349 15.52 23.98 -20.37
C CYS J 349 14.61 23.39 -19.32
N SER J 350 13.76 22.41 -19.70
CA SER J 350 12.86 21.78 -18.74
C SER J 350 13.58 20.98 -17.64
N TYR J 351 14.73 20.40 -17.95
CA TYR J 351 15.51 19.71 -16.93
C TYR J 351 16.67 20.54 -16.37
N GLU J 352 16.79 21.82 -16.79
CA GLU J 352 17.85 22.73 -16.38
C GLU J 352 19.25 22.18 -16.50
N SER J 353 19.56 21.53 -17.62
CA SER J 353 20.83 20.86 -17.75
C SER J 353 21.33 20.81 -19.15
N PHE J 354 22.63 20.59 -19.27
CA PHE J 354 23.28 20.41 -20.55
C PHE J 354 23.57 18.94 -20.86
N ASP J 355 23.03 18.01 -20.06
CA ASP J 355 23.29 16.60 -20.27
C ASP J 355 22.07 15.77 -19.87
N VAL J 356 21.01 15.89 -20.66
CA VAL J 356 19.75 15.17 -20.44
C VAL J 356 19.90 13.67 -20.68
N GLU J 357 19.30 12.87 -19.78
CA GLU J 357 19.29 11.40 -19.87
C GLU J 357 18.52 10.86 -21.06
N SER J 358 18.96 9.71 -21.57
CA SER J 358 18.31 9.10 -22.73
C SER J 358 16.88 8.69 -22.45
N GLY J 359 16.01 8.91 -23.43
CA GLY J 359 14.63 8.48 -23.31
C GLY J 359 13.76 9.01 -24.43
N VAL J 360 12.47 8.68 -24.36
CA VAL J 360 11.50 9.28 -25.25
C VAL J 360 10.74 10.34 -24.48
N TYR J 361 10.70 11.55 -25.01
CA TYR J 361 10.09 12.66 -24.28
C TYR J 361 9.05 13.41 -25.09
N SER J 362 7.90 13.63 -24.49
CA SER J 362 6.88 14.46 -25.11
C SER J 362 7.28 15.92 -25.11
N VAL J 363 6.99 16.61 -26.20
CA VAL J 363 7.30 18.04 -26.36
C VAL J 363 6.05 18.78 -26.85
N SER J 364 6.14 20.11 -27.02
CA SER J 364 4.96 20.87 -27.48
C SER J 364 4.41 20.43 -28.84
N SER J 365 3.08 20.33 -28.92
CA SER J 365 2.35 19.92 -30.12
C SER J 365 2.15 21.04 -31.14
N PHE J 366 1.96 20.68 -32.42
CA PHE J 366 1.59 21.64 -33.45
C PHE J 366 0.18 22.07 -33.28
N GLU J 367 -0.11 23.35 -33.48
CA GLU J 367 -1.47 23.86 -33.30
C GLU J 367 -2.48 23.48 -34.37
N ALA J 368 -2.20 23.90 -35.63
CA ALA J 368 -2.97 23.65 -36.87
C ALA J 368 -2.74 24.73 -37.93
N LYS J 369 -2.80 26.02 -37.51
CA LYS J 369 -2.75 27.24 -38.37
C LYS J 369 -4.03 27.48 -39.21
N PRO J 370 -4.98 28.29 -38.72
CA PRO J 370 -6.26 28.59 -39.36
C PRO J 370 -6.16 29.32 -40.70
N SER J 371 -7.14 29.05 -41.55
CA SER J 371 -7.29 29.67 -42.87
C SER J 371 -8.22 30.87 -42.81
N GLY J 372 -8.68 31.35 -43.98
CA GLY J 372 -9.51 32.55 -44.06
C GLY J 372 -10.89 32.34 -43.44
N SER J 373 -11.42 33.41 -42.85
CA SER J 373 -12.63 33.31 -42.05
C SER J 373 -13.91 33.10 -42.84
N VAL J 374 -14.86 32.41 -42.20
CA VAL J 374 -16.20 32.14 -42.72
C VAL J 374 -17.26 32.84 -41.89
N VAL J 375 -18.06 33.72 -42.51
CA VAL J 375 -18.99 34.53 -41.72
C VAL J 375 -20.43 34.47 -42.23
N GLU J 376 -21.37 34.19 -41.32
CA GLU J 376 -22.79 34.29 -41.63
C GLU J 376 -23.49 35.20 -40.64
N GLN J 377 -24.15 36.25 -41.16
CA GLN J 377 -24.83 37.20 -40.31
C GLN J 377 -25.75 38.13 -41.10
N ALA J 378 -26.91 37.63 -41.52
CA ALA J 378 -27.89 38.48 -42.18
C ALA J 378 -28.45 39.54 -41.24
N GLU J 379 -28.73 40.71 -41.77
CA GLU J 379 -29.31 41.80 -41.00
C GLU J 379 -29.94 42.83 -41.93
N ASP J 593 -17.31 41.52 -47.17
CA ASP J 593 -18.58 41.12 -46.57
C ASP J 593 -19.35 40.14 -47.44
N THR J 594 -18.99 40.04 -48.72
CA THR J 594 -19.71 39.16 -49.63
C THR J 594 -18.81 38.34 -50.54
N LYS J 595 -18.28 37.25 -50.00
CA LYS J 595 -17.60 36.24 -50.83
C LYS J 595 -17.41 34.92 -50.12
N ILE J 596 -17.12 34.97 -48.81
CA ILE J 596 -16.91 33.76 -48.03
C ILE J 596 -17.92 33.59 -46.92
N ALA J 597 -19.16 33.34 -47.33
CA ALA J 597 -20.21 32.92 -46.40
C ALA J 597 -20.11 31.42 -46.10
N SER J 598 -19.42 30.65 -46.94
CA SER J 598 -19.13 29.26 -46.67
C SER J 598 -17.80 28.85 -47.28
N GLN J 599 -17.27 27.75 -46.78
CA GLN J 599 -16.07 27.11 -47.27
C GLN J 599 -16.04 25.73 -46.70
N LEU J 600 -16.52 24.74 -47.45
CA LEU J 600 -16.81 23.47 -46.83
C LEU J 600 -15.62 22.55 -46.61
N GLY J 601 -15.00 22.74 -45.45
CA GLY J 601 -14.00 21.83 -44.92
C GLY J 601 -12.58 22.34 -45.08
N ASN J 602 -12.04 22.88 -43.99
CA ASN J 602 -10.62 23.17 -43.87
C ASN J 602 -10.27 23.28 -42.36
N CYS J 603 -10.00 24.48 -41.86
CA CYS J 603 -9.82 24.80 -40.45
C CYS J 603 -9.88 26.29 -40.41
N VAL J 604 -11.06 26.85 -40.16
CA VAL J 604 -11.23 28.28 -40.35
C VAL J 604 -11.75 28.96 -39.12
N GLU J 605 -11.43 30.23 -38.99
CA GLU J 605 -12.06 31.09 -38.01
C GLU J 605 -13.49 31.33 -38.46
N TYR J 606 -14.40 31.51 -37.53
CA TYR J 606 -15.74 31.83 -37.97
C TYR J 606 -16.49 32.79 -37.07
N SER J 607 -17.51 33.42 -37.67
CA SER J 607 -18.49 34.17 -36.90
C SER J 607 -19.89 33.87 -37.39
N LEU J 608 -20.76 33.43 -36.49
CA LEU J 608 -22.12 33.04 -36.80
C LEU J 608 -23.08 33.79 -35.93
N TYR J 609 -23.59 34.92 -36.40
CA TYR J 609 -24.50 35.78 -35.64
C TYR J 609 -23.99 36.20 -34.25
N GLY J 610 -22.70 36.49 -34.14
CA GLY J 610 -22.06 36.88 -32.90
C GLY J 610 -21.40 35.71 -32.12
N VAL J 611 -21.61 34.46 -32.55
CA VAL J 611 -20.91 33.33 -31.96
C VAL J 611 -19.63 33.08 -32.72
N SER J 612 -18.50 33.00 -32.02
CA SER J 612 -17.25 32.87 -32.74
C SER J 612 -16.33 31.81 -32.17
N GLY J 613 -15.42 31.36 -33.02
CA GLY J 613 -14.53 30.27 -32.69
C GLY J 613 -13.80 29.86 -33.94
N ARG J 614 -13.23 28.65 -33.94
CA ARG J 614 -12.64 28.12 -35.16
C ARG J 614 -12.83 26.62 -35.31
N GLY J 615 -12.92 26.14 -36.55
CA GLY J 615 -12.98 24.70 -36.77
C GLY J 615 -13.24 24.25 -38.22
N VAL J 616 -13.35 22.95 -38.40
CA VAL J 616 -13.69 22.34 -39.69
C VAL J 616 -15.17 22.05 -39.79
N PHE J 617 -15.81 22.57 -40.82
CA PHE J 617 -17.21 22.27 -41.07
C PHE J 617 -17.38 21.09 -42.01
N GLN J 618 -18.36 20.24 -41.75
CA GLN J 618 -18.67 19.15 -42.67
C GLN J 618 -20.17 18.96 -42.86
N ASN J 619 -20.61 18.82 -44.12
CA ASN J 619 -22.03 18.61 -44.36
C ASN J 619 -22.44 17.24 -43.89
N CYS J 620 -23.46 17.19 -43.06
CA CYS J 620 -23.87 15.92 -42.44
C CYS J 620 -25.37 15.87 -42.12
N THR J 621 -25.83 14.70 -41.70
CA THR J 621 -27.23 14.45 -41.38
C THR J 621 -27.70 15.28 -40.19
N ALA J 622 -28.91 15.84 -40.29
CA ALA J 622 -29.55 16.69 -39.28
C ALA J 622 -29.76 15.99 -37.94
N VAL J 623 -29.61 16.74 -36.85
CA VAL J 623 -29.65 16.15 -35.50
C VAL J 623 -30.58 16.89 -34.53
N GLY J 624 -30.27 18.17 -34.30
CA GLY J 624 -30.98 18.97 -33.30
C GLY J 624 -32.23 19.61 -33.89
N VAL J 625 -32.91 20.42 -33.09
CA VAL J 625 -34.07 21.10 -33.59
C VAL J 625 -33.71 22.36 -34.34
N ARG J 626 -33.92 22.32 -35.66
CA ARG J 626 -33.72 23.46 -36.51
C ARG J 626 -34.73 24.51 -36.14
N GLN J 627 -34.27 25.76 -36.12
CA GLN J 627 -34.90 26.97 -35.56
C GLN J 627 -34.06 27.49 -34.43
N GLN J 628 -33.47 26.59 -33.65
CA GLN J 628 -32.58 26.99 -32.59
C GLN J 628 -31.12 27.06 -33.00
N ARG J 629 -30.79 26.61 -34.24
CA ARG J 629 -29.47 26.75 -34.89
C ARG J 629 -28.29 25.98 -34.27
N PHE J 630 -27.87 26.41 -33.09
CA PHE J 630 -26.65 25.94 -32.48
C PHE J 630 -26.86 24.67 -31.65
N VAL J 631 -26.21 23.60 -32.06
CA VAL J 631 -26.27 22.32 -31.36
C VAL J 631 -25.08 22.14 -30.44
N TYR J 632 -25.33 21.89 -29.15
CA TYR J 632 -24.25 21.74 -28.18
C TYR J 632 -24.17 20.37 -27.53
N ASP J 633 -22.98 20.03 -27.06
CA ASP J 633 -22.78 18.84 -26.22
C ASP J 633 -22.96 19.21 -24.74
N ALA J 634 -22.77 18.23 -23.86
CA ALA J 634 -22.89 18.39 -22.40
C ALA J 634 -21.85 19.32 -21.74
N TYR J 635 -20.73 19.57 -22.43
CA TYR J 635 -19.69 20.47 -21.99
C TYR J 635 -19.75 21.86 -22.66
N GLN J 636 -20.88 22.17 -23.35
CA GLN J 636 -21.13 23.43 -24.04
C GLN J 636 -20.10 23.78 -25.10
N ASN J 637 -19.82 22.83 -25.97
CA ASN J 637 -19.02 23.04 -27.16
C ASN J 637 -19.93 22.93 -28.35
N LEU J 638 -19.70 23.77 -29.35
CA LEU J 638 -20.59 23.79 -30.47
C LEU J 638 -20.37 22.60 -31.37
N VAL J 639 -21.26 21.62 -31.23
CA VAL J 639 -21.26 20.42 -32.06
C VAL J 639 -21.67 20.64 -33.49
N GLY J 640 -22.64 21.51 -33.73
CA GLY J 640 -23.01 21.74 -35.11
C GLY J 640 -23.95 22.92 -35.30
N TYR J 641 -24.20 23.21 -36.57
CA TYR J 641 -24.93 24.40 -36.92
C TYR J 641 -25.90 24.25 -38.07
N TYR J 642 -27.14 24.70 -37.87
CA TYR J 642 -28.05 24.82 -39.00
C TYR J 642 -27.90 26.20 -39.62
N SER J 643 -27.53 26.23 -40.89
CA SER J 643 -27.28 27.48 -41.62
C SER J 643 -28.46 28.01 -42.36
N ASP J 644 -28.29 29.22 -42.93
CA ASP J 644 -29.33 29.89 -43.72
C ASP J 644 -29.42 29.39 -45.18
N ASP J 645 -28.56 28.43 -45.58
CA ASP J 645 -28.77 27.67 -46.79
C ASP J 645 -29.58 26.38 -46.56
N GLY J 646 -30.07 26.14 -45.32
CA GLY J 646 -30.86 24.96 -45.00
C GLY J 646 -30.05 23.68 -44.71
N ASN J 647 -28.73 23.78 -44.61
CA ASN J 647 -27.88 22.62 -44.40
C ASN J 647 -27.32 22.57 -43.01
N TYR J 648 -27.25 21.36 -42.49
CA TYR J 648 -26.63 21.11 -41.22
C TYR J 648 -25.15 20.86 -41.39
N TYR J 649 -24.35 21.58 -40.63
CA TYR J 649 -22.92 21.38 -40.66
C TYR J 649 -22.39 20.92 -39.32
N CYS J 650 -21.66 19.83 -39.36
CA CYS J 650 -20.98 19.26 -38.21
C CYS J 650 -19.73 20.05 -37.96
N LEU J 651 -19.40 20.32 -36.71
CA LEU J 651 -18.21 21.08 -36.39
C LEU J 651 -17.27 20.30 -35.48
N ARG J 652 -16.07 19.98 -35.98
CA ARG J 652 -15.14 19.11 -35.23
C ARG J 652 -13.84 19.76 -34.79
N ALA J 653 -13.83 21.10 -34.68
CA ALA J 653 -12.64 21.90 -34.32
C ALA J 653 -11.48 21.65 -35.31
N CYS J 654 -10.24 21.43 -34.85
CA CYS J 654 -9.14 21.19 -35.79
C CYS J 654 -8.21 20.16 -35.21
N VAL J 655 -7.33 19.62 -36.06
CA VAL J 655 -6.42 18.57 -35.63
C VAL J 655 -5.05 19.08 -35.29
N SER J 656 -4.77 19.12 -34.00
CA SER J 656 -3.43 19.38 -33.51
C SER J 656 -2.61 18.11 -33.65
N VAL J 657 -1.29 18.25 -33.83
CA VAL J 657 -0.44 17.09 -34.04
C VAL J 657 0.54 16.94 -32.87
N PRO J 658 0.38 15.91 -32.01
CA PRO J 658 1.25 15.65 -30.88
C PRO J 658 2.63 15.31 -31.35
N VAL J 659 3.65 15.69 -30.58
CA VAL J 659 5.02 15.44 -30.98
C VAL J 659 5.79 14.87 -29.81
N SER J 660 6.65 13.90 -30.09
CA SER J 660 7.60 13.46 -29.09
C SER J 660 8.93 13.25 -29.75
N VAL J 661 10.00 13.27 -28.97
CA VAL J 661 11.32 13.07 -29.53
C VAL J 661 12.05 11.97 -28.82
N ILE J 662 12.84 11.28 -29.58
CA ILE J 662 13.66 10.20 -29.12
C ILE J 662 15.04 10.73 -28.93
N TYR J 663 15.60 10.61 -27.75
CA TYR J 663 16.95 11.11 -27.55
C TYR J 663 17.85 10.08 -26.96
N ASP J 664 19.00 9.87 -27.60
CA ASP J 664 20.03 9.11 -26.93
C ASP J 664 21.19 9.99 -26.57
N LYS J 665 21.47 10.05 -25.27
CA LYS J 665 22.56 10.79 -24.68
C LYS J 665 23.96 10.30 -25.04
N GLU J 666 24.13 8.98 -25.18
CA GLU J 666 25.45 8.45 -25.44
C GLU J 666 25.99 8.75 -26.83
N THR J 667 25.16 8.61 -27.85
CA THR J 667 25.55 9.00 -29.19
C THR J 667 25.25 10.44 -29.51
N LYS J 668 24.39 11.10 -28.70
CA LYS J 668 23.96 12.48 -28.86
C LYS J 668 23.22 12.66 -30.17
N THR J 669 22.24 11.77 -30.41
CA THR J 669 21.48 11.77 -31.65
C THR J 669 20.01 11.75 -31.34
N HIS J 670 19.20 12.18 -32.30
CA HIS J 670 17.78 12.22 -32.05
C HIS J 670 16.91 11.99 -33.26
N ALA J 671 15.66 11.69 -32.98
CA ALA J 671 14.66 11.40 -34.00
C ALA J 671 13.28 11.79 -33.47
N THR J 672 12.24 11.81 -34.32
CA THR J 672 10.93 12.20 -33.79
C THR J 672 9.76 11.36 -34.23
N LEU J 673 8.68 11.47 -33.45
CA LEU J 673 7.43 10.75 -33.62
C LEU J 673 6.21 11.67 -33.54
N PHE J 674 5.31 11.56 -34.52
CA PHE J 674 4.10 12.39 -34.60
C PHE J 674 2.80 11.75 -34.14
N GLY J 675 2.88 10.60 -33.49
CA GLY J 675 1.71 9.94 -32.98
C GLY J 675 0.95 9.24 -34.10
N SER J 676 -0.31 8.93 -33.83
CA SER J 676 -1.16 8.16 -34.73
C SER J 676 -1.80 8.94 -35.91
N VAL J 677 -1.44 10.23 -36.11
CA VAL J 677 -1.96 11.08 -37.16
C VAL J 677 -1.85 10.56 -38.62
N ALA J 678 -0.81 9.73 -38.91
CA ALA J 678 -0.46 9.11 -40.21
C ALA J 678 0.32 10.07 -41.10
N CYS J 679 1.28 9.49 -41.83
CA CYS J 679 2.22 10.25 -42.67
C CYS J 679 1.66 10.98 -43.88
N GLU J 680 0.41 10.71 -44.26
CA GLU J 680 -0.29 11.52 -45.25
C GLU J 680 -0.46 12.99 -44.88
N HIS J 681 -0.51 13.31 -43.58
CA HIS J 681 -0.64 14.67 -43.11
C HIS J 681 0.68 15.32 -42.69
N ILE J 682 1.81 14.64 -42.95
CA ILE J 682 3.12 15.09 -42.53
C ILE J 682 3.95 15.52 -43.73
N SER J 683 4.70 16.59 -43.59
CA SER J 683 5.52 17.07 -44.67
C SER J 683 6.84 17.63 -44.16
N SER J 684 7.80 17.79 -45.09
CA SER J 684 9.16 18.25 -44.80
C SER J 684 9.27 19.65 -44.18
N THR J 685 8.32 20.52 -44.50
CA THR J 685 8.13 21.79 -43.82
C THR J 685 6.68 21.80 -43.43
N MET J 686 6.33 22.58 -42.42
CA MET J 686 4.98 22.52 -41.89
C MET J 686 4.24 23.82 -42.03
N SER J 687 2.96 23.72 -42.42
CA SER J 687 2.06 24.85 -42.35
C SER J 687 1.53 25.02 -40.94
N GLN J 688 1.41 23.90 -40.21
CA GLN J 688 1.06 23.90 -38.81
C GLN J 688 2.22 24.50 -38.01
N TYR J 689 1.92 25.19 -36.91
CA TYR J 689 2.99 25.85 -36.17
C TYR J 689 2.88 25.71 -34.66
N SER J 690 4.03 25.52 -34.03
CA SER J 690 4.20 25.50 -32.59
C SER J 690 5.24 26.51 -32.17
N ARG J 691 6.51 26.14 -32.27
CA ARG J 691 7.65 27.02 -31.97
C ARG J 691 8.78 26.83 -32.95
N SER J 692 9.43 27.95 -33.27
CA SER J 692 10.63 28.08 -34.11
C SER J 692 10.86 27.01 -35.19
N THR J 693 11.80 26.06 -34.95
CA THR J 693 12.13 25.07 -35.99
C THR J 693 12.37 23.64 -35.49
N ARG J 694 12.39 22.71 -36.45
CA ARG J 694 12.87 21.34 -36.22
C ARG J 694 14.11 21.00 -37.04
N SER J 695 14.83 22.03 -37.52
CA SER J 695 15.96 21.90 -38.44
C SER J 695 17.12 20.97 -38.03
N MET J 696 17.35 20.80 -36.71
CA MET J 696 18.34 19.86 -36.19
C MET J 696 18.08 18.41 -36.61
N LEU J 697 16.80 18.03 -36.72
CA LEU J 697 16.43 16.74 -37.25
C LEU J 697 16.64 16.70 -38.75
N LYS J 698 16.17 17.78 -39.41
CA LYS J 698 16.13 17.93 -40.87
C LYS J 698 17.48 17.98 -41.58
N ARG J 699 18.58 18.23 -40.85
CA ARG J 699 19.94 18.01 -41.35
C ARG J 699 20.18 16.62 -41.97
N ARG J 700 19.52 15.58 -41.43
CA ARG J 700 19.49 14.29 -42.07
C ARG J 700 18.09 13.98 -42.60
N ASP J 701 17.04 14.41 -41.87
CA ASP J 701 15.68 13.97 -42.17
C ASP J 701 14.95 14.67 -43.32
N SER J 702 15.53 15.75 -43.88
CA SER J 702 15.00 16.30 -45.13
C SER J 702 15.51 15.57 -46.39
N THR J 703 16.36 14.54 -46.22
CA THR J 703 16.77 13.68 -47.32
C THR J 703 15.91 12.41 -47.39
N TYR J 704 14.92 12.24 -46.49
CA TYR J 704 14.08 11.05 -46.49
C TYR J 704 12.60 11.38 -46.51
N GLY J 705 11.81 10.41 -46.92
CA GLY J 705 10.37 10.49 -46.74
C GLY J 705 10.05 10.23 -45.26
N PRO J 706 8.85 10.62 -44.82
CA PRO J 706 8.32 10.17 -43.54
C PRO J 706 8.06 8.68 -43.59
N LEU J 707 8.20 8.02 -42.46
CA LEU J 707 8.05 6.57 -42.41
C LEU J 707 6.84 6.18 -41.59
N GLN J 708 5.97 5.40 -42.18
CA GLN J 708 4.78 4.98 -41.47
C GLN J 708 5.07 3.76 -40.64
N THR J 709 4.72 3.82 -39.37
CA THR J 709 4.90 2.69 -38.49
C THR J 709 3.59 2.42 -37.75
N PRO J 710 3.49 1.28 -37.04
CA PRO J 710 2.32 0.91 -36.25
C PRO J 710 2.02 1.83 -35.08
N VAL J 711 3.05 2.42 -34.49
CA VAL J 711 2.86 3.43 -33.48
C VAL J 711 2.50 4.75 -34.10
N GLY J 712 3.20 5.13 -35.17
CA GLY J 712 2.96 6.43 -35.71
C GLY J 712 3.85 6.82 -36.85
N CYS J 713 3.71 8.07 -37.27
CA CYS J 713 4.56 8.59 -38.33
C CYS J 713 5.85 9.13 -37.73
N VAL J 714 6.99 8.72 -38.29
CA VAL J 714 8.27 9.14 -37.73
C VAL J 714 9.24 9.70 -38.75
N LEU J 715 10.24 10.44 -38.25
CA LEU J 715 11.34 10.91 -39.09
C LEU J 715 12.67 10.39 -38.60
N GLY J 716 13.50 9.94 -39.55
CA GLY J 716 14.87 9.50 -39.28
C GLY J 716 15.02 8.08 -38.72
N LEU J 717 13.94 7.30 -38.73
CA LEU J 717 13.94 6.02 -38.06
C LEU J 717 14.44 4.80 -38.76
N VAL J 718 14.57 4.81 -40.10
CA VAL J 718 15.13 3.71 -40.95
C VAL J 718 14.60 2.27 -40.75
N ASN J 719 13.91 1.73 -41.75
CA ASN J 719 13.42 0.35 -41.57
C ASN J 719 14.53 -0.67 -41.74
N SER J 720 15.13 -1.08 -40.61
CA SER J 720 16.21 -2.05 -40.63
C SER J 720 15.75 -3.49 -40.57
N SER J 721 14.52 -3.70 -40.05
CA SER J 721 13.93 -5.01 -39.74
C SER J 721 14.78 -5.95 -38.86
N LEU J 722 15.57 -5.37 -37.94
CA LEU J 722 16.32 -6.12 -36.94
C LEU J 722 15.45 -6.60 -35.81
N PHE J 723 15.88 -7.67 -35.15
CA PHE J 723 15.22 -8.16 -33.96
C PHE J 723 16.13 -8.01 -32.76
N VAL J 724 15.76 -7.14 -31.83
CA VAL J 724 16.61 -6.80 -30.70
C VAL J 724 15.83 -6.93 -29.41
N GLU J 725 16.43 -7.56 -28.40
CA GLU J 725 15.75 -7.79 -27.13
C GLU J 725 15.36 -6.52 -26.36
N ASP J 726 16.27 -5.55 -26.28
CA ASP J 726 15.95 -4.29 -25.61
C ASP J 726 16.89 -3.16 -26.02
N CYS J 727 16.35 -2.12 -26.67
CA CYS J 727 17.15 -0.94 -27.05
C CYS J 727 17.35 0.06 -25.90
N LYS J 728 16.53 -0.05 -24.84
CA LYS J 728 16.33 0.93 -23.77
C LYS J 728 15.64 2.22 -24.27
N LEU J 729 14.92 2.12 -25.39
CA LEU J 729 14.25 3.24 -26.04
C LEU J 729 13.02 2.74 -26.79
N PRO J 730 12.18 1.96 -26.14
CA PRO J 730 10.99 1.40 -26.75
C PRO J 730 10.03 2.49 -27.17
N LEU J 731 9.32 2.27 -28.27
CA LEU J 731 8.35 3.24 -28.75
C LEU J 731 6.90 2.85 -28.49
N GLY J 732 6.68 1.75 -27.79
CA GLY J 732 5.34 1.22 -27.62
C GLY J 732 5.10 0.13 -28.64
N GLN J 733 3.97 -0.56 -28.50
CA GLN J 733 3.65 -1.76 -29.27
C GLN J 733 4.84 -2.74 -29.18
N SER J 734 5.40 -3.15 -30.31
CA SER J 734 6.62 -3.91 -30.32
C SER J 734 7.76 -3.15 -30.99
N LEU J 735 7.59 -1.86 -31.21
CA LEU J 735 8.62 -1.11 -31.92
C LEU J 735 9.68 -0.60 -31.00
N CYS J 736 10.90 -0.54 -31.50
CA CYS J 736 11.99 -0.09 -30.67
C CYS J 736 12.97 0.79 -31.42
N ALA J 737 13.36 1.89 -30.80
CA ALA J 737 14.28 2.81 -31.45
C ALA J 737 15.70 2.45 -31.15
N LEU J 738 16.27 1.56 -31.96
CA LEU J 738 17.66 1.16 -31.78
C LEU J 738 18.59 2.33 -32.13
N PRO J 739 19.68 2.52 -31.39
CA PRO J 739 20.74 3.45 -31.72
C PRO J 739 21.47 3.03 -32.97
N ASP J 740 22.07 3.99 -33.66
CA ASP J 740 23.14 3.64 -34.57
C ASP J 740 24.28 3.17 -33.69
N THR J 741 25.14 2.32 -34.24
CA THR J 741 26.14 1.57 -33.49
C THR J 741 26.84 2.46 -32.44
N PRO J 742 26.82 2.07 -31.14
CA PRO J 742 27.21 2.91 -29.99
C PRO J 742 28.65 3.33 -30.01
N SER J 743 28.88 4.51 -29.41
CA SER J 743 30.08 5.36 -29.56
C SER J 743 31.47 4.73 -29.44
N GLN K 1 43.97 -46.02 -30.38
CA GLN K 1 44.94 -46.97 -29.83
C GLN K 1 44.28 -48.02 -28.97
N VAL K 2 42.98 -48.21 -29.14
CA VAL K 2 42.22 -49.14 -28.33
C VAL K 2 42.59 -50.57 -28.61
N GLN K 3 42.87 -51.32 -27.55
CA GLN K 3 43.23 -52.72 -27.66
C GLN K 3 42.50 -53.59 -26.67
N LEU K 4 42.25 -54.83 -27.08
CA LEU K 4 41.65 -55.87 -26.25
C LEU K 4 42.44 -57.16 -26.36
N GLN K 5 43.43 -57.31 -25.49
CA GLN K 5 44.37 -58.40 -25.63
C GLN K 5 43.90 -59.65 -24.92
N GLN K 6 43.30 -60.54 -25.68
CA GLN K 6 42.89 -61.83 -25.14
C GLN K 6 44.05 -62.74 -24.85
N SER K 7 43.90 -63.58 -23.82
CA SER K 7 44.85 -64.65 -23.50
C SER K 7 44.85 -65.76 -24.55
N GLY K 8 46.02 -66.41 -24.70
CA GLY K 8 46.26 -67.39 -25.76
C GLY K 8 45.48 -68.70 -25.61
N PRO K 9 45.23 -69.37 -26.75
CA PRO K 9 44.41 -70.56 -26.92
C PRO K 9 44.95 -71.80 -26.24
N GLU K 10 44.06 -72.71 -25.83
CA GLU K 10 44.51 -73.95 -25.20
C GLU K 10 43.56 -75.14 -25.43
N LEU K 11 44.14 -76.33 -25.60
CA LEU K 11 43.36 -77.56 -25.77
C LEU K 11 42.99 -78.18 -24.41
N VAL K 12 42.07 -77.54 -23.69
CA VAL K 12 41.76 -77.92 -22.32
C VAL K 12 40.87 -79.16 -22.25
N ARG K 13 41.25 -80.11 -21.40
CA ARG K 13 40.46 -81.32 -21.17
C ARG K 13 39.13 -81.07 -20.41
N PRO K 14 38.09 -81.89 -20.63
CA PRO K 14 36.76 -81.73 -20.09
C PRO K 14 36.70 -81.90 -18.57
N GLY K 15 35.79 -81.14 -17.98
CA GLY K 15 35.57 -81.05 -16.54
C GLY K 15 36.32 -79.90 -15.86
N VAL K 16 37.23 -79.23 -16.58
CA VAL K 16 37.93 -78.08 -16.04
C VAL K 16 37.06 -76.82 -16.02
N SER K 17 37.21 -76.00 -14.96
CA SER K 17 36.58 -74.69 -14.96
C SER K 17 37.54 -73.70 -15.65
N VAL K 18 37.18 -73.25 -16.84
CA VAL K 18 38.14 -72.55 -17.71
C VAL K 18 38.06 -71.05 -17.64
N LYS K 19 39.15 -70.40 -17.26
CA LYS K 19 39.17 -68.96 -17.22
C LYS K 19 39.92 -68.35 -18.39
N ILE K 20 39.29 -67.37 -19.03
CA ILE K 20 39.82 -66.62 -20.16
C ILE K 20 39.95 -65.16 -19.77
N SER K 21 41.06 -64.51 -20.13
CA SER K 21 41.20 -63.10 -19.77
C SER K 21 41.25 -62.23 -21.00
N CYS K 22 40.85 -60.97 -20.83
CA CYS K 22 40.91 -59.96 -21.86
C CYS K 22 41.39 -58.63 -21.28
N LYS K 23 42.51 -58.11 -21.79
CA LYS K 23 43.08 -56.90 -21.23
C LYS K 23 42.85 -55.67 -22.07
N GLY K 24 42.19 -54.68 -21.48
CA GLY K 24 42.01 -53.42 -22.15
C GLY K 24 43.28 -52.60 -22.14
N SER K 25 43.54 -51.87 -23.21
CA SER K 25 44.65 -50.93 -23.22
C SER K 25 44.40 -49.76 -24.15
N GLY K 26 44.99 -48.61 -23.82
CA GLY K 26 44.88 -47.38 -24.61
C GLY K 26 43.62 -46.52 -24.37
N TYR K 27 42.80 -46.88 -23.39
CA TYR K 27 41.60 -46.12 -23.04
C TYR K 27 41.27 -46.34 -21.57
N THR K 28 40.36 -45.54 -21.02
CA THR K 28 39.98 -45.72 -19.63
C THR K 28 39.08 -46.93 -19.48
N PHE K 29 39.63 -47.98 -18.88
CA PHE K 29 38.99 -49.29 -18.81
C PHE K 29 37.70 -49.32 -18.01
N THR K 30 37.62 -48.52 -16.96
CA THR K 30 36.47 -48.48 -16.09
C THR K 30 35.25 -47.77 -16.68
N ASP K 31 35.38 -47.07 -17.81
CA ASP K 31 34.21 -46.45 -18.40
C ASP K 31 33.42 -47.32 -19.37
N TYR K 32 33.88 -48.54 -19.68
CA TYR K 32 33.19 -49.35 -20.67
C TYR K 32 32.98 -50.77 -20.22
N ALA K 33 31.73 -51.23 -20.27
CA ALA K 33 31.42 -52.63 -20.06
C ALA K 33 31.97 -53.53 -21.15
N ILE K 34 32.30 -54.76 -20.78
CA ILE K 34 32.83 -55.73 -21.72
C ILE K 34 31.83 -56.82 -22.07
N HIS K 35 31.53 -56.97 -23.35
CA HIS K 35 30.68 -58.04 -23.84
C HIS K 35 31.51 -59.26 -24.14
N TRP K 36 30.96 -60.45 -23.90
CA TRP K 36 31.64 -61.68 -24.28
C TRP K 36 30.77 -62.48 -25.26
N VAL K 37 31.43 -63.08 -26.28
CA VAL K 37 30.77 -63.83 -27.37
C VAL K 37 31.43 -65.20 -27.64
N LYS K 38 30.62 -66.20 -27.99
CA LYS K 38 31.08 -67.52 -28.41
C LYS K 38 30.82 -67.77 -29.89
N GLN K 39 31.85 -68.22 -30.62
CA GLN K 39 31.71 -68.58 -32.03
C GLN K 39 32.08 -70.03 -32.28
N SER K 40 31.07 -70.84 -32.61
CA SER K 40 31.29 -72.26 -32.88
C SER K 40 31.46 -72.56 -34.37
N HIS K 41 30.95 -71.66 -35.21
CA HIS K 41 31.06 -71.81 -36.66
C HIS K 41 31.11 -70.43 -37.27
N ALA K 42 31.52 -70.32 -38.54
CA ALA K 42 31.46 -69.05 -39.29
C ALA K 42 30.06 -68.40 -39.31
N LYS K 43 29.00 -69.23 -39.34
CA LYS K 43 27.62 -68.78 -39.25
C LYS K 43 26.91 -69.13 -37.92
N SER K 44 27.66 -69.39 -36.84
CA SER K 44 27.01 -69.67 -35.56
C SER K 44 27.74 -69.00 -34.41
N LEU K 45 27.24 -67.82 -34.07
CA LEU K 45 27.78 -67.02 -33.00
C LEU K 45 26.68 -66.66 -32.00
N GLU K 46 27.03 -66.59 -30.72
CA GLU K 46 26.05 -66.22 -29.72
C GLU K 46 26.63 -65.40 -28.57
N TRP K 47 25.85 -64.45 -28.11
CA TRP K 47 26.19 -63.61 -26.98
C TRP K 47 26.25 -64.42 -25.71
N ILE K 48 27.28 -64.19 -24.90
CA ILE K 48 27.42 -64.90 -23.64
C ILE K 48 27.04 -64.05 -22.47
N GLY K 49 27.55 -62.83 -22.44
CA GLY K 49 27.21 -61.98 -21.31
C GLY K 49 27.85 -60.62 -21.39
N VAL K 50 27.56 -59.78 -20.40
CA VAL K 50 28.20 -58.49 -20.32
C VAL K 50 28.60 -58.18 -18.89
N PHE K 51 29.76 -57.57 -18.74
CA PHE K 51 30.34 -57.26 -17.45
C PHE K 51 30.62 -55.77 -17.26
N SER K 52 29.96 -55.10 -16.30
CA SER K 52 30.31 -53.70 -16.04
C SER K 52 31.62 -53.63 -15.36
N THR K 53 32.52 -52.83 -15.92
CA THR K 53 33.84 -52.66 -15.34
C THR K 53 33.90 -51.55 -14.31
N TYR K 54 32.80 -50.87 -14.04
CA TYR K 54 32.78 -49.87 -13.01
C TYR K 54 32.12 -50.43 -11.78
N TYR K 55 30.93 -51.00 -11.95
CA TYR K 55 30.11 -51.44 -10.84
C TYR K 55 30.18 -52.93 -10.56
N GLY K 56 30.60 -53.74 -11.53
CA GLY K 56 30.62 -55.20 -11.36
C GLY K 56 29.28 -55.91 -11.61
N ASN K 57 28.27 -55.17 -12.11
CA ASN K 57 26.97 -55.75 -12.41
C ASN K 57 27.04 -56.57 -13.66
N THR K 58 26.33 -57.70 -13.70
CA THR K 58 26.38 -58.57 -14.86
C THR K 58 25.04 -59.02 -15.38
N ASN K 59 25.04 -59.40 -16.65
CA ASN K 59 23.94 -60.14 -17.26
C ASN K 59 24.54 -61.30 -18.02
N TYR K 60 23.84 -62.42 -18.03
CA TYR K 60 24.31 -63.56 -18.78
C TYR K 60 23.21 -64.10 -19.64
N ASN K 61 23.62 -64.77 -20.71
CA ASN K 61 22.72 -65.57 -21.48
C ASN K 61 22.29 -66.70 -20.61
N GLN K 62 20.98 -66.95 -20.57
CA GLN K 62 20.38 -67.90 -19.65
C GLN K 62 20.94 -69.32 -19.71
N LYS K 63 21.34 -69.77 -20.90
CA LYS K 63 21.94 -71.08 -21.07
C LYS K 63 23.27 -71.28 -20.33
N PHE K 64 24.04 -70.20 -20.16
CA PHE K 64 25.30 -70.24 -19.45
C PHE K 64 25.23 -69.58 -18.07
N LYS K 65 24.02 -69.22 -17.60
CA LYS K 65 23.93 -68.40 -16.39
C LYS K 65 24.42 -69.08 -15.10
N GLY K 66 24.27 -70.41 -15.03
CA GLY K 66 24.80 -71.19 -13.91
C GLY K 66 26.19 -71.80 -14.16
N ARG K 67 26.86 -71.40 -15.25
CA ARG K 67 28.17 -71.93 -15.59
C ARG K 67 29.20 -70.84 -15.67
N ALA K 68 28.84 -69.77 -16.36
CA ALA K 68 29.76 -68.68 -16.61
C ALA K 68 29.60 -67.58 -15.60
N THR K 69 30.72 -67.12 -15.04
CA THR K 69 30.72 -65.92 -14.20
C THR K 69 31.82 -65.00 -14.65
N MET K 70 31.67 -63.70 -14.37
CA MET K 70 32.69 -62.73 -14.79
C MET K 70 33.21 -61.84 -13.65
N THR K 71 34.52 -61.53 -13.71
CA THR K 71 35.19 -60.70 -12.70
C THR K 71 36.22 -59.73 -13.30
N VAL K 72 36.81 -58.87 -12.44
CA VAL K 72 37.74 -57.82 -12.89
C VAL K 72 39.04 -57.80 -12.10
N ASP K 73 40.08 -57.31 -12.75
CA ASP K 73 41.26 -56.81 -12.09
C ASP K 73 41.53 -55.40 -12.56
N LYS K 74 40.93 -54.43 -11.85
CA LYS K 74 41.02 -53.01 -12.22
C LYS K 74 42.44 -52.45 -12.28
N SER K 75 43.33 -52.93 -11.38
CA SER K 75 44.73 -52.53 -11.40
C SER K 75 45.52 -52.98 -12.65
N SER K 76 45.09 -54.07 -13.31
CA SER K 76 45.70 -54.53 -14.54
C SER K 76 44.86 -54.22 -15.77
N SER K 77 43.78 -53.43 -15.62
CA SER K 77 42.80 -53.13 -16.67
C SER K 77 42.27 -54.36 -17.41
N THR K 78 41.95 -55.43 -16.65
CA THR K 78 41.63 -56.70 -17.27
C THR K 78 40.30 -57.27 -16.76
N ALA K 79 39.61 -57.99 -17.64
CA ALA K 79 38.37 -58.68 -17.28
C ALA K 79 38.53 -60.16 -17.52
N TYR K 80 37.83 -60.96 -16.74
CA TYR K 80 37.91 -62.39 -16.86
C TYR K 80 36.55 -63.01 -17.00
N MET K 81 36.48 -64.10 -17.75
CA MET K 81 35.29 -64.92 -17.78
C MET K 81 35.67 -66.33 -17.44
N GLU K 82 35.00 -66.91 -16.45
CA GLU K 82 35.29 -68.28 -16.06
C GLU K 82 34.11 -69.17 -16.29
N LEU K 83 34.33 -70.27 -17.02
CA LEU K 83 33.27 -71.19 -17.42
C LEU K 83 33.40 -72.55 -16.78
N ALA K 84 32.52 -72.84 -15.83
CA ALA K 84 32.50 -74.11 -15.11
C ALA K 84 32.15 -75.29 -16.00
N ARG K 85 32.78 -76.44 -15.68
CA ARG K 85 32.43 -77.78 -16.18
C ARG K 85 32.52 -77.96 -17.69
N LEU K 86 33.73 -77.79 -18.24
CA LEU K 86 33.94 -77.85 -19.69
C LEU K 86 33.52 -79.16 -20.33
N THR K 87 32.87 -79.06 -21.48
CA THR K 87 32.53 -80.22 -22.28
C THR K 87 32.87 -79.95 -23.73
N SER K 88 32.84 -81.00 -24.56
CA SER K 88 33.21 -80.91 -25.99
C SER K 88 32.38 -79.93 -26.83
N GLU K 89 31.12 -79.70 -26.44
CA GLU K 89 30.22 -78.69 -27.01
C GLU K 89 30.62 -77.22 -26.73
N ASP K 90 31.57 -77.00 -25.82
CA ASP K 90 32.15 -75.69 -25.59
C ASP K 90 33.40 -75.43 -26.44
N SER K 91 33.80 -76.36 -27.32
CA SER K 91 34.97 -76.10 -28.12
C SER K 91 34.66 -75.03 -29.14
N ALA K 92 35.29 -73.88 -28.97
CA ALA K 92 34.87 -72.71 -29.73
C ALA K 92 35.88 -71.61 -29.69
N ILE K 93 35.64 -70.60 -30.52
CA ILE K 93 36.36 -69.37 -30.50
C ILE K 93 35.66 -68.40 -29.57
N TYR K 94 36.42 -67.75 -28.70
CA TYR K 94 35.81 -66.81 -27.77
C TYR K 94 36.32 -65.40 -28.00
N TYR K 95 35.44 -64.43 -27.77
CA TYR K 95 35.77 -63.02 -27.95
C TYR K 95 35.38 -62.18 -26.76
N CYS K 96 36.03 -61.02 -26.67
CA CYS K 96 35.60 -59.95 -25.79
C CYS K 96 35.42 -58.70 -26.65
N ALA K 97 34.50 -57.81 -26.25
CA ALA K 97 34.22 -56.63 -27.07
C ALA K 97 33.79 -55.44 -26.24
N ARG K 98 34.12 -54.23 -26.70
CA ARG K 98 33.81 -53.03 -25.93
C ARG K 98 32.39 -52.52 -26.17
N LYS K 99 31.65 -52.21 -25.12
CA LYS K 99 30.32 -51.62 -25.30
C LYS K 99 30.40 -50.21 -25.86
N SER K 100 29.49 -49.84 -26.76
CA SER K 100 29.43 -48.44 -27.22
C SER K 100 28.04 -48.00 -27.62
N TYR K 101 27.89 -46.68 -27.73
CA TYR K 101 26.66 -46.05 -28.21
C TYR K 101 26.90 -45.07 -29.34
N TYR K 102 27.06 -45.58 -30.56
CA TYR K 102 27.11 -44.70 -31.73
C TYR K 102 25.78 -44.05 -32.03
N VAL K 103 24.71 -44.83 -31.83
CA VAL K 103 23.35 -44.36 -31.94
C VAL K 103 22.77 -44.35 -30.56
N ASP K 104 21.98 -43.33 -30.26
CA ASP K 104 21.41 -43.19 -28.93
C ASP K 104 20.52 -44.34 -28.61
N TYR K 105 20.76 -44.92 -27.44
CA TYR K 105 20.10 -46.09 -26.89
C TYR K 105 20.27 -47.41 -27.68
N VAL K 106 21.30 -47.53 -28.54
CA VAL K 106 21.55 -48.77 -29.25
C VAL K 106 22.92 -49.34 -28.93
N ASP K 107 22.94 -50.54 -28.36
CA ASP K 107 24.20 -51.20 -28.07
C ASP K 107 24.99 -51.52 -29.30
N ALA K 108 26.28 -51.19 -29.25
CA ALA K 108 27.22 -51.54 -30.29
C ALA K 108 28.38 -52.28 -29.67
N MET K 109 29.02 -53.16 -30.47
CA MET K 109 30.14 -53.95 -29.99
C MET K 109 31.52 -53.43 -30.41
N ASP K 110 31.58 -52.28 -31.11
CA ASP K 110 32.77 -51.44 -31.28
C ASP K 110 34.08 -52.22 -31.64
N TYR K 111 35.13 -52.14 -30.79
CA TYR K 111 36.37 -52.85 -31.01
C TYR K 111 36.31 -54.24 -30.40
N TRP K 112 36.78 -55.22 -31.15
CA TRP K 112 36.80 -56.61 -30.72
C TRP K 112 38.19 -57.10 -30.43
N GLY K 113 38.30 -58.01 -29.47
CA GLY K 113 39.54 -58.72 -29.19
C GLY K 113 39.87 -59.68 -30.32
N GLN K 114 41.15 -60.05 -30.44
CA GLN K 114 41.65 -60.79 -31.60
C GLN K 114 41.17 -62.25 -31.75
N GLY K 115 40.60 -62.84 -30.70
CA GLY K 115 40.07 -64.18 -30.74
C GLY K 115 41.00 -65.13 -30.03
N THR K 116 40.41 -66.00 -29.23
CA THR K 116 41.14 -67.08 -28.58
C THR K 116 40.30 -68.32 -28.71
N SER K 117 40.85 -69.48 -28.42
CA SER K 117 40.00 -70.66 -28.51
C SER K 117 40.28 -71.68 -27.43
N VAL K 118 39.27 -72.49 -27.16
CA VAL K 118 39.36 -73.55 -26.18
C VAL K 118 38.91 -74.83 -26.84
N THR K 119 39.62 -75.94 -26.60
CA THR K 119 39.15 -77.26 -27.08
C THR K 119 39.40 -78.48 -26.17
N ASP L 1 13.83 -65.07 -27.02
CA ASP L 1 14.34 -63.92 -27.77
C ASP L 1 13.76 -63.90 -29.16
N ILE L 2 13.71 -62.71 -29.75
CA ILE L 2 13.33 -62.57 -31.15
C ILE L 2 14.35 -63.20 -32.07
N VAL L 3 13.85 -64.02 -32.99
CA VAL L 3 14.71 -64.73 -33.92
C VAL L 3 14.96 -63.94 -35.17
N LEU L 4 16.24 -63.84 -35.54
CA LEU L 4 16.58 -63.18 -36.78
C LEU L 4 16.98 -64.20 -37.82
N THR L 5 16.49 -64.02 -39.05
CA THR L 5 16.88 -64.86 -40.17
C THR L 5 17.25 -63.96 -41.33
N GLN L 6 17.99 -64.49 -42.30
CA GLN L 6 18.47 -63.67 -43.41
C GLN L 6 18.45 -64.44 -44.71
N SER L 7 18.33 -63.72 -45.82
CA SER L 7 18.34 -64.37 -47.13
C SER L 7 18.91 -63.48 -48.25
N PRO L 8 19.34 -64.08 -49.37
CA PRO L 8 19.70 -65.47 -49.66
C PRO L 8 20.93 -65.87 -48.87
N ALA L 9 21.09 -67.17 -48.60
CA ALA L 9 22.20 -67.69 -47.78
C ALA L 9 23.61 -67.32 -48.31
N SER L 10 23.76 -67.24 -49.62
CA SER L 10 24.92 -66.60 -50.20
C SER L 10 24.49 -65.85 -51.44
N LEU L 11 25.22 -64.81 -51.75
CA LEU L 11 24.93 -63.99 -52.92
C LEU L 11 26.18 -63.72 -53.71
N ALA L 12 26.16 -64.01 -55.01
CA ALA L 12 27.29 -63.67 -55.86
C ALA L 12 26.92 -62.53 -56.78
N VAL L 13 27.79 -61.52 -56.85
CA VAL L 13 27.60 -60.39 -57.77
C VAL L 13 28.87 -60.08 -58.53
N SER L 14 28.77 -59.41 -59.66
CA SER L 14 29.94 -58.98 -60.40
C SER L 14 30.58 -57.75 -59.77
N LEU L 15 31.85 -57.51 -60.10
CA LEU L 15 32.54 -56.36 -59.53
C LEU L 15 31.93 -55.05 -60.02
N GLY L 16 31.66 -54.16 -59.08
CA GLY L 16 31.02 -52.87 -59.31
C GLY L 16 29.48 -52.91 -59.29
N GLN L 17 28.89 -54.09 -59.08
CA GLN L 17 27.45 -54.27 -59.06
C GLN L 17 26.87 -53.89 -57.71
N ARG L 18 25.64 -53.43 -57.71
CA ARG L 18 24.91 -53.27 -56.47
C ARG L 18 24.54 -54.61 -55.87
N ALA L 19 24.48 -54.69 -54.55
CA ALA L 19 24.05 -55.91 -53.87
C ALA L 19 23.22 -55.60 -52.65
N THR L 20 22.26 -56.49 -52.36
CA THR L 20 21.48 -56.32 -51.15
C THR L 20 21.34 -57.60 -50.36
N ILE L 21 21.02 -57.45 -49.07
CA ILE L 21 20.75 -58.57 -48.17
C ILE L 21 19.44 -58.34 -47.45
N SER L 22 18.57 -59.35 -47.41
CA SER L 22 17.29 -59.24 -46.71
C SER L 22 17.39 -59.80 -45.30
N CYS L 23 16.75 -59.13 -44.35
CA CYS L 23 16.76 -59.59 -42.97
C CYS L 23 15.36 -59.57 -42.37
N ARG L 24 14.99 -60.67 -41.70
CA ARG L 24 13.65 -60.80 -41.14
C ARG L 24 13.65 -61.11 -39.66
N ALA L 25 12.79 -60.41 -38.93
CA ALA L 25 12.64 -60.64 -37.50
C ALA L 25 11.33 -61.35 -37.22
N SER L 26 11.34 -62.30 -36.27
CA SER L 26 10.12 -62.99 -35.83
C SER L 26 9.06 -62.09 -35.17
N GLU L 27 9.49 -61.00 -34.55
CA GLU L 27 8.63 -59.98 -33.99
C GLU L 27 9.34 -58.66 -34.18
N SER L 28 8.57 -57.57 -34.32
CA SER L 28 9.17 -56.27 -34.57
C SER L 28 10.07 -55.82 -33.46
N VAL L 29 11.15 -55.17 -33.85
CA VAL L 29 12.12 -54.69 -32.89
C VAL L 29 12.07 -53.19 -32.70
N ASP L 30 11.11 -52.50 -33.31
CA ASP L 30 10.99 -51.10 -33.02
C ASP L 30 10.37 -50.86 -31.66
N ASN L 31 11.06 -50.11 -30.82
CA ASN L 31 10.51 -49.67 -29.57
C ASN L 31 10.93 -48.23 -29.40
N TYR L 32 9.96 -47.34 -29.21
CA TYR L 32 10.13 -45.88 -29.15
C TYR L 32 10.69 -45.24 -30.43
N GLY L 33 10.53 -45.90 -31.59
CA GLY L 33 11.06 -45.43 -32.87
C GLY L 33 12.57 -45.69 -33.08
N ILE L 34 13.21 -46.46 -32.19
CA ILE L 34 14.65 -46.61 -32.20
C ILE L 34 15.24 -47.60 -33.18
N SER L 35 14.50 -48.68 -33.51
CA SER L 35 14.89 -49.79 -34.43
C SER L 35 15.96 -50.79 -33.92
N PHE L 36 17.09 -50.32 -33.37
CA PHE L 36 18.10 -51.16 -32.69
C PHE L 36 18.77 -52.19 -33.58
N MET L 37 18.96 -51.90 -34.86
CA MET L 37 19.53 -52.87 -35.76
C MET L 37 20.93 -52.49 -36.17
N ASN L 38 21.86 -53.41 -35.94
CA ASN L 38 23.24 -53.20 -36.33
C ASN L 38 23.64 -54.26 -37.32
N TRP L 39 24.56 -53.92 -38.22
CA TRP L 39 25.08 -54.94 -39.11
C TRP L 39 26.56 -55.14 -38.88
N PHE L 40 26.98 -56.40 -38.94
CA PHE L 40 28.36 -56.81 -38.70
C PHE L 40 28.99 -57.52 -39.88
N GLN L 41 30.32 -57.48 -39.95
CA GLN L 41 31.11 -58.08 -41.03
C GLN L 41 32.22 -59.01 -40.53
N GLN L 42 32.36 -60.21 -41.10
CA GLN L 42 33.51 -61.04 -40.69
C GLN L 42 34.16 -61.76 -41.86
N LYS L 43 35.48 -61.83 -41.83
CA LYS L 43 36.24 -62.61 -42.80
C LYS L 43 37.00 -63.70 -42.07
N PRO L 44 37.51 -64.70 -42.78
CA PRO L 44 38.34 -65.72 -42.18
C PRO L 44 39.62 -65.10 -41.69
N GLY L 45 40.05 -65.53 -40.52
CA GLY L 45 41.20 -64.96 -39.86
C GLY L 45 40.91 -63.63 -39.10
N GLN L 46 39.64 -63.23 -38.98
CA GLN L 46 39.30 -61.97 -38.35
C GLN L 46 38.20 -62.12 -37.32
N PRO L 47 38.14 -61.19 -36.36
CA PRO L 47 36.99 -60.88 -35.54
C PRO L 47 35.89 -60.27 -36.40
N PRO L 48 34.64 -60.33 -35.96
CA PRO L 48 33.53 -59.57 -36.49
C PRO L 48 33.83 -58.08 -36.33
N LYS L 49 33.35 -57.29 -37.27
CA LYS L 49 33.54 -55.87 -37.28
C LYS L 49 32.22 -55.15 -37.40
N LEU L 50 32.01 -54.15 -36.56
CA LEU L 50 30.80 -53.36 -36.67
C LEU L 50 30.80 -52.57 -37.95
N LEU L 51 29.68 -52.58 -38.66
CA LEU L 51 29.57 -51.74 -39.82
C LEU L 51 28.72 -50.54 -39.55
N ILE L 52 27.46 -50.78 -39.27
CA ILE L 52 26.49 -49.71 -39.16
C ILE L 52 25.55 -49.95 -38.01
N SER L 53 24.85 -48.90 -37.65
CA SER L 53 23.82 -48.97 -36.63
C SER L 53 22.61 -48.21 -37.14
N ALA L 54 21.48 -48.31 -36.44
CA ALA L 54 20.15 -47.91 -36.93
C ALA L 54 20.03 -46.53 -37.62
N THR L 55 20.67 -45.48 -37.09
CA THR L 55 20.67 -44.15 -37.73
C THR L 55 22.04 -43.75 -38.31
N SER L 56 22.99 -44.69 -38.35
CA SER L 56 24.36 -44.39 -38.79
C SER L 56 24.80 -45.27 -39.93
N ASN L 57 24.44 -44.85 -41.14
CA ASN L 57 24.89 -45.48 -42.36
C ASN L 57 26.33 -45.13 -42.69
N GLN L 58 26.68 -43.87 -42.47
CA GLN L 58 28.05 -43.48 -42.44
C GLN L 58 28.37 -43.28 -40.97
N GLY L 59 29.60 -43.57 -40.59
CA GLY L 59 29.97 -43.56 -39.20
C GLY L 59 29.91 -44.97 -38.70
N SER L 60 30.20 -45.15 -37.41
CA SER L 60 30.30 -46.47 -36.76
C SER L 60 31.42 -47.35 -37.34
N GLY L 61 32.49 -46.73 -37.87
CA GLY L 61 33.58 -47.43 -38.54
C GLY L 61 33.50 -47.56 -40.07
N VAL L 62 32.41 -47.11 -40.75
CA VAL L 62 32.37 -47.21 -42.23
C VAL L 62 32.04 -45.90 -42.98
N PRO L 63 32.29 -45.86 -44.31
CA PRO L 63 31.75 -44.93 -45.31
C PRO L 63 30.28 -45.22 -45.61
N ALA L 64 29.62 -44.23 -46.24
CA ALA L 64 28.21 -44.28 -46.69
C ALA L 64 27.84 -45.42 -47.69
N ARG L 65 28.83 -46.14 -48.25
CA ARG L 65 28.66 -47.36 -49.04
C ARG L 65 27.77 -48.45 -48.42
N PHE L 66 27.71 -48.57 -47.09
CA PHE L 66 26.88 -49.56 -46.44
C PHE L 66 25.55 -48.95 -46.00
N ILE L 67 24.51 -49.08 -46.82
CA ILE L 67 23.25 -48.45 -46.49
C ILE L 67 22.25 -49.39 -45.84
N GLY L 68 22.04 -49.23 -44.54
CA GLY L 68 20.99 -49.91 -43.84
C GLY L 68 19.64 -49.28 -44.15
N SER L 69 18.61 -50.10 -44.16
CA SER L 69 17.26 -49.62 -44.35
C SER L 69 16.21 -50.53 -43.75
N GLY L 70 14.96 -50.06 -43.79
CA GLY L 70 13.80 -50.83 -43.34
C GLY L 70 13.37 -50.54 -41.91
N SER L 71 12.24 -51.13 -41.52
CA SER L 71 11.66 -50.96 -40.18
C SER L 71 10.76 -52.13 -39.81
N GLY L 72 10.38 -52.19 -38.54
CA GLY L 72 9.48 -53.26 -38.08
C GLY L 72 10.22 -54.58 -38.05
N THR L 73 9.71 -55.53 -38.84
CA THR L 73 10.33 -56.83 -38.97
C THR L 73 11.27 -56.95 -40.16
N ASP L 74 11.27 -55.97 -41.08
CA ASP L 74 12.06 -56.12 -42.31
C ASP L 74 13.20 -55.13 -42.39
N PHE L 75 14.41 -55.64 -42.60
CA PHE L 75 15.56 -54.77 -42.73
C PHE L 75 16.40 -55.17 -43.91
N SER L 76 17.22 -54.24 -44.37
CA SER L 76 18.12 -54.61 -45.44
C SER L 76 19.42 -53.87 -45.40
N LEU L 77 20.39 -54.43 -46.11
CA LEU L 77 21.66 -53.78 -46.34
C LEU L 77 21.76 -53.56 -47.83
N ASN L 78 22.21 -52.39 -48.23
CA ASN L 78 22.35 -52.05 -49.64
C ASN L 78 23.71 -51.45 -49.96
N ILE L 79 24.51 -52.12 -50.78
CA ILE L 79 25.82 -51.60 -51.19
C ILE L 79 25.89 -51.46 -52.69
N HIS L 80 25.97 -50.22 -53.18
CA HIS L 80 25.94 -49.99 -54.63
C HIS L 80 27.23 -50.26 -55.46
N PRO L 81 28.44 -50.23 -54.87
CA PRO L 81 29.65 -50.58 -55.66
C PRO L 81 30.47 -51.69 -55.05
N VAL L 82 30.02 -52.93 -55.15
CA VAL L 82 30.75 -54.02 -54.50
C VAL L 82 32.12 -54.33 -55.11
N GLU L 83 33.10 -54.56 -54.24
CA GLU L 83 34.44 -54.97 -54.66
C GLU L 83 34.79 -56.27 -53.97
N GLU L 84 35.85 -56.95 -54.41
CA GLU L 84 36.25 -58.25 -53.85
C GLU L 84 36.68 -58.22 -52.37
N ASP L 85 37.09 -57.04 -51.86
CA ASP L 85 37.34 -56.84 -50.45
C ASP L 85 36.08 -56.57 -49.60
N ASP L 86 34.88 -56.62 -50.19
CA ASP L 86 33.64 -56.72 -49.43
C ASP L 86 33.18 -58.16 -49.23
N THR L 87 33.93 -59.17 -49.71
CA THR L 87 33.46 -60.54 -49.54
C THR L 87 33.66 -60.99 -48.13
N ALA L 88 32.54 -61.15 -47.44
CA ALA L 88 32.55 -61.42 -46.03
C ALA L 88 31.23 -62.00 -45.60
N MET L 89 31.21 -62.57 -44.41
CA MET L 89 29.96 -62.94 -43.81
C MET L 89 29.30 -61.68 -43.29
N TYR L 90 27.98 -61.60 -43.39
CA TYR L 90 27.27 -60.43 -42.89
C TYR L 90 26.12 -60.81 -41.99
N PHE L 91 25.99 -60.09 -40.86
CA PHE L 91 25.02 -60.48 -39.83
C PHE L 91 24.12 -59.35 -39.36
N CYS L 92 22.85 -59.66 -39.12
CA CYS L 92 21.94 -58.75 -38.41
C CYS L 92 22.07 -58.94 -36.92
N GLN L 93 22.21 -57.83 -36.18
CA GLN L 93 22.27 -57.87 -34.72
C GLN L 93 21.15 -57.10 -34.08
N GLN L 94 20.44 -57.76 -33.15
CA GLN L 94 19.42 -57.09 -32.37
C GLN L 94 19.98 -56.52 -31.07
N SER L 95 19.82 -55.21 -30.84
CA SER L 95 20.20 -54.62 -29.55
C SER L 95 19.01 -54.37 -28.60
N LYS L 96 17.78 -54.64 -29.05
CA LYS L 96 16.56 -54.36 -28.29
C LYS L 96 16.34 -55.09 -26.98
N GLU L 97 16.59 -56.39 -26.93
CA GLU L 97 16.23 -57.14 -25.74
C GLU L 97 17.19 -58.27 -25.45
N VAL L 98 17.24 -58.65 -24.19
CA VAL L 98 18.08 -59.73 -23.74
C VAL L 98 17.58 -61.06 -24.29
N PRO L 99 18.49 -61.96 -24.64
CA PRO L 99 19.95 -61.93 -24.47
C PRO L 99 20.70 -61.56 -25.74
N ARG L 100 20.27 -60.51 -26.44
CA ARG L 100 21.01 -59.89 -27.54
C ARG L 100 21.47 -60.85 -28.64
N THR L 101 20.61 -61.78 -29.06
CA THR L 101 21.06 -62.72 -30.07
C THR L 101 20.98 -62.13 -31.46
N PHE L 102 21.65 -62.82 -32.36
CA PHE L 102 21.82 -62.32 -33.70
C PHE L 102 21.83 -63.43 -34.74
N GLY L 103 21.63 -63.02 -35.99
CA GLY L 103 21.36 -63.94 -37.09
C GLY L 103 22.54 -64.80 -37.52
N GLY L 104 22.23 -65.91 -38.19
CA GLY L 104 23.23 -66.82 -38.77
C GLY L 104 24.05 -66.19 -39.91
N GLY L 105 23.44 -65.30 -40.67
CA GLY L 105 24.17 -64.50 -41.62
C GLY L 105 24.20 -65.04 -43.04
N THR L 106 24.77 -64.23 -43.93
CA THR L 106 24.90 -64.58 -45.34
C THR L 106 26.31 -64.35 -45.83
N LYS L 107 26.68 -64.98 -46.94
CA LYS L 107 28.03 -64.79 -47.51
C LYS L 107 28.04 -64.08 -48.85
N LEU L 108 28.72 -62.93 -48.92
CA LEU L 108 28.89 -62.24 -50.19
C LEU L 108 30.03 -62.86 -50.99
N GLU L 109 29.81 -63.05 -52.28
CA GLU L 109 30.77 -63.63 -53.21
C GLU L 109 30.92 -62.77 -54.47
N ILE L 110 32.01 -63.00 -55.21
CA ILE L 110 32.21 -62.37 -56.50
C ILE L 110 32.06 -63.37 -57.64
N LYS L 111 31.40 -62.94 -58.72
CA LYS L 111 31.28 -63.76 -59.91
C LYS L 111 32.59 -63.79 -60.71
#